data_2A3W
#
_entry.id   2A3W
#
_cell.length_a   96.712
_cell.length_b   105.325
_cell.length_c   146.007
_cell.angle_alpha   86.53
_cell.angle_beta   78.15
_cell.angle_gamma   76.78
#
_symmetry.space_group_name_H-M   'P 1'
#
loop_
_entity.id
_entity.type
_entity.pdbx_description
1 polymer 'Serum amyloid P-component'
2 non-polymer 'CALCIUM ION'
3 non-polymer BIS-1,2-{[(Z)-2-CARBOXY-2-METHYL-1,3-DIOXANE]-5-YLOXYCARBAMOYL}-ETHANE
4 water water
#
_entity_poly.entity_id   1
_entity_poly.type   'polypeptide(L)'
_entity_poly.pdbx_seq_one_letter_code
;HTDLSGKVFVFPRESVTDHVNLITPLEKPLQNFTLCFRAYSDLSRAYSLFSYNTQGRDNELLVYKERVGEYSLYIGRHKV
TSKVIEKFPAPVHICVSWESSSGIAEFWINGTPLVKKGLRQGYFVEAQPKIVLGQEQDSYGGKFDRSQSFVGEIGDLYMW
DSVLPPENILSAYQGTPLPANILDWQALNYEIRGYVIIKPLVWV
;
_entity_poly.pdbx_strand_id   A,B,C,D,E,F,G,H,I,J,K,L,M,N,O,P,Q,R,S,T
#
loop_
_chem_comp.id
_chem_comp.type
_chem_comp.name
_chem_comp.formula
CA non-polymer 'CALCIUM ION' 'Ca 2'
CPJ non-polymer BIS-1,2-{[(Z)-2-CARBOXY-2-METHYL-1,3-DIOXANE]-5-YLOXYCARBAMOYL}-ETHANE 'C16 H24 N2 O12'
#
# COMPACT_ATOMS: atom_id res chain seq x y z
N HIS A 1 8.71 18.87 -37.23
CA HIS A 1 7.88 18.45 -36.06
C HIS A 1 8.54 17.30 -35.31
N THR A 2 8.51 17.38 -33.98
CA THR A 2 9.23 16.44 -33.13
C THR A 2 8.33 15.82 -32.07
N ASP A 3 8.57 14.54 -31.78
CA ASP A 3 7.94 13.85 -30.68
C ASP A 3 8.72 14.13 -29.40
N LEU A 4 8.15 14.98 -28.55
CA LEU A 4 8.84 15.41 -27.34
C LEU A 4 8.45 14.62 -26.08
N SER A 5 7.86 13.44 -26.30
CA SER A 5 7.50 12.51 -25.23
C SER A 5 8.67 12.28 -24.26
N GLY A 6 8.41 12.45 -22.97
CA GLY A 6 9.44 12.27 -21.95
C GLY A 6 10.49 13.37 -21.91
N LYS A 7 10.21 14.51 -22.54
CA LYS A 7 11.19 15.59 -22.63
C LYS A 7 10.56 16.94 -22.29
N VAL A 8 11.42 17.86 -21.88
CA VAL A 8 10.99 19.22 -21.54
C VAL A 8 11.81 20.25 -22.32
N PHE A 9 11.27 21.46 -22.44
CA PHE A 9 12.08 22.62 -22.75
C PHE A 9 12.66 23.14 -21.45
N VAL A 10 13.96 23.35 -21.41
CA VAL A 10 14.58 23.99 -20.26
C VAL A 10 14.99 25.40 -20.66
N PHE A 11 14.43 26.39 -19.97
CA PHE A 11 14.79 27.78 -20.12
C PHE A 11 15.71 28.06 -18.94
N PRO A 12 17.01 27.85 -19.14
CA PRO A 12 17.94 27.75 -18.02
C PRO A 12 18.31 29.06 -17.34
N ARG A 13 17.95 30.20 -17.94
CA ARG A 13 18.31 31.49 -17.38
C ARG A 13 17.29 32.58 -17.66
N GLU A 14 17.30 33.60 -16.82
CA GLU A 14 16.54 34.83 -17.05
C GLU A 14 17.20 35.62 -18.18
N SER A 15 16.39 36.09 -19.12
CA SER A 15 16.85 36.90 -20.25
C SER A 15 15.67 37.64 -20.84
N VAL A 16 15.94 38.49 -21.83
CA VAL A 16 14.87 39.11 -22.62
C VAL A 16 14.85 38.51 -24.02
N THR A 17 15.55 37.38 -24.17
CA THR A 17 15.92 36.82 -25.48
C THR A 17 15.46 35.37 -25.71
N ASP A 18 15.61 34.51 -24.70
CA ASP A 18 15.37 33.09 -24.84
C ASP A 18 13.88 32.78 -24.93
N HIS A 19 13.48 32.10 -26.01
CA HIS A 19 12.09 31.71 -26.18
C HIS A 19 11.95 30.55 -27.17
N VAL A 20 10.80 29.91 -27.15
CA VAL A 20 10.44 28.92 -28.16
C VAL A 20 9.19 29.42 -28.87
N ASN A 21 9.21 29.43 -30.20
CA ASN A 21 8.02 29.74 -30.98
C ASN A 21 7.26 28.46 -31.24
N LEU A 22 5.96 28.50 -31.04
CA LEU A 22 5.12 27.33 -31.31
C LEU A 22 4.30 27.59 -32.57
N ILE A 23 4.30 26.62 -33.48
CA ILE A 23 3.58 26.77 -34.73
C ILE A 23 2.37 25.83 -34.75
N THR A 24 1.20 26.43 -34.91
CA THR A 24 -0.05 25.68 -35.04
C THR A 24 -0.60 25.74 -36.48
N PRO A 25 -1.22 24.65 -36.92
CA PRO A 25 -1.92 24.63 -38.22
C PRO A 25 -3.40 25.06 -38.13
N LEU A 26 -3.77 25.73 -37.03
CA LEU A 26 -5.16 26.09 -36.71
C LEU A 26 -5.93 26.88 -37.78
N GLU A 27 -5.51 28.13 -38.03
CA GLU A 27 -6.16 29.05 -38.98
C GLU A 27 -7.58 29.56 -38.62
N LYS A 28 -8.37 28.77 -37.91
CA LYS A 28 -9.74 29.15 -37.51
C LYS A 28 -9.75 29.95 -36.20
N PRO A 29 -10.62 30.95 -36.09
CA PRO A 29 -10.83 31.66 -34.81
C PRO A 29 -11.27 30.69 -33.72
N LEU A 30 -10.82 30.92 -32.49
CA LEU A 30 -11.12 30.04 -31.38
C LEU A 30 -12.35 30.48 -30.59
N GLN A 31 -13.34 29.61 -30.53
CA GLN A 31 -14.51 29.82 -29.67
C GLN A 31 -14.41 28.96 -28.42
N ASN A 32 -13.74 27.82 -28.57
CA ASN A 32 -13.47 26.89 -27.48
C ASN A 32 -11.99 26.47 -27.51
N PHE A 33 -11.38 26.37 -26.33
CA PHE A 33 -10.07 25.74 -26.25
C PHE A 33 -9.80 25.12 -24.89
N THR A 34 -8.86 24.20 -24.88
CA THR A 34 -8.24 23.72 -23.65
C THR A 34 -6.76 23.68 -23.91
N LEU A 35 -5.99 24.13 -22.93
CA LEU A 35 -4.53 24.07 -22.99
C LEU A 35 -4.03 23.40 -21.72
N CYS A 36 -3.22 22.34 -21.88
CA CYS A 36 -2.64 21.62 -20.75
C CYS A 36 -1.12 21.57 -20.91
N PHE A 37 -0.40 21.65 -19.78
CA PHE A 37 1.05 21.51 -19.75
C PHE A 37 1.56 21.33 -18.32
N ARG A 38 2.81 20.87 -18.21
CA ARG A 38 3.49 20.77 -16.93
C ARG A 38 4.59 21.84 -16.88
N ALA A 39 4.79 22.42 -15.70
CA ALA A 39 5.85 23.40 -15.52
C ALA A 39 6.54 23.23 -14.17
N TYR A 40 7.84 23.52 -14.14
CA TYR A 40 8.64 23.44 -12.93
C TYR A 40 9.57 24.64 -12.92
N SER A 41 9.30 25.56 -12.00
CA SER A 41 10.06 26.81 -11.91
C SER A 41 10.17 27.20 -10.44
N ASP A 42 11.30 27.78 -10.07
CA ASP A 42 11.41 28.36 -8.74
C ASP A 42 11.45 29.90 -8.73
N LEU A 43 10.92 30.50 -9.80
CA LEU A 43 10.67 31.94 -9.81
C LEU A 43 9.55 32.31 -8.85
N SER A 44 9.74 33.42 -8.15
CA SER A 44 8.74 33.96 -7.22
C SER A 44 8.04 35.15 -7.84
N ARG A 45 8.77 35.91 -8.66
CA ARG A 45 8.19 37.01 -9.42
C ARG A 45 7.21 36.48 -10.47
N ALA A 46 6.44 37.39 -11.07
CA ALA A 46 5.46 37.02 -12.08
C ALA A 46 6.14 36.54 -13.35
N TYR A 47 5.45 35.69 -14.12
CA TYR A 47 5.94 35.25 -15.42
C TYR A 47 4.83 34.76 -16.34
N SER A 48 5.09 34.84 -17.64
CA SER A 48 4.19 34.28 -18.62
C SER A 48 4.51 32.80 -18.82
N LEU A 49 3.47 31.98 -18.81
CA LEU A 49 3.62 30.55 -19.10
C LEU A 49 3.34 30.25 -20.57
N PHE A 50 2.35 30.92 -21.13
CA PHE A 50 1.90 30.67 -22.48
C PHE A 50 1.39 31.97 -23.06
N SER A 51 2.06 32.48 -24.09
CA SER A 51 1.79 33.80 -24.65
C SER A 51 1.34 33.67 -26.11
N TYR A 52 0.13 34.14 -26.39
CA TYR A 52 -0.52 34.00 -27.69
C TYR A 52 -1.03 35.39 -28.08
N ASN A 53 -0.36 35.98 -29.07
CA ASN A 53 -0.70 37.31 -29.59
C ASN A 53 -1.08 37.20 -31.07
N THR A 54 -1.95 38.11 -31.52
CA THR A 54 -2.25 38.26 -32.94
C THR A 54 -1.93 39.67 -33.40
N GLN A 55 -1.94 39.91 -34.71
CA GLN A 55 -1.58 41.20 -35.28
C GLN A 55 -2.44 42.32 -34.70
N GLY A 56 -1.78 43.29 -34.07
CA GLY A 56 -2.45 44.42 -33.46
C GLY A 56 -3.17 44.11 -32.16
N ARG A 57 -2.94 42.92 -31.59
CA ARG A 57 -3.68 42.48 -30.41
C ARG A 57 -2.78 41.84 -29.36
N ASP A 58 -2.51 42.59 -28.30
CA ASP A 58 -1.74 42.07 -27.17
C ASP A 58 -2.63 41.24 -26.26
N ASN A 59 -2.03 40.23 -25.62
CA ASN A 59 -2.71 39.38 -24.65
C ASN A 59 -4.00 38.78 -25.20
N GLU A 60 -3.94 38.29 -26.43
CA GLU A 60 -5.11 37.71 -27.06
C GLU A 60 -5.51 36.43 -26.34
N LEU A 61 -4.49 35.64 -25.98
CA LEU A 61 -4.67 34.48 -25.11
C LEU A 61 -3.38 34.32 -24.34
N LEU A 62 -3.43 34.52 -23.03
CA LEU A 62 -2.24 34.53 -22.20
C LEU A 62 -2.48 33.84 -20.87
N VAL A 63 -1.61 32.89 -20.54
CA VAL A 63 -1.62 32.25 -19.24
C VAL A 63 -0.44 32.83 -18.46
N TYR A 64 -0.78 33.51 -17.37
CA TYR A 64 0.17 34.36 -16.67
C TYR A 64 0.15 34.04 -15.19
N LYS A 65 1.32 33.77 -14.63
CA LYS A 65 1.45 33.48 -13.20
C LYS A 65 1.92 34.73 -12.46
N GLU A 66 0.97 35.39 -11.80
CA GLU A 66 1.20 36.65 -11.07
C GLU A 66 2.11 36.48 -9.85
N ARG A 67 1.87 35.39 -9.11
CA ARG A 67 2.58 35.09 -7.88
C ARG A 67 2.21 33.66 -7.49
N VAL A 68 2.89 33.11 -6.48
CA VAL A 68 2.59 31.78 -5.98
C VAL A 68 1.09 31.67 -5.63
N GLY A 69 0.46 30.57 -6.06
CA GLY A 69 -0.93 30.31 -5.75
C GLY A 69 -1.97 31.06 -6.56
N GLU A 70 -1.54 31.75 -7.62
CA GLU A 70 -2.45 32.57 -8.42
C GLU A 70 -2.18 32.43 -9.91
N TYR A 71 -3.24 32.10 -10.65
CA TYR A 71 -3.15 31.87 -12.08
C TYR A 71 -4.10 32.80 -12.80
N SER A 72 -3.58 33.50 -13.80
CA SER A 72 -4.41 34.36 -14.63
C SER A 72 -4.55 33.87 -16.07
N LEU A 73 -5.76 33.97 -16.60
CA LEU A 73 -6.01 33.81 -18.01
C LEU A 73 -6.45 35.14 -18.60
N TYR A 74 -5.82 35.53 -19.71
CA TYR A 74 -6.27 36.67 -20.49
C TYR A 74 -6.92 36.14 -21.75
N ILE A 75 -8.10 36.66 -22.07
CA ILE A 75 -8.72 36.47 -23.38
C ILE A 75 -8.99 37.86 -23.95
N GLY A 76 -8.43 38.13 -25.12
CA GLY A 76 -8.58 39.42 -25.78
C GLY A 76 -8.33 40.60 -24.86
N ARG A 77 -7.18 40.59 -24.17
CA ARG A 77 -6.78 41.68 -23.26
C ARG A 77 -7.51 41.71 -21.90
N HIS A 78 -8.64 41.02 -21.80
CA HIS A 78 -9.39 40.94 -20.55
C HIS A 78 -8.83 39.80 -19.72
N LYS A 79 -8.91 39.90 -18.39
CA LYS A 79 -8.35 38.85 -17.55
C LYS A 79 -9.26 38.36 -16.43
N VAL A 80 -9.03 37.10 -16.05
CA VAL A 80 -9.58 36.52 -14.83
C VAL A 80 -8.42 35.88 -14.08
N THR A 81 -8.58 35.75 -12.77
CA THR A 81 -7.53 35.19 -11.91
C THR A 81 -8.17 34.23 -10.91
N SER A 82 -7.52 33.08 -10.72
CA SER A 82 -8.01 32.12 -9.74
C SER A 82 -6.89 31.64 -8.82
N LYS A 83 -7.28 31.28 -7.60
CA LYS A 83 -6.32 30.95 -6.56
C LYS A 83 -6.33 29.47 -6.23
N VAL A 84 -5.20 29.00 -5.70
CA VAL A 84 -5.03 27.60 -5.31
C VAL A 84 -3.98 27.53 -4.20
N ILE A 85 -4.13 26.54 -3.32
CA ILE A 85 -3.07 26.17 -2.38
C ILE A 85 -2.02 25.39 -3.16
N GLU A 86 -0.80 25.88 -3.20
CA GLU A 86 0.30 25.08 -3.75
C GLU A 86 1.59 25.26 -2.95
N LYS A 87 2.43 24.23 -2.98
CA LYS A 87 3.76 24.30 -2.40
C LYS A 87 4.70 25.06 -3.35
N PHE A 88 5.79 25.57 -2.81
CA PHE A 88 6.76 26.29 -3.61
C PHE A 88 8.16 26.04 -3.08
N PRO A 89 9.11 25.70 -3.95
CA PRO A 89 8.85 25.38 -5.37
C PRO A 89 8.25 23.99 -5.55
N ALA A 90 7.53 23.76 -6.65
CA ALA A 90 6.93 22.45 -6.92
C ALA A 90 6.55 22.32 -8.37
N PRO A 91 6.77 21.13 -8.95
CA PRO A 91 6.27 20.84 -10.30
C PRO A 91 4.74 20.97 -10.26
N VAL A 92 4.16 21.44 -11.36
CA VAL A 92 2.71 21.58 -11.40
C VAL A 92 2.18 21.16 -12.76
N HIS A 93 0.98 20.61 -12.78
CA HIS A 93 0.25 20.36 -14.02
C HIS A 93 -0.90 21.36 -14.11
N ILE A 94 -0.94 22.07 -15.24
CA ILE A 94 -1.91 23.13 -15.47
C ILE A 94 -2.73 22.83 -16.71
N CYS A 95 -4.06 22.87 -16.56
CA CYS A 95 -4.97 22.94 -17.68
C CYS A 95 -5.85 24.16 -17.51
N VAL A 96 -6.11 24.82 -18.62
CA VAL A 96 -7.09 25.91 -18.62
C VAL A 96 -7.98 25.76 -19.84
N SER A 97 -9.28 25.89 -19.62
CA SER A 97 -10.24 25.87 -20.71
C SER A 97 -11.02 27.18 -20.73
N TRP A 98 -11.51 27.54 -21.92
CA TRP A 98 -12.37 28.70 -22.07
C TRP A 98 -13.41 28.43 -23.15
N GLU A 99 -14.63 28.89 -22.89
CA GLU A 99 -15.78 28.62 -23.74
C GLU A 99 -16.47 29.95 -24.03
N SER A 100 -16.50 30.33 -25.31
CA SER A 100 -17.05 31.62 -25.73
C SER A 100 -18.52 31.80 -25.36
N SER A 101 -19.32 30.76 -25.60
CA SER A 101 -20.77 30.83 -25.43
C SER A 101 -21.18 31.25 -24.02
N SER A 102 -20.44 30.79 -23.03
CA SER A 102 -20.68 31.12 -21.63
C SER A 102 -19.67 32.10 -21.05
N GLY A 103 -18.48 32.14 -21.66
CA GLY A 103 -17.39 32.97 -21.16
C GLY A 103 -16.60 32.31 -20.04
N ILE A 104 -17.00 31.11 -19.65
CA ILE A 104 -16.43 30.41 -18.49
C ILE A 104 -14.98 29.96 -18.75
N ALA A 105 -14.09 30.37 -17.85
CA ALA A 105 -12.71 29.92 -17.80
C ALA A 105 -12.54 28.94 -16.64
N GLU A 106 -11.97 27.78 -16.94
CA GLU A 106 -11.68 26.76 -15.92
C GLU A 106 -10.18 26.52 -15.81
N PHE A 107 -9.62 26.76 -14.63
CA PHE A 107 -8.27 26.32 -14.33
C PHE A 107 -8.34 25.00 -13.58
N TRP A 108 -7.39 24.11 -13.90
CA TRP A 108 -7.25 22.83 -13.22
C TRP A 108 -5.79 22.69 -12.82
N ILE A 109 -5.53 22.62 -11.51
CA ILE A 109 -4.17 22.51 -11.01
C ILE A 109 -3.99 21.12 -10.42
N ASN A 110 -3.09 20.35 -11.02
CA ASN A 110 -2.86 18.96 -10.60
C ASN A 110 -4.15 18.15 -10.53
N GLY A 111 -5.00 18.28 -11.56
CA GLY A 111 -6.27 17.59 -11.61
C GLY A 111 -7.35 18.14 -10.68
N THR A 112 -7.07 19.28 -10.04
CA THR A 112 -7.98 19.91 -9.10
C THR A 112 -8.61 21.17 -9.72
N PRO A 113 -9.94 21.25 -9.73
CA PRO A 113 -10.63 22.39 -10.32
C PRO A 113 -10.52 23.63 -9.42
N LEU A 114 -10.13 24.76 -10.00
CA LEU A 114 -10.15 26.02 -9.28
C LEU A 114 -11.55 26.61 -9.45
N VAL A 115 -11.84 27.70 -8.74
CA VAL A 115 -13.12 28.39 -8.91
C VAL A 115 -13.23 28.87 -10.37
N LYS A 116 -14.36 28.55 -11.01
CA LYS A 116 -14.63 29.05 -12.36
C LYS A 116 -14.76 30.57 -12.35
N LYS A 117 -14.23 31.19 -13.40
CA LYS A 117 -14.41 32.61 -13.64
C LYS A 117 -14.92 32.79 -15.06
N GLY A 118 -15.21 34.02 -15.46
CA GLY A 118 -15.84 34.27 -16.75
C GLY A 118 -15.45 35.62 -17.31
N LEU A 119 -15.34 35.66 -18.64
CA LEU A 119 -14.87 36.84 -19.34
C LEU A 119 -15.09 36.62 -20.83
N ARG A 120 -15.31 37.72 -21.56
CA ARG A 120 -15.41 37.72 -23.01
C ARG A 120 -16.43 36.73 -23.58
N GLN A 121 -17.59 36.64 -22.94
CA GLN A 121 -18.71 35.87 -23.48
C GLN A 121 -19.07 36.40 -24.88
N GLY A 122 -19.15 35.50 -25.85
CA GLY A 122 -19.48 35.86 -27.22
C GLY A 122 -18.29 36.20 -28.10
N TYR A 123 -17.11 36.34 -27.49
CA TYR A 123 -15.88 36.72 -28.20
C TYR A 123 -15.25 35.55 -28.95
N PHE A 124 -14.58 35.85 -30.06
CA PHE A 124 -13.78 34.86 -30.77
C PHE A 124 -12.33 35.27 -30.58
N VAL A 125 -11.48 34.41 -30.01
CA VAL A 125 -10.06 34.74 -30.01
C VAL A 125 -9.53 34.55 -31.41
N GLU A 126 -8.75 35.53 -31.88
CA GLU A 126 -8.34 35.59 -33.27
C GLU A 126 -7.35 34.48 -33.61
N ALA A 127 -7.37 34.11 -34.88
CA ALA A 127 -6.48 33.10 -35.43
C ALA A 127 -5.19 33.76 -35.92
N GLN A 128 -4.36 32.99 -36.61
CA GLN A 128 -3.02 33.41 -37.04
C GLN A 128 -2.22 34.06 -35.90
N PRO A 129 -1.98 33.31 -34.83
CA PRO A 129 -1.22 33.82 -33.70
C PRO A 129 0.29 33.64 -33.83
N LYS A 130 1.04 34.42 -33.06
CA LYS A 130 2.39 34.02 -32.69
C LYS A 130 2.27 33.50 -31.27
N ILE A 131 2.73 32.27 -31.07
CA ILE A 131 2.65 31.61 -29.77
C ILE A 131 4.06 31.41 -29.24
N VAL A 132 4.34 31.95 -28.06
CA VAL A 132 5.67 31.77 -27.50
C VAL A 132 5.70 31.30 -26.04
N LEU A 133 6.71 30.47 -25.78
CA LEU A 133 7.04 29.97 -24.47
C LEU A 133 8.33 30.65 -24.06
N GLY A 134 8.45 30.99 -22.78
CA GLY A 134 9.69 31.53 -22.25
C GLY A 134 9.72 33.04 -22.14
N GLN A 135 8.89 33.73 -22.94
CA GLN A 135 8.78 35.19 -22.91
C GLN A 135 7.31 35.60 -23.06
N GLU A 136 6.99 36.81 -22.61
CA GLU A 136 5.66 37.39 -22.75
C GLU A 136 5.71 38.39 -23.90
N GLN A 137 4.83 38.24 -24.88
CA GLN A 137 4.82 39.16 -26.03
C GLN A 137 4.05 40.43 -25.71
N ASP A 138 4.56 41.57 -26.18
CA ASP A 138 3.81 42.81 -26.17
C ASP A 138 3.55 43.29 -27.61
N SER A 139 4.09 42.56 -28.57
CA SER A 139 3.82 42.78 -29.99
C SER A 139 3.49 41.45 -30.66
N TYR A 140 3.37 41.46 -31.98
CA TYR A 140 3.13 40.26 -32.75
C TYR A 140 4.45 39.53 -32.99
N GLY A 141 4.82 38.68 -32.04
CA GLY A 141 6.05 37.93 -32.13
C GLY A 141 7.19 38.42 -31.25
N GLY A 142 7.05 39.60 -30.65
CA GLY A 142 8.14 40.16 -29.87
C GLY A 142 7.77 41.12 -28.74
N LYS A 143 8.63 42.13 -28.55
CA LYS A 143 8.53 43.10 -27.45
C LYS A 143 8.48 42.36 -26.10
N PHE A 144 9.53 41.59 -25.85
CA PHE A 144 9.65 40.77 -24.66
C PHE A 144 10.05 41.61 -23.44
N ASP A 145 9.90 41.03 -22.25
CA ASP A 145 10.14 41.71 -21.00
C ASP A 145 10.83 40.75 -20.05
N ARG A 146 12.08 41.07 -19.70
CA ARG A 146 12.89 40.24 -18.81
C ARG A 146 12.17 39.89 -17.50
N SER A 147 11.41 40.84 -16.96
CA SER A 147 10.70 40.65 -15.69
C SER A 147 9.47 39.74 -15.81
N GLN A 148 9.17 39.32 -17.03
CA GLN A 148 8.08 38.37 -17.29
C GLN A 148 8.60 37.07 -17.93
N SER A 149 9.91 36.96 -18.11
CA SER A 149 10.49 35.76 -18.72
C SER A 149 10.25 34.50 -17.87
N PHE A 150 10.06 33.37 -18.53
CA PHE A 150 9.95 32.10 -17.83
C PHE A 150 11.32 31.43 -17.71
N VAL A 151 11.69 31.12 -16.48
CA VAL A 151 12.90 30.35 -16.20
C VAL A 151 12.47 29.05 -15.54
N GLY A 152 12.90 27.95 -16.12
CA GLY A 152 12.57 26.64 -15.60
C GLY A 152 12.24 25.68 -16.72
N GLU A 153 11.37 24.73 -16.44
CA GLU A 153 11.09 23.64 -17.37
C GLU A 153 9.61 23.52 -17.69
N ILE A 154 9.31 23.27 -18.95
CA ILE A 154 7.95 23.08 -19.43
C ILE A 154 7.89 21.84 -20.28
N GLY A 155 6.87 21.01 -20.04
CA GLY A 155 6.66 19.81 -20.83
C GLY A 155 5.19 19.44 -20.97
N ASP A 156 4.94 18.36 -21.73
CA ASP A 156 3.61 17.80 -21.89
C ASP A 156 2.56 18.86 -22.26
N LEU A 157 2.89 19.66 -23.27
CA LEU A 157 2.02 20.75 -23.70
C LEU A 157 1.08 20.27 -24.82
N TYR A 158 -0.22 20.40 -24.56
CA TYR A 158 -1.27 20.03 -25.52
C TYR A 158 -2.32 21.11 -25.53
N MET A 159 -2.89 21.35 -26.71
CA MET A 159 -3.94 22.33 -26.85
C MET A 159 -4.99 21.81 -27.82
N TRP A 160 -6.25 21.88 -27.40
CA TRP A 160 -7.39 21.38 -28.16
C TRP A 160 -8.32 22.54 -28.47
N ASP A 161 -9.08 22.41 -29.56
CA ASP A 161 -10.08 23.42 -29.93
C ASP A 161 -11.46 23.13 -29.32
N SER A 162 -11.46 22.45 -28.18
CA SER A 162 -12.70 22.17 -27.46
C SER A 162 -12.49 22.32 -25.95
N VAL A 163 -13.59 22.36 -25.21
CA VAL A 163 -13.54 22.39 -23.76
C VAL A 163 -13.52 20.94 -23.27
N LEU A 164 -12.37 20.52 -22.75
CA LEU A 164 -12.22 19.17 -22.22
C LEU A 164 -13.04 18.97 -20.94
N PRO A 165 -13.84 17.90 -20.89
CA PRO A 165 -14.52 17.51 -19.66
C PRO A 165 -13.53 17.07 -18.56
N PRO A 166 -13.96 17.07 -17.29
CA PRO A 166 -13.08 16.69 -16.18
C PRO A 166 -12.30 15.39 -16.40
N GLU A 167 -12.98 14.36 -16.92
CA GLU A 167 -12.34 13.08 -17.24
C GLU A 167 -11.11 13.23 -18.13
N ASN A 168 -11.25 14.01 -19.20
CA ASN A 168 -10.14 14.25 -20.13
C ASN A 168 -9.01 15.05 -19.48
N ILE A 169 -9.37 16.00 -18.62
CA ILE A 169 -8.36 16.75 -17.86
C ILE A 169 -7.58 15.81 -16.95
N LEU A 170 -8.29 14.91 -16.27
CA LEU A 170 -7.64 13.96 -15.38
C LEU A 170 -6.73 13.01 -16.15
N SER A 171 -7.20 12.55 -17.31
CA SER A 171 -6.42 11.68 -18.18
C SER A 171 -5.08 12.31 -18.56
N ALA A 172 -5.12 13.56 -19.02
CA ALA A 172 -3.91 14.32 -19.33
C ALA A 172 -3.00 14.45 -18.12
N TYR A 173 -3.57 14.79 -16.96
CA TYR A 173 -2.81 14.90 -15.72
C TYR A 173 -2.10 13.59 -15.38
N GLN A 174 -2.82 12.47 -15.55
CA GLN A 174 -2.29 11.15 -15.23
C GLN A 174 -1.42 10.56 -16.35
N GLY A 175 -1.19 11.32 -17.42
CA GLY A 175 -0.21 10.93 -18.42
C GLY A 175 -0.70 10.39 -19.76
N THR A 176 -2.01 10.28 -19.95
CA THR A 176 -2.53 9.96 -21.28
C THR A 176 -3.51 11.03 -21.75
N PRO A 177 -2.96 12.11 -22.32
CA PRO A 177 -3.81 13.17 -22.89
C PRO A 177 -4.51 12.67 -24.14
N LEU A 178 -5.74 13.14 -24.36
CA LEU A 178 -6.44 12.90 -25.61
C LEU A 178 -5.68 13.57 -26.75
N PRO A 179 -5.70 12.98 -27.94
CA PRO A 179 -5.08 13.59 -29.13
C PRO A 179 -5.51 15.04 -29.28
N ALA A 180 -4.56 15.90 -29.59
CA ALA A 180 -4.81 17.34 -29.58
C ALA A 180 -4.56 17.92 -30.97
N ASN A 181 -5.44 18.84 -31.39
CA ASN A 181 -5.40 19.33 -32.77
C ASN A 181 -4.79 20.72 -32.98
N ILE A 182 -4.60 21.48 -31.91
CA ILE A 182 -3.97 22.79 -32.05
C ILE A 182 -2.46 22.71 -31.82
N LEU A 183 -2.08 22.08 -30.71
CA LEU A 183 -0.69 21.93 -30.33
C LEU A 183 -0.55 20.55 -29.71
N ASP A 184 0.51 19.83 -30.06
CA ASP A 184 0.67 18.46 -29.59
C ASP A 184 2.13 18.13 -29.29
N TRP A 185 2.42 17.91 -28.01
CA TRP A 185 3.78 17.62 -27.54
C TRP A 185 4.44 16.45 -28.29
N GLN A 186 3.62 15.50 -28.73
CA GLN A 186 4.12 14.31 -29.41
C GLN A 186 4.35 14.53 -30.91
N ALA A 187 3.95 15.70 -31.41
CA ALA A 187 4.23 16.10 -32.79
C ALA A 187 4.27 17.62 -32.86
N LEU A 188 5.27 18.20 -32.19
CA LEU A 188 5.34 19.64 -32.00
C LEU A 188 6.18 20.33 -33.06
N ASN A 189 5.63 21.40 -33.63
CA ASN A 189 6.31 22.22 -34.61
C ASN A 189 6.79 23.49 -33.90
N TYR A 190 8.10 23.63 -33.74
CA TYR A 190 8.65 24.70 -32.91
C TYR A 190 9.96 25.26 -33.41
N GLU A 191 10.29 26.46 -32.94
CA GLU A 191 11.56 27.10 -33.22
C GLU A 191 12.20 27.53 -31.90
N ILE A 192 13.39 27.01 -31.63
CA ILE A 192 14.17 27.45 -30.49
C ILE A 192 14.94 28.71 -30.86
N ARG A 193 14.83 29.74 -30.03
CA ARG A 193 15.58 30.98 -30.24
C ARG A 193 16.32 31.34 -28.95
N GLY A 194 17.65 31.44 -29.06
CA GLY A 194 18.48 31.68 -27.90
C GLY A 194 18.71 30.45 -27.05
N TYR A 195 18.85 30.66 -25.75
CA TYR A 195 19.23 29.59 -24.82
C TYR A 195 18.03 28.82 -24.28
N VAL A 196 17.65 27.76 -25.01
CA VAL A 196 16.64 26.80 -24.57
C VAL A 196 17.17 25.41 -24.87
N ILE A 197 17.16 24.53 -23.88
CA ILE A 197 17.72 23.19 -24.04
C ILE A 197 16.64 22.13 -23.84
N ILE A 198 16.62 21.13 -24.72
CA ILE A 198 15.73 19.97 -24.55
C ILE A 198 16.40 18.90 -23.69
N LYS A 199 15.74 18.53 -22.60
CA LYS A 199 16.25 17.51 -21.69
C LYS A 199 15.17 16.49 -21.36
N PRO A 200 15.57 15.28 -20.91
CA PRO A 200 14.59 14.33 -20.40
C PRO A 200 13.84 14.91 -19.20
N LEU A 201 12.55 14.61 -19.14
CA LEU A 201 11.73 15.03 -18.02
C LEU A 201 12.01 14.09 -16.85
N VAL A 202 12.57 14.62 -15.76
CA VAL A 202 12.99 13.80 -14.62
C VAL A 202 12.20 14.05 -13.34
N TRP A 203 11.34 15.07 -13.35
CA TRP A 203 10.59 15.47 -12.16
C TRP A 203 9.16 14.93 -12.10
N VAL A 204 8.74 14.22 -13.15
CA VAL A 204 7.46 13.50 -13.12
C VAL A 204 7.73 12.00 -13.05
N HIS B 1 45.91 6.95 0.63
CA HIS B 1 44.45 7.02 0.35
C HIS B 1 43.67 6.19 1.39
N THR B 2 42.61 6.78 1.93
CA THR B 2 41.88 6.21 3.06
C THR B 2 40.43 5.83 2.70
N ASP B 3 39.99 4.68 3.19
CA ASP B 3 38.57 4.31 3.11
C ASP B 3 37.82 4.95 4.27
N LEU B 4 36.94 5.90 3.94
CA LEU B 4 36.18 6.66 4.92
C LEU B 4 34.72 6.18 5.07
N SER B 5 34.41 5.02 4.52
CA SER B 5 33.06 4.43 4.62
C SER B 5 32.56 4.51 6.05
N GLY B 6 31.35 5.05 6.21
CA GLY B 6 30.70 5.14 7.51
C GLY B 6 31.28 6.18 8.44
N LYS B 7 32.06 7.10 7.88
CA LYS B 7 32.71 8.16 8.66
C LYS B 7 32.52 9.53 8.03
N VAL B 8 32.70 10.57 8.86
CA VAL B 8 32.53 11.96 8.44
C VAL B 8 33.74 12.80 8.88
N PHE B 9 33.96 13.89 8.16
CA PHE B 9 34.80 14.97 8.67
C PHE B 9 33.88 15.83 9.52
N VAL B 10 34.29 16.09 10.76
CA VAL B 10 33.60 17.02 11.63
C VAL B 10 34.42 18.28 11.70
N PHE B 11 33.84 19.40 11.27
CA PHE B 11 34.43 20.71 11.44
C PHE B 11 33.70 21.31 12.64
N PRO B 12 34.27 21.11 13.83
CA PRO B 12 33.54 21.33 15.09
C PRO B 12 33.37 22.80 15.50
N ARG B 13 33.97 23.73 14.78
CA ARG B 13 33.94 25.13 15.18
C ARG B 13 34.06 26.08 14.00
N GLU B 14 33.59 27.30 14.22
CA GLU B 14 33.82 28.39 13.30
C GLU B 14 35.28 28.84 13.43
N SER B 15 35.92 29.07 12.29
CA SER B 15 37.31 29.53 12.22
C SER B 15 37.60 30.06 10.83
N VAL B 16 38.80 30.60 10.66
CA VAL B 16 39.28 31.02 9.36
C VAL B 16 40.40 30.07 8.87
N THR B 17 40.66 29.01 9.64
CA THR B 17 41.79 28.12 9.36
C THR B 17 41.47 26.63 9.21
N ASP B 18 40.49 26.13 9.95
CA ASP B 18 40.12 24.71 9.88
C ASP B 18 39.60 24.34 8.50
N HIS B 19 40.27 23.39 7.85
CA HIS B 19 39.86 22.92 6.53
C HIS B 19 40.45 21.55 6.18
N VAL B 20 39.89 20.92 5.15
CA VAL B 20 40.45 19.71 4.58
C VAL B 20 40.78 19.98 3.13
N ASN B 21 42.01 19.65 2.73
CA ASN B 21 42.39 19.65 1.32
C ASN B 21 42.07 18.29 0.70
N LEU B 22 41.37 18.31 -0.42
CA LEU B 22 41.05 17.08 -1.14
C LEU B 22 41.97 16.97 -2.35
N ILE B 23 42.67 15.84 -2.46
CA ILE B 23 43.69 15.65 -3.48
C ILE B 23 43.19 14.71 -4.57
N THR B 24 43.28 15.16 -5.81
CA THR B 24 42.83 14.39 -6.95
C THR B 24 43.81 14.54 -8.11
N PRO B 25 44.06 13.45 -8.84
CA PRO B 25 44.91 13.50 -10.03
C PRO B 25 44.13 14.04 -11.24
N LEU B 26 43.44 15.16 -11.05
CA LEU B 26 42.68 15.76 -12.14
C LEU B 26 43.59 16.67 -12.97
N GLU B 27 43.94 16.17 -14.14
CA GLU B 27 44.89 16.85 -15.03
C GLU B 27 44.19 17.41 -16.28
N LYS B 28 43.08 16.80 -16.67
CA LYS B 28 42.32 17.21 -17.86
C LYS B 28 41.17 18.16 -17.49
N PRO B 29 41.00 19.24 -18.26
CA PRO B 29 39.88 20.17 -18.06
C PRO B 29 38.53 19.46 -18.07
N LEU B 30 37.66 19.81 -17.14
CA LEU B 30 36.36 19.14 -16.98
C LEU B 30 35.29 19.72 -17.90
N GLN B 31 34.76 18.86 -18.78
CA GLN B 31 33.60 19.21 -19.58
C GLN B 31 32.29 18.76 -18.91
N ASN B 32 32.38 17.68 -18.13
CA ASN B 32 31.22 17.07 -17.46
C ASN B 32 31.61 16.60 -16.06
N PHE B 33 30.71 16.79 -15.08
CA PHE B 33 30.94 16.26 -13.74
C PHE B 33 29.67 16.07 -12.92
N THR B 34 29.76 15.20 -11.92
CA THR B 34 28.73 15.05 -10.90
C THR B 34 29.44 14.99 -9.54
N LEU B 35 28.95 15.78 -8.60
CA LEU B 35 29.47 15.78 -7.24
C LEU B 35 28.33 15.48 -6.28
N CYS B 36 28.52 14.44 -5.48
CA CYS B 36 27.56 14.05 -4.46
C CYS B 36 28.23 14.03 -3.10
N PHE B 37 27.49 14.43 -2.06
CA PHE B 37 27.96 14.33 -0.68
C PHE B 37 26.78 14.51 0.27
N ARG B 38 27.04 14.18 1.54
CA ARG B 38 26.09 14.38 2.62
C ARG B 38 26.64 15.46 3.52
N ALA B 39 25.75 16.30 4.05
CA ALA B 39 26.18 17.35 4.97
C ALA B 39 25.15 17.57 6.08
N TYR B 40 25.65 17.97 7.25
CA TYR B 40 24.80 18.21 8.42
C TYR B 40 25.39 19.39 9.19
N SER B 41 24.68 20.51 9.13
CA SER B 41 25.13 21.75 9.75
C SER B 41 23.92 22.47 10.29
N ASP B 42 24.10 23.23 11.37
CA ASP B 42 23.02 24.07 11.84
C ASP B 42 23.32 25.57 11.72
N LEU B 43 24.25 25.91 10.82
CA LEU B 43 24.50 27.31 10.45
C LEU B 43 23.32 27.86 9.64
N SER B 44 22.95 29.09 9.95
CA SER B 44 21.89 29.80 9.24
C SER B 44 22.48 30.74 8.19
N ARG B 45 23.67 31.25 8.49
CA ARG B 45 24.41 32.11 7.56
C ARG B 45 24.91 31.29 6.37
N ALA B 46 25.42 31.99 5.36
CA ALA B 46 25.93 31.37 4.15
C ALA B 46 27.25 30.65 4.42
N TYR B 47 27.49 29.58 3.66
CA TYR B 47 28.75 28.83 3.78
C TYR B 47 29.09 28.07 2.52
N SER B 48 30.39 27.86 2.30
CA SER B 48 30.86 27.02 1.20
C SER B 48 30.79 25.55 1.58
N LEU B 49 30.26 24.73 0.67
CA LEU B 49 30.22 23.29 0.85
C LEU B 49 31.44 22.63 0.22
N PHE B 50 31.82 23.13 -0.95
CA PHE B 50 32.85 22.51 -1.78
C PHE B 50 33.50 23.60 -2.62
N SER B 51 34.77 23.87 -2.36
CA SER B 51 35.47 24.97 -3.00
C SER B 51 36.62 24.48 -3.87
N TYR B 52 36.54 24.83 -5.15
CA TYR B 52 37.49 24.34 -6.15
C TYR B 52 37.94 25.55 -6.95
N ASN B 53 39.21 25.92 -6.76
CA ASN B 53 39.83 27.04 -7.44
C ASN B 53 41.02 26.56 -8.23
N THR B 54 41.29 27.21 -9.36
CA THR B 54 42.50 26.94 -10.14
C THR B 54 43.36 28.19 -10.20
N GLN B 55 44.55 28.06 -10.80
CA GLN B 55 45.51 29.16 -10.92
C GLN B 55 44.93 30.43 -11.52
N GLY B 56 44.89 31.50 -10.73
CA GLY B 56 44.34 32.77 -11.16
C GLY B 56 42.83 32.75 -11.38
N ARG B 57 42.14 31.75 -10.84
CA ARG B 57 40.70 31.59 -11.06
C ARG B 57 39.95 31.32 -9.75
N ASP B 58 39.27 32.33 -9.24
CA ASP B 58 38.41 32.18 -8.08
C ASP B 58 37.07 31.57 -8.51
N ASN B 59 36.45 30.84 -7.60
CA ASN B 59 35.12 30.25 -7.86
C ASN B 59 35.04 29.54 -9.21
N GLU B 60 36.06 28.76 -9.52
CA GLU B 60 36.09 27.98 -10.75
C GLU B 60 34.99 26.91 -10.73
N LEU B 61 34.84 26.27 -9.58
CA LEU B 61 33.74 25.34 -9.33
C LEU B 61 33.44 25.43 -7.84
N LEU B 62 32.26 25.93 -7.50
CA LEU B 62 31.92 26.15 -6.10
C LEU B 62 30.47 25.81 -5.80
N VAL B 63 30.28 24.97 -4.78
CA VAL B 63 28.95 24.71 -4.26
C VAL B 63 28.80 25.53 -2.98
N TYR B 64 27.87 26.48 -3.02
CA TYR B 64 27.74 27.49 -2.00
C TYR B 64 26.29 27.54 -1.51
N LYS B 65 26.11 27.50 -0.20
CA LYS B 65 24.77 27.55 0.37
C LYS B 65 24.51 28.95 0.90
N GLU B 66 23.76 29.72 0.13
CA GLU B 66 23.47 31.12 0.44
C GLU B 66 22.61 31.28 1.69
N ARG B 67 21.59 30.42 1.80
CA ARG B 67 20.66 30.41 2.92
C ARG B 67 19.85 29.12 2.88
N VAL B 68 19.02 28.90 3.89
CA VAL B 68 18.18 27.69 3.96
C VAL B 68 17.34 27.57 2.69
N GLY B 69 17.34 26.39 2.10
CA GLY B 69 16.52 26.10 0.93
C GLY B 69 17.01 26.69 -0.39
N GLU B 70 18.25 27.15 -0.43
CA GLU B 70 18.85 27.71 -1.64
C GLU B 70 20.27 27.19 -1.84
N TYR B 71 20.49 26.57 -3.00
CA TYR B 71 21.81 26.05 -3.34
C TYR B 71 22.34 26.74 -4.59
N SER B 72 23.59 27.20 -4.50
CA SER B 72 24.23 27.82 -5.64
C SER B 72 25.39 26.99 -6.15
N LEU B 73 25.49 26.90 -7.47
CA LEU B 73 26.67 26.40 -8.14
C LEU B 73 27.33 27.54 -8.90
N TYR B 74 28.63 27.71 -8.70
CA TYR B 74 29.45 28.59 -9.52
C TYR B 74 30.28 27.73 -10.46
N ILE B 75 30.28 28.09 -11.75
CA ILE B 75 31.21 27.54 -12.74
C ILE B 75 31.96 28.70 -13.37
N GLY B 76 33.28 28.70 -13.25
CA GLY B 76 34.10 29.78 -13.79
C GLY B 76 33.63 31.16 -13.40
N ARG B 77 33.35 31.35 -12.11
CA ARG B 77 32.90 32.63 -11.54
C ARG B 77 31.43 32.98 -11.81
N HIS B 78 30.82 32.31 -12.78
CA HIS B 78 29.40 32.50 -13.06
C HIS B 78 28.59 31.66 -12.09
N LYS B 79 27.35 32.06 -11.83
CA LYS B 79 26.54 31.45 -10.78
C LYS B 79 25.13 31.10 -11.24
N VAL B 80 24.65 29.92 -10.81
CA VAL B 80 23.22 29.62 -10.84
C VAL B 80 22.78 29.23 -9.43
N THR B 81 21.50 29.40 -9.17
CA THR B 81 20.92 29.16 -7.86
C THR B 81 19.58 28.46 -8.01
N SER B 82 19.34 27.46 -7.19
CA SER B 82 18.06 26.78 -7.23
C SER B 82 17.50 26.58 -5.84
N LYS B 83 16.17 26.54 -5.77
CA LYS B 83 15.46 26.49 -4.49
C LYS B 83 14.82 25.14 -4.26
N VAL B 84 14.69 24.79 -2.98
CA VAL B 84 14.02 23.58 -2.54
C VAL B 84 13.37 23.81 -1.17
N ILE B 85 12.31 23.07 -0.89
CA ILE B 85 11.73 23.01 0.44
C ILE B 85 12.58 22.08 1.29
N GLU B 86 13.09 22.58 2.40
CA GLU B 86 13.79 21.73 3.36
C GLU B 86 13.52 22.18 4.78
N LYS B 87 13.71 21.27 5.72
CA LYS B 87 13.62 21.57 7.14
C LYS B 87 14.98 22.09 7.61
N PHE B 88 14.97 22.88 8.67
CA PHE B 88 16.21 23.36 9.28
C PHE B 88 16.15 23.26 10.79
N PRO B 89 17.20 22.74 11.44
CA PRO B 89 18.31 22.08 10.73
C PRO B 89 17.99 20.64 10.34
N ALA B 90 18.67 20.13 9.33
CA ALA B 90 18.44 18.77 8.86
C ALA B 90 19.64 18.26 8.08
N PRO B 91 19.97 16.98 8.25
CA PRO B 91 20.96 16.33 7.39
C PRO B 91 20.46 16.39 5.96
N VAL B 92 21.37 16.48 5.00
CA VAL B 92 20.96 16.58 3.61
C VAL B 92 21.90 15.76 2.71
N HIS B 93 21.34 15.18 1.65
CA HIS B 93 22.17 14.60 0.61
C HIS B 93 22.08 15.49 -0.61
N ILE B 94 23.24 15.91 -1.09
CA ILE B 94 23.34 16.83 -2.22
C ILE B 94 24.09 16.17 -3.37
N CYS B 95 23.46 16.16 -4.55
CA CYS B 95 24.16 15.88 -5.79
C CYS B 95 24.02 17.08 -6.70
N VAL B 96 25.12 17.46 -7.34
CA VAL B 96 25.08 18.48 -8.38
C VAL B 96 25.87 18.01 -9.60
N SER B 97 25.27 18.15 -10.78
CA SER B 97 25.96 17.85 -12.02
C SER B 97 25.97 19.07 -12.92
N TRP B 98 26.94 19.11 -13.82
CA TRP B 98 27.04 20.17 -14.81
C TRP B 98 27.59 19.63 -16.11
N GLU B 99 27.11 20.18 -17.21
CA GLU B 99 27.42 19.68 -18.54
C GLU B 99 27.75 20.87 -19.44
N SER B 100 28.97 20.88 -19.96
CA SER B 100 29.46 21.98 -20.79
C SER B 100 28.65 22.21 -22.06
N SER B 101 28.36 21.11 -22.77
CA SER B 101 27.73 21.20 -24.09
C SER B 101 26.36 21.90 -24.09
N SER B 102 25.62 21.76 -22.99
CA SER B 102 24.34 22.45 -22.84
C SER B 102 24.37 23.54 -21.77
N GLY B 103 25.42 23.52 -20.93
CA GLY B 103 25.52 24.41 -19.79
C GLY B 103 24.61 24.06 -18.63
N ILE B 104 23.89 22.93 -18.72
CA ILE B 104 22.87 22.59 -17.72
C ILE B 104 23.46 22.15 -16.39
N ALA B 105 23.01 22.81 -15.32
CA ALA B 105 23.32 22.43 -13.95
C ALA B 105 22.09 21.79 -13.30
N GLU B 106 22.28 20.61 -12.70
CA GLU B 106 21.22 19.89 -12.00
C GLU B 106 21.60 19.70 -10.52
N PHE B 107 20.81 20.29 -9.63
CA PHE B 107 20.90 19.97 -8.21
C PHE B 107 19.89 18.87 -7.89
N TRP B 108 20.33 17.90 -7.08
CA TRP B 108 19.45 16.88 -6.51
C TRP B 108 19.59 16.94 -4.99
N ILE B 109 18.47 17.16 -4.32
CA ILE B 109 18.44 17.28 -2.87
C ILE B 109 17.63 16.14 -2.29
N ASN B 110 18.30 15.31 -1.50
CA ASN B 110 17.67 14.09 -0.98
C ASN B 110 16.95 13.31 -2.08
N GLY B 111 17.62 13.13 -3.22
CA GLY B 111 17.10 12.35 -4.33
C GLY B 111 16.05 13.07 -5.16
N THR B 112 15.80 14.33 -4.85
CA THR B 112 14.76 15.13 -5.50
C THR B 112 15.39 16.18 -6.42
N PRO B 113 15.01 16.16 -7.70
CA PRO B 113 15.59 17.10 -8.68
C PRO B 113 15.04 18.52 -8.51
N LEU B 114 15.95 19.49 -8.44
CA LEU B 114 15.57 20.90 -8.41
C LEU B 114 15.38 21.36 -9.83
N VAL B 115 14.84 22.58 -9.99
CA VAL B 115 14.73 23.18 -11.31
C VAL B 115 16.13 23.31 -11.94
N LYS B 116 16.24 22.83 -13.17
CA LYS B 116 17.48 22.95 -13.94
C LYS B 116 17.76 24.42 -14.25
N LYS B 117 19.04 24.79 -14.15
CA LYS B 117 19.52 26.09 -14.59
C LYS B 117 20.69 25.83 -15.52
N GLY B 118 21.24 26.89 -16.10
CA GLY B 118 22.29 26.76 -17.09
C GLY B 118 23.25 27.92 -17.09
N LEU B 119 24.53 27.60 -17.29
CA LEU B 119 25.60 28.60 -17.27
C LEU B 119 26.82 28.05 -17.99
N ARG B 120 27.61 28.96 -18.55
CA ARG B 120 28.92 28.65 -19.09
C ARG B 120 28.89 27.50 -20.11
N GLN B 121 27.86 27.52 -20.96
CA GLN B 121 27.77 26.57 -22.08
C GLN B 121 29.02 26.68 -22.96
N GLY B 122 29.67 25.54 -23.20
CA GLY B 122 30.88 25.50 -24.02
C GLY B 122 32.17 25.68 -23.24
N TYR B 123 32.04 26.03 -21.97
CA TYR B 123 33.18 26.28 -21.10
C TYR B 123 33.78 24.96 -20.59
N PHE B 124 35.07 24.97 -20.29
CA PHE B 124 35.72 23.82 -19.65
C PHE B 124 36.23 24.30 -18.29
N VAL B 125 35.82 23.66 -17.19
CA VAL B 125 36.38 24.05 -15.91
C VAL B 125 37.84 23.58 -15.83
N GLU B 126 38.71 24.48 -15.41
CA GLU B 126 40.15 24.26 -15.48
C GLU B 126 40.59 23.13 -14.56
N ALA B 127 41.67 22.45 -14.95
CA ALA B 127 42.22 21.37 -14.13
C ALA B 127 43.29 21.91 -13.18
N GLN B 128 43.97 20.98 -12.50
CA GLN B 128 44.93 21.29 -11.44
C GLN B 128 44.32 22.15 -10.33
N PRO B 129 43.23 21.68 -9.72
CA PRO B 129 42.53 22.47 -8.71
C PRO B 129 43.12 22.34 -7.32
N LYS B 130 42.83 23.32 -6.48
CA LYS B 130 42.92 23.16 -5.04
C LYS B 130 41.48 23.02 -4.57
N ILE B 131 41.20 21.89 -3.94
CA ILE B 131 39.85 21.58 -3.49
C ILE B 131 39.86 21.55 -1.98
N VAL B 132 39.00 22.35 -1.37
CA VAL B 132 38.93 22.42 0.08
C VAL B 132 37.52 22.33 0.64
N LEU B 133 37.41 21.57 1.72
CA LEU B 133 36.21 21.47 2.53
C LEU B 133 36.45 22.33 3.77
N GLY B 134 35.38 22.96 4.27
CA GLY B 134 35.45 23.68 5.53
C GLY B 134 35.74 25.18 5.41
N GLN B 135 36.32 25.57 4.28
CA GLN B 135 36.53 27.00 3.97
C GLN B 135 36.25 27.26 2.48
N GLU B 136 35.93 28.51 2.18
CA GLU B 136 35.82 28.99 0.80
C GLU B 136 37.13 29.68 0.42
N GLN B 137 37.71 29.31 -0.74
CA GLN B 137 38.95 29.94 -1.19
C GLN B 137 38.68 31.18 -2.02
N ASP B 138 39.50 32.22 -1.83
CA ASP B 138 39.53 33.38 -2.72
C ASP B 138 40.87 33.48 -3.46
N SER B 139 41.80 32.59 -3.12
CA SER B 139 43.04 32.41 -3.88
C SER B 139 43.19 30.94 -4.24
N TYR B 140 44.33 30.61 -4.86
CA TYR B 140 44.61 29.24 -5.26
C TYR B 140 45.12 28.47 -4.04
N GLY B 141 44.18 28.08 -3.17
CA GLY B 141 44.52 27.32 -1.98
C GLY B 141 44.28 28.02 -0.64
N GLY B 142 43.98 29.31 -0.68
CA GLY B 142 43.85 30.09 0.55
C GLY B 142 42.89 31.26 0.48
N LYS B 143 43.20 32.32 1.22
CA LYS B 143 42.34 33.50 1.34
C LYS B 143 40.94 33.12 1.84
N PHE B 144 40.91 32.47 3.00
CA PHE B 144 39.69 31.97 3.59
C PHE B 144 38.90 33.10 4.25
N ASP B 145 37.63 32.82 4.54
CA ASP B 145 36.73 33.83 5.09
C ASP B 145 35.89 33.19 6.17
N ARG B 146 36.07 33.63 7.42
CA ARG B 146 35.36 33.08 8.57
C ARG B 146 33.83 33.02 8.37
N SER B 147 33.28 34.05 7.77
CA SER B 147 31.83 34.16 7.57
C SER B 147 31.32 33.17 6.51
N GLN B 148 32.24 32.51 5.82
CA GLN B 148 31.91 31.51 4.81
C GLN B 148 32.33 30.09 5.20
N SER B 149 32.94 29.94 6.38
CA SER B 149 33.40 28.64 6.86
C SER B 149 32.24 27.66 7.08
N PHE B 150 32.52 26.37 6.83
CA PHE B 150 31.53 25.33 7.08
C PHE B 150 31.77 24.74 8.47
N VAL B 151 30.74 24.80 9.30
CA VAL B 151 30.75 24.16 10.61
C VAL B 151 29.72 23.04 10.56
N GLY B 152 30.16 21.83 10.91
CA GLY B 152 29.28 20.68 10.89
C GLY B 152 29.95 19.46 10.30
N GLU B 153 29.16 18.63 9.62
CA GLU B 153 29.64 17.31 9.23
C GLU B 153 29.45 17.05 7.73
N ILE B 154 30.49 16.50 7.10
CA ILE B 154 30.43 16.14 5.69
C ILE B 154 30.88 14.69 5.54
N GLY B 155 30.10 13.91 4.81
CA GLY B 155 30.46 12.53 4.50
C GLY B 155 30.00 12.10 3.13
N ASP B 156 30.32 10.84 2.78
CA ASP B 156 29.89 10.22 1.52
C ASP B 156 30.09 11.10 0.28
N LEU B 157 31.29 11.65 0.14
CA LEU B 157 31.60 12.56 -0.96
C LEU B 157 32.21 11.83 -2.15
N TYR B 158 31.53 11.92 -3.28
CA TYR B 158 31.98 11.30 -4.52
C TYR B 158 31.92 12.32 -5.63
N MET B 159 32.84 12.20 -6.58
CA MET B 159 32.85 13.08 -7.74
C MET B 159 33.24 12.29 -8.98
N TRP B 160 32.40 12.38 -10.01
CA TRP B 160 32.61 11.66 -11.27
C TRP B 160 32.87 12.67 -12.37
N ASP B 161 33.59 12.26 -13.42
CA ASP B 161 33.84 13.14 -14.56
C ASP B 161 32.80 12.97 -15.67
N SER B 162 31.57 12.69 -15.25
CA SER B 162 30.46 12.55 -16.19
C SER B 162 29.17 12.99 -15.51
N VAL B 163 28.13 13.21 -16.30
CA VAL B 163 26.82 13.54 -15.74
C VAL B 163 26.09 12.25 -15.42
N LEU B 164 25.80 12.05 -14.14
CA LEU B 164 25.12 10.85 -13.67
C LEU B 164 23.64 10.91 -14.01
N PRO B 165 23.12 9.84 -14.61
CA PRO B 165 21.67 9.69 -14.81
C PRO B 165 20.92 9.58 -13.47
N PRO B 166 19.62 9.88 -13.44
CA PRO B 166 18.84 9.89 -12.19
C PRO B 166 19.00 8.63 -11.33
N GLU B 167 19.04 7.45 -11.94
CA GLU B 167 19.17 6.19 -11.20
C GLU B 167 20.48 6.09 -10.41
N ASN B 168 21.57 6.60 -10.97
CA ASN B 168 22.86 6.61 -10.29
C ASN B 168 22.89 7.65 -9.17
N ILE B 169 22.19 8.76 -9.37
CA ILE B 169 22.02 9.79 -8.33
C ILE B 169 21.28 9.18 -7.14
N LEU B 170 20.20 8.49 -7.43
CA LEU B 170 19.42 7.79 -6.40
C LEU B 170 20.25 6.72 -5.68
N SER B 171 21.07 6.01 -6.45
CA SER B 171 21.98 5.01 -5.88
C SER B 171 22.93 5.64 -4.85
N ALA B 172 23.46 6.81 -5.17
CA ALA B 172 24.34 7.53 -4.26
C ALA B 172 23.56 7.97 -3.02
N TYR B 173 22.37 8.54 -3.24
CA TYR B 173 21.49 8.95 -2.15
C TYR B 173 21.21 7.78 -1.19
N GLN B 174 20.94 6.61 -1.75
CA GLN B 174 20.60 5.42 -0.97
C GLN B 174 21.81 4.72 -0.35
N GLY B 175 23.00 5.15 -0.72
CA GLY B 175 24.22 4.65 -0.09
C GLY B 175 24.91 3.51 -0.83
N THR B 176 24.57 3.32 -2.10
CA THR B 176 25.30 2.42 -2.99
C THR B 176 25.76 3.18 -4.24
N PRO B 177 26.61 4.20 -4.08
CA PRO B 177 27.07 5.00 -5.22
C PRO B 177 27.95 4.21 -6.20
N LEU B 178 27.89 4.58 -7.47
CA LEU B 178 28.77 4.02 -8.49
C LEU B 178 30.21 4.44 -8.23
N PRO B 179 31.18 3.58 -8.55
CA PRO B 179 32.60 3.95 -8.46
C PRO B 179 32.87 5.32 -9.08
N ALA B 180 33.62 6.17 -8.38
CA ALA B 180 33.86 7.55 -8.82
C ALA B 180 35.34 7.79 -9.09
N ASN B 181 35.64 8.51 -10.17
CA ASN B 181 37.01 8.62 -10.66
C ASN B 181 37.73 9.96 -10.41
N ILE B 182 37.03 10.94 -9.84
CA ILE B 182 37.70 12.19 -9.46
C ILE B 182 37.93 12.20 -7.95
N LEU B 183 36.85 12.07 -7.19
CA LEU B 183 36.92 11.94 -5.75
C LEU B 183 36.11 10.73 -5.33
N ASP B 184 36.66 9.93 -4.41
CA ASP B 184 35.96 8.76 -3.92
C ASP B 184 36.15 8.61 -2.43
N TRP B 185 35.03 8.64 -1.69
CA TRP B 185 35.03 8.56 -0.24
C TRP B 185 35.66 7.27 0.31
N GLN B 186 35.57 6.19 -0.46
CA GLN B 186 36.12 4.90 -0.07
C GLN B 186 37.60 4.73 -0.41
N ALA B 187 38.18 5.73 -1.07
CA ALA B 187 39.60 5.76 -1.38
C ALA B 187 40.05 7.22 -1.54
N LEU B 188 39.92 7.97 -0.45
CA LEU B 188 40.11 9.41 -0.48
C LEU B 188 41.53 9.83 -0.07
N ASN B 189 42.12 10.71 -0.85
CA ASN B 189 43.40 11.33 -0.54
C ASN B 189 43.13 12.75 -0.07
N TYR B 190 43.51 13.05 1.18
CA TYR B 190 43.11 14.30 1.81
C TYR B 190 44.16 14.79 2.81
N GLU B 191 44.07 16.07 3.17
CA GLU B 191 44.95 16.67 4.18
C GLU B 191 44.11 17.46 5.17
N ILE B 192 44.17 17.08 6.45
CA ILE B 192 43.50 17.83 7.49
C ILE B 192 44.39 18.99 7.95
N ARG B 193 43.84 20.20 7.95
CA ARG B 193 44.54 21.36 8.47
C ARG B 193 43.72 21.99 9.58
N GLY B 194 44.32 22.11 10.76
CA GLY B 194 43.63 22.64 11.92
C GLY B 194 42.63 21.67 12.53
N TYR B 195 41.54 22.21 13.05
CA TYR B 195 40.62 21.45 13.88
C TYR B 195 39.55 20.76 13.05
N VAL B 196 39.87 19.56 12.57
CA VAL B 196 38.91 18.68 11.91
C VAL B 196 39.06 17.29 12.51
N ILE B 197 37.95 16.72 12.97
CA ILE B 197 37.96 15.39 13.59
C ILE B 197 37.16 14.40 12.74
N ILE B 198 37.74 13.24 12.45
CA ILE B 198 37.02 12.17 11.78
C ILE B 198 36.23 11.38 12.82
N LYS B 199 34.93 11.22 12.58
CA LYS B 199 34.06 10.45 13.48
C LYS B 199 33.17 9.53 12.66
N PRO B 200 32.60 8.49 13.29
CA PRO B 200 31.56 7.69 12.63
C PRO B 200 30.38 8.55 12.22
N LEU B 201 29.74 8.18 11.12
CA LEU B 201 28.52 8.81 10.66
C LEU B 201 27.37 8.24 11.48
N VAL B 202 26.73 9.10 12.28
CA VAL B 202 25.64 8.65 13.16
C VAL B 202 24.27 9.16 12.74
N TRP B 203 24.23 10.09 11.79
CA TRP B 203 22.97 10.75 11.42
C TRP B 203 22.29 10.24 10.16
N VAL B 204 22.86 9.20 9.55
CA VAL B 204 22.18 8.50 8.46
C VAL B 204 21.56 7.21 9.02
N HIS C 1 20.92 7.57 49.46
CA HIS C 1 20.83 7.05 48.06
C HIS C 1 19.46 6.44 47.80
N THR C 2 18.75 6.99 46.82
CA THR C 2 17.36 6.64 46.57
C THR C 2 17.15 6.14 45.15
N ASP C 3 16.30 5.12 45.03
CA ASP C 3 15.80 4.66 43.73
C ASP C 3 14.61 5.52 43.32
N LEU C 4 14.84 6.37 42.32
CA LEU C 4 13.84 7.31 41.85
C LEU C 4 13.16 6.80 40.57
N SER C 5 13.29 5.50 40.29
CA SER C 5 12.63 4.86 39.15
C SER C 5 11.15 5.22 39.11
N GLY C 6 10.67 5.64 37.94
CA GLY C 6 9.27 5.98 37.75
C GLY C 6 8.89 7.35 38.30
N LYS C 7 9.88 8.09 38.78
CA LYS C 7 9.65 9.35 39.48
C LYS C 7 10.43 10.53 38.91
N VAL C 8 9.90 11.72 39.13
CA VAL C 8 10.55 12.96 38.72
C VAL C 8 10.76 13.89 39.92
N PHE C 9 11.76 14.76 39.80
CA PHE C 9 11.85 15.95 40.64
C PHE C 9 10.95 16.99 39.97
N VAL C 10 9.96 17.47 40.71
CA VAL C 10 9.16 18.61 40.28
C VAL C 10 9.69 19.88 40.95
N PHE C 11 10.09 20.84 40.12
CA PHE C 11 10.38 22.19 40.55
C PHE C 11 9.16 23.03 40.18
N PRO C 12 8.22 23.14 41.13
CA PRO C 12 6.87 23.63 40.84
C PRO C 12 6.74 25.14 40.61
N ARG C 13 7.78 25.91 40.89
CA ARG C 13 7.69 27.37 40.81
C ARG C 13 9.03 28.02 40.46
N GLU C 14 8.96 29.26 39.98
CA GLU C 14 10.14 30.08 39.80
C GLU C 14 10.60 30.59 41.15
N SER C 15 11.90 30.50 41.39
CA SER C 15 12.53 31.01 42.61
C SER C 15 14.02 31.23 42.35
N VAL C 16 14.69 31.80 43.34
CA VAL C 16 16.15 31.85 43.35
C VAL C 16 16.67 30.83 44.38
N THR C 17 15.76 30.00 44.88
CA THR C 17 16.02 29.24 46.09
C THR C 17 15.87 27.71 45.96
N ASP C 18 14.84 27.25 45.25
CA ASP C 18 14.58 25.81 45.11
C ASP C 18 15.64 25.15 44.24
N HIS C 19 16.23 24.08 44.78
CA HIS C 19 17.20 23.27 44.04
C HIS C 19 17.41 21.90 44.66
N VAL C 20 18.02 21.01 43.90
CA VAL C 20 18.48 19.73 44.40
C VAL C 20 20.00 19.67 44.25
N ASN C 21 20.69 19.35 45.32
CA ASN C 21 22.12 19.07 45.24
C ASN C 21 22.30 17.59 44.88
N LEU C 22 23.13 17.33 43.86
CA LEU C 22 23.47 15.96 43.49
C LEU C 22 24.87 15.62 43.99
N ILE C 23 25.00 14.48 44.65
CA ILE C 23 26.30 14.06 45.17
C ILE C 23 26.81 12.85 44.38
N THR C 24 27.96 13.01 43.74
CA THR C 24 28.60 11.93 42.98
C THR C 24 29.76 11.29 43.77
N PRO C 25 29.88 9.96 43.69
CA PRO C 25 31.01 9.26 44.31
C PRO C 25 32.34 9.44 43.56
N LEU C 26 32.30 10.01 42.36
CA LEU C 26 33.50 10.27 41.56
C LEU C 26 34.40 11.30 42.23
N GLU C 27 35.70 11.03 42.23
CA GLU C 27 36.68 11.93 42.84
C GLU C 27 37.87 12.26 41.90
N LYS C 28 37.83 11.72 40.68
CA LYS C 28 38.86 11.98 39.69
C LYS C 28 38.37 12.96 38.61
N PRO C 29 39.27 13.80 38.07
CA PRO C 29 38.92 14.73 37.00
C PRO C 29 38.34 14.00 35.78
N LEU C 30 37.44 14.67 35.05
CA LEU C 30 36.71 14.02 33.95
C LEU C 30 37.32 14.31 32.57
N GLN C 31 37.62 13.24 31.86
CA GLN C 31 38.14 13.32 30.49
C GLN C 31 37.04 13.05 29.48
N ASN C 32 36.17 12.11 29.81
CA ASN C 32 35.05 11.69 28.97
C ASN C 32 33.81 11.63 29.84
N PHE C 33 32.65 11.92 29.26
CA PHE C 33 31.38 11.71 29.95
C PHE C 33 30.17 11.68 29.02
N THR C 34 29.09 11.09 29.51
CA THR C 34 27.79 11.20 28.88
C THR C 34 26.76 11.51 29.96
N LEU C 35 25.85 12.42 29.66
CA LEU C 35 24.81 12.81 30.60
C LEU C 35 23.47 12.74 29.89
N CYS C 36 22.57 11.92 30.41
CA CYS C 36 21.22 11.80 29.88
C CYS C 36 20.21 12.13 30.96
N PHE C 37 19.12 12.80 30.56
CA PHE C 37 17.99 13.07 31.44
C PHE C 37 16.74 13.41 30.64
N ARG C 38 15.58 13.34 31.29
CA ARG C 38 14.31 13.74 30.71
C ARG C 38 13.84 15.05 31.34
N ALA C 39 13.35 15.97 30.53
CA ALA C 39 12.83 17.22 31.05
C ALA C 39 11.49 17.60 30.44
N TYR C 40 10.66 18.27 31.23
CA TYR C 40 9.37 18.76 30.77
C TYR C 40 9.11 20.11 31.44
N SER C 41 9.19 21.15 30.64
CA SER C 41 9.10 22.52 31.13
C SER C 41 8.41 23.34 30.07
N ASP C 42 7.65 24.35 30.49
CA ASP C 42 7.06 25.28 29.53
C ASP C 42 7.57 26.70 29.70
N LEU C 43 8.77 26.82 30.26
CA LEU C 43 9.50 28.08 30.24
C LEU C 43 9.97 28.38 28.82
N SER C 44 9.86 29.64 28.42
CA SER C 44 10.35 30.12 27.13
C SER C 44 11.70 30.80 27.29
N ARG C 45 11.94 31.37 28.47
CA ARG C 45 13.22 32.02 28.77
C ARG C 45 14.31 30.97 28.95
N ALA C 46 15.56 31.44 29.05
CA ALA C 46 16.71 30.56 29.25
C ALA C 46 16.71 29.91 30.62
N TYR C 47 17.21 28.68 30.70
CA TYR C 47 17.39 28.02 31.99
C TYR C 47 18.50 27.00 31.99
N SER C 48 19.05 26.76 33.18
CA SER C 48 20.04 25.70 33.36
C SER C 48 19.33 24.38 33.59
N LEU C 49 19.82 23.34 32.91
CA LEU C 49 19.34 21.98 33.08
C LEU C 49 20.23 21.21 34.09
N PHE C 50 21.53 21.45 34.01
CA PHE C 50 22.50 20.71 34.80
C PHE C 50 23.68 21.62 35.06
N SER C 51 23.93 21.92 36.33
CA SER C 51 24.97 22.86 36.74
C SER C 51 26.04 22.21 37.61
N TYR C 52 27.27 22.18 37.07
CA TYR C 52 28.40 21.48 37.68
C TYR C 52 29.53 22.51 37.82
N ASN C 53 29.77 22.95 39.05
CA ASN C 53 30.82 23.92 39.35
C ASN C 53 31.89 23.33 40.25
N THR C 54 33.13 23.78 40.09
CA THR C 54 34.20 23.43 41.03
C THR C 54 34.80 24.69 41.64
N GLN C 55 35.60 24.51 42.68
CA GLN C 55 36.18 25.61 43.44
C GLN C 55 36.91 26.60 42.54
N GLY C 56 36.40 27.84 42.52
CA GLY C 56 36.98 28.90 41.71
C GLY C 56 36.78 28.74 40.22
N ARG C 57 35.84 27.88 39.83
CA ARG C 57 35.55 27.64 38.42
C ARG C 57 34.06 27.58 38.15
N ASP C 58 33.52 28.70 37.64
CA ASP C 58 32.13 28.75 37.20
C ASP C 58 31.97 28.02 35.86
N ASN C 59 30.80 27.44 35.63
CA ASN C 59 30.47 26.75 34.37
C ASN C 59 31.51 25.72 33.94
N GLU C 60 32.00 24.93 34.91
CA GLU C 60 32.97 23.89 34.65
C GLU C 60 32.37 22.82 33.72
N LEU C 61 31.10 22.50 33.97
CA LEU C 61 30.32 21.65 33.07
C LEU C 61 28.86 22.07 33.24
N LEU C 62 28.29 22.64 32.18
CA LEU C 62 26.94 23.20 32.25
C LEU C 62 26.11 22.87 31.02
N VAL C 63 24.91 22.35 31.26
CA VAL C 63 23.94 22.14 30.19
C VAL C 63 22.87 23.22 30.35
N TYR C 64 22.77 24.07 29.34
CA TYR C 64 22.01 25.31 29.43
C TYR C 64 21.11 25.45 28.21
N LYS C 65 19.81 25.65 28.45
CA LYS C 65 18.87 25.86 27.36
C LYS C 65 18.63 27.35 27.15
N GLU C 66 19.20 27.89 26.07
CA GLU C 66 19.13 29.32 25.77
C GLU C 66 17.72 29.77 25.38
N ARG C 67 17.11 29.01 24.47
CA ARG C 67 15.79 29.26 23.94
C ARG C 67 15.31 27.97 23.32
N VAL C 68 14.04 27.94 22.92
CA VAL C 68 13.48 26.78 22.20
C VAL C 68 14.37 26.38 21.03
N GLY C 69 14.60 25.07 20.88
CA GLY C 69 15.34 24.52 19.77
C GLY C 69 16.85 24.65 19.84
N GLU C 70 17.37 25.11 20.99
CA GLU C 70 18.78 25.41 21.14
C GLU C 70 19.35 24.92 22.47
N TYR C 71 20.38 24.10 22.39
CA TYR C 71 21.02 23.53 23.58
C TYR C 71 22.50 23.89 23.62
N SER C 72 22.95 24.32 24.80
CA SER C 72 24.33 24.70 24.98
C SER C 72 25.01 23.79 26.00
N LEU C 73 26.25 23.41 25.69
CA LEU C 73 27.12 22.76 26.65
C LEU C 73 28.31 23.67 26.92
N TYR C 74 28.54 23.95 28.20
CA TYR C 74 29.76 24.63 28.64
C TYR C 74 30.71 23.60 29.24
N ILE C 75 31.94 23.59 28.73
CA ILE C 75 33.05 22.88 29.34
C ILE C 75 34.12 23.92 29.70
N GLY C 76 34.49 23.96 30.98
CA GLY C 76 35.49 24.89 31.46
C GLY C 76 35.31 26.33 31.01
N ARG C 77 34.07 26.82 31.11
CA ARG C 77 33.70 28.20 30.75
C ARG C 77 33.49 28.44 29.25
N HIS C 78 33.99 27.53 28.42
CA HIS C 78 33.84 27.61 26.97
C HIS C 78 32.51 26.96 26.58
N LYS C 79 31.90 27.45 25.51
CA LYS C 79 30.55 26.98 25.15
C LYS C 79 30.40 26.52 23.70
N VAL C 80 29.61 25.47 23.51
CA VAL C 80 29.10 25.12 22.19
C VAL C 80 27.58 25.11 22.23
N THR C 81 26.96 25.30 21.07
CA THR C 81 25.50 25.35 20.96
C THR C 81 25.06 24.59 19.71
N SER C 82 24.04 23.76 19.86
CA SER C 82 23.48 23.07 18.71
C SER C 82 21.96 23.23 18.62
N LYS C 83 21.45 23.20 17.40
CA LYS C 83 20.06 23.49 17.12
C LYS C 83 19.29 22.22 16.77
N VAL C 84 18.00 22.23 17.12
CA VAL C 84 17.11 21.12 16.81
C VAL C 84 15.68 21.63 16.57
N ILE C 85 14.95 20.97 15.67
CA ILE C 85 13.52 21.20 15.51
C ILE C 85 12.83 20.51 16.68
N GLU C 86 12.07 21.28 17.45
CA GLU C 86 11.24 20.70 18.51
C GLU C 86 9.95 21.50 18.68
N LYS C 87 8.92 20.82 19.17
CA LYS C 87 7.65 21.46 19.51
C LYS C 87 7.76 22.10 20.90
N PHE C 88 6.97 23.13 21.13
CA PHE C 88 6.90 23.77 22.43
C PHE C 88 5.45 24.01 22.85
N PRO C 89 5.10 23.62 24.07
CA PRO C 89 5.98 22.86 24.95
C PRO C 89 5.87 21.36 24.68
N ALA C 90 6.91 20.62 25.04
CA ALA C 90 6.92 19.16 24.89
C ALA C 90 7.96 18.54 25.81
N PRO C 91 7.68 17.34 26.31
CA PRO C 91 8.68 16.56 27.03
C PRO C 91 9.85 16.27 26.08
N VAL C 92 11.05 16.18 26.64
CA VAL C 92 12.24 15.94 25.85
C VAL C 92 13.19 15.00 26.59
N HIS C 93 13.85 14.12 25.83
CA HIS C 93 14.99 13.36 26.35
C HIS C 93 16.27 13.94 25.77
N ILE C 94 17.21 14.23 26.66
CA ILE C 94 18.47 14.88 26.30
C ILE C 94 19.65 14.03 26.73
N CYS C 95 20.53 13.72 25.79
CA CYS C 95 21.84 13.17 26.09
C CYS C 95 22.90 14.11 25.55
N VAL C 96 23.98 14.28 26.30
CA VAL C 96 25.12 15.04 25.83
C VAL C 96 26.41 14.35 26.25
N SER C 97 27.31 14.19 25.29
CA SER C 97 28.61 13.60 25.57
C SER C 97 29.70 14.58 25.19
N TRP C 98 30.86 14.40 25.82
CA TRP C 98 32.03 15.20 25.51
C TRP C 98 33.27 14.34 25.73
N GLU C 99 34.24 14.52 24.84
CA GLU C 99 35.44 13.70 24.78
C GLU C 99 36.63 14.66 24.76
N SER C 100 37.51 14.56 25.76
CA SER C 100 38.67 15.45 25.86
C SER C 100 39.65 15.31 24.69
N SER C 101 39.87 14.08 24.24
CA SER C 101 40.88 13.80 23.22
C SER C 101 40.60 14.48 21.89
N SER C 102 39.32 14.58 21.54
CA SER C 102 38.91 15.22 20.29
C SER C 102 38.23 16.58 20.54
N GLY C 103 37.76 16.80 21.75
CA GLY C 103 36.97 17.99 22.07
C GLY C 103 35.51 17.89 21.65
N ILE C 104 35.15 16.78 20.99
CA ILE C 104 33.82 16.63 20.40
C ILE C 104 32.70 16.52 21.45
N ALA C 105 31.71 17.40 21.31
CA ALA C 105 30.48 17.34 22.09
C ALA C 105 29.34 16.91 21.19
N GLU C 106 28.54 15.94 21.67
CA GLU C 106 27.38 15.41 20.93
C GLU C 106 26.10 15.59 21.74
N PHE C 107 25.14 16.34 21.21
CA PHE C 107 23.81 16.37 21.78
C PHE C 107 22.93 15.36 21.06
N TRP C 108 22.13 14.64 21.83
CA TRP C 108 21.08 13.78 21.29
C TRP C 108 19.76 14.20 21.90
N ILE C 109 18.80 14.55 21.05
CA ILE C 109 17.48 14.99 21.49
C ILE C 109 16.47 13.97 21.01
N ASN C 110 15.74 13.37 21.94
CA ASN C 110 14.83 12.27 21.63
C ASN C 110 15.46 11.21 20.74
N GLY C 111 16.72 10.89 21.02
CA GLY C 111 17.45 9.88 20.28
C GLY C 111 17.92 10.31 18.90
N THR C 112 17.79 11.60 18.61
CA THR C 112 18.25 12.18 17.35
C THR C 112 19.53 12.97 17.60
N PRO C 113 20.60 12.64 16.88
CA PRO C 113 21.87 13.35 17.04
C PRO C 113 21.80 14.73 16.40
N LEU C 114 22.23 15.73 17.16
CA LEU C 114 22.39 17.07 16.62
C LEU C 114 23.77 17.13 15.96
N VAL C 115 24.05 18.24 15.31
CA VAL C 115 25.34 18.47 14.69
C VAL C 115 26.41 18.46 15.78
N LYS C 116 27.49 17.71 15.56
CA LYS C 116 28.63 17.69 16.47
C LYS C 116 29.31 19.04 16.51
N LYS C 117 29.77 19.43 17.69
CA LYS C 117 30.60 20.60 17.88
C LYS C 117 31.81 20.18 18.69
N GLY C 118 32.76 21.11 18.87
CA GLY C 118 33.99 20.80 19.56
C GLY C 118 34.53 21.96 20.37
N LEU C 119 35.07 21.64 21.54
CA LEU C 119 35.60 22.64 22.47
C LEU C 119 36.54 21.99 23.47
N ARG C 120 37.51 22.77 23.94
CA ARG C 120 38.38 22.38 25.05
C ARG C 120 39.06 21.01 24.86
N GLN C 121 39.55 20.78 23.64
CA GLN C 121 40.35 19.58 23.36
C GLN C 121 41.57 19.56 24.28
N GLY C 122 41.78 18.43 24.96
CA GLY C 122 42.90 18.26 25.87
C GLY C 122 42.62 18.65 27.32
N TYR C 123 41.50 19.34 27.54
CA TYR C 123 41.11 19.82 28.87
C TYR C 123 40.57 18.69 29.74
N PHE C 124 40.67 18.84 31.06
CA PHE C 124 40.02 17.94 32.00
C PHE C 124 39.09 18.75 32.89
N VAL C 125 37.80 18.37 32.95
CA VAL C 125 36.90 19.05 33.89
C VAL C 125 37.25 18.60 35.31
N GLU C 126 37.30 19.57 36.22
CA GLU C 126 37.84 19.34 37.56
C GLU C 126 36.95 18.47 38.45
N ALA C 127 37.59 17.80 39.41
CA ALA C 127 36.90 16.91 40.33
C ALA C 127 36.35 17.69 41.54
N GLN C 128 35.74 16.96 42.47
CA GLN C 128 35.13 17.53 43.68
C GLN C 128 34.17 18.69 43.33
N PRO C 129 33.14 18.41 42.55
CA PRO C 129 32.19 19.44 42.12
C PRO C 129 31.01 19.63 43.07
N LYS C 130 30.34 20.77 42.93
CA LYS C 130 28.99 20.93 43.44
C LYS C 130 28.09 20.80 42.22
N ILE C 131 27.14 19.88 42.31
CA ILE C 131 26.21 19.65 41.20
C ILE C 131 24.80 20.00 41.64
N VAL C 132 24.16 20.90 40.89
CA VAL C 132 22.80 21.32 41.23
C VAL C 132 21.83 21.27 40.06
N LEU C 133 20.61 20.84 40.37
CA LEU C 133 19.49 20.86 39.45
C LEU C 133 18.54 21.96 39.94
N GLY C 134 17.87 22.64 39.02
CA GLY C 134 16.87 23.63 39.37
C GLY C 134 17.36 25.05 39.47
N GLN C 135 18.68 25.22 39.63
CA GLN C 135 19.30 26.54 39.62
C GLN C 135 20.62 26.47 38.85
N GLU C 136 21.08 27.63 38.38
CA GLU C 136 22.39 27.75 37.78
C GLU C 136 23.35 28.32 38.83
N GLN C 137 24.52 27.70 38.97
CA GLN C 137 25.53 28.16 39.95
C GLN C 137 26.45 29.21 39.35
N ASP C 138 26.77 30.23 40.14
CA ASP C 138 27.84 31.17 39.80
C ASP C 138 28.96 31.13 40.83
N SER C 139 28.75 30.36 41.90
CA SER C 139 29.78 30.10 42.89
C SER C 139 29.88 28.60 43.13
N TYR C 140 30.77 28.20 44.04
CA TYR C 140 30.89 26.80 44.43
C TYR C 140 29.70 26.40 45.29
N GLY C 141 28.59 26.06 44.63
CA GLY C 141 27.38 25.60 45.31
C GLY C 141 26.23 26.58 45.41
N GLY C 142 26.44 27.83 45.02
CA GLY C 142 25.43 28.87 45.17
C GLY C 142 25.45 29.98 44.14
N LYS C 143 25.20 31.20 44.61
CA LYS C 143 25.00 32.40 43.77
C LYS C 143 24.04 32.13 42.61
N PHE C 144 22.81 31.77 42.96
CA PHE C 144 21.80 31.39 41.99
C PHE C 144 21.16 32.60 41.32
N ASP C 145 20.47 32.37 40.22
CA ASP C 145 19.85 33.43 39.45
C ASP C 145 18.43 33.02 39.05
N ARG C 146 17.45 33.76 39.57
CA ARG C 146 16.03 33.52 39.32
C ARG C 146 15.71 33.35 37.84
N SER C 147 16.27 34.24 37.02
CA SER C 147 16.01 34.23 35.57
C SER C 147 16.66 33.04 34.85
N GLN C 148 17.37 32.19 35.59
CA GLN C 148 17.95 30.98 35.03
C GLN C 148 17.44 29.71 35.72
N SER C 149 16.52 29.88 36.66
CA SER C 149 15.95 28.75 37.39
C SER C 149 15.18 27.82 36.47
N PHE C 150 15.25 26.53 36.76
CA PHE C 150 14.47 25.55 36.02
C PHE C 150 13.14 25.36 36.71
N VAL C 151 12.06 25.51 35.95
CA VAL C 151 10.71 25.28 36.44
C VAL C 151 10.15 24.16 35.59
N GLY C 152 9.70 23.11 36.25
CA GLY C 152 9.17 21.95 35.56
C GLY C 152 9.63 20.65 36.19
N GLU C 153 9.74 19.62 35.36
CA GLU C 153 10.00 18.27 35.83
C GLU C 153 11.26 17.67 35.19
N ILE C 154 12.08 17.02 36.01
CA ILE C 154 13.27 16.32 35.53
C ILE C 154 13.28 14.91 36.08
N GLY C 155 13.55 13.94 35.19
CA GLY C 155 13.67 12.54 35.59
C GLY C 155 14.76 11.81 34.83
N ASP C 156 14.94 10.53 35.16
CA ASP C 156 15.82 9.63 34.40
C ASP C 156 17.20 10.19 34.07
N LEU C 157 17.82 10.78 35.09
CA LEU C 157 19.14 11.39 34.95
C LEU C 157 20.22 10.33 35.19
N TYR C 158 21.07 10.16 34.18
CA TYR C 158 22.21 9.26 34.30
C TYR C 158 23.45 9.94 33.75
N MET C 159 24.59 9.67 34.36
CA MET C 159 25.85 10.24 33.93
C MET C 159 26.95 9.19 34.01
N TRP C 160 27.64 8.99 32.90
CA TRP C 160 28.67 7.95 32.77
C TRP C 160 30.01 8.60 32.53
N ASP C 161 31.09 7.92 32.94
CA ASP C 161 32.45 8.44 32.78
C ASP C 161 33.09 8.03 31.44
N SER C 162 32.24 7.88 30.43
CA SER C 162 32.71 7.54 29.08
C SER C 162 31.75 8.13 28.04
N VAL C 163 32.18 8.11 26.78
CA VAL C 163 31.32 8.49 25.68
C VAL C 163 30.49 7.29 25.26
N LEU C 164 29.18 7.39 25.46
CA LEU C 164 28.25 6.32 25.13
C LEU C 164 28.05 6.20 23.61
N PRO C 165 28.10 4.98 23.08
CA PRO C 165 27.79 4.74 21.67
C PRO C 165 26.31 4.98 21.37
N PRO C 166 25.94 5.24 20.10
CA PRO C 166 24.54 5.48 19.73
C PRO C 166 23.54 4.51 20.34
N GLU C 167 23.86 3.21 20.32
CA GLU C 167 22.95 2.18 20.83
C GLU C 167 22.58 2.35 22.31
N ASN C 168 23.56 2.75 23.13
CA ASN C 168 23.34 3.01 24.56
C ASN C 168 22.59 4.32 24.81
N ILE C 169 22.74 5.27 23.89
CA ILE C 169 21.97 6.50 23.94
C ILE C 169 20.50 6.18 23.69
N LEU C 170 20.22 5.43 22.61
CA LEU C 170 18.85 5.06 22.26
C LEU C 170 18.20 4.25 23.38
N SER C 171 18.96 3.33 23.97
CA SER C 171 18.50 2.54 25.11
C SER C 171 18.06 3.44 26.28
N ALA C 172 18.85 4.47 26.56
CA ALA C 172 18.50 5.43 27.61
C ALA C 172 17.20 6.15 27.27
N TYR C 173 17.10 6.58 26.02
CA TYR C 173 15.92 7.27 25.50
C TYR C 173 14.67 6.40 25.64
N GLN C 174 14.81 5.11 25.32
CA GLN C 174 13.70 4.17 25.35
C GLN C 174 13.34 3.66 26.76
N GLY C 175 14.13 4.03 27.75
CA GLY C 175 13.84 3.70 29.14
C GLY C 175 14.56 2.48 29.72
N THR C 176 15.58 1.99 29.02
CA THR C 176 16.44 0.94 29.58
C THR C 176 17.92 1.37 29.59
N PRO C 177 18.24 2.42 30.34
CA PRO C 177 19.62 2.93 30.38
C PRO C 177 20.57 1.96 31.08
N LEU C 178 21.80 1.88 30.59
CA LEU C 178 22.85 1.14 31.26
C LEU C 178 23.14 1.82 32.59
N PRO C 179 23.42 1.04 33.63
CA PRO C 179 23.83 1.60 34.92
C PRO C 179 24.98 2.59 34.75
N ALA C 180 24.95 3.68 35.51
CA ALA C 180 25.87 4.79 35.30
C ALA C 180 26.67 5.07 36.55
N ASN C 181 27.98 5.27 36.38
CA ASN C 181 28.91 5.31 37.51
C ASN C 181 29.20 6.68 38.11
N ILE C 182 28.75 7.77 37.46
CA ILE C 182 28.88 9.10 38.06
C ILE C 182 27.60 9.50 38.79
N LEU C 183 26.48 9.41 38.09
CA LEU C 183 25.17 9.70 38.65
C LEU C 183 24.20 8.67 38.11
N ASP C 184 23.38 8.10 38.98
CA ASP C 184 22.42 7.07 38.58
C ASP C 184 21.07 7.33 39.26
N TRP C 185 20.03 7.53 38.45
CA TRP C 185 18.67 7.81 38.92
C TRP C 185 18.13 6.74 39.87
N GLN C 186 18.59 5.50 39.68
CA GLN C 186 18.13 4.36 40.46
C GLN C 186 18.93 4.15 41.76
N ALA C 187 19.96 4.96 41.95
CA ALA C 187 20.74 4.96 43.20
C ALA C 187 21.37 6.34 43.40
N LEU C 188 20.50 7.34 43.55
CA LEU C 188 20.90 8.74 43.56
C LEU C 188 21.07 9.34 44.95
N ASN C 189 22.28 9.84 45.22
CA ASN C 189 22.57 10.59 46.43
C ASN C 189 22.28 12.07 46.18
N TYR C 190 21.25 12.59 46.83
CA TYR C 190 20.78 13.95 46.58
C TYR C 190 20.28 14.63 47.85
N GLU C 191 20.28 15.96 47.84
CA GLU C 191 19.62 16.75 48.89
C GLU C 191 18.67 17.77 48.29
N ILE C 192 17.39 17.68 48.66
CA ILE C 192 16.40 18.66 48.24
C ILE C 192 16.49 19.90 49.13
N ARG C 193 16.60 21.07 48.48
CA ARG C 193 16.62 22.34 49.19
C ARG C 193 15.45 23.21 48.71
N GLY C 194 14.59 23.61 49.65
CA GLY C 194 13.43 24.41 49.32
C GLY C 194 12.30 23.61 48.70
N TYR C 195 11.58 24.23 47.77
CA TYR C 195 10.37 23.65 47.21
C TYR C 195 10.66 22.79 45.99
N VAL C 196 10.96 21.51 46.23
CA VAL C 196 11.08 20.50 45.19
C VAL C 196 10.31 19.26 45.65
N ILE C 197 9.44 18.75 44.78
CA ILE C 197 8.55 17.64 45.13
C ILE C 197 8.85 16.45 44.24
N ILE C 198 8.94 15.26 44.86
CA ILE C 198 9.07 14.03 44.10
C ILE C 198 7.68 13.52 43.75
N LYS C 199 7.44 13.32 42.45
CA LYS C 199 6.17 12.81 41.98
C LYS C 199 6.39 11.67 40.98
N PRO C 200 5.39 10.80 40.81
CA PRO C 200 5.41 9.83 39.70
C PRO C 200 5.61 10.52 38.35
N LEU C 201 6.34 9.85 37.46
CA LEU C 201 6.49 10.31 36.08
C LEU C 201 5.25 9.88 35.29
N VAL C 202 4.53 10.86 34.73
CA VAL C 202 3.27 10.58 34.02
C VAL C 202 3.29 11.00 32.55
N TRP C 203 4.40 11.58 32.09
CA TRP C 203 4.44 12.18 30.76
C TRP C 203 5.28 11.47 29.69
N VAL C 204 5.77 10.26 29.97
CA VAL C 204 6.51 9.49 28.98
C VAL C 204 5.56 8.90 27.93
N HIS D 1 -33.51 16.68 39.99
CA HIS D 1 -32.16 17.29 39.77
C HIS D 1 -31.05 16.22 39.76
N THR D 2 -30.36 16.01 38.64
CA THR D 2 -30.78 16.26 37.25
C THR D 2 -29.71 15.58 36.42
N ASP D 3 -30.09 14.54 35.69
CA ASP D 3 -29.15 13.84 34.82
C ASP D 3 -28.94 14.62 33.53
N LEU D 4 -27.75 15.17 33.37
CA LEU D 4 -27.41 15.96 32.19
C LEU D 4 -26.57 15.19 31.16
N SER D 5 -26.53 13.86 31.30
CA SER D 5 -25.87 12.98 30.34
C SER D 5 -26.26 13.32 28.90
N GLY D 6 -25.26 13.40 28.02
CA GLY D 6 -25.46 13.70 26.62
C GLY D 6 -25.93 15.12 26.33
N LYS D 7 -25.75 16.02 27.29
CA LYS D 7 -26.23 17.40 27.16
C LYS D 7 -25.19 18.43 27.62
N VAL D 8 -25.35 19.66 27.16
CA VAL D 8 -24.45 20.77 27.50
C VAL D 8 -25.22 22.01 27.97
N PHE D 9 -24.55 22.88 28.74
CA PHE D 9 -25.02 24.24 28.93
C PHE D 9 -24.52 25.09 27.76
N VAL D 10 -25.43 25.76 27.06
CA VAL D 10 -25.02 26.72 26.03
C VAL D 10 -25.16 28.15 26.55
N PHE D 11 -24.04 28.86 26.56
CA PHE D 11 -24.00 30.28 26.88
C PHE D 11 -23.86 30.98 25.54
N PRO D 12 -25.01 31.30 24.93
CA PRO D 12 -25.06 31.65 23.50
C PRO D 12 -24.60 33.07 23.15
N ARG D 13 -24.36 33.92 24.14
CA ARG D 13 -24.00 35.32 23.89
C ARG D 13 -23.08 35.86 24.99
N GLU D 14 -22.37 36.92 24.64
CA GLU D 14 -21.63 37.70 25.62
C GLU D 14 -22.60 38.53 26.47
N SER D 15 -22.40 38.48 27.77
CA SER D 15 -23.21 39.23 28.72
C SER D 15 -22.43 39.41 30.02
N VAL D 16 -23.00 40.19 30.93
CA VAL D 16 -22.48 40.31 32.29
C VAL D 16 -23.47 39.66 33.26
N THR D 17 -24.45 38.96 32.71
CA THR D 17 -25.60 38.49 33.46
C THR D 17 -25.87 36.98 33.39
N ASP D 18 -25.57 36.38 32.22
CA ASP D 18 -25.86 34.98 31.96
C ASP D 18 -24.90 34.07 32.71
N HIS D 19 -25.45 33.20 33.55
CA HIS D 19 -24.63 32.25 34.30
C HIS D 19 -25.40 31.06 34.87
N VAL D 20 -24.67 30.06 35.32
CA VAL D 20 -25.24 28.91 35.99
C VAL D 20 -24.59 28.80 37.37
N ASN D 21 -25.42 28.77 38.41
CA ASN D 21 -24.95 28.44 39.75
C ASN D 21 -24.91 26.92 39.89
N LEU D 22 -23.81 26.41 40.41
CA LEU D 22 -23.70 25.00 40.73
C LEU D 22 -23.77 24.86 42.24
N ILE D 23 -24.76 24.10 42.71
CA ILE D 23 -25.01 23.94 44.13
C ILE D 23 -24.46 22.62 44.65
N THR D 24 -23.67 22.70 45.70
CA THR D 24 -23.14 21.52 46.40
C THR D 24 -23.11 21.78 47.92
N PRO D 25 -23.48 20.77 48.71
CA PRO D 25 -23.43 20.89 50.18
C PRO D 25 -22.02 20.61 50.73
N LEU D 26 -21.03 21.36 50.24
CA LEU D 26 -19.66 21.20 50.71
C LEU D 26 -19.38 22.08 51.93
N GLU D 27 -19.19 21.43 53.07
CA GLU D 27 -18.93 22.12 54.34
C GLU D 27 -17.51 21.90 54.86
N LYS D 28 -16.84 20.87 54.34
CA LYS D 28 -15.48 20.56 54.72
C LYS D 28 -14.49 21.22 53.77
N PRO D 29 -13.52 21.97 54.30
CA PRO D 29 -12.50 22.63 53.48
C PRO D 29 -11.73 21.61 52.65
N LEU D 30 -11.49 21.93 51.38
CA LEU D 30 -10.86 20.99 50.46
C LEU D 30 -9.35 20.95 50.59
N GLN D 31 -8.82 19.76 50.82
CA GLN D 31 -7.38 19.53 50.86
C GLN D 31 -6.91 19.07 49.48
N ASN D 32 -7.74 18.25 48.85
CA ASN D 32 -7.46 17.68 47.54
C ASN D 32 -8.72 17.76 46.69
N PHE D 33 -8.54 17.95 45.39
CA PHE D 33 -9.67 17.90 44.46
C PHE D 33 -9.22 17.63 43.04
N THR D 34 -10.15 17.12 42.24
CA THR D 34 -10.00 17.04 40.80
C THR D 34 -11.27 17.59 40.18
N LEU D 35 -11.10 18.44 39.18
CA LEU D 35 -12.21 18.97 38.40
C LEU D 35 -11.99 18.62 36.92
N CYS D 36 -12.99 18.00 36.31
CA CYS D 36 -12.98 17.68 34.87
C CYS D 36 -14.25 18.21 34.22
N PHE D 37 -14.12 18.69 32.98
CA PHE D 37 -15.26 19.15 32.18
C PHE D 37 -14.86 19.30 30.71
N ARG D 38 -15.86 19.40 29.85
CA ARG D 38 -15.68 19.57 28.42
C ARG D 38 -16.11 20.99 28.05
N ALA D 39 -15.34 21.66 27.21
CA ALA D 39 -15.65 23.04 26.83
C ALA D 39 -15.43 23.27 25.33
N TYR D 40 -16.28 24.11 24.74
CA TYR D 40 -16.17 24.44 23.32
C TYR D 40 -16.58 25.88 23.12
N SER D 41 -15.59 26.72 22.81
CA SER D 41 -15.77 28.16 22.69
C SER D 41 -14.86 28.68 21.60
N ASP D 42 -15.30 29.73 20.90
CA ASP D 42 -14.39 30.37 19.96
C ASP D 42 -14.01 31.79 20.40
N LEU D 43 -14.06 32.03 21.71
CA LEU D 43 -13.56 33.27 22.28
C LEU D 43 -12.04 33.27 22.20
N SER D 44 -11.48 34.44 21.88
CA SER D 44 -10.03 34.63 21.82
C SER D 44 -9.53 35.36 23.05
N ARG D 45 -10.38 36.23 23.60
CA ARG D 45 -10.07 36.95 24.83
C ARG D 45 -10.09 36.00 26.02
N ALA D 46 -9.63 36.49 27.17
CA ALA D 46 -9.62 35.71 28.40
C ALA D 46 -11.05 35.44 28.88
N TYR D 47 -11.24 34.31 29.55
CA TYR D 47 -12.52 33.99 30.18
C TYR D 47 -12.39 32.99 31.32
N SER D 48 -13.34 33.04 32.25
CA SER D 48 -13.39 32.08 33.35
C SER D 48 -14.13 30.83 32.93
N LEU D 49 -13.54 29.67 33.22
CA LEU D 49 -14.19 28.37 32.95
C LEU D 49 -15.00 27.91 34.16
N PHE D 50 -14.45 28.12 35.35
CA PHE D 50 -15.02 27.60 36.59
C PHE D 50 -14.66 28.56 37.72
N SER D 51 -15.66 29.21 38.29
CA SER D 51 -15.44 30.26 39.28
C SER D 51 -16.02 29.85 40.64
N TYR D 52 -15.13 29.74 41.62
CA TYR D 52 -15.46 29.21 42.94
C TYR D 52 -15.00 30.26 43.96
N ASN D 53 -15.97 30.95 44.56
CA ASN D 53 -15.71 31.99 45.55
C ASN D 53 -16.31 31.63 46.89
N THR D 54 -15.70 32.10 47.97
CA THR D 54 -16.27 31.97 49.31
C THR D 54 -16.40 33.34 49.97
N GLN D 55 -17.16 33.41 51.06
CA GLN D 55 -17.45 34.68 51.75
C GLN D 55 -16.18 35.44 52.09
N GLY D 56 -16.02 36.61 51.48
CA GLY D 56 -14.86 37.45 51.69
C GLY D 56 -13.61 37.00 50.95
N ARG D 57 -13.75 35.99 50.09
CA ARG D 57 -12.63 35.44 49.34
C ARG D 57 -12.86 35.39 47.84
N ASP D 58 -12.15 36.23 47.11
CA ASP D 58 -12.14 36.18 45.66
C ASP D 58 -11.18 35.09 45.20
N ASN D 59 -11.46 34.50 44.03
CA ASN D 59 -10.57 33.55 43.39
C ASN D 59 -10.05 32.48 44.36
N GLU D 60 -10.98 31.88 45.12
CA GLU D 60 -10.64 30.84 46.08
C GLU D 60 -10.23 29.57 45.33
N LEU D 61 -10.98 29.27 44.27
CA LEU D 61 -10.60 28.23 43.34
C LEU D 61 -11.16 28.67 42.00
N LEU D 62 -10.27 28.88 41.03
CA LEU D 62 -10.67 29.43 39.74
C LEU D 62 -9.85 28.84 38.60
N VAL D 63 -10.57 28.35 37.58
CA VAL D 63 -9.95 27.90 36.33
C VAL D 63 -10.19 28.97 35.28
N TYR D 64 -9.10 29.58 34.83
CA TYR D 64 -9.17 30.77 33.98
C TYR D 64 -8.32 30.59 32.74
N LYS D 65 -8.92 30.83 31.58
CA LYS D 65 -8.21 30.74 30.31
C LYS D 65 -7.78 32.12 29.84
N GLU D 66 -6.49 32.40 29.98
CA GLU D 66 -5.91 33.72 29.68
C GLU D 66 -5.93 34.03 28.18
N ARG D 67 -5.53 33.03 27.40
CA ARG D 67 -5.42 33.10 25.95
C ARG D 67 -5.29 31.67 25.45
N VAL D 68 -5.36 31.49 24.13
CA VAL D 68 -5.19 30.18 23.51
C VAL D 68 -3.89 29.52 24.00
N GLY D 69 -4.00 28.25 24.38
CA GLY D 69 -2.84 27.46 24.77
C GLY D 69 -2.34 27.67 26.18
N GLU D 70 -3.10 28.43 26.99
CA GLU D 70 -2.67 28.79 28.34
C GLU D 70 -3.78 28.63 29.37
N TYR D 71 -3.54 27.74 30.34
CA TYR D 71 -4.51 27.46 31.38
C TYR D 71 -4.00 27.85 32.76
N SER D 72 -4.81 28.59 33.50
CA SER D 72 -4.46 29.04 34.84
C SER D 72 -5.39 28.47 35.90
N LEU D 73 -4.78 28.03 37.00
CA LEU D 73 -5.50 27.69 38.21
C LEU D 73 -5.15 28.70 39.28
N TYR D 74 -6.18 29.23 39.93
CA TYR D 74 -6.02 30.05 41.12
C TYR D 74 -6.47 29.21 42.31
N ILE D 75 -5.62 29.10 43.33
CA ILE D 75 -5.99 28.57 44.62
C ILE D 75 -5.72 29.65 45.64
N GLY D 76 -6.76 30.06 46.36
CA GLY D 76 -6.66 31.10 47.38
C GLY D 76 -5.98 32.38 46.91
N ARG D 77 -6.36 32.84 45.72
CA ARG D 77 -5.84 34.09 45.15
C ARG D 77 -4.45 33.98 44.50
N HIS D 78 -3.74 32.88 44.78
CA HIS D 78 -2.47 32.57 44.11
C HIS D 78 -2.76 31.85 42.81
N LYS D 79 -1.86 31.96 41.84
CA LYS D 79 -2.09 31.29 40.56
C LYS D 79 -0.88 30.56 40.00
N VAL D 80 -1.17 29.52 39.24
CA VAL D 80 -0.17 28.90 38.39
C VAL D 80 -0.71 28.87 36.97
N THR D 81 0.20 28.82 36.00
CA THR D 81 -0.17 28.77 34.60
C THR D 81 0.63 27.70 33.87
N SER D 82 -0.07 26.90 33.07
CA SER D 82 0.61 25.89 32.28
C SER D 82 0.20 25.96 30.81
N LYS D 83 1.15 25.66 29.93
CA LYS D 83 0.95 25.83 28.50
C LYS D 83 0.79 24.51 27.74
N VAL D 84 0.07 24.59 26.62
CA VAL D 84 -0.19 23.42 25.80
C VAL D 84 -0.35 23.83 24.34
N ILE D 85 0.01 22.91 23.44
CA ILE D 85 -0.27 23.07 22.02
C ILE D 85 -1.72 22.69 21.80
N GLU D 86 -2.51 23.62 21.28
CA GLU D 86 -3.91 23.31 20.93
C GLU D 86 -4.36 24.07 19.67
N LYS D 87 -5.24 23.44 18.92
CA LYS D 87 -5.89 24.06 17.77
C LYS D 87 -6.95 25.05 18.24
N PHE D 88 -7.26 26.04 17.40
CA PHE D 88 -8.29 27.04 17.72
C PHE D 88 -9.14 27.40 16.50
N PRO D 89 -10.46 27.37 16.63
CA PRO D 89 -11.13 26.87 17.84
C PRO D 89 -11.26 25.34 17.83
N ALA D 90 -11.44 24.75 19.00
CA ALA D 90 -11.58 23.29 19.12
C ALA D 90 -12.23 22.91 20.43
N PRO D 91 -13.06 21.87 20.40
CA PRO D 91 -13.56 21.25 21.63
C PRO D 91 -12.38 20.80 22.47
N VAL D 92 -12.52 20.88 23.78
CA VAL D 92 -11.44 20.48 24.67
C VAL D 92 -11.99 19.77 25.91
N HIS D 93 -11.25 18.78 26.38
CA HIS D 93 -11.53 18.18 27.69
C HIS D 93 -10.43 18.61 28.66
N ILE D 94 -10.85 19.21 29.77
CA ILE D 94 -9.94 19.74 30.77
C ILE D 94 -10.13 19.06 32.12
N CYS D 95 -9.04 18.55 32.69
CA CYS D 95 -9.01 18.12 34.08
C CYS D 95 -7.94 18.90 34.81
N VAL D 96 -8.25 19.33 36.03
CA VAL D 96 -7.27 19.95 36.91
C VAL D 96 -7.40 19.37 38.31
N SER D 97 -6.27 18.94 38.86
CA SER D 97 -6.21 18.49 40.24
C SER D 97 -5.26 19.37 41.03
N TRP D 98 -5.50 19.45 42.33
CA TRP D 98 -4.62 20.17 43.24
C TRP D 98 -4.57 19.41 44.57
N GLU D 99 -3.40 19.46 45.20
CA GLU D 99 -3.12 18.63 46.36
C GLU D 99 -2.40 19.50 47.40
N SER D 100 -3.07 19.77 48.51
CA SER D 100 -2.55 20.67 49.53
C SER D 100 -1.17 20.26 50.07
N SER D 101 -1.00 18.98 50.35
CA SER D 101 0.20 18.47 51.03
C SER D 101 1.49 18.76 50.26
N SER D 102 1.40 18.77 48.93
CA SER D 102 2.55 19.05 48.08
C SER D 102 2.44 20.40 47.38
N GLY D 103 1.21 20.93 47.31
CA GLY D 103 0.94 22.14 46.55
C GLY D 103 0.80 21.93 45.05
N ILE D 104 0.99 20.68 44.59
CA ILE D 104 1.05 20.39 43.15
C ILE D 104 -0.30 20.53 42.45
N ALA D 105 -0.30 21.32 41.38
CA ALA D 105 -1.44 21.43 40.49
C ALA D 105 -1.12 20.74 39.16
N GLU D 106 -2.03 19.88 38.72
CA GLU D 106 -1.87 19.15 37.46
C GLU D 106 -3.01 19.50 36.50
N PHE D 107 -2.68 20.02 35.32
CA PHE D 107 -3.64 20.21 34.26
C PHE D 107 -3.54 19.05 33.26
N TRP D 108 -4.69 18.55 32.82
CA TRP D 108 -4.75 17.53 31.78
C TRP D 108 -5.67 18.03 30.66
N ILE D 109 -5.10 18.16 29.47
CA ILE D 109 -5.83 18.72 28.34
C ILE D 109 -5.96 17.62 27.29
N ASN D 110 -7.19 17.21 27.00
CA ASN D 110 -7.45 16.08 26.13
C ASN D 110 -6.67 14.84 26.55
N GLY D 111 -6.58 14.64 27.87
CA GLY D 111 -5.89 13.49 28.43
C GLY D 111 -4.37 13.56 28.35
N THR D 112 -3.85 14.76 28.04
CA THR D 112 -2.41 14.99 27.98
C THR D 112 -1.98 15.81 29.19
N PRO D 113 -1.03 15.29 29.97
CA PRO D 113 -0.58 16.00 31.17
C PRO D 113 0.28 17.20 30.82
N LEU D 114 -0.06 18.35 31.38
CA LEU D 114 0.75 19.55 31.23
C LEU D 114 1.84 19.55 32.30
N VAL D 115 2.81 20.46 32.16
CA VAL D 115 3.87 20.60 33.16
C VAL D 115 3.25 20.90 34.53
N LYS D 116 3.65 20.15 35.55
CA LYS D 116 3.17 20.36 36.91
C LYS D 116 3.67 21.67 37.46
N LYS D 117 2.82 22.35 38.22
CA LYS D 117 3.20 23.55 38.95
C LYS D 117 2.74 23.41 40.39
N GLY D 118 3.15 24.35 41.24
CA GLY D 118 2.84 24.25 42.65
C GLY D 118 2.54 25.58 43.30
N LEU D 119 1.53 25.58 44.16
CA LEU D 119 1.06 26.78 44.85
C LEU D 119 0.34 26.41 46.15
N ARG D 120 0.41 27.29 47.13
CA ARG D 120 -0.37 27.18 48.37
C ARG D 120 -0.24 25.82 49.07
N GLN D 121 0.98 25.31 49.15
CA GLN D 121 1.25 24.11 49.93
C GLN D 121 0.83 24.33 51.38
N GLY D 122 0.04 23.40 51.92
CA GLY D 122 -0.43 23.48 53.30
C GLY D 122 -1.74 24.22 53.47
N TYR D 123 -2.20 24.87 52.39
CA TYR D 123 -3.44 25.64 52.40
C TYR D 123 -4.67 24.74 52.22
N PHE D 124 -5.79 25.14 52.82
CA PHE D 124 -7.07 24.47 52.63
C PHE D 124 -7.98 25.42 51.86
N VAL D 125 -8.56 24.98 50.75
CA VAL D 125 -9.51 25.84 50.04
C VAL D 125 -10.84 25.87 50.81
N GLU D 126 -11.37 27.08 50.99
CA GLU D 126 -12.52 27.28 51.86
C GLU D 126 -13.78 26.61 51.34
N ALA D 127 -14.64 26.21 52.27
CA ALA D 127 -15.88 25.53 51.96
C ALA D 127 -17.03 26.54 51.82
N GLN D 128 -18.26 26.04 51.79
CA GLN D 128 -19.45 26.85 51.54
C GLN D 128 -19.27 27.82 50.36
N PRO D 129 -18.95 27.28 49.18
CA PRO D 129 -18.67 28.12 48.01
C PRO D 129 -19.92 28.53 47.23
N LYS D 130 -19.80 29.62 46.48
CA LYS D 130 -20.66 29.88 45.34
C LYS D 130 -19.86 29.49 44.11
N ILE D 131 -20.44 28.59 43.32
CA ILE D 131 -19.77 28.06 42.14
C ILE D 131 -20.57 28.49 40.92
N VAL D 132 -19.91 29.17 39.98
CA VAL D 132 -20.62 29.60 38.78
C VAL D 132 -19.92 29.33 37.43
N LEU D 133 -20.74 28.99 36.45
CA LEU D 133 -20.32 28.78 35.08
C LEU D 133 -20.85 29.96 34.28
N GLY D 134 -20.07 30.42 33.31
CA GLY D 134 -20.53 31.46 32.42
C GLY D 134 -20.09 32.87 32.79
N GLN D 135 -19.76 33.07 34.06
CA GLN D 135 -19.25 34.36 34.54
C GLN D 135 -18.14 34.12 35.56
N GLU D 136 -17.31 35.14 35.77
CA GLU D 136 -16.29 35.13 36.82
C GLU D 136 -16.73 36.03 37.95
N GLN D 137 -16.71 35.50 39.18
CA GLN D 137 -17.12 36.26 40.37
C GLN D 137 -15.99 37.12 40.92
N ASP D 138 -16.35 38.28 41.44
CA ASP D 138 -15.43 39.09 42.24
C ASP D 138 -15.98 39.30 43.66
N SER D 139 -17.21 38.85 43.88
CA SER D 139 -17.80 38.77 45.21
C SER D 139 -18.34 37.36 45.46
N TYR D 140 -18.98 37.17 46.61
CA TYR D 140 -19.63 35.91 46.95
C TYR D 140 -20.93 35.75 46.16
N GLY D 141 -20.82 35.29 44.92
CA GLY D 141 -21.98 35.04 44.08
C GLY D 141 -22.22 36.05 42.96
N GLY D 142 -21.51 37.17 42.96
CA GLY D 142 -21.76 38.23 41.99
C GLY D 142 -20.54 39.00 41.50
N LYS D 143 -20.76 40.28 41.22
CA LYS D 143 -19.72 41.18 40.68
C LYS D 143 -19.08 40.58 39.43
N PHE D 144 -19.90 40.34 38.43
CA PHE D 144 -19.47 39.75 37.18
C PHE D 144 -18.79 40.78 36.27
N ASP D 145 -18.09 40.28 35.27
CA ASP D 145 -17.29 41.11 34.36
C ASP D 145 -17.47 40.56 32.95
N ARG D 146 -18.07 41.37 32.07
CA ARG D 146 -18.38 40.97 30.70
C ARG D 146 -17.16 40.47 29.90
N SER D 147 -16.02 41.10 30.13
CA SER D 147 -14.79 40.74 29.43
C SER D 147 -14.21 39.41 29.91
N GLN D 148 -14.86 38.82 30.91
CA GLN D 148 -14.44 37.53 31.47
C GLN D 148 -15.49 36.44 31.30
N SER D 149 -16.64 36.80 30.73
CA SER D 149 -17.75 35.85 30.56
C SER D 149 -17.40 34.72 29.60
N PHE D 150 -17.91 33.52 29.88
CA PHE D 150 -17.75 32.39 28.99
C PHE D 150 -18.87 32.38 27.98
N VAL D 151 -18.52 32.30 26.70
CA VAL D 151 -19.49 32.18 25.62
C VAL D 151 -19.18 30.86 24.92
N GLY D 152 -20.17 29.99 24.85
CA GLY D 152 -19.94 28.67 24.29
C GLY D 152 -20.64 27.58 25.08
N GLU D 153 -20.08 26.37 25.01
CA GLU D 153 -20.76 25.21 25.55
C GLU D 153 -19.90 24.47 26.58
N ILE D 154 -20.52 24.08 27.69
CA ILE D 154 -19.86 23.29 28.74
C ILE D 154 -20.68 22.05 29.02
N GLY D 155 -20.00 20.91 29.15
CA GLY D 155 -20.66 19.65 29.49
C GLY D 155 -19.75 18.71 30.25
N ASP D 156 -20.28 17.59 30.69
CA ASP D 156 -19.49 16.55 31.36
C ASP D 156 -18.63 17.09 32.52
N LEU D 157 -19.24 17.89 33.38
CA LEU D 157 -18.54 18.50 34.51
C LEU D 157 -18.62 17.61 35.75
N TYR D 158 -17.46 17.23 36.26
CA TYR D 158 -17.35 16.42 37.47
C TYR D 158 -16.32 17.02 38.40
N MET D 159 -16.54 16.89 39.69
CA MET D 159 -15.58 17.30 40.70
C MET D 159 -15.52 16.31 41.85
N TRP D 160 -14.30 15.86 42.15
CA TRP D 160 -14.05 14.89 43.21
C TRP D 160 -13.25 15.56 44.31
N ASP D 161 -13.36 15.05 45.54
CA ASP D 161 -12.59 15.58 46.67
C ASP D 161 -11.27 14.83 46.87
N SER D 162 -10.70 14.33 45.77
CA SER D 162 -9.40 13.68 45.78
C SER D 162 -8.63 13.97 44.49
N VAL D 163 -7.36 13.61 44.49
CA VAL D 163 -6.53 13.73 43.29
C VAL D 163 -6.66 12.44 42.50
N LEU D 164 -7.23 12.56 41.31
CA LEU D 164 -7.45 11.44 40.43
C LEU D 164 -6.14 10.96 39.79
N PRO D 165 -5.88 9.65 39.86
CA PRO D 165 -4.73 9.06 39.16
C PRO D 165 -4.90 9.18 37.64
N PRO D 166 -3.81 9.17 36.88
CA PRO D 166 -3.89 9.30 35.41
C PRO D 166 -4.95 8.41 34.76
N GLU D 167 -5.05 7.15 35.19
CA GLU D 167 -6.04 6.20 34.67
C GLU D 167 -7.47 6.76 34.77
N ASN D 168 -7.78 7.37 35.92
CA ASN D 168 -9.09 7.96 36.16
C ASN D 168 -9.35 9.22 35.34
N ILE D 169 -8.28 9.99 35.06
CA ILE D 169 -8.36 11.16 34.19
C ILE D 169 -8.75 10.73 32.78
N LEU D 170 -8.03 9.73 32.27
CA LEU D 170 -8.28 9.15 30.95
C LEU D 170 -9.70 8.62 30.82
N SER D 171 -10.20 7.95 31.85
CA SER D 171 -11.59 7.48 31.91
C SER D 171 -12.59 8.64 31.75
N ALA D 172 -12.33 9.75 32.42
CA ALA D 172 -13.18 10.93 32.30
C ALA D 172 -13.13 11.50 30.88
N TYR D 173 -11.92 11.56 30.33
CA TYR D 173 -11.70 12.00 28.95
C TYR D 173 -12.42 11.10 27.94
N GLN D 174 -12.38 9.80 28.17
CA GLN D 174 -12.99 8.83 27.27
C GLN D 174 -14.51 8.72 27.41
N GLY D 175 -15.06 9.39 28.41
CA GLY D 175 -16.50 9.45 28.61
C GLY D 175 -17.06 8.42 29.58
N THR D 176 -16.16 7.78 30.34
CA THR D 176 -16.60 6.88 31.41
C THR D 176 -16.01 7.34 32.76
N PRO D 177 -16.42 8.52 33.23
CA PRO D 177 -15.86 9.05 34.47
C PRO D 177 -16.31 8.25 35.69
N LEU D 178 -15.46 8.22 36.71
CA LEU D 178 -15.82 7.65 38.01
C LEU D 178 -16.86 8.57 38.65
N PRO D 179 -17.81 8.00 39.39
CA PRO D 179 -18.76 8.81 40.16
C PRO D 179 -18.02 9.89 40.97
N ALA D 180 -18.54 11.11 40.96
CA ALA D 180 -17.91 12.23 41.65
C ALA D 180 -18.77 12.68 42.83
N ASN D 181 -18.12 13.03 43.93
CA ASN D 181 -18.82 13.31 45.18
C ASN D 181 -19.03 14.79 45.54
N ILE D 182 -18.51 15.70 44.74
CA ILE D 182 -18.76 17.14 44.95
C ILE D 182 -19.74 17.67 43.91
N LEU D 183 -19.41 17.41 42.65
CA LEU D 183 -20.22 17.83 41.52
C LEU D 183 -20.26 16.68 40.54
N ASP D 184 -21.47 16.29 40.13
CA ASP D 184 -21.66 15.20 39.20
C ASP D 184 -22.66 15.58 38.12
N TRP D 185 -22.20 15.53 36.86
CA TRP D 185 -23.01 15.88 35.70
C TRP D 185 -24.28 15.04 35.60
N GLN D 186 -24.21 13.79 36.07
CA GLN D 186 -25.35 12.87 36.01
C GLN D 186 -26.35 13.05 37.16
N ALA D 187 -26.03 13.94 38.09
CA ALA D 187 -26.91 14.31 39.20
C ALA D 187 -26.58 15.73 39.66
N LEU D 188 -26.79 16.69 38.77
CA LEU D 188 -26.35 18.07 38.99
C LEU D 188 -27.44 18.96 39.58
N ASN D 189 -27.11 19.61 40.69
CA ASN D 189 -27.97 20.64 41.28
C ASN D 189 -27.51 22.00 40.77
N TYR D 190 -28.32 22.64 39.93
CA TYR D 190 -27.94 23.88 39.28
C TYR D 190 -29.06 24.92 39.24
N GLU D 191 -28.67 26.18 39.05
CA GLU D 191 -29.61 27.27 38.84
C GLU D 191 -29.20 28.03 37.58
N ILE D 192 -30.05 27.99 36.56
CA ILE D 192 -29.86 28.79 35.37
C ILE D 192 -30.34 30.22 35.64
N ARG D 193 -29.47 31.20 35.36
CA ARG D 193 -29.82 32.61 35.49
C ARG D 193 -29.53 33.32 34.18
N GLY D 194 -30.56 33.97 33.64
CA GLY D 194 -30.45 34.66 32.35
C GLY D 194 -30.46 33.69 31.19
N TYR D 195 -29.75 34.07 30.14
CA TYR D 195 -29.77 33.34 28.87
C TYR D 195 -28.74 32.20 28.85
N VAL D 196 -29.19 31.02 29.26
CA VAL D 196 -28.42 29.78 29.17
C VAL D 196 -29.38 28.72 28.67
N ILE D 197 -29.01 28.01 27.61
CA ILE D 197 -29.89 27.00 27.03
C ILE D 197 -29.27 25.62 27.18
N ILE D 198 -30.08 24.64 27.56
CA ILE D 198 -29.60 23.26 27.59
C ILE D 198 -29.88 22.59 26.26
N LYS D 199 -28.82 22.10 25.63
CA LYS D 199 -28.91 21.44 24.33
C LYS D 199 -28.20 20.09 24.37
N PRO D 200 -28.54 19.19 23.45
CA PRO D 200 -27.75 17.97 23.26
C PRO D 200 -26.28 18.28 22.95
N LEU D 201 -25.38 17.41 23.39
CA LEU D 201 -23.96 17.54 23.07
C LEU D 201 -23.75 16.94 21.69
N VAL D 202 -23.35 17.77 20.74
CA VAL D 202 -23.18 17.31 19.35
C VAL D 202 -21.73 17.26 18.86
N TRP D 203 -20.81 17.78 19.66
CA TRP D 203 -19.41 17.93 19.23
C TRP D 203 -18.42 16.92 19.82
N VAL D 204 -18.90 15.99 20.63
CA VAL D 204 -18.03 14.99 21.24
C VAL D 204 -17.52 13.98 20.21
N HIS E 1 -40.24 25.39 -12.27
CA HIS E 1 -39.21 24.82 -11.34
C HIS E 1 -38.23 23.91 -12.08
N THR E 2 -36.97 23.96 -11.66
CA THR E 2 -35.90 23.20 -12.32
C THR E 2 -35.17 22.24 -11.36
N ASP E 3 -34.89 21.03 -11.85
CA ASP E 3 -34.03 20.09 -11.14
C ASP E 3 -32.56 20.42 -11.40
N LEU E 4 -31.89 20.98 -10.39
CA LEU E 4 -30.51 21.40 -10.53
C LEU E 4 -29.48 20.37 -10.02
N SER E 5 -29.93 19.14 -9.72
CA SER E 5 -29.04 18.06 -9.32
C SER E 5 -27.78 18.04 -10.18
N GLY E 6 -26.63 17.95 -9.53
CA GLY E 6 -25.35 17.90 -10.22
C GLY E 6 -24.94 19.22 -10.86
N LYS E 7 -25.62 20.31 -10.50
CA LYS E 7 -25.36 21.60 -11.12
C LYS E 7 -25.13 22.71 -10.10
N VAL E 8 -24.42 23.75 -10.52
CA VAL E 8 -24.18 24.92 -9.68
C VAL E 8 -24.54 26.20 -10.43
N PHE E 9 -24.83 27.25 -9.66
CA PHE E 9 -24.84 28.60 -10.22
C PHE E 9 -23.39 29.07 -10.18
N VAL E 10 -22.89 29.53 -11.33
CA VAL E 10 -21.58 30.15 -11.39
C VAL E 10 -21.77 31.65 -11.53
N PHE E 11 -21.27 32.39 -10.54
CA PHE E 11 -21.21 33.85 -10.59
C PHE E 11 -19.75 34.21 -10.93
N PRO E 12 -19.47 34.33 -12.22
CA PRO E 12 -18.09 34.30 -12.73
C PRO E 12 -17.32 35.61 -12.61
N ARG E 13 -17.95 36.65 -12.09
CA ARG E 13 -17.32 37.96 -12.00
C ARG E 13 -17.93 38.81 -10.90
N GLU E 14 -17.10 39.71 -10.37
CA GLU E 14 -17.54 40.72 -9.43
C GLU E 14 -18.36 41.76 -10.18
N SER E 15 -19.47 42.19 -9.57
CA SER E 15 -20.38 43.17 -10.15
C SER E 15 -21.35 43.66 -9.08
N VAL E 16 -22.10 44.71 -9.40
CA VAL E 16 -23.17 45.18 -8.53
C VAL E 16 -24.53 44.71 -9.09
N THR E 17 -24.46 43.80 -10.05
CA THR E 17 -25.62 43.51 -10.90
C THR E 17 -26.02 42.02 -10.98
N ASP E 18 -25.04 41.12 -11.09
CA ASP E 18 -25.30 39.70 -11.32
C ASP E 18 -25.89 39.03 -10.09
N HIS E 19 -27.03 38.37 -10.25
CA HIS E 19 -27.68 37.70 -9.12
C HIS E 19 -28.74 36.69 -9.53
N VAL E 20 -29.09 35.81 -8.59
CA VAL E 20 -30.18 34.87 -8.78
C VAL E 20 -31.23 35.13 -7.70
N ASN E 21 -32.46 35.43 -8.13
CA ASN E 21 -33.58 35.48 -7.21
C ASN E 21 -34.10 34.07 -6.98
N LEU E 22 -34.30 33.69 -5.71
CA LEU E 22 -34.90 32.41 -5.38
C LEU E 22 -36.35 32.67 -4.99
N ILE E 23 -37.26 31.84 -5.51
CA ILE E 23 -38.69 32.06 -5.26
C ILE E 23 -39.29 30.96 -4.40
N THR E 24 -39.87 31.36 -3.28
CA THR E 24 -40.60 30.48 -2.40
C THR E 24 -41.99 31.07 -2.12
N PRO E 25 -43.02 30.22 -2.06
CA PRO E 25 -44.39 30.69 -1.80
C PRO E 25 -44.71 30.89 -0.30
N LEU E 26 -43.67 31.08 0.51
CA LEU E 26 -43.82 31.20 1.96
C LEU E 26 -44.58 32.45 2.38
N GLU E 27 -45.73 32.25 3.02
CA GLU E 27 -46.55 33.35 3.54
C GLU E 27 -46.57 33.36 5.06
N LYS E 28 -46.09 32.28 5.67
CA LYS E 28 -46.10 32.14 7.12
C LYS E 28 -44.72 32.46 7.71
N PRO E 29 -44.67 33.44 8.61
CA PRO E 29 -43.43 33.82 9.30
C PRO E 29 -42.67 32.61 9.86
N LEU E 30 -41.34 32.66 9.77
CA LEU E 30 -40.49 31.54 10.18
C LEU E 30 -40.14 31.57 11.66
N GLN E 31 -40.43 30.46 12.33
CA GLN E 31 -40.09 30.27 13.73
C GLN E 31 -38.86 29.39 13.83
N ASN E 32 -38.74 28.46 12.88
CA ASN E 32 -37.61 27.54 12.79
C ASN E 32 -37.16 27.44 11.34
N PHE E 33 -35.88 27.21 11.11
CA PHE E 33 -35.38 26.90 9.76
C PHE E 33 -34.02 26.23 9.78
N THR E 34 -33.75 25.47 8.72
CA THR E 34 -32.40 25.02 8.42
C THR E 34 -32.12 25.39 6.97
N LEU E 35 -30.93 25.91 6.73
CA LEU E 35 -30.47 26.22 5.39
C LEU E 35 -29.12 25.55 5.15
N CYS E 36 -29.04 24.79 4.06
CA CYS E 36 -27.82 24.10 3.67
C CYS E 36 -27.50 24.41 2.22
N PHE E 37 -26.20 24.55 1.92
CA PHE E 37 -25.72 24.73 0.55
C PHE E 37 -24.21 24.46 0.47
N ARG E 38 -23.72 24.38 -0.76
CA ARG E 38 -22.30 24.20 -1.06
C ARG E 38 -21.80 25.44 -1.78
N ALA E 39 -20.62 25.93 -1.38
CA ALA E 39 -20.03 27.10 -2.02
C ALA E 39 -18.54 26.90 -2.30
N TYR E 40 -18.07 27.48 -3.39
CA TYR E 40 -16.64 27.43 -3.75
C TYR E 40 -16.28 28.81 -4.28
N SER E 41 -15.51 29.55 -3.49
CA SER E 41 -15.12 30.90 -3.85
C SER E 41 -13.67 31.16 -3.42
N ASP E 42 -12.95 31.96 -4.21
CA ASP E 42 -11.62 32.36 -3.75
C ASP E 42 -11.54 33.84 -3.40
N LEU E 43 -12.69 34.44 -3.07
CA LEU E 43 -12.72 35.78 -2.50
C LEU E 43 -12.15 35.76 -1.09
N SER E 44 -11.37 36.78 -0.75
CA SER E 44 -10.84 36.97 0.60
C SER E 44 -11.62 38.04 1.35
N ARG E 45 -12.16 39.01 0.61
CA ARG E 45 -13.03 40.05 1.19
C ARG E 45 -14.37 39.46 1.63
N ALA E 46 -15.12 40.23 2.41
CA ALA E 46 -16.43 39.81 2.91
C ALA E 46 -17.42 39.62 1.76
N TYR E 47 -18.34 38.67 1.92
CA TYR E 47 -19.40 38.48 0.94
C TYR E 47 -20.66 37.84 1.50
N SER E 48 -21.79 38.13 0.85
CA SER E 48 -23.05 37.51 1.19
C SER E 48 -23.23 36.18 0.46
N LEU E 49 -23.57 35.15 1.22
CA LEU E 49 -23.85 33.83 0.68
C LEU E 49 -25.34 33.66 0.38
N PHE E 50 -26.18 34.21 1.25
CA PHE E 50 -27.63 34.03 1.17
C PHE E 50 -28.32 35.23 1.82
N SER E 51 -28.99 36.04 1.00
CA SER E 51 -29.61 37.28 1.43
C SER E 51 -31.12 37.19 1.34
N TYR E 52 -31.77 37.36 2.50
CA TYR E 52 -33.21 37.21 2.64
C TYR E 52 -33.72 38.50 3.30
N ASN E 53 -34.40 39.32 2.50
CA ASN E 53 -34.97 40.59 2.94
C ASN E 53 -36.47 40.59 2.77
N THR E 54 -37.17 41.31 3.65
CA THR E 54 -38.61 41.55 3.52
C THR E 54 -38.86 43.04 3.45
N GLN E 55 -40.07 43.44 3.08
CA GLN E 55 -40.41 44.86 2.92
C GLN E 55 -39.99 45.70 4.13
N GLY E 56 -39.21 46.75 3.88
CA GLY E 56 -38.76 47.67 4.93
C GLY E 56 -37.89 47.01 5.99
N ARG E 57 -37.36 45.83 5.69
CA ARG E 57 -36.58 45.06 6.66
C ARG E 57 -35.31 44.51 6.02
N ASP E 58 -34.21 45.18 6.29
CA ASP E 58 -32.89 44.73 5.81
C ASP E 58 -32.35 43.61 6.71
N ASN E 59 -31.61 42.69 6.10
CA ASN E 59 -30.93 41.61 6.85
C ASN E 59 -31.88 40.81 7.74
N GLU E 60 -33.07 40.50 7.23
CA GLU E 60 -34.07 39.75 7.96
C GLU E 60 -33.57 38.34 8.25
N LEU E 61 -32.93 37.74 7.26
CA LEU E 61 -32.18 36.50 7.43
C LEU E 61 -31.02 36.52 6.45
N LEU E 62 -29.81 36.58 6.98
CA LEU E 62 -28.62 36.72 6.15
C LEU E 62 -27.47 35.82 6.60
N VAL E 63 -26.88 35.11 5.63
CA VAL E 63 -25.68 34.34 5.87
C VAL E 63 -24.53 35.06 5.17
N TYR E 64 -23.60 35.56 5.98
CA TYR E 64 -22.57 36.48 5.53
C TYR E 64 -21.19 35.99 5.95
N LYS E 65 -20.26 35.98 5.00
CA LYS E 65 -18.92 35.53 5.27
C LYS E 65 -18.01 36.75 5.39
N GLU E 66 -17.66 37.09 6.63
CA GLU E 66 -16.88 38.29 6.94
C GLU E 66 -15.45 38.19 6.42
N ARG E 67 -14.86 37.02 6.64
CA ARG E 67 -13.47 36.72 6.28
C ARG E 67 -13.30 35.22 6.43
N VAL E 68 -12.16 34.70 6.00
CA VAL E 68 -11.84 33.28 6.11
C VAL E 68 -12.03 32.80 7.56
N GLY E 69 -12.72 31.68 7.73
CA GLY E 69 -12.87 31.03 9.01
C GLY E 69 -13.97 31.59 9.90
N GLU E 70 -14.77 32.51 9.38
CA GLU E 70 -15.80 33.16 10.19
C GLU E 70 -17.13 33.26 9.45
N TYR E 71 -18.18 32.72 10.05
CA TYR E 71 -19.50 32.74 9.45
C TYR E 71 -20.45 33.50 10.35
N SER E 72 -21.24 34.38 9.73
CA SER E 72 -22.20 35.19 10.45
C SER E 72 -23.61 34.87 10.01
N LEU E 73 -24.51 34.74 10.97
CA LEU E 73 -25.93 34.69 10.70
C LEU E 73 -26.60 35.94 11.24
N TYR E 74 -27.40 36.58 10.38
CA TYR E 74 -28.24 37.68 10.79
C TYR E 74 -29.67 37.19 10.87
N ILE E 75 -30.33 37.48 11.98
CA ILE E 75 -31.78 37.32 12.11
C ILE E 75 -32.36 38.65 12.56
N GLY E 76 -33.26 39.20 11.76
CA GLY E 76 -33.91 40.46 12.06
C GLY E 76 -32.92 41.56 12.42
N ARG E 77 -31.87 41.68 11.62
CA ARG E 77 -30.81 42.70 11.80
C ARG E 77 -29.84 42.41 12.94
N HIS E 78 -30.14 41.41 13.77
CA HIS E 78 -29.21 41.01 14.84
C HIS E 78 -28.23 39.97 14.30
N LYS E 79 -27.04 39.89 14.90
CA LYS E 79 -25.95 39.09 14.35
C LYS E 79 -25.32 38.13 15.35
N VAL E 80 -25.03 36.93 14.89
CA VAL E 80 -24.10 36.02 15.57
C VAL E 80 -23.01 35.60 14.61
N THR E 81 -21.82 35.31 15.16
CA THR E 81 -20.67 34.91 14.37
C THR E 81 -19.97 33.73 15.03
N SER E 82 -19.64 32.73 14.25
CA SER E 82 -18.90 31.58 14.77
C SER E 82 -17.68 31.29 13.90
N LYS E 83 -16.64 30.74 14.52
CA LYS E 83 -15.36 30.54 13.85
C LYS E 83 -15.05 29.07 13.61
N VAL E 84 -14.28 28.81 12.57
CA VAL E 84 -13.89 27.45 12.20
C VAL E 84 -12.52 27.47 11.55
N ILE E 85 -11.75 26.41 11.74
CA ILE E 85 -10.52 26.19 10.97
C ILE E 85 -10.91 25.69 9.59
N GLU E 86 -10.45 26.39 8.56
CA GLU E 86 -10.66 25.95 7.19
C GLU E 86 -9.47 26.38 6.33
N LYS E 87 -9.19 25.58 5.31
CA LYS E 87 -8.19 25.95 4.31
C LYS E 87 -8.79 27.00 3.37
N PHE E 88 -7.92 27.71 2.66
CA PHE E 88 -8.36 28.72 1.69
C PHE E 88 -7.44 28.76 0.47
N PRO E 89 -8.02 28.78 -0.73
CA PRO E 89 -9.46 28.56 -0.91
C PRO E 89 -9.84 27.09 -0.85
N ALA E 90 -11.10 26.80 -0.56
CA ALA E 90 -11.59 25.42 -0.50
C ALA E 90 -13.10 25.38 -0.67
N PRO E 91 -13.61 24.36 -1.37
CA PRO E 91 -15.05 24.10 -1.40
C PRO E 91 -15.53 23.93 0.05
N VAL E 92 -16.77 24.30 0.30
CA VAL E 92 -17.30 24.18 1.65
C VAL E 92 -18.79 23.81 1.61
N HIS E 93 -19.19 22.94 2.54
CA HIS E 93 -20.59 22.68 2.75
C HIS E 93 -21.03 23.37 4.03
N ILE E 94 -22.07 24.20 3.92
CA ILE E 94 -22.54 25.01 5.02
C ILE E 94 -23.99 24.68 5.34
N CYS E 95 -24.25 24.38 6.60
CA CYS E 95 -25.60 24.29 7.11
C CYS E 95 -25.73 25.26 8.25
N VAL E 96 -26.85 25.96 8.31
CA VAL E 96 -27.17 26.81 9.44
C VAL E 96 -28.65 26.67 9.81
N SER E 97 -28.90 26.41 11.09
CA SER E 97 -30.26 26.36 11.60
C SER E 97 -30.43 27.43 12.67
N TRP E 98 -31.69 27.87 12.82
CA TRP E 98 -32.04 28.81 13.87
C TRP E 98 -33.42 28.46 14.43
N GLU E 99 -33.54 28.57 15.74
CA GLU E 99 -34.71 28.14 16.47
C GLU E 99 -35.17 29.29 17.34
N SER E 100 -36.39 29.78 17.09
CA SER E 100 -36.92 30.94 17.82
C SER E 100 -37.07 30.72 19.33
N SER E 101 -37.60 29.56 19.72
CA SER E 101 -37.91 29.32 21.12
C SER E 101 -36.69 29.45 22.03
N SER E 102 -35.52 29.05 21.51
CA SER E 102 -34.27 29.13 22.27
C SER E 102 -33.38 30.27 21.76
N GLY E 103 -33.60 30.70 20.53
CA GLY E 103 -32.75 31.69 19.88
C GLY E 103 -31.46 31.09 19.32
N ILE E 104 -31.27 29.79 19.52
CA ILE E 104 -30.03 29.09 19.17
C ILE E 104 -29.78 29.04 17.67
N ALA E 105 -28.59 29.46 17.26
CA ALA E 105 -28.11 29.33 15.90
C ALA E 105 -26.97 28.31 15.85
N GLU E 106 -27.10 27.31 14.99
CA GLU E 106 -26.07 26.29 14.79
C GLU E 106 -25.51 26.37 13.39
N PHE E 107 -24.22 26.67 13.27
CA PHE E 107 -23.51 26.52 11.99
C PHE E 107 -22.87 25.15 11.92
N TRP E 108 -22.97 24.52 10.75
CA TRP E 108 -22.26 23.27 10.47
C TRP E 108 -21.43 23.44 9.20
N ILE E 109 -20.13 23.22 9.33
CA ILE E 109 -19.18 23.41 8.24
C ILE E 109 -18.55 22.06 7.92
N ASN E 110 -18.78 21.58 6.69
CA ASN E 110 -18.33 20.25 6.26
C ASN E 110 -18.72 19.13 7.23
N GLY E 111 -19.92 19.23 7.79
CA GLY E 111 -20.42 18.24 8.72
C GLY E 111 -19.92 18.41 10.15
N THR E 112 -19.16 19.48 10.40
CA THR E 112 -18.59 19.76 11.71
C THR E 112 -19.38 20.89 12.37
N PRO E 113 -19.89 20.65 13.58
CA PRO E 113 -20.66 21.66 14.29
C PRO E 113 -19.76 22.78 14.82
N LEU E 114 -20.16 24.03 14.60
CA LEU E 114 -19.47 25.17 15.18
C LEU E 114 -20.05 25.45 16.57
N VAL E 115 -19.42 26.34 17.32
CA VAL E 115 -19.94 26.74 18.62
C VAL E 115 -21.30 27.40 18.44
N LYS E 116 -22.29 26.91 19.19
CA LYS E 116 -23.64 27.46 19.15
C LYS E 116 -23.67 28.89 19.67
N LYS E 117 -24.40 29.74 18.99
CA LYS E 117 -24.66 31.11 19.45
C LYS E 117 -26.16 31.33 19.50
N GLY E 118 -26.58 32.44 20.08
CA GLY E 118 -27.99 32.72 20.27
C GLY E 118 -28.37 34.16 20.01
N LEU E 119 -29.49 34.34 19.34
CA LEU E 119 -29.99 35.69 19.03
C LEU E 119 -31.50 35.65 18.79
N ARG E 120 -32.16 36.78 19.08
CA ARG E 120 -33.56 36.98 18.74
C ARG E 120 -34.48 35.86 19.22
N GLN E 121 -34.29 35.40 20.45
CA GLN E 121 -35.19 34.42 21.05
C GLN E 121 -36.61 35.00 21.09
N GLY E 122 -37.60 34.21 20.67
CA GLY E 122 -38.99 34.65 20.64
C GLY E 122 -39.39 35.38 19.37
N TYR E 123 -38.42 35.70 18.51
CA TYR E 123 -38.68 36.44 17.27
C TYR E 123 -39.21 35.52 16.16
N PHE E 124 -39.93 36.11 15.22
CA PHE E 124 -40.39 35.41 14.01
C PHE E 124 -39.77 36.11 12.81
N VAL E 125 -39.00 35.39 11.98
CA VAL E 125 -38.51 35.97 10.74
C VAL E 125 -39.68 36.17 9.77
N GLU E 126 -39.76 37.37 9.19
CA GLU E 126 -40.93 37.77 8.42
C GLU E 126 -41.01 37.01 7.11
N ALA E 127 -42.23 36.85 6.63
CA ALA E 127 -42.49 36.10 5.40
C ALA E 127 -42.57 37.05 4.21
N GLN E 128 -42.98 36.52 3.06
CA GLN E 128 -42.95 37.26 1.79
C GLN E 128 -41.56 37.89 1.53
N PRO E 129 -40.53 37.05 1.51
CA PRO E 129 -39.16 37.54 1.33
C PRO E 129 -38.80 37.73 -0.14
N LYS E 130 -37.78 38.53 -0.36
CA LYS E 130 -37.00 38.42 -1.59
C LYS E 130 -35.69 37.76 -1.19
N ILE E 131 -35.40 36.64 -1.83
CA ILE E 131 -34.22 35.86 -1.52
C ILE E 131 -33.26 35.96 -2.70
N VAL E 132 -32.03 36.39 -2.43
CA VAL E 132 -31.04 36.45 -3.50
C VAL E 132 -29.68 35.81 -3.21
N LEU E 133 -29.16 35.18 -4.26
CA LEU E 133 -27.80 34.65 -4.31
C LEU E 133 -26.99 35.57 -5.20
N GLY E 134 -25.73 35.79 -4.86
CA GLY E 134 -24.83 36.56 -5.70
C GLY E 134 -24.63 38.01 -5.26
N GLN E 135 -25.63 38.57 -4.60
CA GLN E 135 -25.56 39.94 -4.10
C GLN E 135 -26.16 40.02 -2.70
N GLU E 136 -25.77 41.07 -1.98
CA GLU E 136 -26.34 41.37 -0.67
C GLU E 136 -27.39 42.47 -0.84
N GLN E 137 -28.62 42.20 -0.40
CA GLN E 137 -29.69 43.19 -0.49
C GLN E 137 -29.61 44.25 0.62
N ASP E 138 -29.89 45.50 0.27
CA ASP E 138 -30.11 46.54 1.28
C ASP E 138 -31.51 47.13 1.17
N SER E 139 -32.22 46.74 0.12
CA SER E 139 -33.65 47.06 -0.03
C SER E 139 -34.41 45.76 -0.26
N TYR E 140 -35.72 45.88 -0.49
CA TYR E 140 -36.54 44.72 -0.78
C TYR E 140 -36.34 44.29 -2.24
N GLY E 141 -35.30 43.49 -2.47
CA GLY E 141 -35.01 42.98 -3.79
C GLY E 141 -33.81 43.59 -4.50
N GLY E 142 -33.21 44.61 -3.91
CA GLY E 142 -32.11 45.31 -4.57
C GLY E 142 -31.17 46.06 -3.63
N LYS E 143 -30.73 47.23 -4.08
CA LYS E 143 -29.70 48.04 -3.41
C LYS E 143 -28.47 47.17 -3.09
N PHE E 144 -27.90 46.61 -4.14
CA PHE E 144 -26.75 45.71 -4.04
C PHE E 144 -25.46 46.50 -3.80
N ASP E 145 -24.39 45.78 -3.44
CA ASP E 145 -23.11 46.36 -3.09
C ASP E 145 -22.00 45.49 -3.64
N ARG E 146 -21.28 46.02 -4.64
CA ARG E 146 -20.22 45.29 -5.34
C ARG E 146 -19.25 44.60 -4.38
N SER E 147 -18.87 45.30 -3.31
CA SER E 147 -17.91 44.80 -2.33
C SER E 147 -18.44 43.66 -1.48
N GLN E 148 -19.72 43.34 -1.67
CA GLN E 148 -20.37 42.25 -0.95
C GLN E 148 -20.85 41.15 -1.88
N SER E 149 -20.67 41.35 -3.18
CA SER E 149 -21.10 40.38 -4.18
C SER E 149 -20.38 39.05 -4.00
N PHE E 150 -21.08 37.96 -4.32
CA PHE E 150 -20.48 36.64 -4.30
C PHE E 150 -19.95 36.27 -5.68
N VAL E 151 -18.66 35.93 -5.73
CA VAL E 151 -18.02 35.47 -6.95
C VAL E 151 -17.58 34.04 -6.70
N GLY E 152 -18.05 33.13 -7.56
CA GLY E 152 -17.79 31.73 -7.38
C GLY E 152 -19.01 30.88 -7.68
N GLU E 153 -19.09 29.73 -7.03
CA GLU E 153 -20.06 28.70 -7.38
C GLU E 153 -20.87 28.28 -6.17
N ILE E 154 -22.19 28.20 -6.34
CA ILE E 154 -23.08 27.71 -5.28
C ILE E 154 -23.91 26.56 -5.84
N GLY E 155 -24.04 25.49 -5.04
CA GLY E 155 -24.83 24.33 -5.42
C GLY E 155 -25.53 23.71 -4.22
N ASP E 156 -26.33 22.67 -4.48
CA ASP E 156 -26.95 21.86 -3.43
C ASP E 156 -27.61 22.68 -2.32
N LEU E 157 -28.41 23.67 -2.71
CA LEU E 157 -29.05 24.56 -1.75
C LEU E 157 -30.41 24.00 -1.38
N TYR E 158 -30.62 23.82 -0.08
CA TYR E 158 -31.92 23.40 0.45
C TYR E 158 -32.27 24.22 1.67
N MET E 159 -33.57 24.46 1.87
CA MET E 159 -34.06 25.14 3.05
C MET E 159 -35.32 24.47 3.57
N TRP E 160 -35.29 24.14 4.86
CA TRP E 160 -36.38 23.47 5.56
C TRP E 160 -36.98 24.43 6.56
N ASP E 161 -38.26 24.23 6.89
CA ASP E 161 -38.94 25.07 7.88
C ASP E 161 -38.88 24.48 9.29
N SER E 162 -37.82 23.75 9.58
CA SER E 162 -37.59 23.15 10.89
C SER E 162 -36.09 23.08 11.18
N VAL E 163 -35.75 22.79 12.43
CA VAL E 163 -34.36 22.60 12.83
C VAL E 163 -33.97 21.15 12.61
N LEU E 164 -33.03 20.94 11.69
CA LEU E 164 -32.57 19.61 11.33
C LEU E 164 -31.68 19.03 12.42
N PRO E 165 -31.93 17.78 12.80
CA PRO E 165 -31.02 17.04 13.69
C PRO E 165 -29.69 16.74 13.00
N PRO E 166 -28.63 16.52 13.77
CA PRO E 166 -27.29 16.28 13.21
C PRO E 166 -27.27 15.25 12.06
N GLU E 167 -28.05 14.18 12.20
CA GLU E 167 -28.09 13.10 11.21
C GLU E 167 -28.55 13.58 9.83
N ASN E 168 -29.56 14.45 9.81
CA ASN E 168 -30.06 15.05 8.57
C ASN E 168 -29.10 16.10 8.00
N ILE E 169 -28.30 16.70 8.87
CA ILE E 169 -27.25 17.63 8.45
C ILE E 169 -26.13 16.84 7.76
N LEU E 170 -25.68 15.75 8.39
CA LEU E 170 -24.67 14.90 7.79
C LEU E 170 -25.15 14.32 6.47
N SER E 171 -26.45 14.02 6.40
CA SER E 171 -27.10 13.56 5.18
C SER E 171 -26.98 14.57 4.05
N ALA E 172 -27.28 15.84 4.36
CA ALA E 172 -27.15 16.92 3.39
C ALA E 172 -25.71 17.03 2.90
N TYR E 173 -24.76 17.02 3.84
CA TYR E 173 -23.34 17.13 3.52
C TYR E 173 -22.87 15.99 2.62
N GLN E 174 -23.35 14.78 2.89
CA GLN E 174 -22.97 13.59 2.13
C GLN E 174 -23.62 13.49 0.75
N GLY E 175 -24.58 14.37 0.47
CA GLY E 175 -25.24 14.41 -0.82
C GLY E 175 -26.54 13.65 -0.91
N THR E 176 -27.11 13.28 0.24
CA THR E 176 -28.44 12.68 0.29
C THR E 176 -29.35 13.46 1.26
N PRO E 177 -29.68 14.71 0.93
CA PRO E 177 -30.47 15.54 1.84
C PRO E 177 -31.93 15.08 1.88
N LEU E 178 -32.61 15.35 2.99
CA LEU E 178 -34.03 15.12 3.07
C LEU E 178 -34.73 16.16 2.18
N PRO E 179 -35.85 15.79 1.56
CA PRO E 179 -36.63 16.76 0.78
C PRO E 179 -36.92 18.00 1.61
N ALA E 180 -36.80 19.18 1.00
CA ALA E 180 -36.95 20.44 1.71
C ALA E 180 -38.19 21.18 1.19
N ASN E 181 -38.84 21.93 2.07
CA ASN E 181 -40.15 22.52 1.74
C ASN E 181 -40.19 24.03 1.50
N ILE E 182 -39.09 24.73 1.79
CA ILE E 182 -39.02 26.15 1.46
C ILE E 182 -38.29 26.33 0.12
N LEU E 183 -37.10 25.75 0.05
CA LEU E 183 -36.26 25.81 -1.13
C LEU E 183 -35.69 24.43 -1.38
N ASP E 184 -35.67 24.00 -2.63
CA ASP E 184 -35.19 22.67 -2.96
C ASP E 184 -34.47 22.70 -4.29
N TRP E 185 -33.17 22.45 -4.23
CA TRP E 185 -32.30 22.40 -5.40
C TRP E 185 -32.85 21.56 -6.54
N GLN E 186 -33.55 20.48 -6.19
CA GLN E 186 -34.09 19.54 -7.19
C GLN E 186 -35.45 19.96 -7.75
N ALA E 187 -36.03 21.03 -7.21
CA ALA E 187 -37.24 21.64 -7.75
C ALA E 187 -37.22 23.15 -7.47
N LEU E 188 -36.25 23.82 -8.09
CA LEU E 188 -35.96 25.20 -7.73
C LEU E 188 -36.60 26.21 -8.68
N ASN E 189 -37.36 27.14 -8.11
CA ASN E 189 -37.92 28.26 -8.85
C ASN E 189 -37.00 29.46 -8.68
N TYR E 190 -36.38 29.89 -9.79
CA TYR E 190 -35.37 30.94 -9.73
C TYR E 190 -35.43 31.87 -10.93
N GLU E 191 -34.81 33.04 -10.79
CA GLU E 191 -34.64 33.99 -11.89
C GLU E 191 -33.19 34.42 -11.95
N ILE E 192 -32.52 34.12 -13.06
CA ILE E 192 -31.15 34.58 -13.27
C ILE E 192 -31.21 36.03 -13.79
N ARG E 193 -30.41 36.89 -13.18
CA ARG E 193 -30.31 38.29 -13.63
C ARG E 193 -28.85 38.66 -13.85
N GLY E 194 -28.54 39.07 -15.08
CA GLY E 194 -27.18 39.37 -15.48
C GLY E 194 -26.36 38.12 -15.71
N TYR E 195 -25.08 38.21 -15.36
CA TYR E 195 -24.11 37.17 -15.68
C TYR E 195 -24.04 36.08 -14.61
N VAL E 196 -24.86 35.05 -14.77
CA VAL E 196 -24.82 33.86 -13.94
C VAL E 196 -24.97 32.68 -14.88
N ILE E 197 -24.10 31.68 -14.75
CA ILE E 197 -24.11 30.53 -15.65
C ILE E 197 -24.35 29.23 -14.88
N ILE E 198 -25.24 28.40 -15.39
CA ILE E 198 -25.42 27.05 -14.84
C ILE E 198 -24.41 26.11 -15.47
N LYS E 199 -23.66 25.42 -14.62
CA LYS E 199 -22.65 24.46 -15.06
C LYS E 199 -22.71 23.23 -14.18
N PRO E 200 -22.20 22.09 -14.65
CA PRO E 200 -22.07 20.90 -13.80
C PRO E 200 -21.21 21.19 -12.58
N LEU E 201 -21.49 20.48 -11.50
CA LEU E 201 -20.71 20.56 -10.28
C LEU E 201 -19.53 19.62 -10.44
N VAL E 202 -18.32 20.16 -10.38
CA VAL E 202 -17.13 19.34 -10.64
C VAL E 202 -16.20 19.22 -9.45
N TRP E 203 -16.47 20.00 -8.40
CA TRP E 203 -15.53 20.13 -7.29
C TRP E 203 -15.89 19.35 -6.03
N VAL E 204 -16.82 18.42 -6.14
CA VAL E 204 -17.09 17.49 -5.06
C VAL E 204 -16.60 16.09 -5.44
N HIS F 1 -30.41 80.22 30.64
CA HIS F 1 -30.81 79.69 31.97
C HIS F 1 -29.63 79.68 32.94
N THR F 2 -28.48 79.23 32.46
CA THR F 2 -27.24 79.24 33.23
C THR F 2 -26.08 79.75 32.37
N ASP F 3 -25.40 80.77 32.88
CA ASP F 3 -24.19 81.28 32.23
C ASP F 3 -22.99 80.41 32.58
N LEU F 4 -22.52 79.64 31.61
CA LEU F 4 -21.40 78.74 31.83
C LEU F 4 -20.04 79.32 31.41
N SER F 5 -19.97 80.64 31.23
CA SER F 5 -18.71 81.33 30.90
C SER F 5 -17.58 80.88 31.82
N GLY F 6 -16.46 80.50 31.21
CA GLY F 6 -15.28 80.10 31.94
C GLY F 6 -15.38 78.72 32.59
N LYS F 7 -16.39 77.95 32.22
CA LYS F 7 -16.65 76.64 32.81
C LYS F 7 -16.80 75.55 31.77
N VAL F 8 -16.55 74.31 32.19
CA VAL F 8 -16.70 73.13 31.33
C VAL F 8 -17.58 72.09 32.00
N PHE F 9 -18.19 71.22 31.19
CA PHE F 9 -18.75 69.97 31.70
C PHE F 9 -17.61 68.97 31.75
N VAL F 10 -17.45 68.31 32.89
CA VAL F 10 -16.47 67.25 33.01
C VAL F 10 -17.20 65.91 33.10
N PHE F 11 -16.92 65.04 32.14
CA PHE F 11 -17.41 63.66 32.17
C PHE F 11 -16.21 62.84 32.63
N PRO F 12 -16.12 62.61 33.94
CA PRO F 12 -14.89 62.10 34.56
C PRO F 12 -14.62 60.60 34.39
N ARG F 13 -15.56 59.85 33.80
CA ARG F 13 -15.41 58.39 33.69
C ARG F 13 -16.17 57.80 32.52
N GLU F 14 -15.71 56.64 32.07
CA GLU F 14 -16.43 55.85 31.09
C GLU F 14 -17.65 55.23 31.74
N SER F 15 -18.80 55.38 31.09
CA SER F 15 -20.06 54.83 31.59
C SER F 15 -21.07 54.71 30.46
N VAL F 16 -22.24 54.15 30.77
CA VAL F 16 -23.36 54.07 29.84
C VAL F 16 -24.49 55.02 30.29
N THR F 17 -24.27 55.77 31.36
CA THR F 17 -25.34 56.59 31.95
C THR F 17 -25.04 58.09 32.07
N ASP F 18 -23.78 58.45 32.29
CA ASP F 18 -23.39 59.85 32.46
C ASP F 18 -23.63 60.67 31.18
N HIS F 19 -24.48 61.69 31.28
CA HIS F 19 -24.76 62.56 30.14
C HIS F 19 -25.34 63.91 30.54
N VAL F 20 -25.32 64.84 29.60
CA VAL F 20 -26.00 66.11 29.75
C VAL F 20 -27.01 66.26 28.61
N ASN F 21 -28.25 66.55 28.97
CA ASN F 21 -29.27 66.91 27.99
C ASN F 21 -29.22 68.41 27.73
N LEU F 22 -29.22 68.78 26.45
CA LEU F 22 -29.22 70.18 26.05
C LEU F 22 -30.61 70.55 25.52
N ILE F 23 -31.27 71.49 26.20
CA ILE F 23 -32.66 71.83 25.87
C ILE F 23 -32.74 73.08 25.00
N THR F 24 -33.39 72.94 23.84
CA THR F 24 -33.64 74.03 22.92
C THR F 24 -35.09 73.97 22.43
N PRO F 25 -35.75 75.13 22.33
CA PRO F 25 -37.14 75.17 21.84
C PRO F 25 -37.19 75.38 20.32
N LEU F 26 -36.45 74.54 19.58
CA LEU F 26 -36.25 74.69 18.15
C LEU F 26 -37.55 74.80 17.34
N GLU F 27 -38.23 73.66 17.14
CA GLU F 27 -39.53 73.60 16.46
C GLU F 27 -39.48 73.68 14.93
N LYS F 28 -38.64 74.58 14.41
CA LYS F 28 -38.48 74.74 12.97
C LYS F 28 -37.33 73.85 12.47
N PRO F 29 -37.63 72.94 11.54
CA PRO F 29 -36.61 72.09 10.92
C PRO F 29 -35.43 72.92 10.40
N LEU F 30 -34.22 72.39 10.56
CA LEU F 30 -32.99 73.12 10.25
C LEU F 30 -32.52 72.93 8.81
N GLN F 31 -32.45 74.04 8.08
CA GLN F 31 -31.86 74.07 6.74
C GLN F 31 -30.35 74.32 6.84
N ASN F 32 -29.97 75.19 7.77
CA ASN F 32 -28.61 75.64 7.94
C ASN F 32 -28.24 75.64 9.42
N PHE F 33 -26.98 75.34 9.73
CA PHE F 33 -26.50 75.45 11.10
C PHE F 33 -24.98 75.54 11.19
N THR F 34 -24.52 76.02 12.34
CA THR F 34 -23.12 75.98 12.72
C THR F 34 -23.10 75.57 14.18
N LEU F 35 -22.19 74.66 14.50
CA LEU F 35 -21.99 74.23 15.88
C LEU F 35 -20.50 74.36 16.22
N CYS F 36 -20.22 75.09 17.29
CA CYS F 36 -18.85 75.24 17.80
C CYS F 36 -18.79 74.82 19.26
N PHE F 37 -17.68 74.19 19.64
CA PHE F 37 -17.40 73.84 21.04
C PHE F 37 -15.92 73.54 21.25
N ARG F 38 -15.49 73.53 22.50
CA ARG F 38 -14.14 73.12 22.88
C ARG F 38 -14.22 71.76 23.54
N ALA F 39 -13.25 70.90 23.24
CA ALA F 39 -13.21 69.56 23.84
C ALA F 39 -11.80 69.17 24.22
N TYR F 40 -11.67 68.42 25.31
CA TYR F 40 -10.39 67.90 25.79
C TYR F 40 -10.59 66.48 26.31
N SER F 41 -10.04 65.51 25.58
CA SER F 41 -10.22 64.10 25.87
C SER F 41 -8.93 63.34 25.57
N ASP F 42 -8.61 62.33 26.37
CA ASP F 42 -7.50 61.45 25.99
C ASP F 42 -7.97 60.03 25.63
N LEU F 43 -9.22 59.93 25.18
CA LEU F 43 -9.75 58.69 24.61
C LEU F 43 -9.15 58.50 23.23
N SER F 44 -8.82 57.24 22.91
CA SER F 44 -8.25 56.89 21.62
C SER F 44 -9.29 56.19 20.75
N ARG F 45 -10.23 55.51 21.40
CA ARG F 45 -11.37 54.90 20.73
C ARG F 45 -12.36 55.96 20.23
N ALA F 46 -13.30 55.54 19.39
CA ALA F 46 -14.36 56.40 18.88
C ALA F 46 -15.26 56.92 19.99
N TYR F 47 -15.78 58.14 19.81
CA TYR F 47 -16.77 58.71 20.72
C TYR F 47 -17.63 59.76 20.04
N SER F 48 -18.86 59.91 20.52
CA SER F 48 -19.75 60.96 20.08
C SER F 48 -19.43 62.24 20.83
N LEU F 49 -19.26 63.33 20.08
CA LEU F 49 -19.10 64.65 20.69
C LEU F 49 -20.43 65.35 20.91
N PHE F 50 -21.36 65.19 19.96
CA PHE F 50 -22.64 65.91 19.94
C PHE F 50 -23.71 65.06 19.27
N SER F 51 -24.70 64.62 20.03
CA SER F 51 -25.71 63.68 19.55
C SER F 51 -27.10 64.30 19.56
N TYR F 52 -27.71 64.35 18.38
CA TYR F 52 -28.96 65.04 18.14
C TYR F 52 -29.87 64.06 17.39
N ASN F 53 -30.86 63.55 18.12
CA ASN F 53 -31.83 62.59 17.59
C ASN F 53 -33.24 63.19 17.63
N THR F 54 -34.05 62.81 16.66
CA THR F 54 -35.46 63.16 16.68
C THR F 54 -36.29 61.88 16.72
N GLN F 55 -37.57 62.02 17.04
CA GLN F 55 -38.49 60.90 17.16
C GLN F 55 -38.45 59.97 15.95
N GLY F 56 -38.05 58.71 16.18
CA GLY F 56 -37.94 57.72 15.14
C GLY F 56 -36.76 57.92 14.19
N ARG F 57 -35.82 58.78 14.55
CA ARG F 57 -34.70 59.09 13.68
C ARG F 57 -33.37 59.11 14.42
N ASP F 58 -32.56 58.08 14.16
CA ASP F 58 -31.23 58.01 14.73
C ASP F 58 -30.24 58.85 13.93
N ASN F 59 -29.21 59.36 14.59
CA ASN F 59 -28.14 60.10 13.94
C ASN F 59 -28.67 61.16 12.97
N GLU F 60 -29.64 61.93 13.46
CA GLU F 60 -30.25 63.00 12.68
C GLU F 60 -29.23 64.12 12.46
N LEU F 61 -28.48 64.44 13.52
CA LEU F 61 -27.32 65.32 13.45
C LEU F 61 -26.33 64.83 14.49
N LEU F 62 -25.19 64.35 14.03
CA LEU F 62 -24.21 63.76 14.94
C LEU F 62 -22.80 64.16 14.58
N VAL F 63 -22.08 64.68 15.56
CA VAL F 63 -20.66 64.94 15.42
C VAL F 63 -19.93 63.83 16.17
N TYR F 64 -19.16 63.06 15.42
CA TYR F 64 -18.61 61.80 15.90
C TYR F 64 -17.12 61.73 15.59
N LYS F 65 -16.32 61.40 16.59
CA LYS F 65 -14.89 61.27 16.42
C LYS F 65 -14.53 59.78 16.38
N GLU F 66 -14.24 59.29 15.17
CA GLU F 66 -13.95 57.87 14.95
C GLU F 66 -12.58 57.48 15.48
N ARG F 67 -11.59 58.33 15.21
CA ARG F 67 -10.22 58.11 15.66
C ARG F 67 -9.49 59.44 15.60
N VAL F 68 -8.25 59.46 16.08
CA VAL F 68 -7.42 60.66 16.08
C VAL F 68 -7.27 61.19 14.64
N GLY F 69 -7.47 62.49 14.47
CA GLY F 69 -7.31 63.16 13.19
C GLY F 69 -8.47 63.02 12.21
N GLU F 70 -9.59 62.46 12.68
CA GLU F 70 -10.75 62.22 11.82
C GLU F 70 -12.07 62.62 12.47
N TYR F 71 -12.77 63.53 11.82
CA TYR F 71 -14.05 64.04 12.34
C TYR F 71 -15.17 63.71 11.38
N SER F 72 -16.25 63.16 11.92
CA SER F 72 -17.42 62.82 11.12
C SER F 72 -18.64 63.65 11.48
N LEU F 73 -19.39 64.05 10.46
CA LEU F 73 -20.71 64.63 10.66
C LEU F 73 -21.75 63.73 10.03
N TYR F 74 -22.77 63.37 10.80
CA TYR F 74 -23.93 62.68 10.27
C TYR F 74 -25.06 63.68 10.14
N ILE F 75 -25.65 63.74 8.94
CA ILE F 75 -26.91 64.43 8.73
C ILE F 75 -27.91 63.40 8.22
N GLY F 76 -28.99 63.22 8.97
CA GLY F 76 -30.04 62.28 8.60
C GLY F 76 -29.52 60.90 8.25
N ARG F 77 -28.65 60.37 9.11
CA ARG F 77 -28.07 59.02 8.96
C ARG F 77 -26.93 58.91 7.93
N HIS F 78 -26.87 59.85 6.98
CA HIS F 78 -25.74 59.95 6.06
C HIS F 78 -24.55 60.60 6.75
N LYS F 79 -23.34 60.17 6.41
CA LYS F 79 -22.15 60.74 7.03
C LYS F 79 -21.10 61.23 6.04
N VAL F 80 -20.35 62.23 6.50
CA VAL F 80 -19.12 62.64 5.84
C VAL F 80 -18.00 62.67 6.86
N THR F 81 -16.77 62.47 6.39
CA THR F 81 -15.59 62.46 7.25
C THR F 81 -14.46 63.29 6.63
N SER F 82 -13.77 64.05 7.48
CA SER F 82 -12.65 64.85 7.03
C SER F 82 -11.47 64.71 7.99
N LYS F 83 -10.27 64.82 7.42
CA LYS F 83 -9.04 64.52 8.14
C LYS F 83 -8.24 65.78 8.45
N VAL F 84 -7.50 65.73 9.55
CA VAL F 84 -6.67 66.83 9.99
C VAL F 84 -5.44 66.30 10.72
N ILE F 85 -4.33 67.02 10.60
CA ILE F 85 -3.17 66.82 11.47
C ILE F 85 -3.52 67.40 12.85
N GLU F 86 -3.46 66.56 13.88
CA GLU F 86 -3.61 67.02 15.26
C GLU F 86 -2.70 66.22 16.18
N LYS F 87 -2.32 66.81 17.31
CA LYS F 87 -1.56 66.11 18.32
C LYS F 87 -2.50 65.37 19.25
N PHE F 88 -2.01 64.31 19.88
CA PHE F 88 -2.80 63.54 20.83
C PHE F 88 -2.02 63.22 22.09
N PRO F 89 -2.63 63.43 23.25
CA PRO F 89 -3.91 64.16 23.37
C PRO F 89 -3.71 65.67 23.36
N ALA F 90 -4.76 66.41 23.01
CA ALA F 90 -4.70 67.86 22.94
C ALA F 90 -6.08 68.49 23.02
N PRO F 91 -6.18 69.64 23.67
CA PRO F 91 -7.41 70.44 23.61
C PRO F 91 -7.70 70.79 22.15
N VAL F 92 -8.96 70.91 21.79
CA VAL F 92 -9.30 71.24 20.41
C VAL F 92 -10.52 72.15 20.39
N HIS F 93 -10.52 73.11 19.45
CA HIS F 93 -11.74 73.84 19.14
C HIS F 93 -12.31 73.33 17.83
N ILE F 94 -13.60 73.02 17.85
CA ILE F 94 -14.28 72.44 16.71
C ILE F 94 -15.47 73.29 16.32
N CYS F 95 -15.50 73.74 15.07
CA CYS F 95 -16.72 74.26 14.47
C CYS F 95 -17.14 73.38 13.30
N VAL F 96 -18.43 73.12 13.21
CA VAL F 96 -18.96 72.42 12.05
C VAL F 96 -20.24 73.10 11.56
N SER F 97 -20.28 73.35 10.25
CA SER F 97 -21.46 73.92 9.63
C SER F 97 -21.95 73.00 8.53
N TRP F 98 -23.22 73.14 8.20
CA TRP F 98 -23.85 72.39 7.11
C TRP F 98 -24.97 73.24 6.50
N GLU F 99 -25.11 73.15 5.19
CA GLU F 99 -26.01 73.99 4.42
C GLU F 99 -26.82 73.08 3.49
N SER F 100 -28.13 73.03 3.69
CA SER F 100 -29.00 72.16 2.90
C SER F 100 -28.93 72.42 1.39
N SER F 101 -28.92 73.69 1.00
CA SER F 101 -29.02 74.06 -0.42
C SER F 101 -27.87 73.51 -1.26
N SER F 102 -26.67 73.49 -0.68
CA SER F 102 -25.49 72.95 -1.35
C SER F 102 -25.11 71.54 -0.87
N GLY F 103 -25.57 71.17 0.33
CA GLY F 103 -25.16 69.94 0.97
C GLY F 103 -23.81 70.03 1.67
N ILE F 104 -23.14 71.17 1.54
CA ILE F 104 -21.76 71.32 2.00
C ILE F 104 -21.62 71.32 3.53
N ALA F 105 -20.72 70.48 4.02
CA ALA F 105 -20.32 70.47 5.42
C ALA F 105 -18.88 70.96 5.56
N GLU F 106 -18.67 71.89 6.49
CA GLU F 106 -17.33 72.41 6.76
C GLU F 106 -16.96 72.11 8.19
N PHE F 107 -15.87 71.38 8.40
CA PHE F 107 -15.25 71.26 9.71
C PHE F 107 -14.16 72.32 9.83
N TRP F 108 -14.09 72.96 10.99
CA TRP F 108 -13.00 73.89 11.30
C TRP F 108 -12.36 73.43 12.61
N ILE F 109 -11.08 73.09 12.53
CA ILE F 109 -10.35 72.57 13.68
C ILE F 109 -9.30 73.59 14.08
N ASN F 110 -9.43 74.11 15.30
CA ASN F 110 -8.57 75.19 15.78
C ASN F 110 -8.49 76.34 14.78
N GLY F 111 -9.65 76.69 14.22
CA GLY F 111 -9.75 77.78 13.25
C GLY F 111 -9.19 77.47 11.88
N THR F 112 -8.89 76.20 11.62
CA THR F 112 -8.35 75.75 10.34
C THR F 112 -9.42 74.96 9.58
N PRO F 113 -9.72 75.37 8.35
CA PRO F 113 -10.76 74.70 7.57
C PRO F 113 -10.29 73.34 7.04
N LEU F 114 -11.10 72.31 7.24
CA LEU F 114 -10.82 71.00 6.66
C LEU F 114 -11.35 71.00 5.24
N VAL F 115 -11.10 69.92 4.51
CA VAL F 115 -11.64 69.77 3.16
C VAL F 115 -13.16 69.71 3.26
N LYS F 116 -13.84 70.49 2.43
CA LYS F 116 -15.30 70.47 2.38
C LYS F 116 -15.81 69.13 1.86
N LYS F 117 -16.88 68.65 2.47
CA LYS F 117 -17.59 67.48 1.98
C LYS F 117 -19.05 67.86 1.86
N GLY F 118 -19.86 66.98 1.26
CA GLY F 118 -21.25 67.29 1.00
C GLY F 118 -22.14 66.09 1.19
N LEU F 119 -23.31 66.33 1.75
CA LEU F 119 -24.29 65.28 1.99
C LEU F 119 -25.68 65.87 2.15
N ARG F 120 -26.69 65.08 1.79
CA ARG F 120 -28.09 65.42 2.00
C ARG F 120 -28.47 66.81 1.47
N GLN F 121 -28.06 67.11 0.24
CA GLN F 121 -28.48 68.34 -0.42
C GLN F 121 -30.00 68.35 -0.54
N GLY F 122 -30.63 69.42 -0.07
CA GLY F 122 -32.08 69.56 -0.13
C GLY F 122 -32.80 69.01 1.08
N TYR F 123 -32.07 68.33 1.95
CA TYR F 123 -32.66 67.73 3.16
C TYR F 123 -32.86 68.77 4.25
N PHE F 124 -33.83 68.55 5.12
CA PHE F 124 -34.01 69.38 6.31
C PHE F 124 -33.79 68.51 7.54
N VAL F 125 -32.88 68.91 8.43
CA VAL F 125 -32.76 68.17 9.68
C VAL F 125 -33.97 68.47 10.56
N GLU F 126 -34.56 67.40 11.10
CA GLU F 126 -35.83 67.51 11.82
C GLU F 126 -35.65 68.27 13.13
N ALA F 127 -36.70 68.97 13.54
CA ALA F 127 -36.70 69.73 14.78
C ALA F 127 -37.27 68.89 15.93
N GLN F 128 -37.50 69.56 17.07
CA GLN F 128 -37.86 68.91 18.33
C GLN F 128 -36.92 67.75 18.70
N PRO F 129 -35.63 68.04 18.79
CA PRO F 129 -34.63 67.00 19.04
C PRO F 129 -34.44 66.70 20.52
N LYS F 130 -33.83 65.55 20.79
CA LYS F 130 -33.14 65.35 22.07
C LYS F 130 -31.67 65.49 21.75
N ILE F 131 -31.00 66.37 22.48
CA ILE F 131 -29.58 66.63 22.26
C ILE F 131 -28.81 66.20 23.50
N VAL F 132 -27.81 65.33 23.32
CA VAL F 132 -27.00 64.93 24.47
C VAL F 132 -25.48 65.00 24.27
N LEU F 133 -24.81 65.37 25.35
CA LEU F 133 -23.36 65.33 25.43
C LEU F 133 -22.98 64.18 26.35
N GLY F 134 -21.85 63.55 26.07
CA GLY F 134 -21.32 62.51 26.94
C GLY F 134 -21.73 61.10 26.55
N GLN F 135 -22.82 60.98 25.79
CA GLN F 135 -23.28 59.71 25.25
C GLN F 135 -23.79 59.88 23.81
N GLU F 136 -23.82 58.78 23.07
CA GLU F 136 -24.37 58.74 21.72
C GLU F 136 -25.74 58.08 21.78
N GLN F 137 -26.75 58.75 21.22
CA GLN F 137 -28.11 58.23 21.24
C GLN F 137 -28.35 57.23 20.11
N ASP F 138 -29.10 56.18 20.41
CA ASP F 138 -29.65 55.30 19.38
C ASP F 138 -31.18 55.30 19.42
N SER F 139 -31.73 56.08 20.35
CA SER F 139 -33.17 56.34 20.39
C SER F 139 -33.40 57.81 20.67
N TYR F 140 -34.67 58.19 20.79
CA TYR F 140 -35.05 59.54 21.16
C TYR F 140 -34.78 59.72 22.66
N GLY F 141 -33.58 60.17 22.98
CA GLY F 141 -33.20 60.50 24.33
C GLY F 141 -32.41 59.43 25.08
N GLY F 142 -32.15 58.29 24.44
CA GLY F 142 -31.50 57.19 25.12
C GLY F 142 -30.80 56.15 24.26
N LYS F 143 -30.83 54.91 24.75
CA LYS F 143 -30.13 53.77 24.13
C LYS F 143 -28.64 54.06 23.94
N PHE F 144 -27.97 54.25 25.07
CA PHE F 144 -26.58 54.65 25.10
C PHE F 144 -25.62 53.47 24.88
N ASP F 145 -24.37 53.78 24.56
CA ASP F 145 -23.36 52.79 24.28
C ASP F 145 -22.05 53.22 24.92
N ARG F 146 -21.64 52.48 25.95
CA ARG F 146 -20.42 52.71 26.70
C ARG F 146 -19.19 52.96 25.83
N SER F 147 -19.08 52.22 24.73
CA SER F 147 -17.92 52.30 23.83
C SER F 147 -17.93 53.57 22.98
N GLN F 148 -18.99 54.37 23.10
CA GLN F 148 -19.12 55.63 22.35
C GLN F 148 -19.23 56.82 23.29
N SER F 149 -19.14 56.57 24.59
CA SER F 149 -19.27 57.62 25.60
C SER F 149 -18.09 58.57 25.55
N PHE F 150 -18.36 59.85 25.80
CA PHE F 150 -17.32 60.87 25.84
C PHE F 150 -16.81 61.03 27.26
N VAL F 151 -15.51 60.83 27.44
CA VAL F 151 -14.84 61.02 28.73
C VAL F 151 -13.90 62.20 28.55
N GLY F 152 -14.04 63.20 29.42
CA GLY F 152 -13.24 64.40 29.34
C GLY F 152 -14.07 65.65 29.53
N GLU F 153 -13.63 66.73 28.87
CA GLU F 153 -14.18 68.05 29.13
C GLU F 153 -14.74 68.72 27.88
N ILE F 154 -15.89 69.36 28.03
CA ILE F 154 -16.51 70.12 26.95
C ILE F 154 -16.91 71.49 27.45
N GLY F 155 -16.58 72.52 26.66
CA GLY F 155 -16.94 73.87 26.99
C GLY F 155 -17.23 74.72 25.77
N ASP F 156 -17.61 75.97 26.01
CA ASP F 156 -17.81 76.97 24.94
C ASP F 156 -18.65 76.46 23.77
N LEU F 157 -19.76 75.81 24.08
CA LEU F 157 -20.63 75.21 23.08
C LEU F 157 -21.66 76.25 22.60
N TYR F 158 -21.68 76.46 21.29
CA TYR F 158 -22.63 77.37 20.66
C TYR F 158 -23.18 76.74 19.38
N MET F 159 -24.47 76.98 19.13
CA MET F 159 -25.12 76.51 17.90
C MET F 159 -26.01 77.61 17.32
N TRP F 160 -25.76 77.93 16.06
CA TRP F 160 -26.49 78.96 15.33
C TRP F 160 -27.33 78.30 14.22
N ASP F 161 -28.44 78.94 13.83
CA ASP F 161 -29.29 78.39 12.76
C ASP F 161 -28.89 78.88 11.37
N SER F 162 -27.62 79.24 11.21
CA SER F 162 -27.07 79.71 9.96
C SER F 162 -25.62 79.21 9.78
N VAL F 163 -25.11 79.31 8.56
CA VAL F 163 -23.72 78.98 8.28
C VAL F 163 -22.87 80.22 8.55
N LEU F 164 -22.00 80.12 9.52
CA LEU F 164 -21.12 81.22 9.91
C LEU F 164 -20.00 81.41 8.89
N PRO F 165 -19.74 82.67 8.51
CA PRO F 165 -18.58 83.00 7.69
C PRO F 165 -17.27 82.79 8.46
N PRO F 166 -16.15 82.60 7.75
CA PRO F 166 -14.85 82.34 8.39
C PRO F 166 -14.51 83.25 9.58
N GLU F 167 -14.83 84.54 9.48
CA GLU F 167 -14.49 85.53 10.52
C GLU F 167 -15.20 85.21 11.84
N ASN F 168 -16.46 84.83 11.75
CA ASN F 168 -17.24 84.44 12.92
C ASN F 168 -16.78 83.11 13.51
N ILE F 169 -16.27 82.21 12.66
CA ILE F 169 -15.64 80.96 13.11
C ILE F 169 -14.40 81.27 13.96
N LEU F 170 -13.53 82.13 13.44
CA LEU F 170 -12.32 82.56 14.15
C LEU F 170 -12.63 83.31 15.45
N SER F 171 -13.66 84.15 15.43
CA SER F 171 -14.14 84.81 16.65
C SER F 171 -14.53 83.78 17.71
N ALA F 172 -15.23 82.72 17.31
CA ALA F 172 -15.59 81.65 18.23
C ALA F 172 -14.34 80.96 18.79
N TYR F 173 -13.42 80.63 17.91
CA TYR F 173 -12.16 79.97 18.29
C TYR F 173 -11.37 80.83 19.28
N GLN F 174 -11.31 82.14 18.99
CA GLN F 174 -10.54 83.09 19.78
C GLN F 174 -11.16 83.41 21.14
N GLY F 175 -12.46 83.12 21.29
CA GLY F 175 -13.14 83.30 22.56
C GLY F 175 -14.09 84.48 22.64
N THR F 176 -14.47 85.03 21.48
CA THR F 176 -15.47 86.07 21.40
C THR F 176 -16.56 85.71 20.36
N PRO F 177 -17.30 84.64 20.57
CA PRO F 177 -18.31 84.20 19.59
C PRO F 177 -19.51 85.13 19.52
N LEU F 178 -20.19 85.11 18.39
CA LEU F 178 -21.43 85.85 18.21
C LEU F 178 -22.53 85.14 19.00
N PRO F 179 -23.49 85.89 19.53
CA PRO F 179 -24.65 85.31 20.21
C PRO F 179 -25.34 84.25 19.36
N ALA F 180 -25.59 83.08 19.95
CA ALA F 180 -26.15 81.93 19.22
C ALA F 180 -27.61 81.67 19.60
N ASN F 181 -28.42 81.40 18.59
CA ASN F 181 -29.88 81.34 18.78
C ASN F 181 -30.50 79.95 18.98
N ILE F 182 -29.70 78.89 18.85
CA ILE F 182 -30.18 77.54 19.15
C ILE F 182 -29.68 77.09 20.53
N LEU F 183 -28.37 77.18 20.71
CA LEU F 183 -27.70 76.81 21.94
C LEU F 183 -26.64 77.86 22.23
N ASP F 184 -26.59 78.33 23.47
CA ASP F 184 -25.65 79.37 23.86
C ASP F 184 -25.04 79.05 25.21
N TRP F 185 -23.71 78.98 25.27
CA TRP F 185 -22.98 78.61 26.48
C TRP F 185 -23.24 79.57 27.65
N GLN F 186 -23.51 80.83 27.32
CA GLN F 186 -23.74 81.87 28.32
C GLN F 186 -25.20 81.96 28.77
N ALA F 187 -26.05 81.11 28.20
CA ALA F 187 -27.45 81.00 28.60
C ALA F 187 -27.97 79.60 28.24
N LEU F 188 -27.31 78.58 28.79
CA LEU F 188 -27.61 77.19 28.45
C LEU F 188 -28.68 76.58 29.35
N ASN F 189 -29.65 75.92 28.72
CA ASN F 189 -30.67 75.14 29.42
C ASN F 189 -30.31 73.67 29.31
N TYR F 190 -29.95 73.07 30.44
CA TYR F 190 -29.36 71.73 30.43
C TYR F 190 -29.80 70.89 31.63
N GLU F 191 -29.63 69.58 31.50
CA GLU F 191 -29.88 68.65 32.60
C GLU F 191 -28.71 67.71 32.73
N ILE F 192 -28.05 67.74 33.88
CA ILE F 192 -27.00 66.77 34.20
C ILE F 192 -27.66 65.48 34.66
N ARG F 193 -27.23 64.36 34.06
CA ARG F 193 -27.72 63.04 34.47
C ARG F 193 -26.53 62.14 34.76
N GLY F 194 -26.46 61.65 36.00
CA GLY F 194 -25.35 60.85 36.45
C GLY F 194 -24.13 61.68 36.78
N TYR F 195 -22.95 61.11 36.54
CA TYR F 195 -21.68 61.70 36.97
C TYR F 195 -21.10 62.69 35.95
N VAL F 196 -21.55 63.94 36.06
CA VAL F 196 -20.99 65.05 35.30
C VAL F 196 -20.73 66.19 36.30
N ILE F 197 -19.53 66.77 36.26
CA ILE F 197 -19.16 67.84 37.17
C ILE F 197 -18.85 69.12 36.39
N ILE F 198 -19.42 70.24 36.84
CA ILE F 198 -19.04 71.54 36.29
C ILE F 198 -17.81 72.05 37.05
N LYS F 199 -16.76 72.38 36.30
CA LYS F 199 -15.51 72.90 36.86
C LYS F 199 -15.04 74.07 36.01
N PRO F 200 -14.20 74.94 36.57
CA PRO F 200 -13.52 75.96 35.76
C PRO F 200 -12.77 75.36 34.57
N LEU F 201 -12.77 76.09 33.45
CA LEU F 201 -11.99 75.72 32.29
C LEU F 201 -10.55 76.16 32.52
N VAL F 202 -9.63 75.21 32.55
CA VAL F 202 -8.23 75.51 32.88
C VAL F 202 -7.25 75.26 31.73
N TRP F 203 -7.72 74.63 30.66
CA TRP F 203 -6.83 74.28 29.55
C TRP F 203 -6.88 75.28 28.39
N VAL F 204 -7.53 76.41 28.61
CA VAL F 204 -7.42 77.57 27.73
C VAL F 204 -6.97 78.78 28.54
N HIS G 1 12.26 69.45 59.80
CA HIS G 1 13.18 68.40 60.32
C HIS G 1 14.46 68.34 59.50
N THR G 2 14.33 68.35 58.18
CA THR G 2 15.46 68.57 57.28
C THR G 2 15.03 69.42 56.09
N ASP G 3 15.77 70.50 55.86
CA ASP G 3 15.57 71.34 54.69
C ASP G 3 16.29 70.77 53.47
N LEU G 4 15.52 70.26 52.53
CA LEU G 4 16.09 69.60 51.35
C LEU G 4 16.10 70.48 50.11
N SER G 5 15.95 71.79 50.29
CA SER G 5 16.03 72.77 49.20
C SER G 5 17.25 72.51 48.31
N GLY G 6 17.03 72.44 47.00
CA GLY G 6 18.10 72.24 46.03
C GLY G 6 18.70 70.84 46.03
N LYS G 7 18.00 69.89 46.64
CA LYS G 7 18.48 68.50 46.76
C LYS G 7 17.45 67.49 46.29
N VAL G 8 17.92 66.31 45.92
CA VAL G 8 17.06 65.21 45.48
C VAL G 8 17.38 63.94 46.26
N PHE G 9 16.41 63.03 46.30
CA PHE G 9 16.70 61.66 46.70
C PHE G 9 17.15 60.96 45.41
N VAL G 10 18.29 60.28 45.47
CA VAL G 10 18.75 59.50 44.34
C VAL G 10 18.59 58.03 44.69
N PHE G 11 17.72 57.35 43.97
CA PHE G 11 17.56 55.90 44.06
C PHE G 11 18.39 55.33 42.90
N PRO G 12 19.65 55.02 43.15
CA PRO G 12 20.62 54.79 42.08
C PRO G 12 20.59 53.38 41.47
N ARG G 13 19.72 52.51 41.94
CA ARG G 13 19.68 51.14 41.46
C ARG G 13 18.31 50.50 41.68
N GLU G 14 18.00 49.54 40.81
CA GLU G 14 16.85 48.68 40.98
C GLU G 14 17.08 47.76 42.18
N SER G 15 16.06 47.66 43.03
CA SER G 15 16.09 46.75 44.17
C SER G 15 14.66 46.46 44.65
N VAL G 16 14.55 45.60 45.64
CA VAL G 16 13.29 45.39 46.35
C VAL G 16 13.39 46.02 47.76
N THR G 17 14.46 46.78 47.97
CA THR G 17 14.91 47.14 49.31
C THR G 17 15.02 48.65 49.56
N ASP G 18 15.64 49.38 48.63
CA ASP G 18 15.91 50.81 48.80
C ASP G 18 14.63 51.61 48.77
N HIS G 19 14.39 52.38 49.83
CA HIS G 19 13.22 53.25 49.91
C HIS G 19 13.41 54.38 50.90
N VAL G 20 12.54 55.37 50.81
CA VAL G 20 12.48 56.42 51.82
C VAL G 20 11.10 56.44 52.43
N ASN G 21 11.04 56.34 53.75
CA ASN G 21 9.79 56.52 54.48
C ASN G 21 9.56 58.01 54.70
N LEU G 22 8.38 58.49 54.32
CA LEU G 22 7.99 59.87 54.57
C LEU G 22 7.03 59.88 55.76
N ILE G 23 7.33 60.70 56.76
CA ILE G 23 6.58 60.74 57.99
C ILE G 23 5.78 62.04 58.11
N THR G 24 4.48 61.90 58.34
CA THR G 24 3.59 63.04 58.53
C THR G 24 2.77 62.86 59.81
N PRO G 25 2.48 63.95 60.53
CA PRO G 25 1.63 63.88 61.72
C PRO G 25 0.12 63.85 61.41
N LEU G 26 -0.22 63.37 60.22
CA LEU G 26 -1.61 63.32 59.74
C LEU G 26 -2.43 62.25 60.45
N GLU G 27 -3.42 62.71 61.22
CA GLU G 27 -4.28 61.83 62.01
C GLU G 27 -5.73 61.90 61.55
N LYS G 28 -6.04 62.92 60.76
CA LYS G 28 -7.39 63.13 60.24
C LYS G 28 -7.51 62.63 58.80
N PRO G 29 -8.59 61.90 58.50
CA PRO G 29 -8.83 61.42 57.13
C PRO G 29 -8.86 62.57 56.12
N LEU G 30 -8.29 62.32 54.93
CA LEU G 30 -8.20 63.33 53.90
C LEU G 30 -9.42 63.33 52.99
N GLN G 31 -10.02 64.50 52.78
CA GLN G 31 -11.08 64.66 51.79
C GLN G 31 -10.57 65.44 50.57
N ASN G 32 -9.52 66.22 50.78
CA ASN G 32 -8.89 67.02 49.73
C ASN G 32 -7.37 66.93 49.87
N PHE G 33 -6.66 66.85 48.74
CA PHE G 33 -5.20 66.97 48.76
C PHE G 33 -4.63 67.44 47.42
N THR G 34 -3.40 67.94 47.50
CA THR G 34 -2.58 68.18 46.33
C THR G 34 -1.18 67.67 46.64
N LEU G 35 -0.61 66.97 45.66
CA LEU G 35 0.75 66.47 45.79
C LEU G 35 1.57 66.87 44.56
N CYS G 36 2.71 67.54 44.80
CA CYS G 36 3.62 67.96 43.74
C CYS G 36 5.02 67.44 44.04
N PHE G 37 5.75 67.10 42.98
CA PHE G 37 7.17 66.74 43.08
C PHE G 37 7.82 66.70 41.70
N ARG G 38 9.14 66.62 41.69
CA ARG G 38 9.93 66.50 40.47
C ARG G 38 10.55 65.13 40.41
N ALA G 39 10.57 64.52 39.24
CA ALA G 39 11.17 63.20 39.07
C ALA G 39 11.98 63.14 37.79
N TYR G 40 13.04 62.33 37.83
CA TYR G 40 13.91 62.13 36.67
C TYR G 40 14.35 60.68 36.66
N SER G 41 13.81 59.92 35.72
CA SER G 41 14.09 58.49 35.61
C SER G 41 14.18 58.08 34.15
N ASP G 42 15.03 57.11 33.84
CA ASP G 42 15.01 56.53 32.50
C ASP G 42 14.50 55.09 32.49
N LEU G 43 13.65 54.76 33.46
CA LEU G 43 12.94 53.50 33.47
C LEU G 43 11.83 53.54 32.42
N SER G 44 11.70 52.45 31.67
CA SER G 44 10.65 52.30 30.67
C SER G 44 9.50 51.48 31.22
N ARG G 45 9.81 50.60 32.16
CA ARG G 45 8.80 49.77 32.81
C ARG G 45 8.01 50.59 33.82
N ALA G 46 6.90 50.02 34.30
CA ALA G 46 6.04 50.67 35.28
C ALA G 46 6.77 50.88 36.60
N TYR G 47 6.42 51.97 37.30
CA TYR G 47 6.97 52.23 38.63
C TYR G 47 6.06 53.09 39.48
N SER G 48 6.19 52.96 40.80
CA SER G 48 5.46 53.79 41.74
C SER G 48 6.23 55.08 42.02
N LEU G 49 5.53 56.20 41.94
CA LEU G 49 6.11 57.50 42.29
C LEU G 49 5.94 57.80 43.78
N PHE G 50 4.73 57.59 44.28
CA PHE G 50 4.35 57.97 45.64
C PHE G 50 3.36 56.95 46.16
N SER G 51 3.75 56.21 47.20
CA SER G 51 2.94 55.11 47.73
C SER G 51 2.48 55.39 49.16
N TYR G 52 1.17 55.43 49.35
CA TYR G 52 0.55 55.82 50.61
C TYR G 52 -0.47 54.73 50.94
N ASN G 53 -0.11 53.90 51.90
CA ASN G 53 -0.96 52.79 52.37
C ASN G 53 -1.37 53.05 53.82
N THR G 54 -2.55 52.54 54.20
CA THR G 54 -2.97 52.56 55.59
C THR G 54 -3.28 51.13 56.03
N GLN G 55 -3.49 50.94 57.34
CA GLN G 55 -3.71 49.61 57.91
C GLN G 55 -4.86 48.88 57.23
N GLY G 56 -4.54 47.73 56.63
CA GLY G 56 -5.51 46.90 55.94
C GLY G 56 -5.93 47.43 54.58
N ARG G 57 -5.33 48.52 54.15
CA ARG G 57 -5.72 49.21 52.92
C ARG G 57 -4.54 49.41 51.97
N ASP G 58 -4.49 48.58 50.92
CA ASP G 58 -3.48 48.73 49.87
C ASP G 58 -3.92 49.83 48.91
N ASN G 59 -2.94 50.50 48.30
CA ASN G 59 -3.20 51.54 47.30
C ASN G 59 -4.27 52.54 47.74
N GLU G 60 -4.14 53.02 48.98
CA GLU G 60 -5.08 53.99 49.52
C GLU G 60 -4.93 55.32 48.80
N LEU G 61 -3.68 55.68 48.52
CA LEU G 61 -3.36 56.84 47.70
C LEU G 61 -2.04 56.52 47.02
N LEU G 62 -2.08 56.40 45.69
CA LEU G 62 -0.90 55.98 44.94
C LEU G 62 -0.76 56.69 43.60
N VAL G 63 0.42 57.23 43.36
CA VAL G 63 0.75 57.82 42.07
C VAL G 63 1.66 56.83 41.34
N TYR G 64 1.20 56.38 40.19
CA TYR G 64 1.81 55.24 39.53
C TYR G 64 2.04 55.56 38.06
N LYS G 65 3.27 55.33 37.60
CA LYS G 65 3.61 55.57 36.20
C LYS G 65 3.61 54.23 35.48
N GLU G 66 2.52 53.97 34.77
CA GLU G 66 2.32 52.70 34.07
C GLU G 66 3.26 52.54 32.89
N ARG G 67 3.41 53.60 32.12
CA ARG G 67 4.30 53.64 30.96
C ARG G 67 4.54 55.08 30.59
N VAL G 68 5.46 55.31 29.66
CA VAL G 68 5.72 56.65 29.15
C VAL G 68 4.42 57.32 28.73
N GLY G 69 4.24 58.57 29.15
CA GLY G 69 3.10 59.38 28.76
C GLY G 69 1.79 59.08 29.47
N GLU G 70 1.84 58.24 30.51
CA GLU G 70 0.62 57.84 31.21
C GLU G 70 0.79 57.87 32.72
N TYR G 71 -0.08 58.62 33.40
CA TYR G 71 -0.04 58.77 34.85
C TYR G 71 -1.32 58.27 35.49
N SER G 72 -1.17 57.46 36.52
CA SER G 72 -2.31 56.89 37.20
C SER G 72 -2.37 57.40 38.64
N LEU G 73 -3.57 57.71 39.09
CA LEU G 73 -3.81 57.96 40.51
C LEU G 73 -4.77 56.90 41.05
N TYR G 74 -4.38 56.32 42.18
CA TYR G 74 -5.25 55.40 42.91
C TYR G 74 -5.76 56.08 44.17
N ILE G 75 -7.08 56.02 44.38
CA ILE G 75 -7.69 56.45 45.64
C ILE G 75 -8.52 55.28 46.14
N GLY G 76 -8.19 54.80 47.35
CA GLY G 76 -8.88 53.67 47.94
C GLY G 76 -9.03 52.51 46.97
N ARG G 77 -7.92 52.15 46.32
CA ARG G 77 -7.83 51.01 45.40
C ARG G 77 -8.44 51.25 44.00
N HIS G 78 -9.29 52.27 43.88
CA HIS G 78 -9.86 52.63 42.58
C HIS G 78 -8.83 53.48 41.83
N LYS G 79 -8.89 53.43 40.49
CA LYS G 79 -7.85 54.02 39.66
C LYS G 79 -8.38 54.90 38.54
N VAL G 80 -7.71 56.04 38.32
CA VAL G 80 -7.87 56.81 37.09
C VAL G 80 -6.50 56.98 36.42
N THR G 81 -6.52 57.13 35.09
CA THR G 81 -5.30 57.31 34.30
C THR G 81 -5.48 58.45 33.31
N SER G 82 -4.46 59.30 33.18
CA SER G 82 -4.51 60.39 32.22
C SER G 82 -3.26 60.42 31.35
N LYS G 83 -3.42 60.83 30.10
CA LYS G 83 -2.34 60.80 29.12
C LYS G 83 -1.75 62.19 28.85
N VAL G 84 -0.48 62.20 28.44
CA VAL G 84 0.23 63.41 28.07
C VAL G 84 1.34 63.10 27.07
N ILE G 85 1.58 64.04 26.16
CA ILE G 85 2.75 64.00 25.31
C ILE G 85 3.94 64.41 26.16
N GLU G 86 4.94 63.53 26.23
CA GLU G 86 6.20 63.83 26.89
C GLU G 86 7.35 63.17 26.14
N LYS G 87 8.54 63.76 26.25
CA LYS G 87 9.77 63.15 25.76
C LYS G 87 10.25 62.10 26.75
N PHE G 88 11.09 61.18 26.27
CA PHE G 88 11.69 60.16 27.12
C PHE G 88 13.14 59.88 26.70
N PRO G 89 14.06 59.85 27.66
CA PRO G 89 13.80 60.25 29.06
C PRO G 89 13.73 61.76 29.19
N ALA G 90 13.12 62.25 30.26
CA ALA G 90 13.05 63.69 30.53
C ALA G 90 12.67 63.94 31.97
N PRO G 91 13.25 64.98 32.58
CA PRO G 91 12.79 65.47 33.88
C PRO G 91 11.32 65.91 33.77
N VAL G 92 10.55 65.74 34.83
CA VAL G 92 9.15 66.12 34.84
C VAL G 92 8.76 66.71 36.19
N HIS G 93 7.90 67.74 36.17
CA HIS G 93 7.23 68.19 37.37
C HIS G 93 5.79 67.67 37.32
N ILE G 94 5.38 66.98 38.38
CA ILE G 94 4.06 66.38 38.47
C ILE G 94 3.31 66.97 39.64
N CYS G 95 2.07 67.40 39.40
CA CYS G 95 1.16 67.79 40.46
C CYS G 95 -0.10 66.98 40.28
N VAL G 96 -0.63 66.45 41.38
CA VAL G 96 -1.90 65.77 41.34
C VAL G 96 -2.76 66.20 42.51
N SER G 97 -4.01 66.52 42.22
CA SER G 97 -4.96 66.91 43.24
C SER G 97 -6.19 66.04 43.14
N TRP G 98 -6.86 65.83 44.28
CA TRP G 98 -8.10 65.07 44.33
C TRP G 98 -9.04 65.66 45.36
N GLU G 99 -10.33 65.69 45.00
CA GLU G 99 -11.37 66.34 45.78
C GLU G 99 -12.47 65.32 46.03
N SER G 100 -12.75 65.04 47.29
CA SER G 100 -13.78 64.05 47.63
C SER G 100 -15.17 64.43 47.17
N SER G 101 -15.53 65.70 47.31
CA SER G 101 -16.91 66.16 47.03
C SER G 101 -17.32 65.95 45.58
N SER G 102 -16.38 66.15 44.67
CA SER G 102 -16.63 65.95 43.24
C SER G 102 -16.04 64.65 42.71
N GLY G 103 -15.04 64.12 43.43
CA GLY G 103 -14.28 62.96 42.98
C GLY G 103 -13.22 63.30 41.96
N ILE G 104 -13.12 64.58 41.60
CA ILE G 104 -12.25 65.03 40.51
C ILE G 104 -10.76 64.91 40.86
N ALA G 105 -10.04 64.20 39.99
CA ALA G 105 -8.59 64.09 40.07
C ALA G 105 -7.94 64.87 38.91
N GLU G 106 -7.03 65.77 39.27
CA GLU G 106 -6.33 66.62 38.30
C GLU G 106 -4.84 66.30 38.27
N PHE G 107 -4.34 65.91 37.09
CA PHE G 107 -2.90 65.82 36.89
C PHE G 107 -2.40 67.07 36.19
N TRP G 108 -1.28 67.60 36.68
CA TRP G 108 -0.58 68.70 36.03
C TRP G 108 0.85 68.26 35.76
N ILE G 109 1.21 68.27 34.48
CA ILE G 109 2.53 67.81 34.05
C ILE G 109 3.28 69.00 33.48
N ASN G 110 4.38 69.37 34.12
CA ASN G 110 5.11 70.58 33.80
C ASN G 110 4.20 71.82 33.72
N GLY G 111 3.24 71.90 34.65
CA GLY G 111 2.31 73.02 34.71
C GLY G 111 1.22 73.00 33.65
N THR G 112 1.13 71.90 32.91
CA THR G 112 0.10 71.68 31.90
C THR G 112 -0.96 70.73 32.45
N PRO G 113 -2.22 71.16 32.45
CA PRO G 113 -3.33 70.32 32.96
C PRO G 113 -3.67 69.18 32.00
N LEU G 114 -3.74 67.97 32.54
CA LEU G 114 -4.24 66.83 31.78
C LEU G 114 -5.76 66.81 31.89
N VAL G 115 -6.39 65.90 31.13
CA VAL G 115 -7.83 65.71 31.17
C VAL G 115 -8.23 65.30 32.59
N LYS G 116 -9.20 66.02 33.15
CA LYS G 116 -9.73 65.68 34.47
C LYS G 116 -10.41 64.32 34.44
N LYS G 117 -10.16 63.54 35.48
CA LYS G 117 -10.84 62.27 35.68
C LYS G 117 -11.49 62.30 37.07
N GLY G 118 -12.26 61.27 37.39
CA GLY G 118 -13.03 61.24 38.61
C GLY G 118 -13.18 59.86 39.20
N LEU G 119 -13.10 59.79 40.53
CA LEU G 119 -13.19 58.51 41.25
C LEU G 119 -13.49 58.77 42.72
N ARG G 120 -14.18 57.81 43.33
CA ARG G 120 -14.39 57.78 44.78
C ARG G 120 -15.00 59.06 45.35
N GLN G 121 -15.96 59.63 44.63
CA GLN G 121 -16.73 60.76 45.14
C GLN G 121 -17.35 60.37 46.50
N GLY G 122 -17.16 61.24 47.50
CA GLY G 122 -17.71 61.01 48.83
C GLY G 122 -16.83 60.22 49.77
N TYR G 123 -15.76 59.63 49.22
CA TYR G 123 -14.84 58.80 49.98
C TYR G 123 -13.84 59.66 50.76
N PHE G 124 -13.34 59.12 51.86
CA PHE G 124 -12.26 59.74 52.63
C PHE G 124 -11.05 58.83 52.62
N VAL G 125 -9.90 59.34 52.15
CA VAL G 125 -8.66 58.57 52.25
C VAL G 125 -8.23 58.49 53.72
N GLU G 126 -7.94 57.27 54.17
CA GLU G 126 -7.63 57.00 55.57
C GLU G 126 -6.35 57.72 56.02
N ALA G 127 -6.31 58.04 57.31
CA ALA G 127 -5.16 58.70 57.91
C ALA G 127 -4.22 57.64 58.52
N GLN G 128 -3.25 58.12 59.29
CA GLN G 128 -2.20 57.28 59.86
C GLN G 128 -1.52 56.42 58.79
N PRO G 129 -0.99 57.06 57.74
CA PRO G 129 -0.43 56.32 56.62
C PRO G 129 1.02 55.89 56.83
N LYS G 130 1.45 54.93 56.02
CA LYS G 130 2.85 54.71 55.77
C LYS G 130 3.10 55.19 54.34
N ILE G 131 3.96 56.18 54.20
CA ILE G 131 4.24 56.78 52.91
C ILE G 131 5.66 56.42 52.48
N VAL G 132 5.78 55.88 51.26
CA VAL G 132 7.04 55.37 50.77
C VAL G 132 7.38 55.90 49.38
N LEU G 133 8.61 56.37 49.23
CA LEU G 133 9.19 56.72 47.95
C LEU G 133 10.16 55.60 47.55
N GLY G 134 10.23 55.29 46.25
CA GLY G 134 11.22 54.35 45.75
C GLY G 134 10.76 52.91 45.66
N GLN G 135 9.69 52.58 46.36
CA GLN G 135 9.09 51.26 46.31
C GLN G 135 7.57 51.41 46.38
N GLU G 136 6.88 50.43 45.83
CA GLU G 136 5.43 50.34 45.98
C GLU G 136 5.06 49.38 47.10
N GLN G 137 4.22 49.85 48.03
CA GLN G 137 3.76 49.03 49.15
C GLN G 137 2.58 48.15 48.75
N ASP G 138 2.58 46.91 49.25
CA ASP G 138 1.41 46.04 49.18
C ASP G 138 0.94 45.65 50.59
N SER G 139 1.64 46.18 51.59
CA SER G 139 1.24 46.06 52.99
C SER G 139 1.44 47.39 53.68
N TYR G 140 1.10 47.44 54.97
CA TYR G 140 1.32 48.63 55.78
C TYR G 140 2.82 48.83 56.04
N GLY G 141 3.49 49.47 55.08
CA GLY G 141 4.90 49.81 55.21
C GLY G 141 5.89 48.86 54.56
N GLY G 142 5.40 47.81 53.90
CA GLY G 142 6.28 46.79 53.34
C GLY G 142 5.74 46.10 52.09
N LYS G 143 6.11 44.82 51.93
CA LYS G 143 5.72 44.01 50.77
C LYS G 143 6.06 44.69 49.45
N PHE G 144 7.35 44.93 49.24
CA PHE G 144 7.83 45.66 48.06
C PHE G 144 7.93 44.76 46.82
N ASP G 145 8.01 45.41 45.66
CA ASP G 145 8.06 44.72 44.37
C ASP G 145 9.13 45.36 43.50
N ARG G 146 10.19 44.59 43.23
CA ARG G 146 11.33 45.05 42.44
C ARG G 146 10.91 45.70 41.11
N SER G 147 9.96 45.07 40.43
CA SER G 147 9.48 45.51 39.12
C SER G 147 8.65 46.80 39.18
N GLN G 148 8.40 47.29 40.40
CA GLN G 148 7.71 48.56 40.59
C GLN G 148 8.58 49.62 41.28
N SER G 149 9.83 49.28 41.57
CA SER G 149 10.73 50.20 42.25
C SER G 149 11.06 51.41 41.37
N PHE G 150 11.20 52.57 42.00
CA PHE G 150 11.61 53.77 41.29
C PHE G 150 13.14 53.86 41.29
N VAL G 151 13.69 54.01 40.09
CA VAL G 151 15.13 54.21 39.91
C VAL G 151 15.32 55.57 39.27
N GLY G 152 16.09 56.42 39.95
CA GLY G 152 16.28 57.78 39.49
C GLY G 152 16.23 58.78 40.62
N GLU G 153 15.69 59.96 40.33
CA GLU G 153 15.81 61.09 41.24
C GLU G 153 14.46 61.72 41.51
N ILE G 154 14.22 62.08 42.77
CA ILE G 154 13.00 62.78 43.16
C ILE G 154 13.36 63.93 44.08
N GLY G 155 12.77 65.10 43.80
CA GLY G 155 12.93 66.26 44.65
C GLY G 155 11.69 67.12 44.70
N ASP G 156 11.74 68.17 45.51
CA ASP G 156 10.71 69.21 45.54
C ASP G 156 9.32 68.66 45.80
N LEU G 157 9.24 67.68 46.70
CA LEU G 157 7.99 67.02 47.04
C LEU G 157 7.23 67.82 48.10
N TYR G 158 5.98 68.14 47.79
CA TYR G 158 5.11 68.90 48.69
C TYR G 158 3.71 68.31 48.66
N MET G 159 3.09 68.21 49.83
CA MET G 159 1.71 67.74 49.93
C MET G 159 0.86 68.66 50.81
N TRP G 160 -0.23 69.14 50.23
CA TRP G 160 -1.18 70.02 50.90
C TRP G 160 -2.47 69.27 51.16
N ASP G 161 -3.22 69.70 52.18
CA ASP G 161 -4.51 69.07 52.52
C ASP G 161 -5.70 69.74 51.83
N SER G 162 -5.43 70.36 50.68
CA SER G 162 -6.47 71.04 49.90
C SER G 162 -6.16 70.92 48.41
N VAL G 163 -7.15 71.24 47.59
CA VAL G 163 -6.97 71.28 46.14
C VAL G 163 -6.40 72.64 45.77
N LEU G 164 -5.15 72.62 45.33
CA LEU G 164 -4.45 73.84 44.93
C LEU G 164 -5.08 74.40 43.64
N PRO G 165 -5.35 75.70 43.61
CA PRO G 165 -5.78 76.37 42.38
C PRO G 165 -4.65 76.46 41.35
N PRO G 166 -5.00 76.58 40.07
CA PRO G 166 -4.01 76.64 38.97
C PRO G 166 -2.76 77.49 39.24
N GLU G 167 -2.94 78.68 39.80
CA GLU G 167 -1.82 79.59 40.07
C GLU G 167 -0.80 79.00 41.06
N ASN G 168 -1.30 78.31 42.09
CA ASN G 168 -0.45 77.69 43.09
C ASN G 168 0.30 76.47 42.55
N ILE G 169 -0.36 75.73 41.65
CA ILE G 169 0.28 74.65 40.92
C ILE G 169 1.43 75.20 40.08
N LEU G 170 1.17 76.31 39.39
CA LEU G 170 2.21 76.97 38.59
C LEU G 170 3.36 77.49 39.44
N SER G 171 3.03 78.06 40.60
CA SER G 171 4.05 78.53 41.54
C SER G 171 4.99 77.39 41.94
N ALA G 172 4.41 76.23 42.23
CA ALA G 172 5.17 75.04 42.61
C ALA G 172 6.11 74.63 41.48
N TYR G 173 5.59 74.62 40.25
CA TYR G 173 6.36 74.26 39.07
C TYR G 173 7.53 75.20 38.84
N GLN G 174 7.30 76.50 39.06
CA GLN G 174 8.29 77.55 38.87
C GLN G 174 9.24 77.70 40.06
N GLY G 175 9.11 76.80 41.04
CA GLY G 175 10.02 76.75 42.17
C GLY G 175 9.72 77.70 43.31
N THR G 176 8.48 78.15 43.41
CA THR G 176 8.03 78.92 44.56
C THR G 176 6.72 78.35 45.13
N PRO G 177 6.77 77.11 45.66
CA PRO G 177 5.58 76.47 46.21
C PRO G 177 5.12 77.10 47.51
N LEU G 178 3.81 77.09 47.75
CA LEU G 178 3.24 77.57 48.99
C LEU G 178 3.56 76.57 50.10
N PRO G 179 3.80 77.05 51.33
CA PRO G 179 4.06 76.16 52.46
C PRO G 179 3.02 75.04 52.51
N ALA G 180 3.48 73.80 52.71
CA ALA G 180 2.60 72.64 52.67
C ALA G 180 2.48 72.00 54.04
N ASN G 181 1.27 71.60 54.41
CA ASN G 181 0.98 71.16 55.77
C ASN G 181 1.01 69.65 56.03
N ILE G 182 1.12 68.85 54.97
CA ILE G 182 1.22 67.39 55.13
C ILE G 182 2.66 66.94 54.96
N LEU G 183 3.25 67.28 53.81
CA LEU G 183 4.64 66.98 53.49
C LEU G 183 5.26 68.24 52.90
N ASP G 184 6.48 68.56 53.33
CA ASP G 184 7.16 69.77 52.90
C ASP G 184 8.64 69.51 52.71
N TRP G 185 9.12 69.72 51.49
CA TRP G 185 10.52 69.48 51.12
C TRP G 185 11.51 70.28 51.99
N GLN G 186 11.08 71.46 52.43
CA GLN G 186 11.95 72.34 53.20
C GLN G 186 11.91 72.08 54.72
N ALA G 187 11.11 71.10 55.13
CA ALA G 187 11.06 70.62 56.52
C ALA G 187 10.52 69.18 56.50
N LEU G 188 11.28 68.29 55.88
CA LEU G 188 10.86 66.91 55.65
C LEU G 188 11.33 65.96 56.74
N ASN G 189 10.41 65.19 57.29
CA ASN G 189 10.72 64.12 58.24
C ASN G 189 10.78 62.81 57.47
N TYR G 190 11.99 62.25 57.34
CA TYR G 190 12.20 61.10 56.47
C TYR G 190 13.16 60.06 57.06
N GLU G 191 13.03 58.82 56.59
CA GLU G 191 13.97 57.75 56.92
C GLU G 191 14.49 57.11 55.64
N ILE G 192 15.80 57.14 55.45
CA ILE G 192 16.43 56.43 54.35
C ILE G 192 16.65 54.99 54.76
N ARG G 193 16.24 54.07 53.88
CA ARG G 193 16.46 52.66 54.12
C ARG G 193 17.11 52.03 52.91
N GLY G 194 18.31 51.50 53.10
CA GLY G 194 19.08 50.93 52.02
C GLY G 194 19.80 51.99 51.21
N TYR G 195 19.93 51.74 49.91
CA TYR G 195 20.75 52.56 49.03
C TYR G 195 19.97 53.74 48.43
N VAL G 196 20.00 54.86 49.15
CA VAL G 196 19.41 56.11 48.70
C VAL G 196 20.41 57.22 49.06
N ILE G 197 20.73 58.07 48.10
CA ILE G 197 21.73 59.11 48.32
C ILE G 197 21.12 60.51 48.09
N ILE G 198 21.40 61.43 49.00
CA ILE G 198 21.00 62.83 48.81
C ILE G 198 22.06 63.57 47.98
N LYS G 199 21.64 64.19 46.89
CA LYS G 199 22.53 64.93 46.02
C LYS G 199 21.90 66.26 45.62
N PRO G 200 22.72 67.25 45.23
CA PRO G 200 22.19 68.48 44.64
C PRO G 200 21.35 68.18 43.42
N LEU G 201 20.28 68.95 43.23
CA LEU G 201 19.46 68.89 42.04
C LEU G 201 20.18 69.61 40.90
N VAL G 202 20.54 68.89 39.84
CA VAL G 202 21.32 69.49 38.75
C VAL G 202 20.56 69.59 37.43
N TRP G 203 19.37 69.00 37.37
CA TRP G 203 18.63 68.89 36.11
C TRP G 203 17.48 69.88 35.92
N VAL G 204 17.32 70.82 36.85
CA VAL G 204 16.34 71.89 36.70
C VAL G 204 17.02 73.17 36.19
N HIS H 1 55.30 63.65 25.35
CA HIS H 1 53.96 64.30 25.54
C HIS H 1 53.68 65.30 24.44
N THR H 2 52.43 65.32 23.96
CA THR H 2 52.05 66.16 22.83
C THR H 2 50.82 67.01 23.16
N ASP H 3 50.87 68.27 22.74
CA ASP H 3 49.70 69.15 22.78
C ASP H 3 48.83 68.86 21.58
N LEU H 4 47.65 68.31 21.83
CA LEU H 4 46.73 67.88 20.78
C LEU H 4 45.55 68.84 20.58
N SER H 5 45.69 70.07 21.09
CA SER H 5 44.71 71.13 20.90
C SER H 5 44.29 71.26 19.44
N GLY H 6 42.98 71.28 19.20
CA GLY H 6 42.43 71.40 17.85
C GLY H 6 42.63 70.18 16.97
N LYS H 7 42.91 69.03 17.59
CA LYS H 7 43.20 67.81 16.85
C LYS H 7 42.45 66.61 17.40
N VAL H 8 42.24 65.59 16.57
CA VAL H 8 41.61 64.34 16.98
C VAL H 8 42.45 63.13 16.60
N PHE H 9 42.22 62.01 17.30
CA PHE H 9 42.64 60.70 16.81
C PHE H 9 41.57 60.21 15.84
N VAL H 10 41.96 59.82 14.64
CA VAL H 10 41.04 59.20 13.69
C VAL H 10 41.35 57.71 13.62
N PHE H 11 40.39 56.90 14.02
CA PHE H 11 40.44 55.45 13.85
C PHE H 11 39.62 55.15 12.60
N PRO H 12 40.28 55.12 11.45
CA PRO H 12 39.58 55.23 10.16
C PRO H 12 38.93 53.95 9.64
N ARG H 13 39.11 52.83 10.34
CA ARG H 13 38.61 51.54 9.86
C ARG H 13 38.37 50.58 11.03
N GLU H 14 37.54 49.58 10.75
CA GLU H 14 37.28 48.50 11.69
C GLU H 14 38.42 47.48 11.67
N SER H 15 38.91 47.13 12.86
CA SER H 15 39.99 46.17 13.01
C SER H 15 39.97 45.58 14.42
N VAL H 16 40.81 44.57 14.64
CA VAL H 16 41.07 44.05 15.97
C VAL H 16 42.47 44.54 16.44
N THR H 17 43.03 45.48 15.70
CA THR H 17 44.44 45.85 15.81
C THR H 17 44.68 47.31 16.21
N ASP H 18 43.98 48.24 15.53
CA ASP H 18 44.23 49.68 15.69
C ASP H 18 43.80 50.20 17.04
N HIS H 19 44.74 50.83 17.74
CA HIS H 19 44.44 51.42 19.04
C HIS H 19 45.47 52.47 19.44
N VAL H 20 45.10 53.28 20.43
CA VAL H 20 46.03 54.22 21.05
C VAL H 20 46.14 53.86 22.52
N ASN H 21 47.37 53.69 22.99
CA ASN H 21 47.63 53.54 24.41
C ASN H 21 47.77 54.90 25.05
N LEU H 22 47.09 55.10 26.17
CA LEU H 22 47.18 56.34 26.93
C LEU H 22 48.00 56.10 28.19
N ILE H 23 49.05 56.88 28.37
CA ILE H 23 49.95 56.72 29.52
C ILE H 23 49.72 57.81 30.56
N THR H 24 49.41 57.38 31.78
CA THR H 24 49.15 58.31 32.86
C THR H 24 50.22 58.21 33.96
N PRO H 25 50.57 59.35 34.55
CA PRO H 25 51.47 59.36 35.73
C PRO H 25 50.67 59.14 37.03
N LEU H 26 49.82 58.11 37.05
CA LEU H 26 48.99 57.82 38.20
C LEU H 26 49.31 56.46 38.83
N GLU H 27 49.75 56.51 40.08
CA GLU H 27 50.06 55.30 40.84
C GLU H 27 49.06 55.09 41.98
N LYS H 28 48.18 56.08 42.17
CA LYS H 28 47.16 56.04 43.21
C LYS H 28 45.84 55.47 42.67
N PRO H 29 45.24 54.53 43.39
CA PRO H 29 43.87 54.08 43.09
C PRO H 29 42.90 55.25 43.12
N LEU H 30 41.85 55.18 42.30
CA LEU H 30 40.90 56.28 42.21
C LEU H 30 39.70 56.10 43.13
N GLN H 31 39.45 57.12 43.95
CA GLN H 31 38.26 57.21 44.77
C GLN H 31 37.21 58.04 44.06
N ASN H 32 37.68 59.10 43.40
CA ASN H 32 36.85 60.01 42.61
C ASN H 32 37.52 60.20 41.25
N PHE H 33 36.73 60.34 40.20
CA PHE H 33 37.25 60.77 38.88
C PHE H 33 36.19 61.43 38.02
N THR H 34 36.64 62.23 37.06
CA THR H 34 35.81 62.71 35.97
C THR H 34 36.58 62.49 34.68
N LEU H 35 35.87 61.98 33.68
CA LEU H 35 36.44 61.77 32.37
C LEU H 35 35.56 62.49 31.36
N CYS H 36 36.17 63.31 30.52
CA CYS H 36 35.46 64.02 29.46
C CYS H 36 36.19 63.83 28.16
N PHE H 37 35.43 63.76 27.06
CA PHE H 37 35.98 63.65 25.71
C PHE H 37 34.89 63.89 24.66
N ARG H 38 35.34 64.11 23.42
CA ARG H 38 34.46 64.30 22.28
C ARG H 38 34.60 63.11 21.34
N ALA H 39 33.48 62.59 20.86
CA ALA H 39 33.52 61.50 19.89
C ALA H 39 32.57 61.73 18.73
N TYR H 40 32.95 61.22 17.56
CA TYR H 40 32.15 61.30 16.35
C TYR H 40 32.31 59.99 15.59
N SER H 41 31.24 59.22 15.56
CA SER H 41 31.27 57.88 14.98
C SER H 41 29.91 57.60 14.37
N ASP H 42 29.90 56.93 13.23
CA ASP H 42 28.62 56.50 12.67
C ASP H 42 28.40 54.99 12.80
N LEU H 43 29.08 54.39 13.79
CA LEU H 43 28.83 52.99 14.13
C LEU H 43 27.47 52.85 14.83
N SER H 44 26.73 51.81 14.44
CA SER H 44 25.44 51.47 15.02
C SER H 44 25.58 50.36 16.08
N ARG H 45 26.54 49.47 15.88
CA ARG H 45 26.82 48.39 16.82
C ARG H 45 27.48 48.96 18.09
N ALA H 46 27.64 48.10 19.10
CA ALA H 46 28.28 48.48 20.36
C ALA H 46 29.76 48.77 20.16
N TYR H 47 30.29 49.71 20.95
CA TYR H 47 31.72 49.97 20.94
C TYR H 47 32.23 50.52 22.26
N SER H 48 33.52 50.27 22.54
CA SER H 48 34.17 50.85 23.69
C SER H 48 34.69 52.25 23.34
N LEU H 49 34.43 53.20 24.23
CA LEU H 49 34.96 54.56 24.07
C LEU H 49 36.27 54.73 24.84
N PHE H 50 36.36 54.10 26.01
CA PHE H 50 37.48 54.29 26.95
C PHE H 50 37.64 53.03 27.75
N SER H 51 38.75 52.32 27.52
CA SER H 51 38.97 51.05 28.17
C SER H 51 40.17 51.12 29.09
N TYR H 52 39.92 50.81 30.37
CA TYR H 52 40.90 50.98 31.43
C TYR H 52 40.91 49.68 32.21
N ASN H 53 41.98 48.90 32.01
CA ASN H 53 42.14 47.60 32.66
C ASN H 53 43.37 47.60 33.56
N THR H 54 43.34 46.80 34.62
CA THR H 54 44.50 46.62 35.49
C THR H 54 44.83 45.14 35.58
N GLN H 55 46.04 44.85 36.08
CA GLN H 55 46.52 43.48 36.21
C GLN H 55 45.47 42.58 36.86
N GLY H 56 45.04 41.57 36.12
CA GLY H 56 44.07 40.59 36.61
C GLY H 56 42.64 41.09 36.73
N ARG H 57 42.34 42.25 36.15
CA ARG H 57 41.04 42.89 36.30
C ARG H 57 40.53 43.50 35.00
N ASP H 58 39.58 42.81 34.38
CA ASP H 58 38.92 43.31 33.19
C ASP H 58 37.84 44.31 33.56
N ASN H 59 37.59 45.29 32.69
CA ASN H 59 36.54 46.29 32.90
C ASN H 59 36.63 47.02 34.24
N GLU H 60 37.86 47.35 34.64
CA GLU H 60 38.10 48.09 35.88
C GLU H 60 37.48 49.48 35.81
N LEU H 61 37.64 50.12 34.66
CA LEU H 61 36.93 51.36 34.34
C LEU H 61 36.71 51.38 32.84
N LEU H 62 35.44 51.38 32.43
CA LEU H 62 35.11 51.27 31.02
C LEU H 62 33.91 52.10 30.67
N VAL H 63 34.04 52.89 29.60
CA VAL H 63 32.91 53.61 29.04
C VAL H 63 32.54 52.91 27.73
N TYR H 64 31.31 52.41 27.69
CA TYR H 64 30.87 51.51 26.63
C TYR H 64 29.53 52.02 26.11
N LYS H 65 29.46 52.17 24.79
CA LYS H 65 28.22 52.57 24.13
C LYS H 65 27.51 51.34 23.58
N GLU H 66 26.44 50.96 24.26
CA GLU H 66 25.65 49.77 23.94
C GLU H 66 24.95 49.88 22.58
N ARG H 67 24.31 51.02 22.37
CA ARG H 67 23.54 51.33 21.18
C ARG H 67 23.28 52.82 21.24
N VAL H 68 22.71 53.37 20.17
CA VAL H 68 22.32 54.78 20.14
C VAL H 68 21.49 55.13 21.39
N GLY H 69 21.81 56.26 22.02
CA GLY H 69 21.05 56.77 23.15
C GLY H 69 21.29 56.07 24.48
N GLU H 70 22.34 55.27 24.56
CA GLU H 70 22.58 54.46 25.74
C GLU H 70 24.07 54.41 26.07
N TYR H 71 24.40 54.80 27.29
CA TYR H 71 25.80 54.88 27.70
C TYR H 71 26.00 54.06 28.97
N SER H 72 27.04 53.25 28.96
CA SER H 72 27.36 52.40 30.09
C SER H 72 28.72 52.72 30.70
N LEU H 73 28.75 52.76 32.02
CA LEU H 73 29.98 52.84 32.77
C LEU H 73 30.19 51.56 33.55
N TYR H 74 31.38 50.97 33.41
CA TYR H 74 31.77 49.84 34.24
C TYR H 74 32.78 50.34 35.26
N ILE H 75 32.59 49.95 36.51
CA ILE H 75 33.56 50.16 37.57
C ILE H 75 33.77 48.81 38.22
N GLY H 76 35.02 48.35 38.22
CA GLY H 76 35.38 47.07 38.81
C GLY H 76 34.48 45.92 38.37
N ARG H 77 34.25 45.83 37.06
CA ARG H 77 33.40 44.79 36.43
C ARG H 77 31.89 45.00 36.60
N HIS H 78 31.49 45.87 37.52
CA HIS H 78 30.08 46.21 37.73
C HIS H 78 29.67 47.31 36.75
N LYS H 79 28.38 47.40 36.47
CA LYS H 79 27.90 48.25 35.38
C LYS H 79 26.67 49.08 35.74
N VAL H 80 26.67 50.33 35.28
CA VAL H 80 25.44 51.13 35.22
C VAL H 80 25.22 51.64 33.80
N THR H 81 23.97 51.93 33.46
CA THR H 81 23.59 52.35 32.12
C THR H 81 22.57 53.49 32.19
N SER H 82 22.81 54.52 31.39
CA SER H 82 21.92 55.68 31.35
C SER H 82 21.51 56.01 29.93
N LYS H 83 20.28 56.48 29.78
CA LYS H 83 19.70 56.76 28.48
C LYS H 83 19.59 58.26 28.24
N VAL H 84 19.67 58.64 26.97
CA VAL H 84 19.57 60.03 26.55
C VAL H 84 18.98 60.07 25.14
N ILE H 85 18.29 61.16 24.84
CA ILE H 85 17.84 61.42 23.47
C ILE H 85 19.02 62.03 22.73
N GLU H 86 19.42 61.38 21.65
CA GLU H 86 20.46 61.93 20.78
C GLU H 86 20.15 61.63 19.32
N LYS H 87 20.69 62.45 18.43
CA LYS H 87 20.59 62.22 17.00
C LYS H 87 21.65 61.21 16.57
N PHE H 88 21.45 60.60 15.41
CA PHE H 88 22.44 59.67 14.88
C PHE H 88 22.52 59.76 13.35
N PRO H 89 23.73 59.84 12.81
CA PRO H 89 24.95 60.05 13.60
C PRO H 89 25.15 61.52 13.98
N ALA H 90 25.91 61.75 15.04
CA ALA H 90 26.20 63.11 15.50
C ALA H 90 27.44 63.14 16.38
N PRO H 91 28.19 64.23 16.28
CA PRO H 91 29.26 64.51 17.25
C PRO H 91 28.64 64.50 18.64
N VAL H 92 29.39 64.00 19.61
CA VAL H 92 28.92 63.98 20.98
C VAL H 92 30.02 64.42 21.93
N HIS H 93 29.64 65.16 22.96
CA HIS H 93 30.54 65.43 24.07
C HIS H 93 30.08 64.64 25.28
N ILE H 94 31.00 63.89 25.88
CA ILE H 94 30.67 63.00 26.98
C ILE H 94 31.50 63.35 28.20
N CYS H 95 30.82 63.51 29.32
CA CYS H 95 31.50 63.53 30.61
C CYS H 95 30.90 62.45 31.49
N VAL H 96 31.76 61.67 32.12
CA VAL H 96 31.30 60.75 33.15
C VAL H 96 32.14 60.92 34.41
N SER H 97 31.47 60.98 35.55
CA SER H 97 32.16 61.03 36.83
C SER H 97 31.66 59.89 37.69
N TRP H 98 32.49 59.46 38.63
CA TRP H 98 32.11 58.45 39.61
C TRP H 98 32.73 58.79 40.97
N GLU H 99 31.99 58.50 42.03
CA GLU H 99 32.33 58.88 43.40
C GLU H 99 32.24 57.65 44.29
N SER H 100 33.36 57.24 44.88
CA SER H 100 33.40 56.03 45.72
C SER H 100 32.50 56.12 46.96
N SER H 101 32.60 57.22 47.69
CA SER H 101 31.87 57.40 48.94
C SER H 101 30.36 57.18 48.82
N SER H 102 29.79 57.56 47.68
CA SER H 102 28.35 57.40 47.45
C SER H 102 28.03 56.34 46.41
N GLY H 103 29.02 56.03 45.54
CA GLY H 103 28.82 55.13 44.42
C GLY H 103 28.24 55.79 43.17
N ILE H 104 27.87 57.07 43.29
CA ILE H 104 27.13 57.77 42.24
C ILE H 104 27.93 57.97 40.96
N ALA H 105 27.37 57.50 39.85
CA ALA H 105 27.91 57.73 38.52
C ALA H 105 27.03 58.71 37.77
N GLU H 106 27.66 59.73 37.19
CA GLU H 106 27.00 60.83 36.49
C GLU H 106 27.46 60.90 35.04
N PHE H 107 26.57 60.62 34.09
CA PHE H 107 26.84 60.90 32.69
C PHE H 107 26.33 62.29 32.32
N TRP H 108 27.15 63.04 31.59
CA TRP H 108 26.73 64.31 30.99
C TRP H 108 26.95 64.21 29.50
N ILE H 109 25.86 64.35 28.73
CA ILE H 109 25.92 64.20 27.27
C ILE H 109 25.57 65.52 26.63
N ASN H 110 26.51 66.09 25.89
CA ASN H 110 26.37 67.43 25.34
C ASN H 110 25.88 68.44 26.39
N GLY H 111 26.49 68.38 27.58
CA GLY H 111 26.14 69.29 28.66
C GLY H 111 24.82 69.01 29.37
N THR H 112 24.17 67.91 29.01
CA THR H 112 22.91 67.52 29.65
C THR H 112 23.17 66.40 30.65
N PRO H 113 22.75 66.57 31.89
CA PRO H 113 22.94 65.53 32.91
C PRO H 113 21.96 64.37 32.71
N LEU H 114 22.48 63.14 32.72
CA LEU H 114 21.61 61.98 32.64
C LEU H 114 21.18 61.58 34.06
N VAL H 115 20.22 60.67 34.16
CA VAL H 115 19.79 60.18 35.46
C VAL H 115 20.99 59.54 36.14
N LYS H 116 21.22 59.92 37.40
CA LYS H 116 22.30 59.36 38.19
C LYS H 116 22.04 57.89 38.47
N LYS H 117 23.10 57.09 38.41
CA LYS H 117 23.04 55.69 38.82
C LYS H 117 24.12 55.47 39.88
N GLY H 118 24.18 54.26 40.46
CA GLY H 118 25.10 53.98 41.55
C GLY H 118 25.62 52.56 41.50
N LEU H 119 26.90 52.41 41.82
CA LEU H 119 27.57 51.12 41.78
C LEU H 119 28.88 51.21 42.57
N ARG H 120 29.26 50.10 43.19
CA ARG H 120 30.58 49.95 43.80
C ARG H 120 30.89 51.01 44.87
N GLN H 121 29.89 51.34 45.69
CA GLN H 121 30.10 52.25 46.81
C GLN H 121 31.19 51.67 47.73
N GLY H 122 32.18 52.49 48.07
CA GLY H 122 33.27 52.07 48.92
C GLY H 122 34.47 51.49 48.19
N TYR H 123 34.27 51.17 46.92
CA TYR H 123 35.32 50.57 46.06
C TYR H 123 36.39 51.59 45.67
N PHE H 124 37.57 51.10 45.30
CA PHE H 124 38.63 51.93 44.74
C PHE H 124 39.01 51.36 43.39
N VAL H 125 38.94 52.16 42.32
CA VAL H 125 39.40 51.64 41.04
C VAL H 125 40.93 51.55 41.07
N GLU H 126 41.42 50.36 40.71
CA GLU H 126 42.83 50.01 40.85
C GLU H 126 43.75 50.91 40.02
N ALA H 127 44.97 51.09 40.53
CA ALA H 127 45.99 51.89 39.85
C ALA H 127 46.78 51.03 38.86
N GLN H 128 47.76 51.66 38.22
CA GLN H 128 48.63 51.03 37.22
C GLN H 128 47.82 50.44 36.06
N PRO H 129 47.01 51.29 35.40
CA PRO H 129 46.15 50.81 34.33
C PRO H 129 46.87 50.69 33.00
N LYS H 130 46.30 49.88 32.12
CA LYS H 130 46.53 50.05 30.70
C LYS H 130 45.27 50.72 30.19
N ILE H 131 45.45 51.84 29.49
CA ILE H 131 44.35 52.64 29.00
C ILE H 131 44.36 52.66 27.48
N VAL H 132 43.25 52.26 26.88
CA VAL H 132 43.18 52.04 25.44
C VAL H 132 42.00 52.75 24.80
N LEU H 133 42.29 53.44 23.71
CA LEU H 133 41.28 54.04 22.84
C LEU H 133 41.27 53.21 21.56
N GLY H 134 40.08 53.00 20.97
CA GLY H 134 39.99 52.31 19.70
C GLY H 134 39.74 50.82 19.79
N GLN H 135 40.04 50.22 20.94
CA GLN H 135 39.73 48.82 21.21
C GLN H 135 39.28 48.66 22.65
N GLU H 136 38.53 47.58 22.89
CA GLU H 136 38.14 47.18 24.23
C GLU H 136 39.07 46.06 24.71
N GLN H 137 39.65 46.23 25.90
CA GLN H 137 40.58 45.24 26.45
C GLN H 137 39.85 44.11 27.16
N ASP H 138 40.35 42.89 27.01
CA ASP H 138 39.92 41.78 27.85
C ASP H 138 41.09 41.21 28.66
N SER H 139 42.28 41.75 28.41
CA SER H 139 43.46 41.43 29.21
C SER H 139 44.14 42.74 29.60
N TYR H 140 45.27 42.63 30.30
CA TYR H 140 46.06 43.78 30.68
C TYR H 140 46.79 44.33 29.45
N GLY H 141 46.10 45.19 28.70
CA GLY H 141 46.68 45.82 27.53
C GLY H 141 46.34 45.19 26.19
N GLY H 142 45.55 44.11 26.20
CA GLY H 142 45.26 43.39 24.98
C GLY H 142 43.94 42.64 24.94
N LYS H 143 43.94 41.51 24.25
CA LYS H 143 42.74 40.70 23.99
C LYS H 143 41.60 41.56 23.43
N PHE H 144 41.85 42.17 22.28
CA PHE H 144 40.89 43.05 21.64
C PHE H 144 39.78 42.25 20.93
N ASP H 145 38.73 42.95 20.53
CA ASP H 145 37.54 42.35 19.95
C ASP H 145 37.03 43.29 18.85
N ARG H 146 37.12 42.82 17.61
CA ARG H 146 36.76 43.64 16.44
C ARG H 146 35.36 44.23 16.53
N SER H 147 34.42 43.46 17.07
CA SER H 147 33.01 43.87 17.18
C SER H 147 32.80 44.94 18.26
N GLN H 148 33.85 45.25 19.02
CA GLN H 148 33.81 46.32 20.02
C GLN H 148 34.80 47.44 19.69
N SER H 149 35.47 47.35 18.53
CA SER H 149 36.41 48.39 18.11
C SER H 149 35.68 49.71 17.88
N PHE H 150 36.35 50.82 18.19
CA PHE H 150 35.82 52.15 17.91
C PHE H 150 36.34 52.61 16.57
N VAL H 151 35.41 52.97 15.69
CA VAL H 151 35.74 53.54 14.39
C VAL H 151 35.21 54.97 14.38
N GLY H 152 36.11 55.91 14.12
CA GLY H 152 35.72 57.31 14.06
C GLY H 152 36.75 58.20 14.68
N GLU H 153 36.28 59.30 15.27
CA GLU H 153 37.16 60.35 15.78
C GLU H 153 36.94 60.60 17.27
N ILE H 154 38.05 60.72 18.00
CA ILE H 154 38.02 61.09 19.43
C ILE H 154 38.93 62.28 19.66
N GLY H 155 38.43 63.27 20.40
CA GLY H 155 39.23 64.43 20.75
C GLY H 155 38.91 64.97 22.12
N ASP H 156 39.60 66.04 22.50
CA ASP H 156 39.34 66.78 23.74
C ASP H 156 39.12 65.88 24.96
N LEU H 157 40.03 64.93 25.13
CA LEU H 157 39.95 63.95 26.20
C LEU H 157 40.71 64.45 27.43
N TYR H 158 39.98 64.56 28.54
CA TYR H 158 40.56 64.95 29.82
C TYR H 158 40.07 64.04 30.92
N MET H 159 40.89 63.86 31.94
CA MET H 159 40.50 63.04 33.09
C MET H 159 41.09 63.64 34.37
N TRP H 160 40.21 63.86 35.35
CA TRP H 160 40.56 64.46 36.64
C TRP H 160 40.36 63.44 37.75
N ASP H 161 41.16 63.58 38.81
CA ASP H 161 41.03 62.71 39.97
C ASP H 161 40.03 63.25 41.00
N SER H 162 39.02 63.96 40.50
CA SER H 162 37.96 64.50 41.33
C SER H 162 36.64 64.51 40.57
N VAL H 163 35.54 64.68 41.32
CA VAL H 163 34.22 64.85 40.73
C VAL H 163 34.04 66.32 40.43
N LEU H 164 34.02 66.65 39.14
CA LEU H 164 33.82 68.02 38.68
C LEU H 164 32.37 68.47 38.92
N PRO H 165 32.20 69.66 39.48
CA PRO H 165 30.86 70.28 39.58
C PRO H 165 30.28 70.60 38.20
N PRO H 166 28.95 70.67 38.08
CA PRO H 166 28.30 70.89 36.78
C PRO H 166 28.93 72.01 35.94
N GLU H 167 29.20 73.15 36.58
CA GLU H 167 29.79 74.31 35.92
C GLU H 167 31.09 73.97 35.17
N ASN H 168 31.97 73.19 35.79
CA ASN H 168 33.23 72.78 35.16
C ASN H 168 33.04 71.74 34.06
N ILE H 169 32.03 70.88 34.23
CA ILE H 169 31.62 69.97 33.17
C ILE H 169 31.20 70.78 31.94
N LEU H 170 30.38 71.81 32.17
CA LEU H 170 29.90 72.65 31.09
C LEU H 170 31.04 73.40 30.40
N SER H 171 32.04 73.79 31.19
CA SER H 171 33.25 74.42 30.64
C SER H 171 33.98 73.49 29.67
N ALA H 172 34.10 72.22 30.03
CA ALA H 172 34.72 71.23 29.16
C ALA H 172 33.93 71.08 27.86
N TYR H 173 32.60 71.00 28.00
CA TYR H 173 31.70 70.91 26.86
C TYR H 173 31.87 72.11 25.93
N GLN H 174 32.02 73.29 26.50
CA GLN H 174 32.16 74.52 25.73
C GLN H 174 33.59 74.76 25.18
N GLY H 175 34.53 73.91 25.60
CA GLY H 175 35.88 73.96 25.08
C GLY H 175 36.90 74.73 25.93
N THR H 176 36.55 75.03 27.17
CA THR H 176 37.49 75.62 28.13
C THR H 176 37.59 74.75 29.39
N PRO H 177 38.07 73.52 29.25
CA PRO H 177 38.17 72.60 30.39
C PRO H 177 39.21 73.09 31.39
N LEU H 178 38.95 72.87 32.67
CA LEU H 178 39.96 73.09 33.69
C LEU H 178 41.13 72.13 33.43
N PRO H 179 42.35 72.53 33.78
CA PRO H 179 43.51 71.64 33.65
C PRO H 179 43.27 70.32 34.38
N ALA H 180 43.63 69.21 33.73
CA ALA H 180 43.34 67.88 34.27
C ALA H 180 44.63 67.19 34.69
N ASN H 181 44.56 66.37 35.74
CA ASN H 181 45.78 65.78 36.32
C ASN H 181 46.04 64.29 36.04
N ILE H 182 45.05 63.56 35.52
CA ILE H 182 45.27 62.17 35.15
C ILE H 182 45.62 62.07 33.66
N LEU H 183 44.77 62.67 32.84
CA LEU H 183 44.95 62.67 31.40
C LEU H 183 44.62 64.06 30.89
N ASP H 184 45.47 64.62 30.04
CA ASP H 184 45.23 65.96 29.51
C ASP H 184 45.53 66.04 28.02
N TRP H 185 44.52 66.44 27.24
CA TRP H 185 44.64 66.55 25.79
C TRP H 185 45.75 67.49 25.33
N GLN H 186 46.06 68.49 26.17
CA GLN H 186 47.08 69.48 25.84
C GLN H 186 48.49 69.06 26.26
N ALA H 187 48.59 67.95 26.98
CA ALA H 187 49.87 67.34 27.34
C ALA H 187 49.71 65.83 27.44
N LEU H 188 49.39 65.20 26.31
CA LEU H 188 49.05 63.79 26.29
C LEU H 188 50.24 62.91 25.95
N ASN H 189 50.44 61.89 26.77
CA ASN H 189 51.46 60.86 26.54
C ASN H 189 50.77 59.62 25.98
N TYR H 190 51.04 59.34 24.71
CA TYR H 190 50.30 58.29 24.01
C TYR H 190 51.18 57.46 23.09
N GLU H 191 50.69 56.28 22.72
CA GLU H 191 51.33 55.41 21.75
C GLU H 191 50.29 54.99 20.72
N ILE H 192 50.53 55.31 19.45
CA ILE H 192 49.70 54.84 18.36
C ILE H 192 50.17 53.45 17.93
N ARG H 193 49.23 52.51 17.82
CA ARG H 193 49.53 51.18 17.32
C ARG H 193 48.57 50.86 16.17
N GLY H 194 49.15 50.51 15.02
CA GLY H 194 48.36 50.26 13.83
C GLY H 194 47.87 51.53 13.14
N TYR H 195 46.68 51.45 12.56
CA TYR H 195 46.13 52.50 11.72
C TYR H 195 45.31 53.51 12.52
N VAL H 196 45.98 54.57 12.97
CA VAL H 196 45.35 55.70 13.64
C VAL H 196 46.05 56.96 13.15
N ILE H 197 45.27 57.93 12.69
CA ILE H 197 45.80 59.16 12.11
C ILE H 197 45.38 60.35 12.95
N ILE H 198 46.30 61.27 13.20
CA ILE H 198 45.98 62.51 13.88
C ILE H 198 45.60 63.54 12.82
N LYS H 199 44.42 64.14 12.99
CA LYS H 199 43.92 65.14 12.05
C LYS H 199 43.37 66.34 12.82
N PRO H 200 43.28 67.50 12.16
CA PRO H 200 42.55 68.64 12.73
C PRO H 200 41.11 68.26 13.02
N LEU H 201 40.57 68.78 14.12
CA LEU H 201 39.17 68.60 14.48
C LEU H 201 38.34 69.58 13.66
N VAL H 202 37.45 69.05 12.83
CA VAL H 202 36.66 69.91 11.95
C VAL H 202 35.17 69.96 12.32
N TRP H 203 34.73 69.08 13.22
CA TRP H 203 33.29 68.93 13.48
C TRP H 203 32.77 69.69 14.71
N VAL H 204 33.60 70.52 15.30
CA VAL H 204 33.15 71.44 16.36
C VAL H 204 32.97 72.85 15.77
N HIS I 1 35.56 72.92 -25.05
CA HIS I 1 35.19 73.09 -23.61
C HIS I 1 34.04 74.08 -23.45
N THR I 2 33.28 73.94 -22.37
CA THR I 2 32.07 74.73 -22.17
C THR I 2 31.96 75.27 -20.74
N ASP I 3 31.47 76.51 -20.64
CA ASP I 3 31.17 77.13 -19.35
C ASP I 3 29.75 76.77 -18.92
N LEU I 4 29.65 75.84 -17.98
CA LEU I 4 28.36 75.32 -17.55
C LEU I 4 27.82 76.06 -16.32
N SER I 5 28.37 77.24 -16.04
CA SER I 5 27.93 78.12 -14.96
C SER I 5 26.42 78.32 -14.94
N GLY I 6 25.81 78.10 -13.78
CA GLY I 6 24.37 78.24 -13.60
C GLY I 6 23.55 77.18 -14.29
N LYS I 7 24.19 76.09 -14.72
CA LYS I 7 23.52 75.03 -15.47
C LYS I 7 23.79 73.65 -14.88
N VAL I 8 22.92 72.69 -15.23
CA VAL I 8 23.05 71.31 -14.77
C VAL I 8 22.95 70.33 -15.93
N PHE I 9 23.46 69.12 -15.72
CA PHE I 9 23.15 67.99 -16.57
C PHE I 9 21.88 67.35 -16.03
N VAL I 10 20.90 67.14 -16.89
CA VAL I 10 19.68 66.43 -16.49
C VAL I 10 19.69 65.07 -17.15
N PHE I 11 19.71 64.04 -16.31
CA PHE I 11 19.52 62.67 -16.75
C PHE I 11 18.06 62.34 -16.40
N PRO I 12 17.16 62.55 -17.36
CA PRO I 12 15.72 62.59 -17.11
C PRO I 12 15.05 61.22 -16.99
N ARG I 13 15.77 60.15 -17.31
CA ARG I 13 15.19 58.81 -17.26
C ARG I 13 16.19 57.75 -16.85
N GLU I 14 15.65 56.64 -16.33
CA GLU I 14 16.42 55.44 -16.08
C GLU I 14 16.73 54.76 -17.41
N SER I 15 17.99 54.36 -17.57
CA SER I 15 18.45 53.70 -18.79
C SER I 15 19.73 52.94 -18.49
N VAL I 16 20.25 52.28 -19.51
CA VAL I 16 21.57 51.66 -19.43
C VAL I 16 22.52 52.34 -20.42
N THR I 17 22.04 53.40 -21.07
CA THR I 17 22.80 54.08 -22.15
C THR I 17 23.14 55.55 -21.87
N ASP I 18 22.23 56.29 -21.25
CA ASP I 18 22.41 57.74 -21.03
C ASP I 18 23.55 58.03 -20.08
N HIS I 19 24.52 58.81 -20.54
CA HIS I 19 25.65 59.20 -19.70
C HIS I 19 26.41 60.39 -20.26
N VAL I 20 27.23 61.01 -19.41
CA VAL I 20 28.17 62.03 -19.87
C VAL I 20 29.60 61.55 -19.60
N ASN I 21 30.44 61.62 -20.62
CA ASN I 21 31.86 61.38 -20.45
C ASN I 21 32.54 62.68 -20.04
N LEU I 22 33.34 62.61 -18.98
CA LEU I 22 34.15 63.76 -18.55
C LEU I 22 35.60 63.55 -18.98
N ILE I 23 36.17 64.54 -19.67
CA ILE I 23 37.52 64.45 -20.23
C ILE I 23 38.48 65.37 -19.49
N THR I 24 39.59 64.81 -19.04
CA THR I 24 40.61 65.57 -18.32
C THR I 24 42.02 65.23 -18.81
N PRO I 25 42.90 66.22 -18.92
CA PRO I 25 44.29 65.97 -19.31
C PRO I 25 45.13 65.36 -18.18
N LEU I 26 44.61 64.31 -17.55
CA LEU I 26 45.27 63.67 -16.41
C LEU I 26 46.16 62.50 -16.84
N GLU I 27 47.46 62.75 -16.86
CA GLU I 27 48.43 61.74 -17.27
C GLU I 27 49.23 61.24 -16.07
N LYS I 28 49.17 61.97 -14.97
CA LYS I 28 49.90 61.63 -13.75
C LYS I 28 48.98 60.97 -12.73
N PRO I 29 49.45 59.89 -12.09
CA PRO I 29 48.68 59.20 -11.05
C PRO I 29 48.35 60.11 -9.86
N LEU I 30 47.16 59.93 -9.29
CA LEU I 30 46.68 60.80 -8.23
C LEU I 30 47.06 60.31 -6.84
N GLN I 31 47.65 61.21 -6.06
CA GLN I 31 47.99 60.98 -4.67
C GLN I 31 46.96 61.66 -3.76
N ASN I 32 46.43 62.78 -4.24
CA ASN I 32 45.52 63.63 -3.48
C ASN I 32 44.44 64.13 -4.41
N PHE I 33 43.22 64.26 -3.90
CA PHE I 33 42.14 64.88 -4.68
C PHE I 33 40.99 65.37 -3.83
N THR I 34 40.27 66.36 -4.35
CA THR I 34 38.98 66.74 -3.82
C THR I 34 38.00 66.79 -4.99
N LEU I 35 36.82 66.23 -4.77
CA LEU I 35 35.75 66.28 -5.75
C LEU I 35 34.48 66.83 -5.11
N CYS I 36 33.93 67.88 -5.74
CA CYS I 36 32.72 68.53 -5.25
C CYS I 36 31.71 68.62 -6.39
N PHE I 37 30.43 68.51 -6.03
CA PHE I 37 29.32 68.63 -6.97
C PHE I 37 27.99 68.72 -6.24
N ARG I 38 26.97 69.18 -6.97
CA ARG I 38 25.60 69.25 -6.47
C ARG I 38 24.77 68.21 -7.19
N ALA I 39 23.93 67.48 -6.47
CA ALA I 39 23.01 66.54 -7.11
C ALA I 39 21.61 66.64 -6.53
N TYR I 40 20.61 66.39 -7.39
CA TYR I 40 19.22 66.40 -6.99
C TYR I 40 18.56 65.21 -7.66
N SER I 41 18.21 64.21 -6.85
CA SER I 41 17.63 62.97 -7.35
C SER I 41 16.59 62.45 -6.37
N ASP I 42 15.52 61.84 -6.89
CA ASP I 42 14.55 61.20 -6.01
C ASP I 42 14.55 59.66 -6.12
N LEU I 43 15.66 59.11 -6.59
CA LEU I 43 15.87 57.66 -6.55
C LEU I 43 16.10 57.24 -5.10
N SER I 44 15.51 56.10 -4.74
CA SER I 44 15.72 55.50 -3.43
C SER I 44 16.72 54.35 -3.51
N ARG I 45 16.77 53.72 -4.68
CA ARG I 45 17.73 52.65 -4.94
C ARG I 45 19.16 53.21 -5.03
N ALA I 46 20.14 52.31 -5.04
CA ALA I 46 21.54 52.70 -5.12
C ALA I 46 21.86 53.31 -6.49
N TYR I 47 22.80 54.24 -6.51
CA TYR I 47 23.27 54.81 -7.78
C TYR I 47 24.69 55.37 -7.69
N SER I 48 25.38 55.33 -8.84
CA SER I 48 26.69 55.93 -8.96
C SER I 48 26.54 57.43 -9.24
N LEU I 49 27.32 58.21 -8.51
CA LEU I 49 27.35 59.66 -8.68
C LEU I 49 28.52 60.07 -9.58
N PHE I 50 29.65 59.37 -9.44
CA PHE I 50 30.88 59.71 -10.16
C PHE I 50 31.68 58.44 -10.35
N SER I 51 31.88 58.03 -11.61
CA SER I 51 32.52 56.76 -11.93
C SER I 51 33.81 56.93 -12.72
N TYR I 52 34.92 56.55 -12.10
CA TYR I 52 36.26 56.78 -12.63
C TYR I 52 36.93 55.41 -12.69
N ASN I 53 37.10 54.92 -13.91
CA ASN I 53 37.72 53.62 -14.16
C ASN I 53 38.96 53.77 -15.02
N THR I 54 39.94 52.89 -14.80
CA THR I 54 41.12 52.85 -15.67
C THR I 54 41.24 51.47 -16.30
N GLN I 55 42.15 51.33 -17.25
CA GLN I 55 42.37 50.08 -17.97
C GLN I 55 42.66 48.92 -17.02
N GLY I 56 41.83 47.89 -17.09
CA GLY I 56 41.95 46.71 -16.23
C GLY I 56 41.53 46.92 -14.78
N ARG I 57 41.00 48.10 -14.46
CA ARG I 57 40.72 48.45 -13.07
C ARG I 57 39.32 49.02 -12.87
N ASP I 58 38.45 48.22 -12.24
CA ASP I 58 37.11 48.66 -11.90
C ASP I 58 37.10 49.42 -10.57
N ASN I 59 36.20 50.39 -10.46
CA ASN I 59 36.04 51.20 -9.23
C ASN I 59 37.38 51.77 -8.74
N GLU I 60 38.13 52.37 -9.66
CA GLU I 60 39.42 52.97 -9.33
C GLU I 60 39.20 54.20 -8.46
N LEU I 61 38.17 54.96 -8.82
CA LEU I 61 37.65 56.02 -7.97
C LEU I 61 36.16 56.13 -8.27
N LEU I 62 35.35 55.88 -7.26
CA LEU I 62 33.91 55.84 -7.46
C LEU I 62 33.20 56.42 -6.27
N VAL I 63 32.29 57.36 -6.54
CA VAL I 63 31.41 57.89 -5.51
C VAL I 63 30.04 57.27 -5.74
N TYR I 64 29.59 56.51 -4.74
CA TYR I 64 28.43 55.64 -4.91
C TYR I 64 27.46 55.86 -3.76
N LYS I 65 26.20 56.10 -4.10
CA LYS I 65 25.16 56.33 -3.11
C LYS I 65 24.41 55.03 -2.87
N GLU I 66 24.67 54.42 -1.73
CA GLU I 66 24.12 53.11 -1.36
C GLU I 66 22.63 53.16 -1.12
N ARG I 67 22.20 54.20 -0.39
CA ARG I 67 20.83 54.40 0.04
C ARG I 67 20.79 55.77 0.69
N VAL I 68 19.60 56.25 1.05
CA VAL I 68 19.45 57.54 1.70
C VAL I 68 20.37 57.62 2.93
N GLY I 69 21.11 58.72 3.03
CA GLY I 69 21.96 58.96 4.19
C GLY I 69 23.26 58.18 4.25
N GLU I 70 23.66 57.56 3.14
CA GLU I 70 24.87 56.76 3.11
C GLU I 70 25.65 57.01 1.84
N TYR I 71 26.92 57.39 2.00
CA TYR I 71 27.79 57.73 0.89
C TYR I 71 29.03 56.87 0.92
N SER I 72 29.32 56.21 -0.20
CA SER I 72 30.53 55.40 -0.33
C SER I 72 31.54 56.03 -1.28
N LEU I 73 32.81 55.89 -0.93
CA LEU I 73 33.91 56.20 -1.83
C LEU I 73 34.70 54.92 -2.07
N TYR I 74 35.01 54.66 -3.34
CA TYR I 74 35.88 53.55 -3.70
C TYR I 74 37.21 54.11 -4.19
N ILE I 75 38.29 53.49 -3.73
CA ILE I 75 39.64 53.79 -4.21
C ILE I 75 40.31 52.46 -4.49
N GLY I 76 40.70 52.24 -5.75
CA GLY I 76 41.33 51.00 -6.16
C GLY I 76 40.55 49.75 -5.73
N ARG I 77 39.23 49.77 -5.95
CA ARG I 77 38.32 48.67 -5.62
C ARG I 77 37.93 48.58 -4.14
N HIS I 78 38.71 49.21 -3.27
CA HIS I 78 38.41 49.24 -1.84
C HIS I 78 37.39 50.34 -1.58
N LYS I 79 36.56 50.17 -0.55
CA LYS I 79 35.55 51.18 -0.24
C LYS I 79 35.46 51.58 1.23
N VAL I 80 35.02 52.81 1.44
CA VAL I 80 34.59 53.27 2.76
C VAL I 80 33.19 53.86 2.62
N THR I 81 32.43 53.82 3.71
CA THR I 81 31.08 54.34 3.71
C THR I 81 30.88 55.21 4.94
N SER I 82 30.25 56.36 4.74
CA SER I 82 29.95 57.25 5.85
C SER I 82 28.49 57.66 5.84
N LYS I 83 27.95 57.88 7.03
CA LYS I 83 26.52 58.13 7.20
C LYS I 83 26.25 59.59 7.52
N VAL I 84 25.07 60.05 7.13
CA VAL I 84 24.60 61.39 7.45
C VAL I 84 23.08 61.40 7.60
N ILE I 85 22.58 62.33 8.41
CA ILE I 85 21.16 62.63 8.46
C ILE I 85 20.85 63.53 7.28
N GLU I 86 19.93 63.10 6.43
CA GLU I 86 19.43 63.93 5.33
C GLU I 86 17.95 63.70 5.06
N LYS I 87 17.29 64.74 4.57
CA LYS I 87 15.91 64.63 4.10
C LYS I 87 15.87 63.96 2.74
N PHE I 88 14.73 63.37 2.40
CA PHE I 88 14.55 62.76 1.09
C PHE I 88 13.14 63.00 0.54
N PRO I 89 13.03 63.44 -0.72
CA PRO I 89 14.17 63.84 -1.54
C PRO I 89 14.67 65.24 -1.20
N ALA I 90 15.92 65.53 -1.56
CA ALA I 90 16.50 66.85 -1.29
C ALA I 90 17.72 67.09 -2.16
N PRO I 91 17.90 68.35 -2.58
CA PRO I 91 19.14 68.74 -3.23
C PRO I 91 20.26 68.56 -2.22
N VAL I 92 21.45 68.21 -2.69
CA VAL I 92 22.59 67.99 -1.82
C VAL I 92 23.85 68.50 -2.49
N HIS I 93 24.74 69.09 -1.69
CA HIS I 93 26.09 69.40 -2.13
C HIS I 93 27.02 68.38 -1.51
N ILE I 94 27.82 67.73 -2.35
CA ILE I 94 28.72 66.68 -1.91
C ILE I 94 30.15 67.05 -2.25
N CYS I 95 31.01 67.00 -1.24
CA CYS I 95 32.46 67.06 -1.45
C CYS I 95 33.08 65.81 -0.85
N VAL I 96 34.06 65.28 -1.55
CA VAL I 96 34.84 64.18 -1.01
C VAL I 96 36.31 64.33 -1.38
N SER I 97 37.16 64.15 -0.38
CA SER I 97 38.59 64.22 -0.58
C SER I 97 39.23 62.91 -0.10
N TRP I 98 40.39 62.62 -0.66
CA TRP I 98 41.17 61.46 -0.26
C TRP I 98 42.64 61.80 -0.37
N GLU I 99 43.41 61.25 0.56
CA GLU I 99 44.81 61.59 0.72
C GLU I 99 45.59 60.27 0.85
N SER I 100 46.52 60.03 -0.08
CA SER I 100 47.28 58.78 -0.09
C SER I 100 48.14 58.56 1.16
N SER I 101 48.85 59.61 1.60
CA SER I 101 49.79 59.50 2.71
C SER I 101 49.14 59.00 4.00
N SER I 102 47.90 59.40 4.25
CA SER I 102 47.18 58.99 5.45
C SER I 102 46.11 57.95 5.13
N GLY I 103 45.66 57.93 3.87
CA GLY I 103 44.53 57.10 3.46
C GLY I 103 43.18 57.68 3.82
N ILE I 104 43.16 58.90 4.38
CA ILE I 104 41.94 59.49 4.93
C ILE I 104 40.99 59.99 3.85
N ALA I 105 39.74 59.55 3.95
CA ALA I 105 38.66 59.99 3.07
C ALA I 105 37.68 60.85 3.85
N GLU I 106 37.45 62.08 3.38
CA GLU I 106 36.54 63.02 4.04
C GLU I 106 35.34 63.34 3.15
N PHE I 107 34.14 62.94 3.59
CA PHE I 107 32.91 63.35 2.95
C PHE I 107 32.40 64.61 3.63
N TRP I 108 31.96 65.58 2.83
CA TRP I 108 31.28 66.77 3.32
C TRP I 108 29.92 66.85 2.61
N ILE I 109 28.86 66.92 3.39
CA ILE I 109 27.49 66.95 2.86
C ILE I 109 26.83 68.25 3.27
N ASN I 110 26.53 69.09 2.29
CA ASN I 110 26.03 70.45 2.55
C ASN I 110 26.90 71.24 3.54
N GLY I 111 28.22 71.15 3.37
CA GLY I 111 29.15 71.86 4.23
C GLY I 111 29.39 71.24 5.59
N THR I 112 28.81 70.06 5.81
CA THR I 112 28.91 69.34 7.07
C THR I 112 29.84 68.14 6.91
N PRO I 113 30.88 68.05 7.75
CA PRO I 113 31.84 66.95 7.66
C PRO I 113 31.25 65.65 8.21
N LEU I 114 31.40 64.59 7.44
CA LEU I 114 31.03 63.26 7.89
C LEU I 114 32.20 62.69 8.68
N VAL I 115 31.98 61.58 9.35
CA VAL I 115 33.06 60.91 10.08
C VAL I 115 34.13 60.47 9.07
N LYS I 116 35.38 60.85 9.32
CA LYS I 116 36.49 60.43 8.47
C LYS I 116 36.67 58.92 8.49
N LYS I 117 36.95 58.36 7.32
CA LYS I 117 37.30 56.97 7.20
C LYS I 117 38.63 56.89 6.47
N GLY I 118 39.16 55.68 6.32
CA GLY I 118 40.47 55.51 5.71
C GLY I 118 40.60 54.24 4.91
N LEU I 119 41.37 54.33 3.83
CA LEU I 119 41.59 53.22 2.90
C LEU I 119 42.76 53.51 1.98
N ARG I 120 43.44 52.44 1.56
CA ARG I 120 44.47 52.51 0.53
C ARG I 120 45.57 53.53 0.84
N GLN I 121 46.01 53.56 2.09
CA GLN I 121 47.15 54.38 2.48
C GLN I 121 48.37 53.93 1.67
N GLY I 122 49.07 54.89 1.06
CA GLY I 122 50.24 54.63 0.25
C GLY I 122 49.93 54.29 -1.20
N TYR I 123 48.65 54.20 -1.53
CA TYR I 123 48.22 53.85 -2.87
C TYR I 123 48.14 55.10 -3.76
N PHE I 124 48.26 54.89 -5.08
CA PHE I 124 48.03 55.97 -6.03
C PHE I 124 46.91 55.56 -6.98
N VAL I 125 45.89 56.41 -7.13
CA VAL I 125 44.85 56.13 -8.10
C VAL I 125 45.42 56.29 -9.51
N GLU I 126 45.10 55.32 -10.37
CA GLU I 126 45.70 55.21 -11.69
C GLU I 126 45.26 56.34 -12.61
N ALA I 127 46.18 56.76 -13.48
CA ALA I 127 45.95 57.85 -14.42
C ALA I 127 45.25 57.35 -15.68
N GLN I 128 45.05 58.26 -16.65
CA GLN I 128 44.35 57.97 -17.91
C GLN I 128 42.98 57.33 -17.68
N PRO I 129 42.10 58.01 -16.95
CA PRO I 129 40.80 57.44 -16.60
C PRO I 129 39.75 57.65 -17.67
N LYS I 130 38.71 56.82 -17.65
CA LYS I 130 37.46 57.18 -18.27
C LYS I 130 36.52 57.57 -17.13
N ILE I 131 35.93 58.76 -17.25
CA ILE I 131 35.09 59.33 -16.21
C ILE I 131 33.67 59.50 -16.72
N VAL I 132 32.70 58.96 -15.99
CA VAL I 132 31.31 58.96 -16.44
C VAL I 132 30.35 59.44 -15.36
N LEU I 133 29.43 60.30 -15.77
CA LEU I 133 28.26 60.67 -14.97
C LEU I 133 27.06 59.96 -15.61
N GLY I 134 26.10 59.55 -14.79
CA GLY I 134 24.87 58.96 -15.30
C GLY I 134 24.85 57.44 -15.31
N GLN I 135 26.03 56.83 -15.39
CA GLN I 135 26.16 55.38 -15.34
C GLN I 135 27.36 54.97 -14.49
N GLU I 136 27.31 53.74 -13.97
CA GLU I 136 28.44 53.15 -13.27
C GLU I 136 29.20 52.22 -14.22
N GLN I 137 30.51 52.41 -14.32
CA GLN I 137 31.36 51.59 -15.18
C GLN I 137 31.76 50.27 -14.53
N ASP I 138 31.75 49.20 -15.31
CA ASP I 138 32.37 47.93 -14.90
C ASP I 138 33.51 47.55 -15.84
N SER I 139 33.68 48.32 -16.90
CA SER I 139 34.84 48.19 -17.79
C SER I 139 35.44 49.58 -18.02
N TYR I 140 36.45 49.63 -18.89
CA TYR I 140 37.11 50.89 -19.26
C TYR I 140 36.25 51.63 -20.27
N GLY I 141 35.26 52.36 -19.75
CA GLY I 141 34.39 53.19 -20.57
C GLY I 141 32.97 52.67 -20.74
N GLY I 142 32.71 51.44 -20.31
CA GLY I 142 31.42 50.82 -20.55
C GLY I 142 30.95 49.83 -19.49
N LYS I 143 30.22 48.82 -19.96
CA LYS I 143 29.60 47.80 -19.11
C LYS I 143 28.74 48.45 -18.00
N PHE I 144 27.72 49.17 -18.45
CA PHE I 144 26.84 49.91 -17.55
C PHE I 144 25.76 49.01 -16.96
N ASP I 145 25.10 49.51 -15.91
CA ASP I 145 24.08 48.76 -15.20
C ASP I 145 22.91 49.68 -14.85
N ARG I 146 21.75 49.41 -15.46
CA ARG I 146 20.54 50.20 -15.28
C ARG I 146 20.18 50.46 -13.81
N SER I 147 20.37 49.45 -12.97
CA SER I 147 20.01 49.53 -11.57
C SER I 147 20.99 50.39 -10.76
N GLN I 148 22.01 50.92 -11.45
CA GLN I 148 23.01 51.81 -10.83
C GLN I 148 23.03 53.18 -11.52
N SER I 149 22.18 53.35 -12.53
CA SER I 149 22.14 54.58 -13.31
C SER I 149 21.69 55.75 -12.46
N PHE I 150 22.25 56.94 -12.74
CA PHE I 150 21.81 58.14 -12.05
C PHE I 150 20.70 58.82 -12.82
N VAL I 151 19.58 59.07 -12.15
CA VAL I 151 18.46 59.81 -12.70
C VAL I 151 18.26 61.05 -11.85
N GLY I 152 18.26 62.21 -12.48
CA GLY I 152 18.21 63.47 -11.77
C GLY I 152 19.15 64.50 -12.37
N GLU I 153 19.58 65.45 -11.54
CA GLU I 153 20.35 66.60 -12.02
C GLU I 153 21.68 66.70 -11.28
N ILE I 154 22.75 66.96 -12.04
CA ILE I 154 24.08 67.19 -11.47
C ILE I 154 24.60 68.52 -11.97
N GLY I 155 25.16 69.33 -11.07
CA GLY I 155 25.80 70.58 -11.44
C GLY I 155 27.01 70.89 -10.59
N ASP I 156 27.63 72.04 -10.86
CA ASP I 156 28.75 72.55 -10.07
C ASP I 156 29.83 71.51 -9.75
N LEU I 157 30.26 70.78 -10.77
CA LEU I 157 31.24 69.70 -10.58
C LEU I 157 32.65 70.23 -10.72
N TYR I 158 33.43 70.07 -9.65
CA TYR I 158 34.83 70.48 -9.64
C TYR I 158 35.68 69.37 -9.06
N MET I 159 36.88 69.20 -9.61
CA MET I 159 37.85 68.24 -9.07
C MET I 159 39.24 68.86 -9.05
N TRP I 160 39.88 68.78 -7.88
CA TRP I 160 41.20 69.35 -7.65
C TRP I 160 42.20 68.23 -7.37
N ASP I 161 43.47 68.48 -7.66
CA ASP I 161 44.52 67.48 -7.40
C ASP I 161 45.15 67.63 -6.01
N SER I 162 44.36 68.13 -5.06
CA SER I 162 44.79 68.30 -3.68
C SER I 162 43.61 68.14 -2.71
N VAL I 163 43.93 68.01 -1.43
CA VAL I 163 42.93 67.97 -0.39
C VAL I 163 42.61 69.40 0.01
N LEU I 164 41.38 69.83 -0.29
CA LEU I 164 40.91 71.15 0.06
C LEU I 164 40.66 71.26 1.55
N PRO I 165 41.17 72.34 2.17
CA PRO I 165 40.85 72.63 3.58
C PRO I 165 39.37 72.99 3.76
N PRO I 166 38.85 72.94 4.98
CA PRO I 166 37.43 73.18 5.24
C PRO I 166 36.88 74.50 4.66
N GLU I 167 37.66 75.58 4.73
CA GLU I 167 37.24 76.88 4.18
C GLU I 167 36.92 76.81 2.69
N ASN I 168 37.78 76.13 1.93
CA ASN I 168 37.59 75.96 0.48
C ASN I 168 36.41 75.06 0.14
N ILE I 169 36.16 74.06 1.00
CA ILE I 169 34.99 73.20 0.87
C ILE I 169 33.72 74.02 1.04
N LEU I 170 33.70 74.85 2.08
CA LEU I 170 32.58 75.76 2.35
C LEU I 170 32.36 76.73 1.20
N SER I 171 33.45 77.22 0.62
CA SER I 171 33.40 78.09 -0.56
C SER I 171 32.70 77.40 -1.73
N ALA I 172 33.03 76.13 -1.97
CA ALA I 172 32.39 75.35 -3.03
C ALA I 172 30.90 75.18 -2.74
N TYR I 173 30.57 74.87 -1.49
CA TYR I 173 29.18 74.72 -1.06
C TYR I 173 28.40 76.04 -1.25
N GLN I 174 29.01 77.15 -0.86
CA GLN I 174 28.39 78.48 -0.94
C GLN I 174 28.26 79.02 -2.36
N GLY I 175 28.98 78.42 -3.30
CA GLY I 175 28.89 78.80 -4.70
C GLY I 175 30.03 79.64 -5.23
N THR I 176 31.10 79.77 -4.45
CA THR I 176 32.32 80.44 -4.91
C THR I 176 33.53 79.50 -4.78
N PRO I 177 33.55 78.41 -5.57
CA PRO I 177 34.64 77.45 -5.50
C PRO I 177 35.94 77.99 -6.09
N LEU I 178 37.05 77.49 -5.58
CA LEU I 178 38.36 77.82 -6.12
C LEU I 178 38.50 77.17 -7.49
N PRO I 179 39.19 77.84 -8.42
CA PRO I 179 39.50 77.23 -9.72
C PRO I 179 40.10 75.84 -9.55
N ALA I 180 39.61 74.88 -10.32
CA ALA I 180 40.05 73.49 -10.20
C ALA I 180 40.84 73.03 -11.43
N ASN I 181 41.80 72.15 -11.22
CA ASN I 181 42.76 71.77 -12.27
C ASN I 181 42.57 70.38 -12.90
N ILE I 182 41.70 69.57 -12.32
CA ILE I 182 41.37 68.28 -12.94
C ILE I 182 40.05 68.38 -13.73
N LEU I 183 39.01 68.82 -13.04
CA LEU I 183 37.70 69.05 -13.66
C LEU I 183 37.17 70.39 -13.20
N ASP I 184 36.63 71.17 -14.13
CA ASP I 184 36.09 72.48 -13.81
C ASP I 184 34.79 72.76 -14.57
N TRP I 185 33.71 72.94 -13.80
CA TRP I 185 32.38 73.25 -14.34
C TRP I 185 32.37 74.48 -15.26
N GLN I 186 33.28 75.42 -15.01
CA GLN I 186 33.36 76.67 -15.78
C GLN I 186 34.11 76.51 -17.10
N ALA I 187 34.78 75.37 -17.27
CA ALA I 187 35.53 75.07 -18.49
C ALA I 187 35.57 73.55 -18.67
N LEU I 188 34.39 72.96 -18.81
CA LEU I 188 34.26 71.50 -18.82
C LEU I 188 34.32 70.91 -20.22
N ASN I 189 35.17 69.90 -20.36
CA ASN I 189 35.26 69.11 -21.58
C ASN I 189 34.47 67.81 -21.37
N TYR I 190 33.41 67.65 -22.16
CA TYR I 190 32.47 66.55 -21.97
C TYR I 190 31.89 66.01 -23.28
N GLU I 191 31.32 64.82 -23.20
CA GLU I 191 30.57 64.24 -24.31
C GLU I 191 29.24 63.72 -23.77
N ILE I 192 28.14 64.25 -24.29
CA ILE I 192 26.82 63.72 -24.00
C ILE I 192 26.58 62.50 -24.89
N ARG I 193 26.12 61.41 -24.28
CA ARG I 193 25.71 60.22 -25.04
C ARG I 193 24.33 59.82 -24.57
N GLY I 194 23.40 59.72 -25.52
CA GLY I 194 22.02 59.42 -25.22
C GLY I 194 21.27 60.62 -24.64
N TYR I 195 20.27 60.32 -23.81
CA TYR I 195 19.35 61.31 -23.29
C TYR I 195 19.90 62.04 -22.06
N VAL I 196 20.65 63.10 -22.30
CA VAL I 196 21.11 64.01 -21.25
C VAL I 196 20.84 65.44 -21.73
N ILE I 197 20.16 66.22 -20.90
CA ILE I 197 19.75 67.59 -21.29
C ILE I 197 20.40 68.62 -20.39
N ILE I 198 20.93 69.68 -21.00
CA ILE I 198 21.50 70.79 -20.24
C ILE I 198 20.40 71.83 -19.95
N LYS I 199 20.16 72.08 -18.66
CA LYS I 199 19.14 73.04 -18.24
C LYS I 199 19.71 73.99 -17.18
N PRO I 200 19.10 75.17 -17.04
CA PRO I 200 19.43 76.07 -15.92
C PRO I 200 19.23 75.38 -14.57
N LEU I 201 20.07 75.72 -13.60
CA LEU I 201 19.96 75.21 -12.24
C LEU I 201 18.92 76.04 -11.49
N VAL I 202 17.78 75.43 -11.14
CA VAL I 202 16.69 76.17 -10.51
C VAL I 202 16.43 75.82 -9.04
N TRP I 203 17.15 74.81 -8.53
CA TRP I 203 16.89 74.31 -7.17
C TRP I 203 17.88 74.73 -6.09
N VAL I 204 18.77 75.66 -6.40
CA VAL I 204 19.63 76.24 -5.37
C VAL I 204 19.10 77.60 -4.91
N HIS J 1 -18.21 82.70 -20.32
CA HIS J 1 -16.97 82.72 -19.48
C HIS J 1 -17.31 83.23 -18.08
N THR J 2 -16.62 82.71 -17.08
CA THR J 2 -16.89 83.05 -15.68
C THR J 2 -15.60 83.35 -14.93
N ASP J 3 -15.57 84.49 -14.27
CA ASP J 3 -14.48 84.84 -13.37
C ASP J 3 -14.63 84.09 -12.05
N LEU J 4 -13.73 83.15 -11.80
CA LEU J 4 -13.78 82.34 -10.58
C LEU J 4 -12.79 82.80 -9.51
N SER J 5 -12.31 84.04 -9.64
CA SER J 5 -11.42 84.65 -8.65
C SER J 5 -11.96 84.49 -7.23
N GLY J 6 -11.10 84.03 -6.33
CA GLY J 6 -11.47 83.80 -4.94
C GLY J 6 -12.43 82.65 -4.70
N LYS J 7 -12.61 81.80 -5.71
CA LYS J 7 -13.57 80.70 -5.63
C LYS J 7 -12.94 79.36 -6.00
N VAL J 8 -13.57 78.26 -5.56
CA VAL J 8 -13.11 76.91 -5.86
C VAL J 8 -14.24 76.05 -6.40
N PHE J 9 -13.89 75.00 -7.14
CA PHE J 9 -14.81 73.89 -7.40
C PHE J 9 -14.73 72.95 -6.20
N VAL J 10 -15.86 72.64 -5.58
CA VAL J 10 -15.89 71.64 -4.53
C VAL J 10 -16.48 70.37 -5.12
N PHE J 11 -15.69 69.30 -5.12
CA PHE J 11 -16.16 67.95 -5.43
C PHE J 11 -16.38 67.29 -4.07
N PRO J 12 -17.61 67.36 -3.55
CA PRO J 12 -17.87 67.05 -2.14
C PRO J 12 -18.04 65.56 -1.80
N ARG J 13 -18.07 64.69 -2.81
CA ARG J 13 -18.23 63.26 -2.57
C ARG J 13 -17.52 62.40 -3.61
N GLU J 14 -17.22 61.17 -3.22
CA GLU J 14 -16.74 60.17 -4.15
C GLU J 14 -17.88 59.70 -5.05
N SER J 15 -17.58 59.57 -6.34
CA SER J 15 -18.55 59.17 -7.35
C SER J 15 -17.85 58.72 -8.62
N VAL J 16 -18.62 58.18 -9.56
CA VAL J 16 -18.12 57.92 -10.90
C VAL J 16 -18.72 58.94 -11.86
N THR J 17 -19.46 59.88 -11.28
CA THR J 17 -20.34 60.78 -12.00
C THR J 17 -19.90 62.26 -11.98
N ASP J 18 -19.57 62.77 -10.79
CA ASP J 18 -19.30 64.19 -10.59
C ASP J 18 -18.03 64.63 -11.32
N HIS J 19 -18.17 65.64 -12.17
CA HIS J 19 -17.04 66.20 -12.89
C HIS J 19 -17.32 67.59 -13.44
N VAL J 20 -16.25 68.29 -13.79
CA VAL J 20 -16.35 69.56 -14.51
C VAL J 20 -15.62 69.39 -15.83
N ASN J 21 -16.27 69.79 -16.91
CA ASN J 21 -15.61 69.86 -18.21
C ASN J 21 -15.00 71.25 -18.38
N LEU J 22 -13.72 71.30 -18.74
CA LEU J 22 -13.06 72.57 -19.03
C LEU J 22 -13.00 72.77 -20.54
N ILE J 23 -13.53 73.90 -21.01
CA ILE J 23 -13.66 74.15 -22.44
C ILE J 23 -12.62 75.16 -22.94
N THR J 24 -11.78 74.70 -23.86
CA THR J 24 -10.80 75.56 -24.52
C THR J 24 -10.86 75.33 -26.03
N PRO J 25 -10.84 76.40 -26.81
CA PRO J 25 -10.89 76.30 -28.28
C PRO J 25 -9.55 75.86 -28.89
N LEU J 26 -8.78 75.08 -28.14
CA LEU J 26 -7.43 74.68 -28.54
C LEU J 26 -7.47 73.74 -29.74
N GLU J 27 -6.89 74.20 -30.85
CA GLU J 27 -6.90 73.47 -32.10
C GLU J 27 -5.48 73.17 -32.58
N LYS J 28 -4.51 73.86 -31.99
CA LYS J 28 -3.11 73.65 -32.32
C LYS J 28 -2.52 72.62 -31.37
N PRO J 29 -1.91 71.56 -31.91
CA PRO J 29 -1.20 70.58 -31.06
C PRO J 29 -0.18 71.30 -30.18
N LEU J 30 0.00 70.82 -28.95
CA LEU J 30 0.86 71.48 -27.98
C LEU J 30 2.30 70.99 -28.03
N GLN J 31 3.21 71.93 -28.20
CA GLN J 31 4.64 71.67 -28.12
C GLN J 31 5.15 71.98 -26.71
N ASN J 32 4.61 73.06 -26.14
CA ASN J 32 4.99 73.54 -24.81
C ASN J 32 3.74 73.85 -23.99
N PHE J 33 3.76 73.56 -22.69
CA PHE J 33 2.68 73.98 -21.81
C PHE J 33 3.11 74.09 -20.36
N THR J 34 2.39 74.93 -19.62
CA THR J 34 2.47 74.98 -18.17
C THR J 34 1.05 74.98 -17.64
N LEU J 35 0.81 74.15 -16.63
CA LEU J 35 -0.46 74.08 -15.94
C LEU J 35 -0.23 74.31 -14.46
N CYS J 36 -0.98 75.26 -13.88
CA CYS J 36 -0.91 75.56 -12.46
C CYS J 36 -2.31 75.50 -11.87
N PHE J 37 -2.40 75.06 -10.62
CA PHE J 37 -3.65 75.09 -9.86
C PHE J 37 -3.38 74.80 -8.38
N ARG J 38 -4.40 75.03 -7.56
CA ARG J 38 -4.40 74.75 -6.13
C ARG J 38 -5.36 73.61 -5.84
N ALA J 39 -4.98 72.69 -4.97
CA ALA J 39 -5.87 71.59 -4.60
C ALA J 39 -5.81 71.29 -3.12
N TYR J 40 -6.96 70.87 -2.57
CA TYR J 40 -7.08 70.52 -1.16
C TYR J 40 -7.98 69.29 -1.04
N SER J 41 -7.35 68.16 -0.69
CA SER J 41 -8.04 66.87 -0.64
C SER J 41 -7.49 66.09 0.55
N ASP J 42 -8.33 65.26 1.18
CA ASP J 42 -7.81 64.32 2.16
C ASP J 42 -7.92 62.85 1.75
N LEU J 43 -8.01 62.64 0.44
CA LEU J 43 -7.92 61.29 -0.12
C LEU J 43 -6.49 60.79 0.02
N SER J 44 -6.37 59.52 0.36
CA SER J 44 -5.07 58.85 0.48
C SER J 44 -4.81 57.96 -0.73
N ARG J 45 -5.89 57.42 -1.29
CA ARG J 45 -5.80 56.65 -2.54
C ARG J 45 -5.39 57.53 -3.72
N ALA J 46 -5.10 56.90 -4.85
CA ALA J 46 -4.70 57.60 -6.07
C ALA J 46 -5.87 58.40 -6.64
N TYR J 47 -5.57 59.49 -7.33
CA TYR J 47 -6.61 60.26 -8.03
C TYR J 47 -6.08 61.10 -9.18
N SER J 48 -6.95 61.36 -10.15
CA SER J 48 -6.63 62.28 -11.22
C SER J 48 -6.84 63.72 -10.76
N LEU J 49 -5.90 64.58 -11.11
CA LEU J 49 -6.00 66.01 -10.82
C LEU J 49 -6.52 66.75 -12.05
N PHE J 50 -6.00 66.37 -13.22
CA PHE J 50 -6.28 67.04 -14.48
C PHE J 50 -6.19 66.00 -15.59
N SER J 51 -7.31 65.76 -16.26
CA SER J 51 -7.40 64.73 -17.28
C SER J 51 -7.73 65.33 -18.65
N TYR J 52 -6.84 65.10 -19.59
CA TYR J 52 -6.91 65.67 -20.94
C TYR J 52 -6.76 64.49 -21.90
N ASN J 53 -7.85 64.14 -22.56
CA ASN J 53 -7.85 63.10 -23.58
C ASN J 53 -8.19 63.68 -24.95
N THR J 54 -7.73 63.02 -26.01
CA THR J 54 -8.14 63.34 -27.37
C THR J 54 -8.74 62.10 -28.01
N GLN J 55 -9.26 62.23 -29.22
CA GLN J 55 -9.94 61.14 -29.92
C GLN J 55 -9.01 59.94 -30.14
N GLY J 56 -9.37 58.80 -29.57
CA GLY J 56 -8.57 57.60 -29.67
C GLY J 56 -7.27 57.63 -28.86
N ARG J 57 -7.15 58.60 -27.96
CA ARG J 57 -5.92 58.75 -27.18
C ARG J 57 -6.21 58.97 -25.69
N ASP J 58 -6.07 57.89 -24.93
CA ASP J 58 -6.14 57.96 -23.48
C ASP J 58 -4.86 58.58 -22.92
N ASN J 59 -4.96 59.26 -21.78
CA ASN J 59 -3.82 59.82 -21.07
C ASN J 59 -2.87 60.65 -21.95
N GLU J 60 -3.46 61.48 -22.82
CA GLU J 60 -2.70 62.36 -23.70
C GLU J 60 -1.95 63.43 -22.90
N LEU J 61 -2.62 63.97 -21.89
CA LEU J 61 -2.01 64.87 -20.91
C LEU J 61 -2.77 64.66 -19.61
N LEU J 62 -2.09 64.06 -18.64
CA LEU J 62 -2.74 63.70 -17.38
C LEU J 62 -1.83 63.97 -16.19
N VAL J 63 -2.36 64.71 -15.21
CA VAL J 63 -1.68 64.92 -13.94
C VAL J 63 -2.37 64.04 -12.92
N TYR J 64 -1.63 63.06 -12.41
CA TYR J 64 -2.20 61.98 -11.61
C TYR J 64 -1.43 61.90 -10.29
N LYS J 65 -2.17 61.90 -9.18
CA LYS J 65 -1.55 61.76 -7.86
C LYS J 65 -1.60 60.32 -7.39
N GLU J 66 -0.45 59.65 -7.47
CA GLU J 66 -0.27 58.24 -7.14
C GLU J 66 -0.56 57.91 -5.68
N ARG J 67 0.00 58.74 -4.80
CA ARG J 67 0.00 58.57 -3.35
C ARG J 67 0.61 59.84 -2.77
N VAL J 68 0.52 60.02 -1.45
CA VAL J 68 1.14 61.17 -0.80
C VAL J 68 2.60 61.32 -1.26
N GLY J 69 3.00 62.56 -1.55
CA GLY J 69 4.37 62.88 -1.90
C GLY J 69 4.81 62.50 -3.30
N GLU J 70 3.87 62.09 -4.14
CA GLU J 70 4.22 61.53 -5.45
C GLU J 70 3.31 62.03 -6.57
N TYR J 71 3.90 62.73 -7.54
CA TYR J 71 3.16 63.31 -8.64
C TYR J 71 3.58 62.71 -9.98
N SER J 72 2.60 62.35 -10.78
CA SER J 72 2.86 61.81 -12.11
C SER J 72 2.29 62.72 -13.19
N LEU J 73 3.03 62.85 -14.28
CA LEU J 73 2.52 63.47 -15.49
C LEU J 73 2.59 62.46 -16.61
N TYR J 74 1.50 62.32 -17.35
CA TYR J 74 1.45 61.50 -18.55
C TYR J 74 1.43 62.41 -19.78
N ILE J 75 2.32 62.14 -20.73
CA ILE J 75 2.27 62.76 -22.05
C ILE J 75 2.18 61.64 -23.07
N GLY J 76 1.14 61.68 -23.89
CA GLY J 76 0.89 60.66 -24.89
C GLY J 76 1.02 59.24 -24.36
N ARG J 77 0.42 58.99 -23.20
CA ARG J 77 0.38 57.67 -22.55
C ARG J 77 1.65 57.27 -21.81
N HIS J 78 2.75 57.97 -22.08
CA HIS J 78 4.00 57.76 -21.37
C HIS J 78 3.95 58.54 -20.06
N LYS J 79 4.62 58.05 -19.03
CA LYS J 79 4.57 58.71 -17.72
C LYS J 79 5.93 59.03 -17.13
N VAL J 80 5.98 60.13 -16.38
CA VAL J 80 7.08 60.39 -15.47
C VAL J 80 6.52 60.62 -14.07
N THR J 81 7.34 60.38 -13.05
CA THR J 81 6.91 60.56 -11.66
C THR J 81 8.00 61.25 -10.87
N SER J 82 7.59 62.20 -10.03
CA SER J 82 8.53 62.89 -9.16
C SER J 82 8.01 62.98 -7.73
N LYS J 83 8.95 62.94 -6.79
CA LYS J 83 8.63 62.85 -5.37
C LYS J 83 8.88 64.15 -4.63
N VAL J 84 8.12 64.36 -3.56
CA VAL J 84 8.26 65.55 -2.73
C VAL J 84 7.87 65.24 -1.29
N ILE J 85 8.50 65.96 -0.35
CA ILE J 85 8.10 65.94 1.05
C ILE J 85 6.87 66.84 1.21
N GLU J 86 5.77 66.27 1.67
CA GLU J 86 4.58 67.05 1.98
C GLU J 86 3.87 66.53 3.22
N LYS J 87 3.21 67.45 3.93
CA LYS J 87 2.32 67.09 5.03
C LYS J 87 1.04 66.49 4.45
N PHE J 88 0.34 65.71 5.26
CA PHE J 88 -0.95 65.17 4.86
C PHE J 88 -1.94 65.16 6.02
N PRO J 89 -3.16 65.66 5.79
CA PRO J 89 -3.51 66.36 4.55
C PRO J 89 -3.10 67.84 4.60
N ALA J 90 -2.97 68.45 3.42
CA ALA J 90 -2.59 69.85 3.33
C ALA J 90 -2.97 70.41 1.97
N PRO J 91 -3.35 71.69 1.94
CA PRO J 91 -3.54 72.40 0.66
C PRO J 91 -2.21 72.41 -0.09
N VAL J 92 -2.28 72.39 -1.41
CA VAL J 92 -1.08 72.34 -2.23
C VAL J 92 -1.26 73.21 -3.46
N HIS J 93 -0.19 73.90 -3.85
CA HIS J 93 -0.15 74.56 -5.14
C HIS J 93 0.74 73.75 -6.07
N ILE J 94 0.24 73.45 -7.26
CA ILE J 94 0.94 72.61 -8.24
C ILE J 94 1.09 73.35 -9.56
N CYS J 95 2.31 73.37 -10.08
CA CYS J 95 2.58 73.73 -11.47
C CYS J 95 3.30 72.58 -12.14
N VAL J 96 2.92 72.30 -13.38
CA VAL J 96 3.68 71.34 -14.16
C VAL J 96 3.86 71.89 -15.58
N SER J 97 5.08 71.79 -16.09
CA SER J 97 5.36 72.21 -17.44
C SER J 97 6.02 71.06 -18.18
N TRP J 98 5.90 71.10 -19.51
CA TRP J 98 6.54 70.11 -20.37
C TRP J 98 6.93 70.76 -21.70
N GLU J 99 8.12 70.43 -22.16
CA GLU J 99 8.72 71.02 -23.34
C GLU J 99 9.07 69.90 -24.31
N SER J 100 8.48 69.95 -25.50
CA SER J 100 8.69 68.91 -26.51
C SER J 100 10.14 68.76 -26.98
N SER J 101 10.80 69.89 -27.26
CA SER J 101 12.15 69.88 -27.82
C SER J 101 13.15 69.12 -26.95
N SER J 102 12.96 69.19 -25.64
CA SER J 102 13.83 68.52 -24.68
C SER J 102 13.18 67.30 -24.05
N GLY J 103 11.85 67.27 -24.03
CA GLY J 103 11.09 66.25 -23.33
C GLY J 103 10.95 66.51 -21.84
N ILE J 104 11.58 67.57 -21.34
CA ILE J 104 11.66 67.81 -19.89
C ILE J 104 10.32 68.20 -19.28
N ALA J 105 9.97 67.50 -18.21
CA ALA J 105 8.78 67.81 -17.40
C ALA J 105 9.23 68.36 -16.04
N GLU J 106 8.65 69.49 -15.65
CA GLU J 106 8.98 70.17 -14.39
C GLU J 106 7.75 70.25 -13.50
N PHE J 107 7.77 69.55 -12.37
CA PHE J 107 6.76 69.76 -11.33
C PHE J 107 7.27 70.81 -10.35
N TRP J 108 6.38 71.69 -9.91
CA TRP J 108 6.65 72.64 -8.85
C TRP J 108 5.56 72.50 -7.80
N ILE J 109 5.99 72.21 -6.56
CA ILE J 109 5.04 72.00 -5.46
C ILE J 109 5.26 73.10 -4.44
N ASN J 110 4.23 73.91 -4.25
CA ASN J 110 4.32 75.10 -3.38
C ASN J 110 5.54 75.96 -3.71
N GLY J 111 5.76 76.18 -5.00
CA GLY J 111 6.87 76.99 -5.47
C GLY J 111 8.23 76.32 -5.38
N THR J 112 8.23 75.02 -5.10
CA THR J 112 9.47 74.25 -4.95
C THR J 112 9.64 73.32 -6.15
N PRO J 113 10.78 73.40 -6.83
CA PRO J 113 11.05 72.55 -8.00
C PRO J 113 11.33 71.12 -7.59
N LEU J 114 10.61 70.18 -8.20
CA LEU J 114 10.92 68.76 -8.02
C LEU J 114 12.01 68.39 -9.01
N VAL J 115 12.56 67.18 -8.87
CA VAL J 115 13.56 66.68 -9.81
C VAL J 115 12.95 66.63 -11.20
N LYS J 116 13.68 67.17 -12.19
CA LYS J 116 13.27 67.10 -13.58
C LYS J 116 13.27 65.67 -14.09
N LYS J 117 12.29 65.37 -14.93
CA LYS J 117 12.23 64.10 -15.64
C LYS J 117 11.91 64.42 -17.10
N GLY J 118 12.03 63.42 -17.97
CA GLY J 118 11.84 63.63 -19.40
C GLY J 118 11.08 62.49 -20.03
N LEU J 119 10.24 62.84 -21.00
CA LEU J 119 9.45 61.87 -21.74
C LEU J 119 9.01 62.51 -23.04
N ARG J 120 8.81 61.67 -24.06
CA ARG J 120 8.19 62.07 -25.33
C ARG J 120 8.86 63.26 -26.02
N GLN J 121 10.18 63.30 -26.01
CA GLN J 121 10.93 64.30 -26.77
C GLN J 121 10.52 64.25 -28.25
N GLY J 122 10.19 65.42 -28.81
CA GLY J 122 9.78 65.53 -30.19
C GLY J 122 8.29 65.34 -30.44
N TYR J 123 7.58 64.89 -29.41
CA TYR J 123 6.15 64.61 -29.50
C TYR J 123 5.33 65.90 -29.49
N PHE J 124 4.13 65.85 -30.07
CA PHE J 124 3.16 66.93 -29.94
C PHE J 124 1.92 66.37 -29.27
N VAL J 125 1.53 66.92 -28.12
CA VAL J 125 0.26 66.52 -27.52
C VAL J 125 -0.89 67.02 -28.39
N GLU J 126 -1.76 66.08 -28.75
CA GLU J 126 -2.83 66.34 -29.70
C GLU J 126 -3.83 67.39 -29.20
N ALA J 127 -4.39 68.13 -30.16
CA ALA J 127 -5.38 69.15 -29.89
C ALA J 127 -6.79 68.57 -29.91
N GLN J 128 -7.80 69.44 -29.92
CA GLN J 128 -9.20 69.07 -29.76
C GLN J 128 -9.43 68.19 -28.52
N PRO J 129 -9.03 68.67 -27.34
CA PRO J 129 -9.14 67.86 -26.13
C PRO J 129 -10.52 67.88 -25.49
N LYS J 130 -10.79 66.84 -24.72
CA LYS J 130 -11.79 66.90 -23.67
C LYS J 130 -11.02 66.98 -22.36
N ILE J 131 -11.28 68.04 -21.60
CA ILE J 131 -10.53 68.31 -20.39
C ILE J 131 -11.47 68.20 -19.19
N VAL J 132 -11.13 67.31 -18.27
CA VAL J 132 -12.01 66.98 -17.16
C VAL J 132 -11.35 67.16 -15.80
N LEU J 133 -12.10 67.75 -14.87
CA LEU J 133 -11.72 67.85 -13.47
C LEU J 133 -12.68 66.97 -12.69
N GLY J 134 -12.17 66.29 -11.66
CA GLY J 134 -13.01 65.49 -10.79
C GLY J 134 -13.11 64.01 -11.14
N GLN J 135 -12.78 63.67 -12.38
CA GLN J 135 -12.75 62.28 -12.84
C GLN J 135 -11.55 62.07 -13.77
N GLU J 136 -11.10 60.82 -13.87
CA GLU J 136 -10.08 60.43 -14.84
C GLU J 136 -10.78 59.82 -16.06
N GLN J 137 -10.44 60.32 -17.26
CA GLN J 137 -11.02 59.79 -18.50
C GLN J 137 -10.28 58.57 -19.01
N ASP J 138 -11.04 57.58 -19.47
CA ASP J 138 -10.47 56.45 -20.22
C ASP J 138 -10.98 56.43 -21.67
N SER J 139 -11.94 57.30 -21.98
CA SER J 139 -12.37 57.55 -23.35
C SER J 139 -12.31 59.05 -23.66
N TYR J 140 -12.86 59.42 -24.82
CA TYR J 140 -12.93 60.82 -25.23
C TYR J 140 -14.10 61.50 -24.53
N GLY J 141 -13.84 62.01 -23.32
CA GLY J 141 -14.84 62.71 -22.54
C GLY J 141 -15.60 61.89 -21.52
N GLY J 142 -15.21 60.63 -21.33
CA GLY J 142 -15.94 59.74 -20.43
C GLY J 142 -15.16 58.55 -19.88
N LYS J 143 -15.89 57.46 -19.64
CA LYS J 143 -15.33 56.22 -19.08
C LYS J 143 -14.56 56.47 -17.78
N PHE J 144 -15.29 56.97 -16.80
CA PHE J 144 -14.71 57.37 -15.51
C PHE J 144 -14.49 56.16 -14.61
N ASP J 145 -13.74 56.38 -13.53
CA ASP J 145 -13.39 55.35 -12.57
C ASP J 145 -13.47 55.94 -11.17
N ARG J 146 -14.41 55.42 -10.37
CA ARG J 146 -14.67 55.92 -9.01
C ARG J 146 -13.40 55.93 -8.16
N SER J 147 -12.55 54.92 -8.35
CA SER J 147 -11.32 54.77 -7.58
C SER J 147 -10.25 55.79 -7.96
N GLN J 148 -10.52 56.58 -8.99
CA GLN J 148 -9.61 57.63 -9.45
C GLN J 148 -10.26 59.01 -9.35
N SER J 149 -11.47 59.06 -8.82
CA SER J 149 -12.19 60.33 -8.71
C SER J 149 -11.49 61.28 -7.73
N PHE J 150 -11.56 62.58 -8.02
CA PHE J 150 -11.03 63.58 -7.12
C PHE J 150 -12.12 64.08 -6.16
N VAL J 151 -11.86 63.97 -4.87
CA VAL J 151 -12.76 64.47 -3.83
C VAL J 151 -12.03 65.57 -3.09
N GLY J 152 -12.61 66.76 -3.06
CA GLY J 152 -11.96 67.92 -2.47
C GLY J 152 -12.16 69.18 -3.27
N GLU J 153 -11.21 70.10 -3.16
CA GLU J 153 -11.37 71.43 -3.72
C GLU J 153 -10.24 71.78 -4.69
N ILE J 154 -10.60 72.38 -5.83
CA ILE J 154 -9.63 72.88 -6.79
C ILE J 154 -9.93 74.33 -7.12
N GLY J 155 -8.89 75.15 -7.10
CA GLY J 155 -9.00 76.55 -7.47
C GLY J 155 -7.79 77.03 -8.23
N ASP J 156 -7.84 78.29 -8.67
CA ASP J 156 -6.71 78.97 -9.30
C ASP J 156 -6.04 78.16 -10.42
N LEU J 157 -6.86 77.65 -11.34
CA LEU J 157 -6.37 76.82 -12.43
C LEU J 157 -6.05 77.68 -13.65
N TYR J 158 -4.80 77.63 -14.07
CA TYR J 158 -4.33 78.38 -15.23
C TYR J 158 -3.50 77.46 -16.11
N MET J 159 -3.60 77.65 -17.42
CA MET J 159 -2.82 76.87 -18.37
C MET J 159 -2.32 77.75 -19.51
N TRP J 160 -1.01 77.64 -19.77
CA TRP J 160 -0.33 78.44 -20.80
C TRP J 160 0.27 77.50 -21.84
N ASP J 161 0.40 78.01 -23.06
CA ASP J 161 1.03 77.27 -24.17
C ASP J 161 2.54 77.47 -24.23
N SER J 162 3.13 77.83 -23.10
CA SER J 162 4.59 77.98 -23.01
C SER J 162 5.14 77.39 -21.71
N VAL J 163 6.46 77.25 -21.65
CA VAL J 163 7.12 76.84 -20.43
C VAL J 163 7.42 78.09 -19.61
N LEU J 164 6.73 78.20 -18.48
CA LEU J 164 6.91 79.33 -17.57
C LEU J 164 8.26 79.25 -16.85
N PRO J 165 9.02 80.34 -16.86
CA PRO J 165 10.26 80.41 -16.08
C PRO J 165 9.97 80.44 -14.57
N PRO J 166 10.93 80.07 -13.72
CA PRO J 166 10.71 79.99 -12.28
C PRO J 166 9.95 81.20 -11.68
N GLU J 167 10.30 82.42 -12.09
CA GLU J 167 9.66 83.64 -11.58
C GLU J 167 8.15 83.66 -11.80
N ASN J 168 7.72 83.25 -12.99
CA ASN J 168 6.31 83.20 -13.32
C ASN J 168 5.60 82.07 -12.58
N ILE J 169 6.34 80.99 -12.28
CA ILE J 169 5.83 79.90 -11.44
C ILE J 169 5.55 80.42 -10.03
N LEU J 170 6.50 81.16 -9.48
CA LEU J 170 6.36 81.76 -8.15
C LEU J 170 5.21 82.76 -8.10
N SER J 171 5.09 83.56 -9.15
CA SER J 171 4.00 84.55 -9.26
C SER J 171 2.65 83.87 -9.18
N ALA J 172 2.50 82.74 -9.90
CA ALA J 172 1.29 81.94 -9.83
C ALA J 172 1.08 81.39 -8.42
N TYR J 173 2.16 80.87 -7.82
CA TYR J 173 2.10 80.37 -6.45
C TYR J 173 1.65 81.46 -5.46
N GLN J 174 2.20 82.67 -5.63
CA GLN J 174 1.93 83.77 -4.72
C GLN J 174 0.55 84.42 -4.95
N GLY J 175 -0.10 84.06 -6.04
CA GLY J 175 -1.46 84.51 -6.30
C GLY J 175 -1.59 85.64 -7.31
N THR J 176 -0.50 85.92 -8.04
CA THR J 176 -0.51 86.91 -9.11
C THR J 176 0.00 86.30 -10.41
N PRO J 177 -0.71 85.31 -10.95
CA PRO J 177 -0.26 84.63 -12.18
C PRO J 177 -0.32 85.54 -13.40
N LEU J 178 0.51 85.25 -14.38
CA LEU J 178 0.49 85.97 -15.65
C LEU J 178 -0.74 85.53 -16.45
N PRO J 179 -1.28 86.43 -17.28
CA PRO J 179 -2.40 86.07 -18.18
C PRO J 179 -2.14 84.73 -18.88
N ALA J 180 -3.13 83.84 -18.83
CA ALA J 180 -3.01 82.50 -19.41
C ALA J 180 -3.90 82.35 -20.65
N ASN J 181 -3.39 81.67 -21.67
CA ASN J 181 -4.06 81.63 -22.98
C ASN J 181 -4.73 80.30 -23.37
N ILE J 182 -4.60 79.26 -22.56
CA ILE J 182 -5.33 78.02 -22.80
C ILE J 182 -6.52 77.89 -21.83
N LEU J 183 -6.23 78.04 -20.55
CA LEU J 183 -7.24 78.01 -19.50
C LEU J 183 -6.96 79.14 -18.53
N ASP J 184 -8.00 79.90 -18.20
CA ASP J 184 -7.85 81.00 -17.26
C ASP J 184 -9.00 81.03 -16.26
N TRP J 185 -8.62 80.90 -14.99
CA TRP J 185 -9.55 80.91 -13.86
C TRP J 185 -10.38 82.19 -13.78
N GLN J 186 -9.81 83.29 -14.28
CA GLN J 186 -10.48 84.59 -14.29
C GLN J 186 -11.45 84.75 -15.48
N ALA J 187 -11.41 83.81 -16.41
CA ALA J 187 -12.32 83.79 -17.55
C ALA J 187 -12.49 82.36 -18.03
N LEU J 188 -13.07 81.54 -17.17
CA LEU J 188 -13.16 80.11 -17.41
C LEU J 188 -14.48 79.71 -18.05
N ASN J 189 -14.39 78.93 -19.12
CA ASN J 189 -15.56 78.32 -19.72
C ASN J 189 -15.63 76.87 -19.29
N TYR J 190 -16.70 76.50 -18.59
CA TYR J 190 -16.79 75.19 -17.97
C TYR J 190 -18.21 74.65 -17.94
N GLU J 191 -18.31 73.34 -17.70
CA GLU J 191 -19.60 72.67 -17.55
C GLU J 191 -19.54 71.81 -16.30
N ILE J 192 -20.39 72.13 -15.33
CA ILE J 192 -20.56 71.27 -14.16
C ILE J 192 -21.51 70.13 -14.54
N ARG J 193 -21.11 68.91 -14.20
CA ARG J 193 -21.94 67.73 -14.41
C ARG J 193 -22.03 66.95 -13.10
N GLY J 194 -23.25 66.76 -12.60
CA GLY J 194 -23.46 66.13 -11.31
C GLY J 194 -23.17 67.05 -10.13
N TYR J 195 -22.62 66.47 -9.06
CA TYR J 195 -22.46 67.16 -7.78
C TYR J 195 -21.11 67.86 -7.67
N VAL J 196 -21.08 69.12 -8.14
CA VAL J 196 -19.93 70.00 -7.97
C VAL J 196 -20.47 71.36 -7.52
N ILE J 197 -19.91 71.89 -6.44
CA ILE J 197 -20.38 73.15 -5.85
C ILE J 197 -19.28 74.22 -5.89
N ILE J 198 -19.64 75.42 -6.31
CA ILE J 198 -18.70 76.54 -6.30
C ILE J 198 -18.81 77.26 -4.96
N LYS J 199 -17.68 77.37 -4.26
CA LYS J 199 -17.63 78.03 -2.96
C LYS J 199 -16.45 79.00 -2.91
N PRO J 200 -16.51 79.99 -2.02
CA PRO J 200 -15.33 80.81 -1.72
C PRO J 200 -14.14 79.94 -1.35
N LEU J 201 -12.95 80.37 -1.74
CA LEU J 201 -11.71 79.73 -1.33
C LEU J 201 -11.37 80.26 0.06
N VAL J 202 -11.36 79.38 1.06
CA VAL J 202 -11.11 79.78 2.45
C VAL J 202 -9.82 79.22 3.06
N TRP J 203 -9.11 78.40 2.29
CA TRP J 203 -7.93 77.71 2.82
C TRP J 203 -6.57 78.26 2.35
N VAL J 204 -6.58 79.30 1.53
CA VAL J 204 -5.33 79.97 1.16
C VAL J 204 -4.91 80.98 2.25
N HIS K 1 14.54 -74.31 -53.42
CA HIS K 1 13.10 -74.19 -53.03
C HIS K 1 12.66 -75.39 -52.19
N THR K 2 11.97 -75.10 -51.09
CA THR K 2 11.56 -76.12 -50.13
C THR K 2 10.04 -76.12 -49.89
N ASP K 3 9.49 -77.30 -49.63
CA ASP K 3 8.10 -77.45 -49.20
C ASP K 3 8.06 -77.36 -47.68
N LEU K 4 7.36 -76.36 -47.17
CA LEU K 4 7.29 -76.10 -45.74
C LEU K 4 5.91 -76.42 -45.15
N SER K 5 5.13 -77.19 -45.89
CA SER K 5 3.81 -77.66 -45.46
C SER K 5 3.88 -78.27 -44.07
N GLY K 6 3.02 -77.80 -43.17
CA GLY K 6 2.97 -78.29 -41.79
C GLY K 6 4.13 -77.85 -40.91
N LYS K 7 4.90 -76.87 -41.38
CA LYS K 7 6.07 -76.39 -40.66
C LYS K 7 6.04 -74.87 -40.50
N VAL K 8 6.75 -74.38 -39.48
CA VAL K 8 6.86 -72.95 -39.21
C VAL K 8 8.30 -72.51 -39.07
N PHE K 9 8.57 -71.23 -39.33
CA PHE K 9 9.82 -70.61 -38.91
C PHE K 9 9.64 -70.22 -37.46
N VAL K 10 10.61 -70.59 -36.62
CA VAL K 10 10.61 -70.17 -35.23
C VAL K 10 11.74 -69.18 -35.00
N PHE K 11 11.36 -67.95 -34.64
CA PHE K 11 12.29 -66.91 -34.23
C PHE K 11 12.29 -66.89 -32.70
N PRO K 12 13.14 -67.73 -32.11
CA PRO K 12 13.00 -68.11 -30.70
C PRO K 12 13.46 -67.07 -29.69
N ARG K 13 14.09 -65.99 -30.15
CA ARG K 13 14.62 -64.95 -29.26
C ARG K 13 14.62 -63.56 -29.89
N GLU K 14 14.66 -62.55 -29.03
CA GLU K 14 14.82 -61.16 -29.45
C GLU K 14 16.27 -60.92 -29.86
N SER K 15 16.44 -60.32 -31.03
CA SER K 15 17.78 -60.02 -31.55
C SER K 15 17.74 -58.89 -32.58
N VAL K 16 18.93 -58.50 -33.05
CA VAL K 16 19.05 -57.54 -34.14
C VAL K 16 19.58 -58.25 -35.40
N THR K 17 19.72 -59.57 -35.32
CA THR K 17 20.40 -60.35 -36.35
C THR K 17 19.58 -61.51 -36.96
N ASP K 18 18.78 -62.19 -36.13
CA ASP K 18 17.99 -63.33 -36.61
C ASP K 18 16.92 -62.88 -37.60
N HIS K 19 16.98 -63.45 -38.80
CA HIS K 19 15.99 -63.15 -39.86
C HIS K 19 16.02 -64.20 -40.96
N VAL K 20 14.93 -64.25 -41.72
CA VAL K 20 14.83 -65.12 -42.89
C VAL K 20 14.61 -64.25 -44.13
N ASN K 21 15.54 -64.32 -45.07
CA ASN K 21 15.39 -63.67 -46.36
C ASN K 21 14.47 -64.47 -47.27
N LEU K 22 13.55 -63.77 -47.94
CA LEU K 22 12.63 -64.40 -48.88
C LEU K 22 12.94 -63.96 -50.31
N ILE K 23 13.07 -64.93 -51.21
CA ILE K 23 13.48 -64.67 -52.58
C ILE K 23 12.35 -64.93 -53.58
N THR K 24 12.05 -63.91 -54.37
CA THR K 24 11.04 -63.99 -55.43
C THR K 24 11.58 -63.41 -56.73
N PRO K 25 11.27 -64.05 -57.87
CA PRO K 25 11.65 -63.52 -59.19
C PRO K 25 10.59 -62.54 -59.73
N LEU K 26 10.28 -61.51 -58.95
CA LEU K 26 9.20 -60.57 -59.28
C LEU K 26 9.46 -59.76 -60.55
N GLU K 27 10.55 -58.99 -60.55
CA GLU K 27 10.99 -58.17 -61.70
C GLU K 27 10.04 -57.00 -62.05
N LYS K 28 8.74 -57.25 -61.98
CA LYS K 28 7.72 -56.26 -62.35
C LYS K 28 7.19 -55.52 -61.11
N PRO K 29 7.13 -54.19 -61.19
CA PRO K 29 6.50 -53.38 -60.13
C PRO K 29 5.05 -53.81 -59.87
N LEU K 30 4.67 -53.87 -58.60
CA LEU K 30 3.38 -54.43 -58.19
C LEU K 30 2.24 -53.42 -58.20
N GLN K 31 1.17 -53.78 -58.89
CA GLN K 31 -0.05 -52.97 -58.94
C GLN K 31 -1.06 -53.52 -57.94
N ASN K 32 -1.21 -54.84 -57.94
CA ASN K 32 -2.10 -55.53 -57.00
C ASN K 32 -1.34 -56.63 -56.28
N PHE K 33 -1.70 -56.88 -55.02
CA PHE K 33 -1.16 -58.03 -54.28
C PHE K 33 -2.07 -58.47 -53.14
N THR K 34 -1.92 -59.73 -52.75
CA THR K 34 -2.52 -60.25 -51.53
C THR K 34 -1.44 -61.06 -50.82
N LEU K 35 -1.35 -60.86 -49.50
CA LEU K 35 -0.39 -61.59 -48.69
C LEU K 35 -1.09 -62.23 -47.51
N CYS K 36 -0.90 -63.54 -47.35
CA CYS K 36 -1.51 -64.30 -46.27
C CYS K 36 -0.42 -65.04 -45.52
N PHE K 37 -0.58 -65.15 -44.21
CA PHE K 37 0.32 -65.94 -43.36
C PHE K 37 -0.27 -66.16 -41.98
N ARG K 38 0.32 -67.10 -41.25
CA ARG K 38 -0.08 -67.45 -39.90
C ARG K 38 1.03 -67.06 -38.95
N ALA K 39 0.67 -66.44 -37.82
CA ALA K 39 1.66 -66.02 -36.82
C ALA K 39 1.26 -66.31 -35.39
N TYR K 40 2.26 -66.56 -34.56
CA TYR K 40 2.08 -66.82 -33.14
C TYR K 40 3.21 -66.16 -32.35
N SER K 41 2.88 -65.09 -31.65
CA SER K 41 3.83 -64.33 -30.85
C SER K 41 3.16 -63.86 -29.57
N ASP K 42 3.91 -63.82 -28.48
CA ASP K 42 3.39 -63.21 -27.26
C ASP K 42 4.12 -61.90 -26.92
N LEU K 43 4.63 -61.26 -27.97
CA LEU K 43 5.21 -59.91 -27.86
C LEU K 43 4.09 -58.91 -27.67
N SER K 44 4.28 -58.00 -26.70
CA SER K 44 3.34 -56.92 -26.44
C SER K 44 3.77 -55.66 -27.21
N ARG K 45 5.08 -55.51 -27.37
CA ARG K 45 5.66 -54.36 -28.06
C ARG K 45 5.41 -54.44 -29.56
N ALA K 46 5.74 -53.38 -30.27
CA ALA K 46 5.62 -53.34 -31.73
C ALA K 46 6.60 -54.28 -32.41
N TYR K 47 6.19 -54.85 -33.54
CA TYR K 47 7.06 -55.69 -34.36
C TYR K 47 6.64 -55.75 -35.83
N SER K 48 7.63 -55.97 -36.70
CA SER K 48 7.40 -56.15 -38.13
C SER K 48 7.07 -57.61 -38.42
N LEU K 49 6.02 -57.83 -39.22
CA LEU K 49 5.63 -59.18 -39.62
C LEU K 49 6.17 -59.55 -41.00
N PHE K 50 6.18 -58.57 -41.91
CA PHE K 50 6.61 -58.78 -43.29
C PHE K 50 7.26 -57.50 -43.80
N SER K 51 8.59 -57.55 -43.98
CA SER K 51 9.35 -56.38 -44.39
C SER K 51 9.83 -56.49 -45.84
N TYR K 52 9.52 -55.45 -46.62
CA TYR K 52 9.75 -55.45 -48.06
C TYR K 52 10.28 -54.06 -48.44
N ASN K 53 11.58 -54.00 -48.73
CA ASN K 53 12.25 -52.76 -49.11
C ASN K 53 12.86 -52.89 -50.50
N THR K 54 12.86 -51.78 -51.25
CA THR K 54 13.56 -51.73 -52.53
C THR K 54 14.70 -50.70 -52.48
N GLN K 55 15.55 -50.70 -53.50
CA GLN K 55 16.72 -49.82 -53.54
C GLN K 55 16.36 -48.35 -53.35
N GLY K 56 16.91 -47.76 -52.28
CA GLY K 56 16.65 -46.38 -51.93
C GLY K 56 15.23 -46.11 -51.46
N ARG K 57 14.55 -47.16 -50.98
CA ARG K 57 13.16 -47.05 -50.55
C ARG K 57 12.88 -47.88 -49.30
N ASP K 58 12.74 -47.19 -48.18
CA ASP K 58 12.39 -47.81 -46.92
C ASP K 58 10.88 -48.02 -46.86
N ASN K 59 10.44 -49.08 -46.17
CA ASN K 59 9.02 -49.38 -45.98
C ASN K 59 8.19 -49.31 -47.28
N GLU K 60 8.69 -49.95 -48.33
CA GLU K 60 8.00 -50.00 -49.62
C GLU K 60 6.70 -50.80 -49.51
N LEU K 61 6.76 -51.89 -48.75
CA LEU K 61 5.61 -52.72 -48.43
C LEU K 61 5.90 -53.35 -47.07
N LEU K 62 5.14 -52.98 -46.05
CA LEU K 62 5.43 -53.45 -44.71
C LEU K 62 4.18 -53.75 -43.91
N VAL K 63 4.10 -54.98 -43.41
CA VAL K 63 3.05 -55.37 -42.48
C VAL K 63 3.64 -55.23 -41.07
N TYR K 64 3.05 -54.32 -40.31
CA TYR K 64 3.59 -53.93 -39.01
C TYR K 64 2.50 -54.00 -37.95
N LYS K 65 2.82 -54.65 -36.84
CA LYS K 65 1.90 -54.76 -35.72
C LYS K 65 2.36 -53.80 -34.62
N GLU K 66 1.59 -52.73 -34.44
CA GLU K 66 1.96 -51.65 -33.50
C GLU K 66 1.70 -52.05 -32.05
N ARG K 67 0.59 -52.74 -31.83
CA ARG K 67 0.15 -53.20 -30.52
C ARG K 67 -0.97 -54.22 -30.76
N VAL K 68 -1.47 -54.81 -29.68
CA VAL K 68 -2.59 -55.75 -29.76
C VAL K 68 -3.80 -55.09 -30.41
N GLY K 69 -4.50 -55.84 -31.25
CA GLY K 69 -5.70 -55.35 -31.91
C GLY K 69 -5.50 -54.37 -33.06
N GLU K 70 -4.24 -54.07 -33.41
CA GLU K 70 -3.96 -53.07 -34.43
C GLU K 70 -2.98 -53.56 -35.49
N TYR K 71 -3.39 -53.47 -36.74
CA TYR K 71 -2.54 -53.92 -37.85
C TYR K 71 -2.30 -52.79 -38.83
N SER K 72 -1.04 -52.56 -39.16
CA SER K 72 -0.66 -51.52 -40.09
C SER K 72 -0.06 -52.08 -41.37
N LEU K 73 -0.46 -51.49 -42.49
CA LEU K 73 0.18 -51.74 -43.78
C LEU K 73 0.86 -50.47 -44.26
N TYR K 74 2.12 -50.58 -44.64
CA TYR K 74 2.85 -49.49 -45.28
C TYR K 74 2.99 -49.76 -46.76
N ILE K 75 2.61 -48.78 -47.57
CA ILE K 75 2.89 -48.79 -49.00
C ILE K 75 3.68 -47.53 -49.32
N GLY K 76 4.89 -47.71 -49.83
CA GLY K 76 5.76 -46.60 -50.19
C GLY K 76 5.88 -45.53 -49.12
N ARG K 77 6.11 -45.98 -47.87
CA ARG K 77 6.28 -45.10 -46.70
C ARG K 77 4.97 -44.54 -46.10
N HIS K 78 3.90 -44.53 -46.89
CA HIS K 78 2.58 -44.14 -46.40
C HIS K 78 1.99 -45.31 -45.61
N LYS K 79 1.08 -45.02 -44.68
CA LYS K 79 0.60 -46.03 -43.74
C LYS K 79 -0.90 -45.99 -43.48
N VAL K 80 -1.51 -47.17 -43.39
CA VAL K 80 -2.88 -47.32 -42.90
C VAL K 80 -2.92 -48.32 -41.75
N THR K 81 -3.84 -48.09 -40.81
CA THR K 81 -4.02 -48.97 -39.66
C THR K 81 -5.49 -49.34 -39.47
N SER K 82 -5.74 -50.61 -39.14
CA SER K 82 -7.08 -51.09 -38.87
C SER K 82 -7.13 -51.91 -37.58
N LYS K 83 -8.27 -51.84 -36.89
CA LYS K 83 -8.41 -52.44 -35.57
C LYS K 83 -9.28 -53.68 -35.57
N VAL K 84 -9.03 -54.59 -34.64
CA VAL K 84 -9.82 -55.79 -34.46
C VAL K 84 -9.85 -56.21 -32.98
N ILE K 85 -10.91 -56.90 -32.58
CA ILE K 85 -10.94 -57.55 -31.29
C ILE K 85 -10.17 -58.86 -31.40
N GLU K 86 -9.11 -58.99 -30.60
CA GLU K 86 -8.41 -60.27 -30.50
C GLU K 86 -7.98 -60.58 -29.07
N LYS K 87 -7.92 -61.87 -28.76
CA LYS K 87 -7.37 -62.36 -27.50
C LYS K 87 -5.84 -62.24 -27.56
N PHE K 88 -5.22 -62.08 -26.39
CA PHE K 88 -3.77 -62.04 -26.30
C PHE K 88 -3.29 -62.86 -25.10
N PRO K 89 -2.34 -63.76 -25.32
CA PRO K 89 -1.81 -64.06 -26.65
C PRO K 89 -2.67 -65.09 -27.38
N ALA K 90 -2.66 -65.04 -28.72
CA ALA K 90 -3.40 -65.98 -29.54
C ALA K 90 -2.75 -66.15 -30.91
N PRO K 91 -2.78 -67.37 -31.46
CA PRO K 91 -2.41 -67.60 -32.85
C PRO K 91 -3.34 -66.82 -33.76
N VAL K 92 -2.82 -66.36 -34.89
CA VAL K 92 -3.59 -65.53 -35.81
C VAL K 92 -3.25 -65.84 -37.25
N HIS K 93 -4.28 -65.82 -38.10
CA HIS K 93 -4.09 -65.85 -39.54
C HIS K 93 -4.40 -64.47 -40.11
N ILE K 94 -3.43 -63.92 -40.85
CA ILE K 94 -3.54 -62.58 -41.41
C ILE K 94 -3.54 -62.64 -42.95
N CYS K 95 -4.47 -61.92 -43.56
CA CYS K 95 -4.45 -61.66 -45.00
C CYS K 95 -4.52 -60.15 -45.20
N VAL K 96 -3.68 -59.64 -46.09
CA VAL K 96 -3.73 -58.23 -46.46
C VAL K 96 -3.58 -58.04 -47.96
N SER K 97 -4.60 -57.41 -48.56
CA SER K 97 -4.56 -57.08 -49.98
C SER K 97 -4.49 -55.57 -50.16
N TRP K 98 -3.90 -55.16 -51.27
CA TRP K 98 -3.84 -53.76 -51.65
C TRP K 98 -4.04 -53.62 -53.16
N GLU K 99 -4.73 -52.56 -53.56
CA GLU K 99 -5.13 -52.33 -54.95
C GLU K 99 -4.70 -50.94 -55.38
N SER K 100 -3.83 -50.87 -56.40
CA SER K 100 -3.31 -49.59 -56.89
C SER K 100 -4.39 -48.67 -57.45
N SER K 101 -5.29 -49.22 -58.27
CA SER K 101 -6.35 -48.44 -58.92
C SER K 101 -7.26 -47.70 -57.93
N SER K 102 -7.54 -48.31 -56.78
CA SER K 102 -8.44 -47.74 -55.79
C SER K 102 -7.72 -47.25 -54.54
N GLY K 103 -6.53 -47.80 -54.28
CA GLY K 103 -5.77 -47.49 -53.08
C GLY K 103 -6.16 -48.33 -51.88
N ILE K 104 -7.23 -49.13 -52.03
CA ILE K 104 -7.86 -49.84 -50.92
C ILE K 104 -6.98 -50.96 -50.34
N ALA K 105 -6.81 -50.92 -49.02
CA ALA K 105 -6.16 -51.98 -48.27
C ALA K 105 -7.19 -52.74 -47.45
N GLU K 106 -7.22 -54.06 -47.64
CA GLU K 106 -8.11 -54.93 -46.88
C GLU K 106 -7.30 -55.80 -45.93
N PHE K 107 -7.67 -55.77 -44.64
CA PHE K 107 -7.10 -56.69 -43.67
C PHE K 107 -8.13 -57.75 -43.31
N TRP K 108 -7.69 -59.00 -43.34
CA TRP K 108 -8.52 -60.12 -42.93
C TRP K 108 -7.83 -60.86 -41.79
N ILE K 109 -8.46 -60.83 -40.61
CA ILE K 109 -7.92 -61.44 -39.41
C ILE K 109 -8.79 -62.64 -39.05
N ASN K 110 -8.20 -63.83 -39.11
CA ASN K 110 -8.93 -65.08 -38.93
C ASN K 110 -10.14 -65.22 -39.84
N GLY K 111 -9.99 -64.73 -41.09
CA GLY K 111 -11.06 -64.77 -42.07
C GLY K 111 -12.14 -63.72 -41.87
N THR K 112 -11.88 -62.76 -40.98
CA THR K 112 -12.83 -61.69 -40.66
C THR K 112 -12.31 -60.38 -41.28
N PRO K 113 -13.12 -59.74 -42.11
CA PRO K 113 -12.71 -58.49 -42.76
C PRO K 113 -12.67 -57.33 -41.76
N LEU K 114 -11.55 -56.61 -41.75
CA LEU K 114 -11.45 -55.37 -40.99
C LEU K 114 -11.93 -54.22 -41.86
N VAL K 115 -12.11 -53.05 -41.25
CA VAL K 115 -12.52 -51.86 -41.99
C VAL K 115 -11.47 -51.57 -43.05
N LYS K 116 -11.93 -51.40 -44.29
CA LYS K 116 -11.06 -51.05 -45.41
C LYS K 116 -10.47 -49.66 -45.20
N LYS K 117 -9.19 -49.51 -45.52
CA LYS K 117 -8.56 -48.19 -45.56
C LYS K 117 -7.92 -47.99 -46.94
N GLY K 118 -7.38 -46.79 -47.18
CA GLY K 118 -6.88 -46.46 -48.50
C GLY K 118 -5.61 -45.64 -48.49
N LEU K 119 -4.69 -45.97 -49.40
CA LEU K 119 -3.40 -45.31 -49.49
C LEU K 119 -2.72 -45.52 -50.85
N ARG K 120 -2.02 -44.48 -51.31
CA ARG K 120 -1.20 -44.53 -52.52
C ARG K 120 -1.94 -45.02 -53.76
N GLN K 121 -3.10 -44.41 -54.02
CA GLN K 121 -3.87 -44.68 -55.23
C GLN K 121 -3.06 -44.28 -56.46
N GLY K 122 -2.93 -45.20 -57.41
CA GLY K 122 -2.18 -44.96 -58.64
C GLY K 122 -0.70 -45.29 -58.54
N TYR K 123 -0.23 -45.54 -57.33
CA TYR K 123 1.18 -45.82 -57.07
C TYR K 123 1.50 -47.29 -57.37
N PHE K 124 2.72 -47.54 -57.83
CA PHE K 124 3.22 -48.90 -58.03
C PHE K 124 4.27 -49.19 -56.97
N VAL K 125 4.14 -50.30 -56.26
CA VAL K 125 5.20 -50.72 -55.35
C VAL K 125 6.37 -51.26 -56.17
N GLU K 126 7.57 -50.79 -55.87
CA GLU K 126 8.75 -51.05 -56.69
C GLU K 126 9.16 -52.53 -56.70
N ALA K 127 9.86 -52.91 -57.78
CA ALA K 127 10.28 -54.29 -57.99
C ALA K 127 11.67 -54.56 -57.40
N GLN K 128 12.15 -55.79 -57.61
CA GLN K 128 13.44 -56.26 -57.10
C GLN K 128 13.63 -56.02 -55.59
N PRO K 129 12.75 -56.58 -54.77
CA PRO K 129 12.79 -56.32 -53.33
C PRO K 129 13.78 -57.20 -52.58
N LYS K 130 14.19 -56.73 -51.40
CA LYS K 130 14.79 -57.59 -50.39
C LYS K 130 13.72 -57.81 -49.33
N ILE K 131 13.26 -59.04 -49.21
CA ILE K 131 12.15 -59.37 -48.32
C ILE K 131 12.65 -60.17 -47.12
N VAL K 132 12.40 -59.65 -45.91
CA VAL K 132 12.78 -60.38 -44.70
C VAL K 132 11.67 -60.53 -43.66
N LEU K 133 11.65 -61.71 -43.04
CA LEU K 133 10.83 -62.02 -41.89
C LEU K 133 11.73 -62.00 -40.66
N GLY K 134 11.21 -61.51 -39.53
CA GLY K 134 11.94 -61.55 -38.28
C GLY K 134 12.54 -60.22 -37.87
N GLN K 135 12.91 -59.41 -38.85
CA GLN K 135 13.44 -58.07 -38.59
C GLN K 135 12.77 -57.05 -39.50
N GLU K 136 12.81 -55.79 -39.07
CA GLU K 136 12.36 -54.67 -39.88
C GLU K 136 13.56 -54.04 -40.58
N GLN K 137 13.45 -53.86 -41.90
CA GLN K 137 14.51 -53.25 -42.70
C GLN K 137 14.43 -51.72 -42.65
N ASP K 138 15.59 -51.08 -42.55
CA ASP K 138 15.70 -49.64 -42.73
C ASP K 138 16.57 -49.33 -43.95
N SER K 139 17.25 -50.35 -44.44
CA SER K 139 18.03 -50.25 -45.68
C SER K 139 17.60 -51.34 -46.66
N TYR K 140 18.31 -51.46 -47.77
CA TYR K 140 18.01 -52.49 -48.77
C TYR K 140 18.64 -53.81 -48.35
N GLY K 141 18.00 -54.49 -47.41
CA GLY K 141 18.45 -55.78 -46.93
C GLY K 141 19.02 -55.81 -45.52
N GLY K 142 19.09 -54.65 -44.88
CA GLY K 142 19.68 -54.56 -43.55
C GLY K 142 19.18 -53.44 -42.65
N LYS K 143 20.08 -52.91 -41.81
CA LYS K 143 19.77 -51.90 -40.80
C LYS K 143 18.54 -52.28 -39.97
N PHE K 144 18.72 -53.34 -39.18
CA PHE K 144 17.64 -53.92 -38.38
C PHE K 144 17.47 -53.20 -37.05
N ASP K 145 16.33 -53.43 -36.41
CA ASP K 145 15.99 -52.81 -35.13
C ASP K 145 15.47 -53.87 -34.17
N ARG K 146 16.24 -54.11 -33.10
CA ARG K 146 15.91 -55.11 -32.08
C ARG K 146 14.52 -54.91 -31.49
N SER K 147 14.14 -53.64 -31.30
CA SER K 147 12.84 -53.29 -30.73
C SER K 147 11.67 -53.54 -31.70
N GLN K 148 12.00 -53.95 -32.93
CA GLN K 148 11.00 -54.24 -33.94
C GLN K 148 11.09 -55.68 -34.44
N SER K 149 11.99 -56.46 -33.82
CA SER K 149 12.23 -57.85 -34.22
C SER K 149 11.02 -58.70 -33.89
N PHE K 150 10.71 -59.63 -34.78
CA PHE K 150 9.65 -60.59 -34.54
C PHE K 150 10.19 -61.76 -33.72
N VAL K 151 9.49 -62.08 -32.64
CA VAL K 151 9.81 -63.21 -31.80
C VAL K 151 8.61 -64.13 -31.80
N GLY K 152 8.83 -65.38 -32.20
CA GLY K 152 7.76 -66.36 -32.26
C GLY K 152 7.77 -67.16 -33.54
N GLU K 153 6.57 -67.44 -34.05
CA GLU K 153 6.41 -68.40 -35.12
C GLU K 153 5.60 -67.84 -36.29
N ILE K 154 6.06 -68.15 -37.51
CA ILE K 154 5.34 -67.81 -38.74
C ILE K 154 5.27 -69.01 -39.67
N GLY K 155 4.06 -69.28 -40.18
CA GLY K 155 3.86 -70.34 -41.15
C GLY K 155 2.86 -69.96 -42.22
N ASP K 156 2.64 -70.87 -43.17
CA ASP K 156 1.63 -70.69 -44.23
C ASP K 156 1.67 -69.33 -44.93
N LEU K 157 2.87 -68.89 -45.29
CA LEU K 157 3.07 -67.60 -45.96
C LEU K 157 2.87 -67.75 -47.46
N TYR K 158 1.89 -67.01 -48.00
CA TYR K 158 1.62 -66.98 -49.42
C TYR K 158 1.42 -65.54 -49.89
N MET K 159 1.88 -65.25 -51.10
CA MET K 159 1.69 -63.93 -51.72
C MET K 159 1.33 -64.05 -53.19
N TRP K 160 0.26 -63.35 -53.58
CA TRP K 160 -0.23 -63.35 -54.95
C TRP K 160 -0.02 -61.98 -55.59
N ASP K 161 -0.03 -61.93 -56.92
CA ASP K 161 0.07 -60.66 -57.66
C ASP K 161 -1.31 -60.09 -58.02
N SER K 162 -2.33 -60.50 -57.27
CA SER K 162 -3.69 -60.03 -57.47
C SER K 162 -4.42 -59.84 -56.13
N VAL K 163 -5.57 -59.19 -56.18
CA VAL K 163 -6.43 -59.04 -55.00
C VAL K 163 -7.35 -60.23 -54.89
N LEU K 164 -7.20 -60.99 -53.82
CA LEU K 164 -8.00 -62.19 -53.58
C LEU K 164 -9.42 -61.84 -53.15
N PRO K 165 -10.41 -62.50 -53.75
CA PRO K 165 -11.81 -62.39 -53.32
C PRO K 165 -12.03 -63.04 -51.95
N PRO K 166 -13.11 -62.69 -51.24
CA PRO K 166 -13.39 -63.25 -49.91
C PRO K 166 -13.31 -64.78 -49.84
N GLU K 167 -13.76 -65.46 -50.89
CA GLU K 167 -13.73 -66.93 -50.95
C GLU K 167 -12.30 -67.48 -50.87
N ASN K 168 -11.39 -66.85 -51.60
CA ASN K 168 -9.99 -67.26 -51.64
C ASN K 168 -9.24 -66.94 -50.35
N ILE K 169 -9.66 -65.88 -49.66
CA ILE K 169 -9.12 -65.51 -48.36
C ILE K 169 -9.49 -66.60 -47.35
N LEU K 170 -10.77 -66.97 -47.34
CA LEU K 170 -11.30 -68.00 -46.44
C LEU K 170 -10.63 -69.36 -46.63
N SER K 171 -10.35 -69.70 -47.90
CA SER K 171 -9.67 -70.95 -48.24
C SER K 171 -8.27 -70.99 -47.65
N ALA K 172 -7.55 -69.86 -47.75
CA ALA K 172 -6.21 -69.74 -47.19
C ALA K 172 -6.24 -69.95 -45.67
N TYR K 173 -7.23 -69.35 -45.03
CA TYR K 173 -7.43 -69.45 -43.59
C TYR K 173 -7.81 -70.86 -43.15
N GLN K 174 -8.64 -71.53 -43.97
CA GLN K 174 -9.08 -72.90 -43.71
C GLN K 174 -7.96 -73.93 -43.91
N GLY K 175 -6.90 -73.52 -44.59
CA GLY K 175 -5.74 -74.36 -44.81
C GLY K 175 -5.61 -74.93 -46.21
N THR K 176 -6.48 -74.47 -47.11
CA THR K 176 -6.45 -74.89 -48.51
C THR K 176 -6.31 -73.69 -49.45
N PRO K 177 -5.14 -73.04 -49.44
CA PRO K 177 -4.94 -71.83 -50.25
C PRO K 177 -4.74 -72.15 -51.73
N LEU K 178 -5.08 -71.20 -52.59
CA LEU K 178 -4.80 -71.29 -54.02
C LEU K 178 -3.31 -71.08 -54.26
N PRO K 179 -2.76 -71.69 -55.31
CA PRO K 179 -1.34 -71.54 -55.63
C PRO K 179 -0.95 -70.06 -55.81
N ALA K 180 0.17 -69.68 -55.22
CA ALA K 180 0.61 -68.29 -55.23
C ALA K 180 1.83 -68.09 -56.11
N ASN K 181 1.84 -66.99 -56.86
CA ASN K 181 2.88 -66.75 -57.86
C ASN K 181 4.06 -65.87 -57.42
N ILE K 182 3.94 -65.18 -56.29
CA ILE K 182 5.04 -64.37 -55.77
C ILE K 182 5.81 -65.13 -54.69
N LEU K 183 5.09 -65.54 -53.65
CA LEU K 183 5.66 -66.31 -52.55
C LEU K 183 4.73 -67.49 -52.24
N ASP K 184 5.30 -68.69 -52.17
CA ASP K 184 4.52 -69.90 -51.89
C ASP K 184 5.19 -70.76 -50.82
N TRP K 185 4.45 -71.03 -49.75
CA TRP K 185 4.97 -71.80 -48.62
C TRP K 185 5.33 -73.24 -49.00
N GLN K 186 4.63 -73.78 -50.00
CA GLN K 186 4.86 -75.14 -50.47
C GLN K 186 6.02 -75.24 -51.46
N ALA K 187 6.54 -74.08 -51.88
CA ALA K 187 7.73 -73.99 -52.73
C ALA K 187 8.46 -72.68 -52.44
N LEU K 188 9.04 -72.60 -51.24
CA LEU K 188 9.64 -71.36 -50.76
C LEU K 188 11.15 -71.28 -50.98
N ASN K 189 11.58 -70.18 -51.59
CA ASN K 189 12.99 -69.85 -51.75
C ASN K 189 13.38 -68.91 -50.64
N TYR K 190 14.24 -69.37 -49.73
CA TYR K 190 14.58 -68.62 -48.52
C TYR K 190 16.03 -68.83 -48.05
N GLU K 191 16.53 -67.85 -47.28
CA GLU K 191 17.83 -67.93 -46.63
C GLU K 191 17.69 -67.63 -45.14
N ILE K 192 18.01 -68.63 -44.31
CA ILE K 192 18.03 -68.45 -42.87
C ILE K 192 19.33 -67.75 -42.45
N ARG K 193 19.19 -66.64 -41.74
CA ARG K 193 20.33 -65.95 -41.15
C ARG K 193 20.19 -65.88 -39.65
N GLY K 194 21.19 -66.44 -38.95
CA GLY K 194 21.19 -66.46 -37.49
C GLY K 194 20.30 -67.54 -36.90
N TYR K 195 19.73 -67.24 -35.74
CA TYR K 195 18.96 -68.22 -34.96
C TYR K 195 17.50 -68.28 -35.39
N VAL K 196 17.23 -69.09 -36.42
CA VAL K 196 15.88 -69.36 -36.85
C VAL K 196 15.75 -70.87 -37.06
N ILE K 197 14.75 -71.47 -36.42
CA ILE K 197 14.57 -72.93 -36.46
C ILE K 197 13.27 -73.29 -37.17
N ILE K 198 13.35 -74.28 -38.06
CA ILE K 198 12.15 -74.84 -38.67
C ILE K 198 11.61 -75.96 -37.77
N LYS K 199 10.34 -75.84 -37.38
CA LYS K 199 9.68 -76.83 -36.55
C LYS K 199 8.29 -77.14 -37.10
N PRO K 200 7.72 -78.29 -36.74
CA PRO K 200 6.33 -78.59 -37.11
C PRO K 200 5.37 -77.56 -36.52
N LEU K 201 4.26 -77.31 -37.21
CA LEU K 201 3.20 -76.43 -36.74
C LEU K 201 2.31 -77.20 -35.76
N VAL K 202 2.16 -76.68 -34.53
CA VAL K 202 1.40 -77.39 -33.50
C VAL K 202 0.19 -76.62 -32.95
N TRP K 203 0.06 -75.35 -33.32
CA TRP K 203 -0.96 -74.48 -32.73
C TRP K 203 -2.22 -74.29 -33.58
N VAL K 204 -2.25 -74.92 -34.76
CA VAL K 204 -3.45 -74.97 -35.59
C VAL K 204 -3.91 -76.44 -35.71
N HIS L 1 10.85 -96.01 -3.24
CA HIS L 1 9.97 -95.52 -4.35
C HIS L 1 8.50 -95.74 -4.02
N THR L 2 7.68 -94.74 -4.33
CA THR L 2 6.29 -94.70 -3.93
C THR L 2 5.36 -94.37 -5.10
N ASP L 3 4.22 -95.03 -5.15
CA ASP L 3 3.19 -94.78 -6.16
C ASP L 3 2.23 -93.72 -5.62
N LEU L 4 2.31 -92.52 -6.18
CA LEU L 4 1.52 -91.39 -5.71
C LEU L 4 0.29 -91.09 -6.61
N SER L 5 -0.15 -92.10 -7.34
CA SER L 5 -1.37 -92.02 -8.15
C SER L 5 -2.55 -91.55 -7.31
N GLY L 6 -3.25 -90.53 -7.82
CA GLY L 6 -4.44 -89.99 -7.17
C GLY L 6 -4.14 -89.17 -5.93
N LYS L 7 -2.88 -88.75 -5.78
CA LYS L 7 -2.42 -88.00 -4.62
C LYS L 7 -1.58 -86.80 -5.00
N VAL L 8 -1.47 -85.85 -4.08
CA VAL L 8 -0.71 -84.62 -4.28
C VAL L 8 0.17 -84.32 -3.07
N PHE L 9 1.23 -83.55 -3.29
CA PHE L 9 1.97 -82.92 -2.19
C PHE L 9 1.21 -81.64 -1.88
N VAL L 10 0.91 -81.43 -0.60
CA VAL L 10 0.31 -80.18 -0.15
C VAL L 10 1.35 -79.42 0.66
N PHE L 11 1.72 -78.25 0.14
CA PHE L 11 2.55 -77.31 0.88
C PHE L 11 1.55 -76.31 1.45
N PRO L 12 1.11 -76.53 2.69
CA PRO L 12 -0.04 -75.82 3.25
C PRO L 12 0.25 -74.40 3.74
N ARG L 13 1.51 -73.99 3.75
CA ARG L 13 1.89 -72.68 4.26
C ARG L 13 3.16 -72.09 3.63
N GLU L 14 3.26 -70.77 3.70
CA GLU L 14 4.48 -70.07 3.32
C GLU L 14 5.57 -70.35 4.34
N SER L 15 6.77 -70.65 3.87
CA SER L 15 7.93 -70.83 4.74
C SER L 15 9.21 -70.68 3.93
N VAL L 16 10.35 -70.70 4.62
CA VAL L 16 11.65 -70.81 3.95
C VAL L 16 12.18 -72.24 4.17
N THR L 17 11.31 -73.09 4.71
CA THR L 17 11.71 -74.39 5.24
C THR L 17 11.04 -75.61 4.58
N ASP L 18 9.73 -75.52 4.33
CA ASP L 18 8.98 -76.67 3.80
C ASP L 18 9.35 -76.98 2.37
N HIS L 19 9.79 -78.21 2.14
CA HIS L 19 10.16 -78.66 0.80
C HIS L 19 10.15 -80.19 0.65
N VAL L 20 10.12 -80.64 -0.60
CA VAL L 20 10.33 -82.05 -0.94
C VAL L 20 11.53 -82.18 -1.87
N ASN L 21 12.48 -83.04 -1.48
CA ASN L 21 13.57 -83.44 -2.38
C ASN L 21 13.09 -84.56 -3.31
N LEU L 22 13.48 -84.49 -4.58
CA LEU L 22 13.14 -85.51 -5.57
C LEU L 22 14.41 -86.21 -6.03
N ILE L 23 14.45 -87.53 -5.90
CA ILE L 23 15.67 -88.30 -6.18
C ILE L 23 15.59 -89.05 -7.50
N THR L 24 16.59 -88.81 -8.36
CA THR L 24 16.72 -89.51 -9.63
C THR L 24 18.12 -90.13 -9.77
N PRO L 25 18.19 -91.34 -10.33
CA PRO L 25 19.48 -91.95 -10.67
C PRO L 25 20.01 -91.46 -12.03
N LEU L 26 20.16 -90.15 -12.15
CA LEU L 26 20.62 -89.54 -13.40
C LEU L 26 22.08 -89.11 -13.31
N GLU L 27 22.95 -89.91 -13.93
CA GLU L 27 24.38 -89.63 -13.96
C GLU L 27 24.79 -89.04 -15.31
N LYS L 28 23.87 -89.09 -16.26
CA LYS L 28 24.11 -88.64 -17.63
C LYS L 28 23.55 -87.22 -17.82
N PRO L 29 24.41 -86.29 -18.26
CA PRO L 29 23.96 -84.93 -18.61
C PRO L 29 22.84 -84.96 -19.66
N LEU L 30 21.89 -84.03 -19.55
CA LEU L 30 20.70 -84.04 -20.38
C LEU L 30 20.81 -83.22 -21.66
N GLN L 31 20.61 -83.89 -22.79
CA GLN L 31 20.50 -83.23 -24.08
C GLN L 31 19.05 -82.84 -24.37
N ASN L 32 18.12 -83.72 -23.99
CA ASN L 32 16.69 -83.53 -24.21
C ASN L 32 15.93 -83.87 -22.93
N PHE L 33 14.86 -83.14 -22.65
CA PHE L 33 13.92 -83.52 -21.58
C PHE L 33 12.51 -82.98 -21.80
N THR L 34 11.56 -83.61 -21.12
CA THR L 34 10.21 -83.09 -20.98
C THR L 34 9.81 -83.23 -19.52
N LEU L 35 9.21 -82.17 -18.97
CA LEU L 35 8.69 -82.23 -17.59
C LEU L 35 7.22 -81.83 -17.53
N CYS L 36 6.41 -82.73 -16.97
CA CYS L 36 4.98 -82.48 -16.81
C CYS L 36 4.60 -82.56 -15.34
N PHE L 37 3.65 -81.73 -14.94
CA PHE L 37 3.06 -81.78 -13.60
C PHE L 37 1.78 -80.95 -13.53
N ARG L 38 1.05 -81.14 -12.44
CA ARG L 38 -0.21 -80.47 -12.19
C ARG L 38 -0.03 -79.63 -10.93
N ALA L 39 -0.41 -78.36 -10.98
CA ALA L 39 -0.27 -77.49 -9.80
C ALA L 39 -1.55 -76.73 -9.51
N TYR L 40 -1.77 -76.43 -8.23
CA TYR L 40 -2.93 -75.67 -7.78
C TYR L 40 -2.54 -74.76 -6.62
N SER L 41 -2.50 -73.45 -6.90
CA SER L 41 -2.02 -72.45 -5.95
C SER L 41 -2.80 -71.14 -6.13
N ASP L 42 -3.07 -70.45 -5.03
CA ASP L 42 -3.69 -69.11 -5.14
C ASP L 42 -2.75 -67.97 -4.74
N LEU L 43 -1.44 -68.23 -4.86
CA LEU L 43 -0.41 -67.20 -4.72
C LEU L 43 -0.41 -66.30 -5.95
N SER L 44 -0.34 -64.99 -5.70
CA SER L 44 -0.23 -63.98 -6.76
C SER L 44 1.22 -63.61 -7.00
N ARG L 45 2.03 -63.75 -5.97
CA ARG L 45 3.46 -63.45 -6.07
C ARG L 45 4.18 -64.54 -6.86
N ALA L 46 5.44 -64.27 -7.23
CA ALA L 46 6.27 -65.24 -7.95
C ALA L 46 6.59 -66.45 -7.08
N TYR L 47 6.70 -67.61 -7.72
CA TYR L 47 7.15 -68.82 -7.03
C TYR L 47 7.84 -69.80 -7.96
N SER L 48 8.64 -70.68 -7.37
CA SER L 48 9.28 -71.75 -8.11
C SER L 48 8.39 -72.99 -8.10
N LEU L 49 8.20 -73.57 -9.28
CA LEU L 49 7.42 -74.79 -9.44
C LEU L 49 8.31 -76.03 -9.33
N PHE L 50 9.51 -75.95 -9.91
CA PHE L 50 10.43 -77.07 -10.03
C PHE L 50 11.85 -76.49 -10.08
N SER L 51 12.65 -76.79 -9.06
CA SER L 51 14.00 -76.25 -8.94
C SER L 51 15.06 -77.35 -9.04
N TYR L 52 15.98 -77.19 -9.98
CA TYR L 52 16.97 -78.21 -10.32
C TYR L 52 18.32 -77.51 -10.41
N ASN L 53 19.16 -77.74 -9.40
CA ASN L 53 20.52 -77.19 -9.37
C ASN L 53 21.56 -78.30 -9.34
N THR L 54 22.76 -77.99 -9.80
CA THR L 54 23.89 -78.90 -9.72
C THR L 54 25.06 -78.17 -9.04
N GLN L 55 26.11 -78.92 -8.70
CA GLN L 55 27.26 -78.37 -7.97
C GLN L 55 27.86 -77.14 -8.67
N GLY L 56 27.87 -76.03 -7.94
CA GLY L 56 28.38 -74.76 -8.45
C GLY L 56 27.54 -74.11 -9.54
N ARG L 57 26.30 -74.58 -9.70
CA ARG L 57 25.44 -74.11 -10.79
C ARG L 57 24.00 -73.84 -10.33
N ASP L 58 23.70 -72.56 -10.12
CA ASP L 58 22.34 -72.14 -9.79
C ASP L 58 21.47 -72.14 -11.03
N ASN L 59 20.18 -72.41 -10.85
CA ASN L 59 19.17 -72.35 -11.92
C ASN L 59 19.57 -73.13 -13.18
N GLU L 60 20.12 -74.32 -12.98
CA GLU L 60 20.53 -75.21 -14.08
C GLU L 60 19.30 -75.65 -14.89
N LEU L 61 18.22 -75.94 -14.18
CA LEU L 61 16.92 -76.23 -14.77
C LEU L 61 15.85 -75.77 -13.79
N LEU L 62 15.13 -74.72 -14.15
CA LEU L 62 14.12 -74.15 -13.26
C LEU L 62 12.84 -73.78 -13.99
N VAL L 63 11.71 -74.20 -13.43
CA VAL L 63 10.41 -73.72 -13.90
C VAL L 63 9.88 -72.74 -12.87
N TYR L 64 9.75 -71.49 -13.30
CA TYR L 64 9.50 -70.37 -12.40
C TYR L 64 8.27 -69.63 -12.91
N LYS L 65 7.30 -69.41 -12.01
CA LYS L 65 6.13 -68.61 -12.36
C LYS L 65 6.31 -67.20 -11.81
N GLU L 66 6.52 -66.25 -12.71
CA GLU L 66 6.80 -64.86 -12.33
C GLU L 66 5.55 -64.12 -11.86
N ARG L 67 4.45 -64.36 -12.56
CA ARG L 67 3.16 -63.74 -12.26
C ARG L 67 2.10 -64.54 -13.01
N VAL L 68 0.82 -64.23 -12.76
CA VAL L 68 -0.29 -64.86 -13.46
C VAL L 68 -0.11 -64.77 -14.98
N GLY L 69 -0.28 -65.89 -15.66
CA GLY L 69 -0.21 -65.94 -17.11
C GLY L 69 1.20 -65.96 -17.70
N GLU L 70 2.21 -66.09 -16.83
CA GLU L 70 3.61 -66.04 -17.26
C GLU L 70 4.44 -67.18 -16.68
N TYR L 71 5.04 -67.98 -17.56
CA TYR L 71 5.87 -69.12 -17.15
C TYR L 71 7.27 -68.97 -17.70
N SER L 72 8.26 -69.19 -16.84
CA SER L 72 9.66 -69.08 -17.23
C SER L 72 10.37 -70.41 -17.11
N LEU L 73 11.23 -70.70 -18.09
CA LEU L 73 12.16 -71.82 -18.03
C LEU L 73 13.59 -71.32 -18.03
N TYR L 74 14.36 -71.73 -17.02
CA TYR L 74 15.78 -71.46 -16.99
C TYR L 74 16.55 -72.71 -17.35
N ILE L 75 17.53 -72.55 -18.24
CA ILE L 75 18.47 -73.61 -18.58
C ILE L 75 19.86 -73.00 -18.43
N GLY L 76 20.68 -73.59 -17.56
CA GLY L 76 22.02 -73.10 -17.31
C GLY L 76 22.11 -71.60 -17.04
N ARG L 77 21.22 -71.11 -16.17
CA ARG L 77 21.10 -69.69 -15.81
C ARG L 77 20.38 -68.82 -16.85
N HIS L 78 20.40 -69.24 -18.11
CA HIS L 78 19.71 -68.53 -19.18
C HIS L 78 18.20 -68.75 -19.07
N LYS L 79 17.41 -67.77 -19.50
CA LYS L 79 15.98 -67.76 -19.25
C LYS L 79 15.15 -67.54 -20.52
N VAL L 80 14.01 -68.22 -20.61
CA VAL L 80 12.94 -67.84 -21.55
C VAL L 80 11.62 -67.75 -20.80
N THR L 81 10.74 -66.88 -21.27
CA THR L 81 9.42 -66.67 -20.68
C THR L 81 8.37 -66.72 -21.77
N SER L 82 7.25 -67.38 -21.49
CA SER L 82 6.14 -67.43 -22.43
C SER L 82 4.82 -67.16 -21.72
N LYS L 83 3.88 -66.56 -22.46
CA LYS L 83 2.64 -66.07 -21.88
C LYS L 83 1.44 -66.91 -22.26
N VAL L 84 0.41 -66.85 -21.42
CA VAL L 84 -0.83 -67.58 -21.66
C VAL L 84 -2.01 -66.90 -20.96
N ILE L 85 -3.20 -67.05 -21.53
CA ILE L 85 -4.42 -66.62 -20.89
C ILE L 85 -4.82 -67.69 -19.87
N GLU L 86 -4.97 -67.28 -18.62
CA GLU L 86 -5.46 -68.18 -17.58
C GLU L 86 -6.33 -67.47 -16.55
N LYS L 87 -7.24 -68.24 -15.95
CA LYS L 87 -8.04 -67.77 -14.83
C LYS L 87 -7.21 -67.84 -13.55
N PHE L 88 -7.54 -66.99 -12.58
CA PHE L 88 -6.89 -67.02 -11.28
C PHE L 88 -7.91 -66.88 -10.16
N PRO L 89 -7.86 -67.77 -9.17
CA PRO L 89 -6.98 -68.94 -9.19
C PRO L 89 -7.57 -70.10 -9.98
N ALA L 90 -6.72 -70.97 -10.51
CA ALA L 90 -7.16 -72.14 -11.26
C ALA L 90 -6.12 -73.25 -11.23
N PRO L 91 -6.58 -74.50 -11.10
CA PRO L 91 -5.70 -75.65 -11.30
C PRO L 91 -5.09 -75.57 -12.69
N VAL L 92 -3.89 -76.09 -12.86
CA VAL L 92 -3.22 -76.03 -14.16
C VAL L 92 -2.39 -77.28 -14.42
N HIS L 93 -2.41 -77.77 -15.65
CA HIS L 93 -1.47 -78.78 -16.05
C HIS L 93 -0.38 -78.14 -16.90
N ILE L 94 0.87 -78.35 -16.50
CA ILE L 94 2.01 -77.77 -17.18
C ILE L 94 2.93 -78.85 -17.75
N CYS L 95 3.27 -78.74 -19.02
CA CYS L 95 4.42 -79.46 -19.57
C CYS L 95 5.42 -78.46 -20.12
N VAL L 96 6.70 -78.81 -20.03
CA VAL L 96 7.73 -78.05 -20.70
C VAL L 96 8.81 -79.00 -21.22
N SER L 97 9.18 -78.82 -22.49
CA SER L 97 10.22 -79.61 -23.09
C SER L 97 11.37 -78.72 -23.54
N TRP L 98 12.58 -79.26 -23.51
CA TRP L 98 13.73 -78.56 -24.05
C TRP L 98 14.63 -79.50 -24.85
N GLU L 99 15.23 -78.96 -25.91
CA GLU L 99 16.00 -79.73 -26.88
C GLU L 99 17.28 -78.97 -27.21
N SER L 100 18.42 -79.54 -26.82
CA SER L 100 19.73 -78.89 -26.99
C SER L 100 20.10 -78.51 -28.41
N SER L 101 19.82 -79.41 -29.36
CA SER L 101 20.23 -79.24 -30.76
C SER L 101 19.62 -78.01 -31.43
N SER L 102 18.41 -77.65 -31.03
CA SER L 102 17.71 -76.50 -31.59
C SER L 102 17.59 -75.37 -30.56
N GLY L 103 17.83 -75.70 -29.29
CA GLY L 103 17.65 -74.76 -28.19
C GLY L 103 16.20 -74.51 -27.81
N ILE L 104 15.27 -75.13 -28.55
CA ILE L 104 13.84 -74.84 -28.42
C ILE L 104 13.24 -75.30 -27.11
N ALA L 105 12.56 -74.36 -26.43
CA ALA L 105 11.78 -74.64 -25.23
C ALA L 105 10.29 -74.53 -25.56
N GLU L 106 9.53 -75.56 -25.18
CA GLU L 106 8.10 -75.66 -25.49
C GLU L 106 7.30 -75.75 -24.20
N PHE L 107 6.51 -74.73 -23.89
CA PHE L 107 5.57 -74.79 -22.78
C PHE L 107 4.21 -75.26 -23.29
N TRP L 108 3.57 -76.15 -22.54
CA TRP L 108 2.20 -76.58 -22.82
C TRP L 108 1.38 -76.37 -21.56
N ILE L 109 0.34 -75.54 -21.67
CA ILE L 109 -0.51 -75.21 -20.54
C ILE L 109 -1.89 -75.75 -20.81
N ASN L 110 -2.36 -76.64 -19.94
CA ASN L 110 -3.64 -77.34 -20.13
C ASN L 110 -3.79 -77.94 -21.54
N GLY L 111 -2.71 -78.53 -22.04
CA GLY L 111 -2.70 -79.16 -23.36
C GLY L 111 -2.55 -78.18 -24.52
N THR L 112 -2.39 -76.90 -24.20
CA THR L 112 -2.28 -75.84 -25.21
C THR L 112 -0.83 -75.38 -25.38
N PRO L 113 -0.31 -75.42 -26.61
CA PRO L 113 1.07 -75.00 -26.86
C PRO L 113 1.24 -73.48 -26.77
N LEU L 114 2.26 -73.05 -26.04
CA LEU L 114 2.60 -71.64 -25.97
C LEU L 114 3.60 -71.35 -27.08
N VAL L 115 3.87 -70.07 -27.30
CA VAL L 115 4.84 -69.66 -28.31
C VAL L 115 6.20 -70.28 -27.96
N LYS L 116 6.80 -70.97 -28.92
CA LYS L 116 8.13 -71.55 -28.74
C LYS L 116 9.14 -70.45 -28.47
N LYS L 117 10.08 -70.73 -27.57
CA LYS L 117 11.25 -69.88 -27.38
C LYS L 117 12.50 -70.75 -27.45
N GLY L 118 13.67 -70.12 -27.39
CA GLY L 118 14.92 -70.84 -27.57
C GLY L 118 16.07 -70.25 -26.77
N LEU L 119 16.85 -71.15 -26.17
CA LEU L 119 18.00 -70.79 -25.35
C LEU L 119 18.99 -71.96 -25.28
N ARG L 120 20.27 -71.62 -25.15
CA ARG L 120 21.33 -72.58 -24.85
C ARG L 120 21.47 -73.72 -25.87
N GLN L 121 21.36 -73.37 -27.15
CA GLN L 121 21.57 -74.32 -28.22
C GLN L 121 22.98 -74.91 -28.09
N GLY L 122 23.08 -76.23 -28.08
CA GLY L 122 24.35 -76.92 -27.98
C GLY L 122 24.76 -77.28 -26.56
N TYR L 123 24.07 -76.72 -25.57
CA TYR L 123 24.38 -76.93 -24.15
C TYR L 123 23.79 -78.24 -23.63
N PHE L 124 24.47 -78.81 -22.63
CA PHE L 124 23.99 -80.01 -21.93
C PHE L 124 23.69 -79.65 -20.48
N VAL L 125 22.44 -79.84 -20.05
CA VAL L 125 22.10 -79.61 -18.65
C VAL L 125 22.77 -80.68 -17.80
N GLU L 126 23.50 -80.22 -16.77
CA GLU L 126 24.34 -81.11 -15.95
C GLU L 126 23.55 -82.12 -15.13
N ALA L 127 24.17 -83.26 -14.88
CA ALA L 127 23.59 -84.31 -14.07
C ALA L 127 23.99 -84.15 -12.59
N GLN L 128 23.72 -85.19 -11.80
CA GLN L 128 23.92 -85.17 -10.34
C GLN L 128 23.16 -83.99 -9.72
N PRO L 129 21.86 -83.88 -9.99
CA PRO L 129 21.09 -82.73 -9.51
C PRO L 129 20.55 -82.91 -8.11
N LYS L 130 20.29 -81.77 -7.46
CA LYS L 130 19.38 -81.73 -6.33
C LYS L 130 18.11 -81.09 -6.87
N ILE L 131 17.02 -81.84 -6.82
CA ILE L 131 15.74 -81.40 -7.34
C ILE L 131 14.82 -81.16 -6.18
N VAL L 132 14.25 -79.95 -6.09
CA VAL L 132 13.32 -79.67 -5.01
C VAL L 132 12.01 -79.02 -5.43
N LEU L 133 10.98 -79.33 -4.66
CA LEU L 133 9.64 -78.80 -4.83
C LEU L 133 9.32 -78.00 -3.57
N GLY L 134 8.62 -76.89 -3.72
CA GLY L 134 8.18 -76.09 -2.60
C GLY L 134 9.10 -74.92 -2.26
N GLN L 135 10.37 -75.05 -2.63
CA GLN L 135 11.33 -73.95 -2.50
C GLN L 135 12.18 -73.81 -3.76
N GLU L 136 12.76 -72.62 -3.95
CA GLU L 136 13.73 -72.38 -5.01
C GLU L 136 15.13 -72.46 -4.44
N GLN L 137 16.01 -73.21 -5.11
CA GLN L 137 17.39 -73.34 -4.65
C GLN L 137 18.28 -72.21 -5.17
N ASP L 138 19.15 -71.71 -4.30
CA ASP L 138 20.24 -70.82 -4.72
C ASP L 138 21.60 -71.46 -4.47
N SER L 139 21.60 -72.64 -3.85
CA SER L 139 22.80 -73.45 -3.70
C SER L 139 22.54 -74.88 -4.17
N TYR L 140 23.52 -75.77 -4.00
CA TYR L 140 23.33 -77.18 -4.30
C TYR L 140 22.56 -77.84 -3.15
N GLY L 141 21.23 -77.74 -3.21
CA GLY L 141 20.37 -78.36 -2.22
C GLY L 141 19.64 -77.40 -1.29
N GLY L 142 20.05 -76.13 -1.26
CA GLY L 142 19.52 -75.20 -0.29
C GLY L 142 19.46 -73.73 -0.68
N LYS L 143 19.77 -72.87 0.29
CA LYS L 143 19.69 -71.41 0.16
C LYS L 143 18.32 -70.98 -0.39
N PHE L 144 17.28 -71.40 0.33
CA PHE L 144 15.90 -71.12 -0.04
C PHE L 144 15.51 -69.67 0.19
N ASP L 145 14.34 -69.28 -0.32
CA ASP L 145 13.84 -67.93 -0.25
C ASP L 145 12.32 -67.95 -0.07
N ARG L 146 11.87 -67.51 1.11
CA ARG L 146 10.46 -67.50 1.47
C ARG L 146 9.56 -66.86 0.39
N SER L 147 10.06 -65.80 -0.24
CA SER L 147 9.31 -65.06 -1.25
C SER L 147 9.22 -65.80 -2.59
N GLN L 148 9.94 -66.92 -2.72
CA GLN L 148 9.88 -67.77 -3.90
C GLN L 148 9.26 -69.14 -3.60
N SER L 149 8.85 -69.35 -2.35
CA SER L 149 8.27 -70.63 -1.92
C SER L 149 6.91 -70.90 -2.55
N PHE L 150 6.66 -72.18 -2.83
CA PHE L 150 5.38 -72.59 -3.40
C PHE L 150 4.42 -73.05 -2.32
N VAL L 151 3.27 -72.38 -2.25
CA VAL L 151 2.19 -72.75 -1.35
C VAL L 151 1.05 -73.27 -2.21
N GLY L 152 0.56 -74.47 -1.89
CA GLY L 152 -0.47 -75.10 -2.67
C GLY L 152 -0.17 -76.56 -2.94
N GLU L 153 -0.72 -77.07 -4.04
CA GLU L 153 -0.69 -78.50 -4.30
C GLU L 153 -0.03 -78.85 -5.62
N ILE L 154 0.78 -79.90 -5.61
CA ILE L 154 1.45 -80.40 -6.82
C ILE L 154 1.22 -81.89 -6.94
N GLY L 155 0.81 -82.33 -8.12
CA GLY L 155 0.63 -83.74 -8.41
C GLY L 155 1.03 -84.11 -9.82
N ASP L 156 0.92 -85.41 -10.13
CA ASP L 156 1.14 -85.96 -11.46
C ASP L 156 2.44 -85.49 -12.12
N LEU L 157 3.53 -85.54 -11.37
CA LEU L 157 4.83 -85.05 -11.82
C LEU L 157 5.56 -86.16 -12.56
N TYR L 158 5.92 -85.91 -13.82
CA TYR L 158 6.67 -86.86 -14.63
C TYR L 158 7.79 -86.13 -15.36
N MET L 159 8.94 -86.78 -15.49
CA MET L 159 10.06 -86.21 -16.25
C MET L 159 10.75 -87.26 -17.13
N TRP L 160 10.76 -87.01 -18.44
CA TRP L 160 11.37 -87.91 -19.41
C TRP L 160 12.67 -87.30 -19.93
N ASP L 161 13.61 -88.14 -20.37
CA ASP L 161 14.86 -87.65 -20.95
C ASP L 161 14.79 -87.44 -22.48
N SER L 162 13.59 -87.18 -22.98
CA SER L 162 13.38 -86.90 -24.39
C SER L 162 12.31 -85.82 -24.57
N VAL L 163 12.22 -85.26 -25.77
CA VAL L 163 11.16 -84.33 -26.12
C VAL L 163 9.92 -85.14 -26.53
N LEU L 164 8.87 -85.07 -25.70
CA LEU L 164 7.61 -85.75 -25.97
C LEU L 164 6.89 -85.06 -27.13
N PRO L 165 6.41 -85.85 -28.10
CA PRO L 165 5.55 -85.31 -29.17
C PRO L 165 4.19 -84.86 -28.61
N PRO L 166 3.49 -83.96 -29.31
CA PRO L 166 2.20 -83.41 -28.85
C PRO L 166 1.20 -84.44 -28.31
N GLU L 167 1.12 -85.62 -28.93
CA GLU L 167 0.17 -86.64 -28.52
C GLU L 167 0.44 -87.16 -27.09
N ASN L 168 1.72 -87.31 -26.77
CA ASN L 168 2.12 -87.75 -25.42
C ASN L 168 1.96 -86.66 -24.38
N ILE L 169 2.10 -85.40 -24.80
CA ILE L 169 1.81 -84.26 -23.92
C ILE L 169 0.32 -84.29 -23.57
N LEU L 170 -0.53 -84.37 -24.60
CA LEU L 170 -1.97 -84.46 -24.40
C LEU L 170 -2.31 -85.64 -23.49
N SER L 171 -1.66 -86.78 -23.72
CA SER L 171 -1.81 -87.97 -22.88
C SER L 171 -1.60 -87.64 -21.40
N ALA L 172 -0.46 -86.99 -21.09
CA ALA L 172 -0.17 -86.60 -19.71
C ALA L 172 -1.25 -85.66 -19.16
N TYR L 173 -1.66 -84.68 -19.97
CA TYR L 173 -2.72 -83.75 -19.58
C TYR L 173 -4.04 -84.47 -19.29
N GLN L 174 -4.38 -85.45 -20.13
CA GLN L 174 -5.63 -86.19 -20.02
C GLN L 174 -5.65 -87.18 -18.85
N GLY L 175 -4.47 -87.46 -18.28
CA GLY L 175 -4.35 -88.34 -17.13
C GLY L 175 -3.83 -89.73 -17.42
N THR L 176 -3.32 -89.94 -18.63
CA THR L 176 -2.70 -91.21 -18.99
C THR L 176 -1.28 -90.98 -19.52
N PRO L 177 -0.38 -90.48 -18.66
CA PRO L 177 1.00 -90.23 -19.08
C PRO L 177 1.75 -91.53 -19.35
N LEU L 178 2.69 -91.47 -20.29
CA LEU L 178 3.62 -92.56 -20.51
C LEU L 178 4.57 -92.66 -19.31
N PRO L 179 5.07 -93.85 -19.03
CA PRO L 179 6.11 -94.02 -17.99
C PRO L 179 7.29 -93.09 -18.27
N ALA L 180 7.91 -92.59 -17.22
CA ALA L 180 8.98 -91.60 -17.36
C ALA L 180 10.25 -92.07 -16.67
N ASN L 181 11.39 -91.90 -17.36
CA ASN L 181 12.66 -92.45 -16.88
C ASN L 181 13.52 -91.59 -15.94
N ILE L 182 13.19 -90.30 -15.80
CA ILE L 182 13.91 -89.48 -14.82
C ILE L 182 13.14 -89.38 -13.50
N LEU L 183 11.89 -88.96 -13.58
CA LEU L 183 11.02 -88.85 -12.41
C LEU L 183 9.67 -89.42 -12.83
N ASP L 184 9.06 -90.21 -11.97
CA ASP L 184 7.77 -90.81 -12.27
C ASP L 184 6.89 -90.77 -11.03
N TRP L 185 5.77 -90.06 -11.13
CA TRP L 185 4.82 -89.93 -10.03
C TRP L 185 4.37 -91.27 -9.46
N GLN L 186 4.25 -92.28 -10.31
CA GLN L 186 3.80 -93.60 -9.91
C GLN L 186 4.93 -94.47 -9.37
N ALA L 187 6.16 -93.95 -9.40
CA ALA L 187 7.33 -94.63 -8.82
C ALA L 187 8.32 -93.57 -8.33
N LEU L 188 7.87 -92.74 -7.40
CA LEU L 188 8.62 -91.57 -6.97
C LEU L 188 9.47 -91.83 -5.73
N ASN L 189 10.74 -91.48 -5.85
CA ASN L 189 11.67 -91.45 -4.72
C ASN L 189 11.81 -90.02 -4.24
N TYR L 190 11.32 -89.76 -3.02
CA TYR L 190 11.21 -88.39 -2.51
C TYR L 190 11.49 -88.32 -1.00
N GLU L 191 11.87 -87.13 -0.54
CA GLU L 191 12.05 -86.87 0.88
C GLU L 191 11.20 -85.66 1.28
N ILE L 192 10.31 -85.86 2.25
CA ILE L 192 9.55 -84.73 2.80
C ILE L 192 10.36 -84.06 3.90
N ARG L 193 10.53 -82.75 3.76
CA ARG L 193 11.25 -81.95 4.75
C ARG L 193 10.37 -80.79 5.21
N GLY L 194 9.99 -80.83 6.48
CA GLY L 194 9.13 -79.82 7.06
C GLY L 194 7.66 -80.14 6.90
N TYR L 195 6.85 -79.10 6.76
CA TYR L 195 5.40 -79.23 6.71
C TYR L 195 4.92 -79.43 5.29
N VAL L 196 4.93 -80.68 4.84
CA VAL L 196 4.36 -81.10 3.57
C VAL L 196 3.49 -82.32 3.82
N ILE L 197 2.26 -82.28 3.34
CA ILE L 197 1.29 -83.36 3.59
C ILE L 197 0.85 -84.00 2.27
N ILE L 198 0.80 -85.33 2.23
CA ILE L 198 0.22 -86.05 1.10
C ILE L 198 -1.28 -86.21 1.30
N LYS L 199 -2.06 -85.76 0.32
CA LYS L 199 -3.52 -85.86 0.36
C LYS L 199 -4.01 -86.34 -0.99
N PRO L 200 -5.24 -86.88 -1.05
CA PRO L 200 -5.86 -87.21 -2.34
C PRO L 200 -5.99 -85.98 -3.24
N LEU L 201 -5.83 -86.19 -4.55
CA LEU L 201 -6.09 -85.16 -5.56
C LEU L 201 -7.61 -85.04 -5.77
N VAL L 202 -8.16 -83.86 -5.45
CA VAL L 202 -9.61 -83.67 -5.49
C VAL L 202 -10.07 -82.61 -6.50
N TRP L 203 -9.11 -81.93 -7.12
CA TRP L 203 -9.42 -80.82 -8.01
C TRP L 203 -9.26 -81.16 -9.49
N VAL L 204 -9.04 -82.44 -9.79
CA VAL L 204 -9.12 -82.93 -11.16
C VAL L 204 -10.42 -83.71 -11.32
N HIS M 1 -35.52 -77.67 19.89
CA HIS M 1 -35.03 -78.11 18.54
C HIS M 1 -36.15 -78.02 17.51
N THR M 2 -35.83 -77.52 16.33
CA THR M 2 -36.81 -77.38 15.25
C THR M 2 -36.24 -77.68 13.87
N ASP M 3 -37.11 -78.07 12.95
CA ASP M 3 -36.75 -78.35 11.56
C ASP M 3 -36.81 -77.07 10.73
N LEU M 4 -35.67 -76.69 10.16
CA LEU M 4 -35.59 -75.47 9.37
C LEU M 4 -35.45 -75.75 7.87
N SER M 5 -35.88 -76.95 7.45
CA SER M 5 -35.87 -77.35 6.05
C SER M 5 -36.62 -76.36 5.16
N GLY M 6 -35.92 -75.87 4.13
CA GLY M 6 -36.49 -74.90 3.20
C GLY M 6 -36.65 -73.53 3.80
N LYS M 7 -35.94 -73.26 4.89
CA LYS M 7 -36.02 -71.98 5.59
C LYS M 7 -34.64 -71.38 5.84
N VAL M 8 -34.61 -70.06 5.99
CA VAL M 8 -33.37 -69.33 6.27
C VAL M 8 -33.52 -68.43 7.49
N PHE M 9 -32.39 -68.12 8.13
CA PHE M 9 -32.34 -67.00 9.06
C PHE M 9 -32.09 -65.74 8.22
N VAL M 10 -32.89 -64.71 8.43
CA VAL M 10 -32.66 -63.43 7.77
C VAL M 10 -32.22 -62.40 8.79
N PHE M 11 -31.00 -61.92 8.62
CA PHE M 11 -30.47 -60.81 9.39
C PHE M 11 -30.63 -59.58 8.49
N PRO M 12 -31.74 -58.86 8.67
CA PRO M 12 -32.21 -57.89 7.69
C PRO M 12 -31.54 -56.51 7.76
N ARG M 13 -30.76 -56.25 8.79
CA ARG M 13 -30.12 -54.94 8.98
C ARG M 13 -28.75 -55.05 9.63
N GLU M 14 -27.88 -54.08 9.33
CA GLU M 14 -26.61 -53.93 10.03
C GLU M 14 -26.87 -53.50 11.47
N SER M 15 -26.23 -54.19 12.40
CA SER M 15 -26.36 -53.87 13.82
C SER M 15 -25.19 -54.41 14.64
N VAL M 16 -25.20 -54.10 15.94
CA VAL M 16 -24.28 -54.69 16.89
C VAL M 16 -25.04 -55.63 17.84
N THR M 17 -26.34 -55.77 17.59
CA THR M 17 -27.25 -56.51 18.46
C THR M 17 -27.74 -57.84 17.89
N ASP M 18 -28.17 -57.83 16.62
CA ASP M 18 -28.86 -58.99 16.03
C ASP M 18 -27.96 -60.19 15.79
N HIS M 19 -28.27 -61.28 16.46
CA HIS M 19 -27.55 -62.54 16.29
C HIS M 19 -28.40 -63.76 16.63
N VAL M 20 -27.95 -64.93 16.20
CA VAL M 20 -28.56 -66.19 16.58
C VAL M 20 -27.51 -67.05 17.31
N ASN M 21 -27.87 -67.53 18.49
CA ASN M 21 -27.03 -68.48 19.22
C ASN M 21 -27.34 -69.91 18.78
N LEU M 22 -26.30 -70.66 18.46
CA LEU M 22 -26.44 -72.07 18.10
C LEU M 22 -26.01 -72.93 19.28
N ILE M 23 -26.90 -73.81 19.73
CA ILE M 23 -26.66 -74.65 20.91
C ILE M 23 -26.32 -76.08 20.50
N THR M 24 -25.20 -76.58 21.00
CA THR M 24 -24.73 -77.93 20.70
C THR M 24 -24.30 -78.66 21.99
N PRO M 25 -24.69 -79.94 22.13
CA PRO M 25 -24.37 -80.70 23.34
C PRO M 25 -22.95 -81.28 23.33
N LEU M 26 -22.09 -80.74 22.48
CA LEU M 26 -20.71 -81.20 22.35
C LEU M 26 -19.85 -80.76 23.52
N GLU M 27 -19.32 -81.74 24.25
CA GLU M 27 -18.46 -81.49 25.41
C GLU M 27 -17.04 -82.05 25.20
N LYS M 28 -16.84 -82.73 24.07
CA LYS M 28 -15.53 -83.27 23.71
C LYS M 28 -14.80 -82.32 22.76
N PRO M 29 -13.53 -82.03 23.06
CA PRO M 29 -12.71 -81.16 22.20
C PRO M 29 -12.56 -81.73 20.78
N LEU M 30 -12.74 -80.86 19.78
CA LEU M 30 -12.77 -81.29 18.38
C LEU M 30 -11.38 -81.46 17.76
N GLN M 31 -11.18 -82.62 17.15
CA GLN M 31 -9.98 -82.90 16.37
C GLN M 31 -10.26 -82.69 14.89
N ASN M 32 -11.43 -83.15 14.46
CA ASN M 32 -11.85 -83.08 13.06
C ASN M 32 -13.26 -82.53 12.95
N PHE M 33 -13.50 -81.66 11.97
CA PHE M 33 -14.85 -81.16 11.70
C PHE M 33 -15.07 -80.80 10.24
N THR M 34 -16.34 -80.81 9.83
CA THR M 34 -16.76 -80.21 8.57
C THR M 34 -17.97 -79.34 8.86
N LEU M 35 -17.95 -78.13 8.31
CA LEU M 35 -19.06 -77.21 8.47
C LEU M 35 -19.55 -76.77 7.10
N CYS M 36 -20.85 -76.97 6.84
CA CYS M 36 -21.47 -76.57 5.59
C CYS M 36 -22.67 -75.66 5.86
N PHE M 37 -22.84 -74.66 4.99
CA PHE M 37 -24.00 -73.77 5.03
C PHE M 37 -24.18 -73.00 3.73
N ARG M 38 -25.36 -72.40 3.58
CA ARG M 38 -25.67 -71.52 2.46
C ARG M 38 -25.76 -70.09 2.96
N ALA M 39 -25.20 -69.15 2.19
CA ALA M 39 -25.22 -67.74 2.56
C ALA M 39 -25.56 -66.85 1.37
N TYR M 40 -26.36 -65.81 1.63
CA TYR M 40 -26.71 -64.83 0.62
C TYR M 40 -26.61 -63.43 1.21
N SER M 41 -25.61 -62.68 0.75
CA SER M 41 -25.35 -61.33 1.27
C SER M 41 -24.79 -60.44 0.17
N ASP M 42 -25.20 -59.18 0.16
CA ASP M 42 -24.59 -58.20 -0.74
C ASP M 42 -23.68 -57.20 -0.03
N LEU M 43 -23.17 -57.59 1.14
CA LEU M 43 -22.15 -56.80 1.83
C LEU M 43 -20.83 -56.89 1.09
N SER M 44 -20.13 -55.77 1.00
CA SER M 44 -18.80 -55.72 0.40
C SER M 44 -17.71 -55.73 1.46
N ARG M 45 -18.03 -55.18 2.64
CA ARG M 45 -17.10 -55.17 3.76
C ARG M 45 -16.93 -56.57 4.36
N ALA M 46 -16.01 -56.69 5.32
CA ALA M 46 -15.74 -57.96 5.99
C ALA M 46 -16.88 -58.34 6.93
N TYR M 47 -17.13 -59.64 7.06
CA TYR M 47 -18.11 -60.15 8.01
C TYR M 47 -17.81 -61.57 8.47
N SER M 48 -18.27 -61.89 9.68
CA SER M 48 -18.21 -63.25 10.20
C SER M 48 -19.39 -64.06 9.69
N LEU M 49 -19.10 -65.26 9.20
CA LEU M 49 -20.14 -66.19 8.78
C LEU M 49 -20.53 -67.08 9.95
N PHE M 50 -19.53 -67.56 10.68
CA PHE M 50 -19.69 -68.54 11.75
C PHE M 50 -18.64 -68.26 12.83
N SER M 51 -19.11 -67.90 14.02
CA SER M 51 -18.23 -67.55 15.12
C SER M 51 -18.35 -68.54 16.29
N TYR M 52 -17.22 -69.19 16.60
CA TYR M 52 -17.16 -70.25 17.61
C TYR M 52 -16.09 -69.87 18.63
N ASN M 53 -16.53 -69.46 19.81
CA ASN M 53 -15.63 -69.02 20.88
C ASN M 53 -15.79 -69.88 22.14
N THR M 54 -14.68 -70.09 22.86
CA THR M 54 -14.71 -70.77 24.15
C THR M 54 -14.15 -69.85 25.23
N GLN M 55 -14.36 -70.24 26.49
CA GLN M 55 -13.97 -69.42 27.65
C GLN M 55 -12.50 -68.99 27.58
N GLY M 56 -12.30 -67.67 27.53
CA GLY M 56 -10.97 -67.09 27.49
C GLY M 56 -10.23 -67.28 26.19
N ARG M 57 -10.93 -67.74 25.16
CA ARG M 57 -10.32 -68.01 23.86
C ARG M 57 -11.13 -67.43 22.71
N ASP M 58 -10.62 -66.33 22.16
CA ASP M 58 -11.22 -65.68 21.00
C ASP M 58 -10.80 -66.39 19.72
N ASN M 59 -11.66 -66.34 18.71
CA ASN M 59 -11.39 -66.92 17.39
C ASN M 59 -10.91 -68.37 17.44
N GLU M 60 -11.60 -69.18 18.24
CA GLU M 60 -11.26 -70.59 18.40
C GLU M 60 -11.56 -71.37 17.12
N LEU M 61 -12.70 -71.05 16.52
CA LEU M 61 -13.11 -71.60 15.23
C LEU M 61 -14.00 -70.55 14.56
N LEU M 62 -13.49 -69.97 13.48
CA LEU M 62 -14.17 -68.84 12.86
C LEU M 62 -14.07 -68.88 11.35
N VAL M 63 -15.22 -68.78 10.69
CA VAL M 63 -15.28 -68.62 9.24
C VAL M 63 -15.55 -67.15 8.97
N TYR M 64 -14.57 -66.50 8.34
CA TYR M 64 -14.57 -65.06 8.20
C TYR M 64 -14.36 -64.70 6.73
N LYS M 65 -15.27 -63.87 6.21
CA LYS M 65 -15.19 -63.41 4.83
C LYS M 65 -14.56 -62.03 4.78
N GLU M 66 -13.28 -61.99 4.43
CA GLU M 66 -12.47 -60.76 4.39
C GLU M 66 -12.98 -59.79 3.33
N ARG M 67 -13.19 -60.32 2.13
CA ARG M 67 -13.68 -59.55 0.98
C ARG M 67 -14.19 -60.54 -0.05
N VAL M 68 -14.75 -60.03 -1.15
CA VAL M 68 -15.23 -60.87 -2.24
C VAL M 68 -14.12 -61.82 -2.69
N GLY M 69 -14.46 -63.11 -2.77
CA GLY M 69 -13.56 -64.11 -3.32
C GLY M 69 -12.45 -64.54 -2.39
N GLU M 70 -12.62 -64.28 -1.10
CA GLU M 70 -11.61 -64.63 -0.09
C GLU M 70 -12.26 -65.13 1.18
N TYR M 71 -11.97 -66.38 1.50
CA TYR M 71 -12.54 -67.02 2.69
C TYR M 71 -11.44 -67.36 3.68
N SER M 72 -11.67 -67.00 4.93
CA SER M 72 -10.69 -67.27 5.99
C SER M 72 -11.24 -68.24 7.02
N LEU M 73 -10.38 -69.16 7.45
CA LEU M 73 -10.67 -69.99 8.60
C LEU M 73 -9.69 -69.71 9.73
N TYR M 74 -10.24 -69.46 10.91
CA TYR M 74 -9.43 -69.36 12.13
C TYR M 74 -9.57 -70.64 12.95
N ILE M 75 -8.43 -71.17 13.37
CA ILE M 75 -8.38 -72.26 14.35
C ILE M 75 -7.46 -71.80 15.47
N GLY M 76 -8.02 -71.66 16.67
CA GLY M 76 -7.25 -71.21 17.82
C GLY M 76 -6.47 -69.94 17.57
N ARG M 77 -7.14 -68.95 16.99
CA ARG M 77 -6.57 -67.62 16.71
C ARG M 77 -5.72 -67.57 15.43
N HIS M 78 -5.16 -68.72 15.04
CA HIS M 78 -4.37 -68.82 13.80
C HIS M 78 -5.30 -68.76 12.60
N LYS M 79 -4.78 -68.34 11.46
CA LYS M 79 -5.62 -68.14 10.28
C LYS M 79 -5.01 -68.72 9.00
N VAL M 80 -5.89 -69.25 8.15
CA VAL M 80 -5.57 -69.55 6.76
C VAL M 80 -6.59 -68.87 5.85
N THR M 81 -6.16 -68.51 4.64
CA THR M 81 -7.03 -67.86 3.67
C THR M 81 -6.88 -68.51 2.31
N SER M 82 -8.02 -68.73 1.64
CA SER M 82 -8.00 -69.26 0.28
C SER M 82 -8.92 -68.47 -0.63
N LYS M 83 -8.53 -68.41 -1.90
CA LYS M 83 -9.20 -67.54 -2.87
C LYS M 83 -10.05 -68.34 -3.85
N VAL M 84 -11.03 -67.66 -4.44
CA VAL M 84 -11.93 -68.26 -5.42
C VAL M 84 -12.52 -67.18 -6.32
N ILE M 85 -12.74 -67.55 -7.58
CA ILE M 85 -13.51 -66.74 -8.51
C ILE M 85 -14.99 -66.88 -8.14
N GLU M 86 -15.62 -65.77 -7.81
CA GLU M 86 -17.06 -65.78 -7.58
C GLU M 86 -17.71 -64.49 -8.09
N LYS M 87 -18.97 -64.59 -8.49
CA LYS M 87 -19.74 -63.42 -8.86
C LYS M 87 -20.22 -62.72 -7.58
N PHE M 88 -20.45 -61.42 -7.68
CA PHE M 88 -20.98 -60.64 -6.57
C PHE M 88 -22.02 -59.64 -7.07
N PRO M 89 -23.16 -59.52 -6.37
CA PRO M 89 -23.52 -60.43 -5.28
C PRO M 89 -24.10 -61.74 -5.79
N ALA M 90 -23.96 -62.81 -5.01
CA ALA M 90 -24.44 -64.14 -5.40
C ALA M 90 -24.64 -65.06 -4.21
N PRO M 91 -25.71 -65.86 -4.25
CA PRO M 91 -25.89 -66.94 -3.27
C PRO M 91 -24.68 -67.87 -3.31
N VAL M 92 -24.29 -68.39 -2.16
CA VAL M 92 -23.12 -69.25 -2.09
C VAL M 92 -23.31 -70.44 -1.13
N HIS M 93 -22.83 -71.60 -1.55
CA HIS M 93 -22.74 -72.73 -0.65
C HIS M 93 -21.30 -72.89 -0.22
N ILE M 94 -21.08 -72.90 1.10
CA ILE M 94 -19.74 -72.98 1.66
C ILE M 94 -19.62 -74.22 2.54
N CYS M 95 -18.55 -74.98 2.29
CA CYS M 95 -18.12 -76.01 3.23
C CYS M 95 -16.68 -75.73 3.61
N VAL M 96 -16.37 -75.99 4.87
CA VAL M 96 -14.99 -75.97 5.35
C VAL M 96 -14.75 -77.11 6.33
N SER M 97 -13.64 -77.83 6.11
CA SER M 97 -13.23 -78.89 7.01
C SER M 97 -11.83 -78.62 7.54
N TRP M 98 -11.53 -79.17 8.71
CA TRP M 98 -10.20 -79.06 9.28
C TRP M 98 -9.86 -80.36 10.00
N GLU M 99 -8.58 -80.75 9.91
CA GLU M 99 -8.08 -82.00 10.43
C GLU M 99 -6.86 -81.74 11.33
N SER M 100 -6.97 -82.13 12.60
CA SER M 100 -5.90 -81.87 13.57
C SER M 100 -4.57 -82.54 13.25
N SER M 101 -4.61 -83.83 12.89
CA SER M 101 -3.42 -84.63 12.63
C SER M 101 -2.53 -84.06 11.52
N SER M 102 -3.15 -83.49 10.49
CA SER M 102 -2.41 -82.91 9.37
C SER M 102 -2.40 -81.39 9.39
N GLY M 103 -3.38 -80.80 10.07
CA GLY M 103 -3.55 -79.36 10.07
C GLY M 103 -4.31 -78.84 8.85
N ILE M 104 -4.60 -79.74 7.91
CA ILE M 104 -5.19 -79.35 6.62
C ILE M 104 -6.60 -78.77 6.74
N ALA M 105 -6.79 -77.60 6.12
CA ALA M 105 -8.07 -76.92 6.05
C ALA M 105 -8.56 -76.91 4.61
N GLU M 106 -9.79 -77.40 4.41
CA GLU M 106 -10.39 -77.52 3.09
C GLU M 106 -11.61 -76.62 2.94
N PHE M 107 -11.50 -75.60 2.10
CA PHE M 107 -12.68 -74.83 1.68
C PHE M 107 -13.26 -75.43 0.41
N TRP M 108 -14.58 -75.53 0.36
CA TRP M 108 -15.30 -75.88 -0.87
C TRP M 108 -16.38 -74.83 -1.10
N ILE M 109 -16.31 -74.16 -2.24
CA ILE M 109 -17.26 -73.11 -2.59
C ILE M 109 -18.08 -73.57 -3.78
N ASN M 110 -19.39 -73.67 -3.57
CA ASN M 110 -20.31 -74.22 -4.57
C ASN M 110 -19.84 -75.57 -5.12
N GLY M 111 -19.38 -76.44 -4.21
CA GLY M 111 -18.92 -77.77 -4.56
C GLY M 111 -17.59 -77.82 -5.29
N THR M 112 -16.87 -76.69 -5.30
CA THR M 112 -15.57 -76.60 -5.94
C THR M 112 -14.48 -76.46 -4.88
N PRO M 113 -13.48 -77.35 -4.92
CA PRO M 113 -12.41 -77.32 -3.91
C PRO M 113 -11.47 -76.13 -4.11
N LEU M 114 -11.20 -75.42 -3.02
CA LEU M 114 -10.19 -74.38 -3.02
C LEU M 114 -8.84 -74.99 -2.69
N VAL M 115 -7.77 -74.24 -2.92
CA VAL M 115 -6.42 -74.68 -2.55
C VAL M 115 -6.39 -75.00 -1.06
N LYS M 116 -5.96 -76.22 -0.72
CA LYS M 116 -5.80 -76.62 0.67
C LYS M 116 -4.74 -75.77 1.37
N LYS M 117 -5.04 -75.39 2.61
CA LYS M 117 -4.05 -74.75 3.47
C LYS M 117 -3.94 -75.56 4.75
N GLY M 118 -3.07 -75.14 5.65
CA GLY M 118 -2.83 -75.88 6.88
C GLY M 118 -2.40 -75.00 8.03
N LEU M 119 -2.92 -75.34 9.21
CA LEU M 119 -2.68 -74.57 10.43
C LEU M 119 -2.98 -75.44 11.64
N ARG M 120 -2.27 -75.17 12.73
CA ARG M 120 -2.53 -75.78 14.02
C ARG M 120 -2.50 -77.32 14.00
N GLN M 121 -1.52 -77.88 13.31
CA GLN M 121 -1.31 -79.33 13.32
C GLN M 121 -1.08 -79.79 14.75
N GLY M 122 -1.89 -80.75 15.19
CA GLY M 122 -1.77 -81.34 16.51
C GLY M 122 -2.62 -80.66 17.58
N TYR M 123 -3.32 -79.61 17.18
CA TYR M 123 -4.12 -78.81 18.10
C TYR M 123 -5.55 -79.33 18.21
N PHE M 124 -6.18 -79.10 19.35
CA PHE M 124 -7.59 -79.43 19.53
C PHE M 124 -8.38 -78.13 19.76
N VAL M 125 -9.42 -77.91 18.95
CA VAL M 125 -10.31 -76.78 19.22
C VAL M 125 -11.13 -77.09 20.46
N GLU M 126 -11.17 -76.14 21.38
CA GLU M 126 -11.76 -76.36 22.71
C GLU M 126 -13.26 -76.62 22.66
N ALA M 127 -13.73 -77.39 23.64
CA ALA M 127 -15.13 -77.77 23.76
C ALA M 127 -15.95 -76.71 24.51
N GLN M 128 -17.21 -77.04 24.80
CA GLN M 128 -18.16 -76.14 25.47
C GLN M 128 -18.14 -74.71 24.90
N PRO M 129 -18.52 -74.57 23.63
CA PRO M 129 -18.46 -73.27 22.95
C PRO M 129 -19.75 -72.45 23.01
N LYS M 130 -19.61 -71.16 22.75
CA LYS M 130 -20.74 -70.33 22.37
C LYS M 130 -20.60 -70.10 20.88
N ILE M 131 -21.63 -70.50 20.13
CA ILE M 131 -21.62 -70.37 18.68
C ILE M 131 -22.66 -69.32 18.27
N VAL M 132 -22.22 -68.32 17.50
CA VAL M 132 -23.12 -67.25 17.07
C VAL M 132 -23.13 -67.02 15.55
N LEU M 133 -24.33 -66.74 15.04
CA LEU M 133 -24.54 -66.36 13.66
C LEU M 133 -24.99 -64.90 13.64
N GLY M 134 -24.44 -64.13 12.71
CA GLY M 134 -24.85 -62.74 12.52
C GLY M 134 -23.92 -61.71 13.13
N GLN M 135 -23.13 -62.13 14.11
CA GLN M 135 -22.13 -61.26 14.73
C GLN M 135 -20.82 -62.01 14.93
N GLU M 136 -19.73 -61.25 15.06
CA GLU M 136 -18.43 -61.83 15.41
C GLU M 136 -18.17 -61.65 16.90
N GLN M 137 -17.76 -62.72 17.56
CA GLN M 137 -17.47 -62.71 18.99
C GLN M 137 -16.05 -62.26 19.26
N ASP M 138 -15.89 -61.42 20.29
CA ASP M 138 -14.58 -61.08 20.83
C ASP M 138 -14.45 -61.56 22.28
N SER M 139 -15.55 -62.09 22.81
CA SER M 139 -15.59 -62.72 24.12
C SER M 139 -16.43 -64.00 24.09
N TYR M 140 -16.51 -64.68 25.22
CA TYR M 140 -17.35 -65.87 25.36
C TYR M 140 -18.83 -65.47 25.36
N GLY M 141 -19.39 -65.33 24.15
CA GLY M 141 -20.81 -65.06 24.00
C GLY M 141 -21.18 -63.64 23.62
N GLY M 142 -20.18 -62.76 23.48
CA GLY M 142 -20.47 -61.36 23.20
C GLY M 142 -19.35 -60.54 22.60
N LYS M 143 -19.35 -59.26 22.97
CA LYS M 143 -18.40 -58.25 22.46
C LYS M 143 -18.41 -58.19 20.93
N PHE M 144 -19.59 -57.91 20.39
CA PHE M 144 -19.78 -57.88 18.94
C PHE M 144 -19.26 -56.59 18.31
N ASP M 145 -19.20 -56.59 16.98
CA ASP M 145 -18.64 -55.49 16.20
C ASP M 145 -19.54 -55.23 15.00
N ARG M 146 -20.06 -54.01 14.93
CA ARG M 146 -20.96 -53.57 13.86
C ARG M 146 -20.36 -53.80 12.47
N SER M 147 -19.08 -53.45 12.31
CA SER M 147 -18.37 -53.62 11.03
C SER M 147 -18.07 -55.08 10.66
N GLN M 148 -18.43 -56.01 11.55
CA GLN M 148 -18.24 -57.44 11.29
C GLN M 148 -19.55 -58.21 11.26
N SER M 149 -20.65 -57.49 11.50
CA SER M 149 -22.00 -58.09 11.49
C SER M 149 -22.33 -58.69 10.12
N PHE M 150 -23.06 -59.80 10.14
CA PHE M 150 -23.55 -60.39 8.91
C PHE M 150 -24.94 -59.87 8.61
N VAL M 151 -25.11 -59.30 7.42
CA VAL M 151 -26.41 -58.84 6.95
C VAL M 151 -26.77 -59.67 5.73
N GLY M 152 -27.95 -60.29 5.79
CA GLY M 152 -28.39 -61.15 4.71
C GLY M 152 -29.00 -62.45 5.22
N GLU M 153 -28.85 -63.50 4.43
CA GLU M 153 -29.53 -64.77 4.70
C GLU M 153 -28.57 -65.95 4.81
N ILE M 154 -28.78 -66.79 5.81
CA ILE M 154 -28.05 -68.04 6.00
C ILE M 154 -29.02 -69.20 6.10
N GLY M 155 -28.76 -70.26 5.35
CA GLY M 155 -29.56 -71.47 5.43
C GLY M 155 -28.74 -72.75 5.40
N ASP M 156 -29.41 -73.88 5.59
CA ASP M 156 -28.81 -75.21 5.43
C ASP M 156 -27.47 -75.38 6.15
N LEU M 157 -27.45 -75.04 7.43
CA LEU M 157 -26.24 -75.13 8.25
C LEU M 157 -26.13 -76.52 8.90
N TYR M 158 -25.03 -77.20 8.61
CA TYR M 158 -24.73 -78.51 9.22
C TYR M 158 -23.28 -78.55 9.67
N MET M 159 -23.02 -79.22 10.78
CA MET M 159 -21.65 -79.45 11.25
C MET M 159 -21.44 -80.90 11.66
N TRP M 160 -20.37 -81.48 11.14
CA TRP M 160 -19.98 -82.86 11.45
C TRP M 160 -18.68 -82.88 12.25
N ASP M 161 -18.47 -83.96 13.00
CA ASP M 161 -17.23 -84.12 13.76
C ASP M 161 -16.18 -84.96 13.01
N SER M 162 -16.25 -84.92 11.67
CA SER M 162 -15.29 -85.63 10.83
C SER M 162 -15.05 -84.87 9.52
N VAL M 163 -13.92 -85.17 8.87
CA VAL M 163 -13.60 -84.57 7.57
C VAL M 163 -14.41 -85.28 6.48
N LEU M 164 -15.39 -84.59 5.96
CA LEU M 164 -16.28 -85.13 4.92
C LEU M 164 -15.55 -85.33 3.60
N PRO M 165 -15.71 -86.51 2.99
CA PRO M 165 -15.15 -86.77 1.66
C PRO M 165 -15.83 -85.91 0.58
N PRO M 166 -15.15 -85.67 -0.54
CA PRO M 166 -15.70 -84.86 -1.63
C PRO M 166 -17.15 -85.16 -1.96
N GLU M 167 -17.51 -86.45 -2.05
CA GLU M 167 -18.88 -86.85 -2.43
C GLU M 167 -19.94 -86.37 -1.43
N ASN M 168 -19.58 -86.34 -0.15
CA ASN M 168 -20.47 -85.86 0.90
C ASN M 168 -20.59 -84.32 0.88
N ILE M 169 -19.55 -83.65 0.41
CA ILE M 169 -19.61 -82.19 0.20
C ILE M 169 -20.58 -81.88 -0.93
N LEU M 170 -20.45 -82.61 -2.04
CA LEU M 170 -21.34 -82.49 -3.18
C LEU M 170 -22.80 -82.69 -2.76
N SER M 171 -23.05 -83.74 -1.97
CA SER M 171 -24.39 -84.05 -1.46
C SER M 171 -24.99 -82.87 -0.68
N ALA M 172 -24.18 -82.23 0.17
CA ALA M 172 -24.62 -81.04 0.89
C ALA M 172 -24.92 -79.90 -0.06
N TYR M 173 -24.01 -79.67 -1.02
CA TYR M 173 -24.19 -78.65 -2.06
C TYR M 173 -25.48 -78.91 -2.85
N GLN M 174 -25.71 -80.17 -3.20
CA GLN M 174 -26.87 -80.58 -4.00
C GLN M 174 -28.18 -80.52 -3.22
N GLY M 175 -28.10 -80.41 -1.90
CA GLY M 175 -29.28 -80.29 -1.06
C GLY M 175 -29.73 -81.58 -0.40
N THR M 176 -28.91 -82.62 -0.48
CA THR M 176 -29.16 -83.87 0.24
C THR M 176 -27.99 -84.18 1.20
N PRO M 177 -27.79 -83.35 2.23
CA PRO M 177 -26.66 -83.53 3.14
C PRO M 177 -26.88 -84.75 4.04
N LEU M 178 -25.78 -85.38 4.44
CA LEU M 178 -25.81 -86.47 5.41
C LEU M 178 -26.18 -85.89 6.77
N PRO M 179 -26.94 -86.63 7.58
CA PRO M 179 -27.20 -86.21 8.97
C PRO M 179 -25.91 -85.80 9.69
N ALA M 180 -25.99 -84.68 10.41
CA ALA M 180 -24.83 -84.11 11.09
C ALA M 180 -25.01 -84.18 12.62
N ASN M 181 -23.91 -84.38 13.33
CA ASN M 181 -23.97 -84.68 14.76
C ASN M 181 -23.53 -83.57 15.73
N ILE M 182 -23.06 -82.45 15.20
CA ILE M 182 -22.76 -81.29 16.05
C ILE M 182 -23.86 -80.25 15.89
N LEU M 183 -24.15 -79.91 14.63
CA LEU M 183 -25.17 -78.94 14.28
C LEU M 183 -25.95 -79.48 13.09
N ASP M 184 -27.29 -79.41 13.16
CA ASP M 184 -28.13 -79.93 12.10
C ASP M 184 -29.33 -79.01 11.83
N TRP M 185 -29.47 -78.57 10.59
CA TRP M 185 -30.55 -77.68 10.16
C TRP M 185 -31.94 -78.30 10.33
N GLN M 186 -32.01 -79.63 10.25
CA GLN M 186 -33.26 -80.36 10.40
C GLN M 186 -33.66 -80.56 11.86
N ALA M 187 -32.71 -80.33 12.78
CA ALA M 187 -32.96 -80.45 14.21
C ALA M 187 -32.08 -79.46 14.97
N LEU M 188 -32.36 -78.18 14.78
CA LEU M 188 -31.51 -77.11 15.31
C LEU M 188 -32.04 -76.54 16.61
N ASN M 189 -31.16 -76.52 17.63
CA ASN M 189 -31.42 -75.79 18.87
C ASN M 189 -30.81 -74.40 18.78
N TYR M 190 -31.66 -73.39 18.67
CA TYR M 190 -31.18 -72.02 18.44
C TYR M 190 -31.82 -70.99 19.36
N GLU M 191 -31.19 -69.83 19.46
CA GLU M 191 -31.71 -68.71 20.22
C GLU M 191 -31.65 -67.43 19.38
N ILE M 192 -32.83 -66.90 19.04
CA ILE M 192 -32.90 -65.64 18.29
C ILE M 192 -32.78 -64.46 19.25
N ARG M 193 -31.76 -63.63 19.01
CA ARG M 193 -31.53 -62.44 19.82
C ARG M 193 -31.51 -61.20 18.93
N GLY M 194 -32.53 -60.35 19.09
CA GLY M 194 -32.67 -59.14 18.30
C GLY M 194 -33.49 -59.35 17.05
N TYR M 195 -33.20 -58.55 16.03
CA TYR M 195 -33.94 -58.56 14.79
C TYR M 195 -33.43 -59.64 13.84
N VAL M 196 -33.99 -60.84 13.97
CA VAL M 196 -33.75 -61.93 13.03
C VAL M 196 -35.10 -62.57 12.69
N ILE M 197 -35.37 -62.72 11.40
CA ILE M 197 -36.62 -63.29 10.92
C ILE M 197 -36.37 -64.60 10.18
N ILE M 198 -37.18 -65.61 10.48
CA ILE M 198 -37.15 -66.87 9.73
C ILE M 198 -38.09 -66.74 8.54
N LYS M 199 -37.57 -67.02 7.35
CA LYS M 199 -38.33 -66.95 6.12
C LYS M 199 -38.05 -68.17 5.25
N PRO M 200 -38.97 -68.51 4.33
CA PRO M 200 -38.69 -69.55 3.33
C PRO M 200 -37.49 -69.20 2.46
N LEU M 201 -36.67 -70.21 2.15
CA LEU M 201 -35.53 -70.04 1.27
C LEU M 201 -36.02 -69.96 -0.18
N VAL M 202 -35.76 -68.83 -0.84
CA VAL M 202 -36.29 -68.57 -2.18
C VAL M 202 -35.24 -68.50 -3.29
N TRP M 203 -33.97 -68.59 -2.92
CA TRP M 203 -32.87 -68.38 -3.89
C TRP M 203 -32.09 -69.62 -4.33
N VAL M 204 -32.55 -70.80 -3.91
CA VAL M 204 -31.92 -72.06 -4.35
C VAL M 204 -32.55 -72.55 -5.66
N HIS N 1 -60.51 -44.18 -16.36
CA HIS N 1 -59.73 -45.45 -16.19
C HIS N 1 -59.43 -46.07 -17.55
N THR N 2 -58.14 -46.33 -17.80
CA THR N 2 -57.67 -46.77 -19.12
C THR N 2 -56.93 -48.10 -19.06
N ASP N 3 -57.19 -48.95 -20.06
CA ASP N 3 -56.43 -50.17 -20.26
C ASP N 3 -55.15 -49.84 -21.02
N LEU N 4 -54.01 -50.07 -20.38
CA LEU N 4 -52.71 -49.73 -20.95
C LEU N 4 -51.91 -50.97 -21.37
N SER N 5 -52.62 -52.07 -21.62
CA SER N 5 -52.03 -53.34 -22.04
C SER N 5 -51.18 -53.21 -23.29
N GLY N 6 -49.90 -53.60 -23.17
CA GLY N 6 -48.96 -53.57 -24.27
C GLY N 6 -48.48 -52.16 -24.60
N LYS N 7 -48.56 -51.27 -23.62
CA LYS N 7 -48.19 -49.87 -23.78
C LYS N 7 -47.39 -49.36 -22.58
N VAL N 8 -46.64 -48.29 -22.79
CA VAL N 8 -45.79 -47.72 -21.75
C VAL N 8 -46.05 -46.22 -21.60
N PHE N 9 -45.61 -45.65 -20.48
CA PHE N 9 -45.45 -44.20 -20.35
C PHE N 9 -44.03 -43.89 -20.80
N VAL N 10 -43.88 -42.96 -21.74
CA VAL N 10 -42.55 -42.47 -22.12
C VAL N 10 -42.32 -41.09 -21.54
N PHE N 11 -41.28 -40.99 -20.71
CA PHE N 11 -40.77 -39.71 -20.22
C PHE N 11 -39.53 -39.41 -21.05
N PRO N 12 -39.72 -38.72 -22.17
CA PRO N 12 -38.71 -38.67 -23.24
C PRO N 12 -37.58 -37.67 -22.97
N ARG N 13 -37.67 -36.89 -21.90
CA ARG N 13 -36.66 -35.88 -21.57
C ARG N 13 -36.50 -35.68 -20.07
N GLU N 14 -35.33 -35.17 -19.68
CA GLU N 14 -35.08 -34.72 -18.32
C GLU N 14 -35.81 -33.39 -18.08
N SER N 15 -36.52 -33.30 -16.95
CA SER N 15 -37.23 -32.08 -16.58
C SER N 15 -37.47 -32.03 -15.08
N VAL N 16 -38.04 -30.92 -14.62
CA VAL N 16 -38.48 -30.77 -13.24
C VAL N 16 -40.03 -30.77 -13.18
N THR N 17 -40.65 -31.02 -14.33
CA THR N 17 -42.09 -30.82 -14.46
C THR N 17 -42.90 -32.01 -15.02
N ASP N 18 -42.29 -32.81 -15.89
CA ASP N 18 -42.99 -33.94 -16.52
C ASP N 18 -43.22 -35.06 -15.52
N HIS N 19 -44.49 -35.42 -15.32
CA HIS N 19 -44.86 -36.48 -14.40
C HIS N 19 -46.26 -37.03 -14.65
N VAL N 20 -46.50 -38.23 -14.12
CA VAL N 20 -47.82 -38.85 -14.18
C VAL N 20 -48.34 -39.07 -12.76
N ASN N 21 -49.49 -38.49 -12.46
CA ASN N 21 -50.18 -38.73 -11.21
C ASN N 21 -50.95 -40.04 -11.28
N LEU N 22 -50.77 -40.89 -10.27
CA LEU N 22 -51.49 -42.16 -10.18
C LEU N 22 -52.53 -42.10 -9.07
N ILE N 23 -53.77 -42.46 -9.39
CA ILE N 23 -54.90 -42.32 -8.46
C ILE N 23 -55.43 -43.69 -8.00
N THR N 24 -55.49 -43.87 -6.68
CA THR N 24 -56.00 -45.10 -6.07
C THR N 24 -57.10 -44.81 -5.03
N PRO N 25 -58.13 -45.65 -4.99
CA PRO N 25 -59.22 -45.48 -4.01
C PRO N 25 -58.89 -46.02 -2.61
N LEU N 26 -57.62 -46.36 -2.38
CA LEU N 26 -57.17 -46.89 -1.10
C LEU N 26 -57.15 -45.81 -0.02
N GLU N 27 -57.94 -46.02 1.03
CA GLU N 27 -57.99 -45.09 2.16
C GLU N 27 -57.70 -45.76 3.50
N LYS N 28 -57.13 -46.97 3.45
CA LYS N 28 -56.69 -47.65 4.67
C LYS N 28 -55.15 -47.79 4.68
N PRO N 29 -54.54 -47.59 5.86
CA PRO N 29 -53.09 -47.73 6.02
C PRO N 29 -52.60 -49.12 5.61
N LEU N 30 -51.47 -49.16 4.89
CA LEU N 30 -50.95 -50.41 4.34
C LEU N 30 -50.08 -51.19 5.33
N GLN N 31 -50.50 -52.42 5.59
CA GLN N 31 -49.71 -53.36 6.38
C GLN N 31 -48.79 -54.15 5.46
N ASN N 32 -49.35 -54.64 4.36
CA ASN N 32 -48.61 -55.39 3.35
C ASN N 32 -48.82 -54.76 1.97
N PHE N 33 -47.82 -54.88 1.10
CA PHE N 33 -47.96 -54.50 -0.31
C PHE N 33 -46.95 -55.18 -1.22
N THR N 34 -47.31 -55.30 -2.49
CA THR N 34 -46.38 -55.69 -3.53
C THR N 34 -46.54 -54.73 -4.70
N LEU N 35 -45.43 -54.23 -5.21
CA LEU N 35 -45.42 -53.38 -6.39
C LEU N 35 -44.54 -54.00 -7.46
N CYS N 36 -45.06 -54.09 -8.67
CA CYS N 36 -44.32 -54.64 -9.81
C CYS N 36 -44.46 -53.73 -11.02
N PHE N 37 -43.37 -53.60 -11.79
CA PHE N 37 -43.37 -52.81 -13.01
C PHE N 37 -42.14 -53.09 -13.88
N ARG N 38 -42.25 -52.71 -15.15
CA ARG N 38 -41.15 -52.78 -16.10
C ARG N 38 -40.62 -51.38 -16.35
N ALA N 39 -39.30 -51.25 -16.49
CA ALA N 39 -38.66 -49.97 -16.76
C ALA N 39 -37.49 -50.09 -17.73
N TYR N 40 -37.30 -49.05 -18.54
CA TYR N 40 -36.21 -49.01 -19.52
C TYR N 40 -35.66 -47.59 -19.58
N SER N 41 -34.43 -47.44 -19.07
CA SER N 41 -33.80 -46.13 -18.95
C SER N 41 -32.30 -46.26 -19.10
N ASP N 42 -31.68 -45.32 -19.82
CA ASP N 42 -30.22 -45.31 -19.89
C ASP N 42 -29.59 -44.19 -19.06
N LEU N 43 -30.31 -43.77 -18.00
CA LEU N 43 -29.76 -42.85 -17.01
C LEU N 43 -28.77 -43.57 -16.09
N SER N 44 -27.65 -42.90 -15.81
CA SER N 44 -26.64 -43.43 -14.89
C SER N 44 -26.75 -42.79 -13.52
N ARG N 45 -27.24 -41.56 -13.48
CA ARG N 45 -27.50 -40.85 -12.22
C ARG N 45 -28.69 -41.45 -11.48
N ALA N 46 -28.87 -41.05 -10.23
CA ALA N 46 -29.99 -41.51 -9.40
C ALA N 46 -31.33 -41.00 -9.93
N TYR N 47 -32.37 -41.83 -9.81
CA TYR N 47 -33.72 -41.42 -10.19
C TYR N 47 -34.78 -42.14 -9.39
N SER N 48 -35.96 -41.52 -9.30
CA SER N 48 -37.11 -42.15 -8.66
C SER N 48 -37.90 -42.95 -9.68
N LEU N 49 -38.25 -44.17 -9.29
CA LEU N 49 -39.10 -45.04 -10.09
C LEU N 49 -40.56 -44.86 -9.69
N PHE N 50 -40.80 -44.73 -8.39
CA PHE N 50 -42.15 -44.73 -7.85
C PHE N 50 -42.17 -43.91 -6.56
N SER N 51 -42.92 -42.82 -6.56
CA SER N 51 -42.95 -41.89 -5.45
C SER N 51 -44.34 -41.78 -4.83
N TYR N 52 -44.42 -42.16 -3.56
CA TYR N 52 -45.67 -42.27 -2.82
C TYR N 52 -45.52 -41.42 -1.55
N ASN N 53 -46.21 -40.29 -1.53
CA ASN N 53 -46.15 -39.37 -0.40
C ASN N 53 -47.53 -39.14 0.22
N THR N 54 -47.56 -38.95 1.54
CA THR N 54 -48.80 -38.60 2.23
C THR N 54 -48.65 -37.25 2.93
N GLN N 55 -49.77 -36.69 3.37
CA GLN N 55 -49.81 -35.37 4.00
C GLN N 55 -48.77 -35.22 5.12
N GLY N 56 -47.82 -34.30 4.89
CA GLY N 56 -46.77 -34.01 5.85
C GLY N 56 -45.75 -35.12 6.03
N ARG N 57 -45.74 -36.07 5.09
CA ARG N 57 -44.86 -37.22 5.18
C ARG N 57 -44.16 -37.49 3.85
N ASP N 58 -42.87 -37.20 3.81
CA ASP N 58 -42.04 -37.43 2.64
C ASP N 58 -41.53 -38.87 2.64
N ASN N 59 -41.23 -39.39 1.45
CA ASN N 59 -40.68 -40.74 1.27
C ASN N 59 -41.40 -41.83 2.06
N GLU N 60 -42.73 -41.72 2.13
CA GLU N 60 -43.57 -42.69 2.84
C GLU N 60 -43.44 -44.09 2.22
N LEU N 61 -43.41 -44.12 0.89
CA LEU N 61 -43.16 -45.34 0.14
C LEU N 61 -42.52 -44.94 -1.18
N LEU N 62 -41.21 -45.19 -1.30
CA LEU N 62 -40.47 -44.76 -2.47
C LEU N 62 -39.53 -45.85 -2.98
N VAL N 63 -39.60 -46.12 -4.27
CA VAL N 63 -38.64 -46.99 -4.94
C VAL N 63 -37.65 -46.10 -5.68
N TYR N 64 -36.39 -46.21 -5.29
CA TYR N 64 -35.36 -45.26 -5.70
C TYR N 64 -34.13 -46.01 -6.21
N LYS N 65 -33.66 -45.64 -7.39
CA LYS N 65 -32.50 -46.27 -8.00
C LYS N 65 -31.27 -45.38 -7.82
N GLU N 66 -30.39 -45.77 -6.91
CA GLU N 66 -29.23 -44.98 -6.52
C GLU N 66 -28.21 -44.87 -7.64
N ARG N 67 -27.93 -46.02 -8.25
CA ARG N 67 -26.93 -46.17 -9.31
C ARG N 67 -27.18 -47.54 -9.93
N VAL N 68 -26.43 -47.88 -10.98
CA VAL N 68 -26.55 -49.19 -11.62
C VAL N 68 -26.42 -50.33 -10.59
N GLY N 69 -27.34 -51.28 -10.67
CA GLY N 69 -27.28 -52.49 -9.85
C GLY N 69 -27.62 -52.32 -8.39
N GLU N 70 -28.30 -51.21 -8.06
CA GLU N 70 -28.66 -50.90 -6.68
C GLU N 70 -30.08 -50.32 -6.57
N TYR N 71 -30.91 -50.96 -5.76
CA TYR N 71 -32.31 -50.57 -5.61
C TYR N 71 -32.65 -50.27 -4.16
N SER N 72 -33.17 -49.07 -3.92
CA SER N 72 -33.57 -48.65 -2.59
C SER N 72 -35.09 -48.67 -2.43
N LEU N 73 -35.54 -49.05 -1.24
CA LEU N 73 -36.94 -48.90 -0.88
C LEU N 73 -37.05 -48.03 0.37
N TYR N 74 -37.92 -47.03 0.31
CA TYR N 74 -38.20 -46.16 1.44
C TYR N 74 -39.56 -46.50 2.03
N ILE N 75 -39.58 -46.74 3.34
CA ILE N 75 -40.82 -46.90 4.09
C ILE N 75 -40.77 -45.93 5.27
N GLY N 76 -41.73 -45.01 5.33
CA GLY N 76 -41.80 -44.00 6.37
C GLY N 76 -40.47 -43.30 6.64
N ARG N 77 -39.86 -42.78 5.57
CA ARG N 77 -38.57 -42.05 5.63
C ARG N 77 -37.33 -42.92 5.86
N HIS N 78 -37.53 -44.18 6.29
CA HIS N 78 -36.43 -45.12 6.50
C HIS N 78 -36.15 -45.89 5.21
N LYS N 79 -34.90 -46.30 5.00
CA LYS N 79 -34.55 -46.98 3.75
C LYS N 79 -33.71 -48.27 3.88
N VAL N 80 -33.89 -49.15 2.90
CA VAL N 80 -33.02 -50.31 2.71
C VAL N 80 -32.55 -50.34 1.26
N THR N 81 -31.37 -50.93 1.03
CA THR N 81 -30.81 -51.02 -0.30
C THR N 81 -30.35 -52.44 -0.57
N SER N 82 -30.65 -52.92 -1.78
CA SER N 82 -30.19 -54.24 -2.19
C SER N 82 -29.47 -54.16 -3.53
N LYS N 83 -28.45 -55.00 -3.69
CA LYS N 83 -27.60 -55.01 -4.88
C LYS N 83 -27.95 -56.16 -5.81
N VAL N 84 -27.68 -55.94 -7.10
CA VAL N 84 -27.88 -56.96 -8.13
C VAL N 84 -26.89 -56.79 -9.27
N ILE N 85 -26.51 -57.90 -9.91
CA ILE N 85 -25.77 -57.87 -11.15
C ILE N 85 -26.74 -57.59 -12.29
N GLU N 86 -26.50 -56.51 -13.02
CA GLU N 86 -27.30 -56.19 -14.20
C GLU N 86 -26.46 -55.54 -15.30
N LYS N 87 -26.88 -55.75 -16.54
CA LYS N 87 -26.27 -55.08 -17.69
C LYS N 87 -26.81 -53.66 -17.77
N PHE N 88 -26.03 -52.75 -18.35
CA PHE N 88 -26.47 -51.38 -18.55
C PHE N 88 -26.11 -50.84 -19.94
N PRO N 89 -27.08 -50.24 -20.62
CA PRO N 89 -28.48 -50.21 -20.18
C PRO N 89 -29.23 -51.50 -20.55
N ALA N 90 -30.36 -51.75 -19.89
CA ALA N 90 -31.19 -52.92 -20.14
C ALA N 90 -32.60 -52.72 -19.60
N PRO N 91 -33.60 -53.23 -20.31
CA PRO N 91 -34.95 -53.35 -19.74
C PRO N 91 -34.87 -54.17 -18.46
N VAL N 92 -35.66 -53.79 -17.47
CA VAL N 92 -35.68 -54.52 -16.20
C VAL N 92 -37.12 -54.73 -15.76
N HIS N 93 -37.38 -55.87 -15.11
CA HIS N 93 -38.62 -56.06 -14.39
C HIS N 93 -38.35 -56.02 -12.90
N ILE N 94 -39.07 -55.15 -12.20
CA ILE N 94 -38.87 -54.93 -10.78
C ILE N 94 -40.13 -55.28 -10.02
N CYS N 95 -39.96 -56.12 -9.00
CA CYS N 95 -41.00 -56.35 -8.00
C CYS N 95 -40.41 -55.99 -6.64
N VAL N 96 -41.23 -55.37 -5.79
CA VAL N 96 -40.84 -55.07 -4.43
C VAL N 96 -42.03 -55.21 -3.49
N SER N 97 -41.84 -56.03 -2.46
CA SER N 97 -42.84 -56.24 -1.43
C SER N 97 -42.31 -55.82 -0.07
N TRP N 98 -43.23 -55.46 0.82
CA TRP N 98 -42.90 -55.14 2.19
C TRP N 98 -43.99 -55.64 3.13
N GLU N 99 -43.56 -56.22 4.25
CA GLU N 99 -44.45 -56.83 5.23
C GLU N 99 -44.19 -56.21 6.59
N SER N 100 -45.19 -55.51 7.13
CA SER N 100 -45.06 -54.79 8.40
C SER N 100 -44.69 -55.69 9.58
N SER N 101 -45.42 -56.79 9.76
CA SER N 101 -45.23 -57.72 10.87
C SER N 101 -43.77 -58.16 11.04
N SER N 102 -43.09 -58.37 9.92
CA SER N 102 -41.70 -58.80 9.93
C SER N 102 -40.73 -57.65 9.67
N GLY N 103 -41.19 -56.68 8.87
CA GLY N 103 -40.35 -55.57 8.43
C GLY N 103 -39.61 -55.87 7.14
N ILE N 104 -39.79 -57.07 6.61
CA ILE N 104 -39.00 -57.57 5.47
C ILE N 104 -39.38 -56.94 4.14
N ALA N 105 -38.35 -56.38 3.48
CA ALA N 105 -38.48 -55.89 2.11
C ALA N 105 -37.87 -56.91 1.15
N GLU N 106 -38.58 -57.19 0.06
CA GLU N 106 -38.17 -58.20 -0.89
C GLU N 106 -38.12 -57.61 -2.29
N PHE N 107 -36.90 -57.43 -2.81
CA PHE N 107 -36.72 -56.98 -4.18
C PHE N 107 -36.57 -58.19 -5.10
N TRP N 108 -37.28 -58.17 -6.23
CA TRP N 108 -37.17 -59.19 -7.26
C TRP N 108 -36.83 -58.54 -8.60
N ILE N 109 -35.67 -58.88 -9.15
CA ILE N 109 -35.19 -58.29 -10.39
C ILE N 109 -35.19 -59.34 -11.48
N ASN N 110 -36.00 -59.12 -12.52
CA ASN N 110 -36.22 -60.10 -13.59
C ASN N 110 -36.54 -61.51 -13.07
N GLY N 111 -37.37 -61.56 -12.02
CA GLY N 111 -37.75 -62.82 -11.40
C GLY N 111 -36.69 -63.42 -10.48
N THR N 112 -35.62 -62.67 -10.23
CA THR N 112 -34.53 -63.11 -9.36
C THR N 112 -34.60 -62.37 -8.02
N PRO N 113 -34.66 -63.11 -6.91
CA PRO N 113 -34.75 -62.50 -5.58
C PRO N 113 -33.43 -61.88 -5.16
N LEU N 114 -33.48 -60.63 -4.73
CA LEU N 114 -32.32 -59.99 -4.11
C LEU N 114 -32.30 -60.38 -2.64
N VAL N 115 -31.18 -60.11 -1.97
CA VAL N 115 -31.05 -60.36 -0.54
C VAL N 115 -32.14 -59.60 0.20
N LYS N 116 -32.83 -60.30 1.11
CA LYS N 116 -33.86 -59.70 1.93
C LYS N 116 -33.28 -58.64 2.87
N LYS N 117 -34.03 -57.56 3.07
CA LYS N 117 -33.67 -56.54 4.04
C LYS N 117 -34.91 -56.21 4.87
N GLY N 118 -34.73 -55.41 5.92
CA GLY N 118 -35.79 -55.14 6.86
C GLY N 118 -35.77 -53.75 7.46
N LEU N 119 -36.96 -53.17 7.55
CA LEU N 119 -37.15 -51.82 8.06
C LEU N 119 -38.59 -51.65 8.54
N ARG N 120 -38.76 -50.77 9.53
CA ARG N 120 -40.08 -50.33 9.99
C ARG N 120 -41.02 -51.49 10.37
N GLN N 121 -40.48 -52.43 11.14
CA GLN N 121 -41.28 -53.51 11.70
C GLN N 121 -42.35 -52.92 12.61
N GLY N 122 -43.60 -53.34 12.40
CA GLY N 122 -44.73 -52.87 13.18
C GLY N 122 -45.26 -51.51 12.77
N TYR N 123 -44.92 -51.09 11.55
CA TYR N 123 -45.32 -49.78 11.04
C TYR N 123 -46.44 -49.90 10.01
N PHE N 124 -47.19 -48.82 9.82
CA PHE N 124 -48.21 -48.76 8.77
C PHE N 124 -47.88 -47.59 7.83
N VAL N 125 -47.72 -47.89 6.53
CA VAL N 125 -47.59 -46.81 5.54
C VAL N 125 -48.94 -46.10 5.43
N GLU N 126 -48.91 -44.77 5.53
CA GLU N 126 -50.12 -43.96 5.63
C GLU N 126 -50.99 -44.00 4.36
N ALA N 127 -52.28 -43.76 4.54
CA ALA N 127 -53.26 -43.75 3.47
C ALA N 127 -53.38 -42.36 2.85
N GLN N 128 -54.30 -42.23 1.88
CA GLN N 128 -54.55 -40.97 1.17
C GLN N 128 -53.29 -40.42 0.49
N PRO N 129 -52.70 -41.21 -0.42
CA PRO N 129 -51.41 -40.85 -1.01
C PRO N 129 -51.51 -40.05 -2.30
N LYS N 130 -50.46 -39.31 -2.59
CA LYS N 130 -50.22 -38.80 -3.93
C LYS N 130 -49.08 -39.62 -4.52
N ILE N 131 -49.39 -40.32 -5.61
CA ILE N 131 -48.42 -41.19 -6.26
C ILE N 131 -48.01 -40.58 -7.59
N VAL N 132 -46.71 -40.38 -7.78
CA VAL N 132 -46.21 -39.80 -9.02
C VAL N 132 -45.15 -40.66 -9.72
N LEU N 133 -45.25 -40.73 -11.04
CA LEU N 133 -44.26 -41.37 -11.89
C LEU N 133 -43.50 -40.30 -12.63
N GLY N 134 -42.17 -40.45 -12.72
CA GLY N 134 -41.35 -39.54 -13.50
C GLY N 134 -40.67 -38.45 -12.70
N GLN N 135 -41.13 -38.23 -11.47
CA GLN N 135 -40.49 -37.30 -10.56
C GLN N 135 -40.49 -37.87 -9.14
N GLU N 136 -39.58 -37.35 -8.31
CA GLU N 136 -39.56 -37.66 -6.89
C GLU N 136 -40.25 -36.52 -6.14
N GLN N 137 -41.14 -36.88 -5.22
CA GLN N 137 -41.89 -35.90 -4.43
C GLN N 137 -41.13 -35.49 -3.18
N ASP N 138 -41.17 -34.20 -2.86
CA ASP N 138 -40.68 -33.69 -1.58
C ASP N 138 -41.81 -33.02 -0.80
N SER N 139 -43.01 -33.04 -1.37
CA SER N 139 -44.22 -32.54 -0.72
C SER N 139 -45.41 -33.44 -1.08
N TYR N 140 -46.60 -33.07 -0.62
CA TYR N 140 -47.81 -33.79 -0.95
C TYR N 140 -48.29 -33.49 -2.37
N GLY N 141 -47.64 -34.13 -3.35
CA GLY N 141 -48.03 -34.00 -4.74
C GLY N 141 -47.09 -33.19 -5.62
N GLY N 142 -46.03 -32.62 -5.03
CA GLY N 142 -45.15 -31.74 -5.77
C GLY N 142 -43.72 -31.64 -5.26
N LYS N 143 -43.14 -30.45 -5.41
CA LYS N 143 -41.75 -30.16 -5.04
C LYS N 143 -40.77 -31.17 -5.66
N PHE N 144 -40.71 -31.15 -6.99
CA PHE N 144 -39.91 -32.12 -7.74
C PHE N 144 -38.44 -31.70 -7.84
N ASP N 145 -37.62 -32.62 -8.37
CA ASP N 145 -36.17 -32.44 -8.48
C ASP N 145 -35.68 -33.00 -9.81
N ARG N 146 -35.18 -32.11 -10.65
CA ARG N 146 -34.63 -32.45 -11.97
C ARG N 146 -33.63 -33.60 -11.92
N SER N 147 -32.73 -33.55 -10.93
CA SER N 147 -31.66 -34.54 -10.78
C SER N 147 -32.18 -35.91 -10.29
N GLN N 148 -33.48 -35.98 -9.96
CA GLN N 148 -34.12 -37.23 -9.53
C GLN N 148 -35.20 -37.71 -10.51
N SER N 149 -35.43 -36.94 -11.57
CA SER N 149 -36.45 -37.27 -12.56
C SER N 149 -36.14 -38.56 -13.30
N PHE N 150 -37.19 -39.31 -13.65
CA PHE N 150 -37.03 -40.52 -14.42
C PHE N 150 -37.16 -40.20 -15.90
N VAL N 151 -36.14 -40.58 -16.67
CA VAL N 151 -36.15 -40.43 -18.12
C VAL N 151 -36.15 -41.82 -18.74
N GLY N 152 -37.16 -42.10 -19.55
CA GLY N 152 -37.30 -43.39 -20.20
C GLY N 152 -38.71 -43.94 -20.17
N GLU N 153 -38.83 -45.27 -20.15
CA GLU N 153 -40.12 -45.93 -20.29
C GLU N 153 -40.50 -46.81 -19.10
N ILE N 154 -41.77 -46.71 -18.68
CA ILE N 154 -42.33 -47.56 -17.64
C ILE N 154 -43.62 -48.22 -18.13
N GLY N 155 -43.72 -49.53 -17.94
CA GLY N 155 -44.93 -50.26 -18.28
C GLY N 155 -45.30 -51.30 -17.24
N ASP N 156 -46.45 -51.93 -17.43
CA ASP N 156 -46.91 -53.05 -16.60
C ASP N 156 -46.79 -52.79 -15.09
N LEU N 157 -47.31 -51.64 -14.66
CA LEU N 157 -47.29 -51.24 -13.25
C LEU N 157 -48.49 -51.84 -12.52
N TYR N 158 -48.21 -52.68 -11.53
CA TYR N 158 -49.25 -53.29 -10.71
C TYR N 158 -48.90 -53.17 -9.22
N MET N 159 -49.93 -53.00 -8.39
CA MET N 159 -49.76 -52.90 -6.95
C MET N 159 -50.87 -53.60 -6.17
N TRP N 160 -50.46 -54.53 -5.30
CA TRP N 160 -51.38 -55.31 -4.47
C TRP N 160 -51.22 -54.90 -3.00
N ASP N 161 -52.26 -55.14 -2.20
CA ASP N 161 -52.21 -54.88 -0.76
C ASP N 161 -51.84 -56.14 0.05
N SER N 162 -51.05 -57.01 -0.58
CA SER N 162 -50.57 -58.24 0.04
C SER N 162 -49.15 -58.54 -0.44
N VAL N 163 -48.45 -59.41 0.29
CA VAL N 163 -47.15 -59.89 -0.13
C VAL N 163 -47.33 -61.10 -1.05
N LEU N 164 -46.89 -60.93 -2.30
CA LEU N 164 -47.02 -61.97 -3.31
C LEU N 164 -45.98 -63.08 -3.09
N PRO N 165 -46.41 -64.34 -3.23
CA PRO N 165 -45.48 -65.47 -3.25
C PRO N 165 -44.62 -65.50 -4.52
N PRO N 166 -43.47 -66.18 -4.50
CA PRO N 166 -42.56 -66.26 -5.65
C PRO N 166 -43.22 -66.65 -6.98
N GLU N 167 -44.22 -67.53 -6.94
CA GLU N 167 -44.95 -67.95 -8.14
C GLU N 167 -45.69 -66.78 -8.79
N ASN N 168 -46.32 -65.95 -7.95
CA ASN N 168 -47.07 -64.79 -8.41
C ASN N 168 -46.15 -63.66 -8.89
N ILE N 169 -44.96 -63.57 -8.28
CA ILE N 169 -43.93 -62.64 -8.75
C ILE N 169 -43.47 -63.08 -10.14
N LEU N 170 -43.19 -64.37 -10.28
CA LEU N 170 -42.75 -64.95 -11.55
C LEU N 170 -43.78 -64.72 -12.66
N SER N 171 -45.06 -64.89 -12.32
CA SER N 171 -46.16 -64.72 -13.26
C SER N 171 -46.25 -63.30 -13.81
N ALA N 172 -46.07 -62.31 -12.92
CA ALA N 172 -46.06 -60.90 -13.31
C ALA N 172 -44.89 -60.59 -14.24
N TYR N 173 -43.74 -61.19 -13.94
CA TYR N 173 -42.54 -61.06 -14.78
C TYR N 173 -42.74 -61.72 -16.13
N GLN N 174 -43.43 -62.85 -16.14
CA GLN N 174 -43.69 -63.61 -17.35
C GLN N 174 -44.73 -62.94 -18.26
N GLY N 175 -45.55 -62.06 -17.69
CA GLY N 175 -46.54 -61.32 -18.46
C GLY N 175 -47.98 -61.72 -18.23
N THR N 176 -48.24 -62.44 -17.14
CA THR N 176 -49.60 -62.82 -16.76
C THR N 176 -49.86 -62.52 -15.27
N PRO N 177 -49.93 -61.24 -14.93
CA PRO N 177 -50.06 -60.81 -13.53
C PRO N 177 -51.48 -60.98 -13.00
N LEU N 178 -51.59 -61.23 -11.70
CA LEU N 178 -52.88 -61.33 -11.03
C LEU N 178 -53.48 -59.94 -10.86
N PRO N 179 -54.82 -59.82 -10.97
CA PRO N 179 -55.51 -58.56 -10.75
C PRO N 179 -55.07 -57.87 -9.45
N ALA N 180 -54.76 -56.59 -9.54
CA ALA N 180 -54.23 -55.83 -8.40
C ALA N 180 -55.28 -54.86 -7.85
N ASN N 181 -55.39 -54.85 -6.52
CA ASN N 181 -56.43 -54.07 -5.84
C ASN N 181 -56.12 -52.58 -5.64
N ILE N 182 -54.83 -52.23 -5.63
CA ILE N 182 -54.43 -50.83 -5.45
C ILE N 182 -54.21 -50.14 -6.81
N LEU N 183 -53.26 -50.64 -7.58
CA LEU N 183 -52.92 -50.09 -8.88
C LEU N 183 -52.88 -51.20 -9.93
N ASP N 184 -53.64 -51.04 -11.00
CA ASP N 184 -53.69 -52.02 -12.08
C ASP N 184 -53.48 -51.35 -13.44
N TRP N 185 -52.50 -51.83 -14.19
CA TRP N 185 -52.16 -51.33 -15.52
C TRP N 185 -53.30 -51.53 -16.53
N GLN N 186 -54.15 -52.52 -16.28
CA GLN N 186 -55.27 -52.84 -17.16
C GLN N 186 -56.49 -51.96 -16.90
N ALA N 187 -56.45 -51.21 -15.79
CA ALA N 187 -57.53 -50.30 -15.41
C ALA N 187 -56.96 -49.15 -14.56
N LEU N 188 -56.06 -48.38 -15.18
CA LEU N 188 -55.33 -47.33 -14.45
C LEU N 188 -56.00 -45.97 -14.54
N ASN N 189 -56.14 -45.33 -13.38
CA ASN N 189 -56.58 -43.95 -13.29
C ASN N 189 -55.38 -43.03 -13.14
N TYR N 190 -55.03 -42.33 -14.21
CA TYR N 190 -53.84 -41.49 -14.25
C TYR N 190 -54.10 -40.09 -14.79
N GLU N 191 -53.17 -39.18 -14.49
CA GLU N 191 -53.17 -37.82 -15.03
C GLU N 191 -51.77 -37.49 -15.55
N ILE N 192 -51.68 -37.25 -16.86
CA ILE N 192 -50.42 -36.83 -17.48
C ILE N 192 -50.21 -35.34 -17.25
N ARG N 193 -49.03 -34.97 -16.76
CA ARG N 193 -48.67 -33.57 -16.61
C ARG N 193 -47.36 -33.28 -17.35
N GLY N 194 -47.43 -32.40 -18.33
CA GLY N 194 -46.27 -32.03 -19.13
C GLY N 194 -45.97 -33.01 -20.24
N TYR N 195 -44.68 -33.21 -20.52
CA TYR N 195 -44.25 -34.06 -21.63
C TYR N 195 -44.16 -35.53 -21.26
N VAL N 196 -45.29 -36.23 -21.37
CA VAL N 196 -45.34 -37.69 -21.18
C VAL N 196 -46.16 -38.31 -22.33
N ILE N 197 -45.56 -39.28 -23.03
CA ILE N 197 -46.19 -39.88 -24.20
C ILE N 197 -46.49 -41.37 -23.97
N ILE N 198 -47.66 -41.81 -24.42
CA ILE N 198 -48.02 -43.22 -24.39
C ILE N 198 -47.68 -43.88 -25.72
N LYS N 199 -46.91 -44.97 -25.66
CA LYS N 199 -46.46 -45.67 -26.85
C LYS N 199 -46.56 -47.18 -26.64
N PRO N 200 -46.60 -47.95 -27.73
CA PRO N 200 -46.53 -49.41 -27.63
C PRO N 200 -45.24 -49.87 -26.96
N LEU N 201 -45.28 -50.99 -26.24
CA LEU N 201 -44.09 -51.58 -25.66
C LEU N 201 -43.39 -52.46 -26.70
N VAL N 202 -42.15 -52.11 -27.03
CA VAL N 202 -41.41 -52.82 -28.07
C VAL N 202 -40.17 -53.56 -27.55
N TRP N 203 -39.87 -53.42 -26.27
CA TRP N 203 -38.62 -53.94 -25.71
C TRP N 203 -38.76 -55.18 -24.80
N VAL N 204 -39.91 -55.83 -24.83
CA VAL N 204 -40.08 -57.12 -24.17
C VAL N 204 -40.44 -58.19 -25.19
N HIS O 1 -28.98 -42.14 -61.34
CA HIS O 1 -29.21 -43.08 -60.19
C HIS O 1 -28.49 -44.39 -60.41
N THR O 2 -27.99 -44.96 -59.32
CA THR O 2 -27.24 -46.22 -59.37
C THR O 2 -27.82 -47.23 -58.37
N ASP O 3 -27.86 -48.49 -58.78
CA ASP O 3 -28.19 -49.59 -57.88
C ASP O 3 -26.95 -49.97 -57.09
N LEU O 4 -26.97 -49.70 -55.78
CA LEU O 4 -25.83 -49.97 -54.92
C LEU O 4 -26.02 -51.24 -54.09
N SER O 5 -26.96 -52.08 -54.51
CA SER O 5 -27.19 -53.40 -53.89
C SER O 5 -25.89 -54.15 -53.68
N GLY O 6 -25.70 -54.67 -52.46
CA GLY O 6 -24.51 -55.43 -52.10
C GLY O 6 -23.20 -54.66 -52.20
N LYS O 7 -23.28 -53.33 -52.08
CA LYS O 7 -22.11 -52.46 -52.18
C LYS O 7 -22.08 -51.42 -51.08
N VAL O 8 -20.90 -50.84 -50.86
CA VAL O 8 -20.72 -49.79 -49.87
C VAL O 8 -19.93 -48.62 -50.42
N PHE O 9 -20.13 -47.45 -49.82
CA PHE O 9 -19.19 -46.36 -49.91
C PHE O 9 -18.08 -46.63 -48.90
N VAL O 10 -16.84 -46.62 -49.37
CA VAL O 10 -15.68 -46.69 -48.49
C VAL O 10 -15.05 -45.31 -48.42
N PHE O 11 -15.00 -44.77 -47.21
CA PHE O 11 -14.26 -43.54 -46.92
C PHE O 11 -12.94 -43.98 -46.28
N PRO O 12 -11.93 -44.19 -47.12
CA PRO O 12 -10.75 -44.97 -46.73
C PRO O 12 -9.72 -44.20 -45.91
N ARG O 13 -9.91 -42.90 -45.74
CA ARG O 13 -8.97 -42.09 -44.95
C ARG O 13 -9.65 -40.92 -44.25
N GLU O 14 -9.00 -40.43 -43.20
CA GLU O 14 -9.40 -39.21 -42.53
C GLU O 14 -9.02 -37.99 -43.37
N SER O 15 -9.98 -37.09 -43.53
CA SER O 15 -9.78 -35.87 -44.28
C SER O 15 -10.81 -34.83 -43.87
N VAL O 16 -10.65 -33.62 -44.39
CA VAL O 16 -11.67 -32.58 -44.26
C VAL O 16 -12.38 -32.42 -45.61
N THR O 17 -12.08 -33.35 -46.52
CA THR O 17 -12.42 -33.20 -47.93
C THR O 17 -13.34 -34.30 -48.48
N ASP O 18 -13.01 -35.57 -48.22
CA ASP O 18 -13.74 -36.69 -48.80
C ASP O 18 -15.17 -36.76 -48.28
N HIS O 19 -16.14 -36.77 -49.20
CA HIS O 19 -17.54 -36.88 -48.83
C HIS O 19 -18.42 -37.30 -50.00
N VAL O 20 -19.65 -37.70 -49.67
CA VAL O 20 -20.65 -38.03 -50.68
C VAL O 20 -21.86 -37.15 -50.46
N ASN O 21 -22.28 -36.44 -51.49
CA ASN O 21 -23.55 -35.72 -51.48
C ASN O 21 -24.67 -36.67 -51.85
N LEU O 22 -25.75 -36.65 -51.08
CA LEU O 22 -26.94 -37.44 -51.37
C LEU O 22 -28.04 -36.52 -51.88
N ILE O 23 -28.60 -36.87 -53.03
CA ILE O 23 -29.61 -36.03 -53.69
C ILE O 23 -31.02 -36.64 -53.60
N THR O 24 -31.97 -35.82 -53.16
CA THR O 24 -33.37 -36.23 -53.06
C THR O 24 -34.29 -35.11 -53.57
N PRO O 25 -35.35 -35.48 -54.27
CA PRO O 25 -36.32 -34.50 -54.77
C PRO O 25 -37.28 -33.98 -53.68
N LEU O 26 -36.78 -33.87 -52.44
CA LEU O 26 -37.58 -33.47 -51.29
C LEU O 26 -37.83 -31.96 -51.24
N GLU O 27 -39.09 -31.58 -51.39
CA GLU O 27 -39.49 -30.18 -51.39
C GLU O 27 -40.43 -29.84 -50.23
N LYS O 28 -41.02 -30.87 -49.63
CA LYS O 28 -41.97 -30.68 -48.53
C LYS O 28 -41.33 -30.96 -47.17
N PRO O 29 -41.60 -30.12 -46.19
CA PRO O 29 -41.08 -30.30 -44.83
C PRO O 29 -41.48 -31.65 -44.24
N LEU O 30 -40.55 -32.27 -43.51
CA LEU O 30 -40.75 -33.61 -42.95
C LEU O 30 -41.42 -33.57 -41.59
N GLN O 31 -42.53 -34.28 -41.46
CA GLN O 31 -43.19 -34.47 -40.18
C GLN O 31 -42.74 -35.79 -39.56
N ASN O 32 -42.50 -36.78 -40.41
CA ASN O 32 -42.17 -38.13 -39.99
C ASN O 32 -41.07 -38.69 -40.85
N PHE O 33 -40.12 -39.40 -40.24
CA PHE O 33 -39.09 -40.09 -41.01
C PHE O 33 -38.49 -41.30 -40.29
N THR O 34 -37.93 -42.19 -41.09
CA THR O 34 -37.10 -43.28 -40.62
C THR O 34 -35.88 -43.31 -41.52
N LEU O 35 -34.71 -43.46 -40.90
CA LEU O 35 -33.46 -43.58 -41.63
C LEU O 35 -32.73 -44.82 -41.16
N CYS O 36 -32.37 -45.68 -42.11
CA CYS O 36 -31.66 -46.92 -41.84
C CYS O 36 -30.40 -46.98 -42.67
N PHE O 37 -29.35 -47.57 -42.11
CA PHE O 37 -28.11 -47.83 -42.82
C PHE O 37 -27.20 -48.75 -42.01
N ARG O 38 -26.18 -49.29 -42.69
CA ARG O 38 -25.18 -50.13 -42.06
C ARG O 38 -23.84 -49.39 -42.07
N ALA O 39 -23.09 -49.49 -40.97
CA ALA O 39 -21.80 -48.82 -40.86
C ALA O 39 -20.73 -49.70 -40.20
N TYR O 40 -19.52 -49.62 -40.74
CA TYR O 40 -18.37 -50.33 -40.21
C TYR O 40 -17.19 -49.36 -40.14
N SER O 41 -16.84 -48.98 -38.92
CA SER O 41 -15.76 -48.02 -38.68
C SER O 41 -15.01 -48.42 -37.43
N ASP O 42 -13.69 -48.21 -37.42
CA ASP O 42 -12.91 -48.40 -36.21
C ASP O 42 -12.36 -47.08 -35.64
N LEU O 43 -13.07 -45.99 -35.90
CA LEU O 43 -12.79 -44.73 -35.22
C LEU O 43 -13.33 -44.80 -33.80
N SER O 44 -12.56 -44.28 -32.84
CA SER O 44 -13.00 -44.18 -31.44
C SER O 44 -13.53 -42.79 -31.12
N ARG O 45 -12.99 -41.78 -31.81
CA ARG O 45 -13.44 -40.40 -31.66
C ARG O 45 -14.87 -40.23 -32.18
N ALA O 46 -15.44 -39.06 -31.95
CA ALA O 46 -16.79 -38.76 -32.41
C ALA O 46 -16.79 -38.60 -33.93
N TYR O 47 -17.93 -38.95 -34.54
CA TYR O 47 -18.11 -38.72 -35.97
C TYR O 47 -19.56 -38.59 -36.38
N SER O 48 -19.77 -38.01 -37.55
CA SER O 48 -21.09 -37.90 -38.14
C SER O 48 -21.36 -39.08 -39.06
N LEU O 49 -22.53 -39.69 -38.87
CA LEU O 49 -22.97 -40.77 -39.73
C LEU O 49 -23.79 -40.20 -40.89
N PHE O 50 -24.64 -39.21 -40.57
CA PHE O 50 -25.60 -38.69 -41.53
C PHE O 50 -25.88 -37.21 -41.25
N SER O 51 -25.44 -36.35 -42.16
CA SER O 51 -25.53 -34.90 -41.98
C SER O 51 -26.49 -34.24 -42.96
N TYR O 52 -27.54 -33.64 -42.42
CA TYR O 52 -28.64 -33.06 -43.19
C TYR O 52 -28.82 -31.63 -42.69
N ASN O 53 -28.41 -30.66 -43.52
CA ASN O 53 -28.54 -29.25 -43.24
C ASN O 53 -29.45 -28.58 -44.25
N THR O 54 -30.09 -27.48 -43.85
CA THR O 54 -30.76 -26.58 -44.80
C THR O 54 -30.13 -25.20 -44.67
N GLN O 55 -30.48 -24.29 -45.58
CA GLN O 55 -29.91 -22.93 -45.57
C GLN O 55 -30.16 -22.22 -44.24
N GLY O 56 -29.06 -21.79 -43.61
CA GLY O 56 -29.14 -21.07 -42.34
C GLY O 56 -29.49 -21.96 -41.16
N ARG O 57 -29.50 -23.27 -41.38
CA ARG O 57 -29.87 -24.21 -40.33
C ARG O 57 -28.89 -25.38 -40.22
N ASP O 58 -28.01 -25.26 -39.24
CA ASP O 58 -27.07 -26.33 -38.90
C ASP O 58 -27.80 -27.45 -38.16
N ASN O 59 -27.31 -28.67 -38.33
CA ASN O 59 -27.85 -29.85 -37.63
C ASN O 59 -29.39 -29.92 -37.64
N GLU O 60 -29.97 -29.76 -38.83
CA GLU O 60 -31.42 -29.85 -39.00
C GLU O 60 -31.90 -31.29 -38.83
N LEU O 61 -31.12 -32.23 -39.36
CA LEU O 61 -31.29 -33.65 -39.09
C LEU O 61 -29.90 -34.29 -39.10
N LEU O 62 -29.44 -34.71 -37.94
CA LEU O 62 -28.07 -35.23 -37.82
C LEU O 62 -27.98 -36.45 -36.93
N VAL O 63 -27.44 -37.54 -37.50
CA VAL O 63 -27.11 -38.72 -36.73
C VAL O 63 -25.63 -38.68 -36.42
N TYR O 64 -25.31 -38.64 -35.13
CA TYR O 64 -23.95 -38.37 -34.66
C TYR O 64 -23.57 -39.40 -33.61
N LYS O 65 -22.43 -40.05 -33.82
CA LYS O 65 -21.90 -40.98 -32.83
C LYS O 65 -20.86 -40.25 -31.97
N GLU O 66 -21.23 -39.99 -30.73
CA GLU O 66 -20.41 -39.25 -29.77
C GLU O 66 -19.20 -40.05 -29.31
N ARG O 67 -19.45 -41.33 -29.00
CA ARG O 67 -18.45 -42.26 -28.51
C ARG O 67 -19.05 -43.66 -28.62
N VAL O 68 -18.23 -44.68 -28.38
CA VAL O 68 -18.70 -46.06 -28.41
C VAL O 68 -19.92 -46.21 -27.49
N GLY O 69 -20.98 -46.82 -28.03
CA GLY O 69 -22.18 -47.10 -27.27
C GLY O 69 -23.14 -45.95 -27.10
N GLU O 70 -22.92 -44.85 -27.82
CA GLU O 70 -23.75 -43.66 -27.70
C GLU O 70 -24.14 -43.10 -29.05
N TYR O 71 -25.44 -42.95 -29.27
CA TYR O 71 -25.96 -42.42 -30.52
C TYR O 71 -26.83 -41.20 -30.27
N SER O 72 -26.55 -40.14 -31.02
CA SER O 72 -27.31 -38.90 -30.91
C SER O 72 -28.06 -38.61 -32.19
N LEU O 73 -29.29 -38.12 -32.04
CA LEU O 73 -30.05 -37.56 -33.13
C LEU O 73 -30.28 -36.07 -32.88
N TYR O 74 -30.03 -35.26 -33.92
CA TYR O 74 -30.35 -33.84 -33.88
C TYR O 74 -31.55 -33.59 -34.77
N ILE O 75 -32.53 -32.86 -34.23
CA ILE O 75 -33.63 -32.34 -35.02
C ILE O 75 -33.65 -30.83 -34.79
N GLY O 76 -33.43 -30.07 -35.85
CA GLY O 76 -33.43 -28.61 -35.78
C GLY O 76 -32.55 -28.05 -34.69
N ARG O 77 -31.30 -28.52 -34.64
CA ARG O 77 -30.30 -28.07 -33.65
C ARG O 77 -30.48 -28.67 -32.25
N HIS O 78 -31.68 -29.17 -31.95
CA HIS O 78 -31.94 -29.84 -30.67
C HIS O 78 -31.45 -31.28 -30.76
N LYS O 79 -30.97 -31.82 -29.64
CA LYS O 79 -30.46 -33.19 -29.65
C LYS O 79 -31.05 -34.11 -28.57
N VAL O 80 -31.01 -35.40 -28.87
CA VAL O 80 -31.27 -36.44 -27.89
C VAL O 80 -30.16 -37.49 -28.02
N THR O 81 -29.91 -38.22 -26.94
CA THR O 81 -28.88 -39.25 -26.94
C THR O 81 -29.39 -40.52 -26.25
N SER O 82 -29.09 -41.65 -26.86
CA SER O 82 -29.42 -42.95 -26.27
C SER O 82 -28.22 -43.87 -26.27
N LYS O 83 -28.18 -44.74 -25.27
CA LYS O 83 -27.04 -45.63 -25.05
C LYS O 83 -27.36 -47.09 -25.38
N VAL O 84 -26.32 -47.83 -25.74
CA VAL O 84 -26.43 -49.25 -26.05
C VAL O 84 -25.14 -49.99 -25.71
N ILE O 85 -25.25 -51.27 -25.36
CA ILE O 85 -24.09 -52.14 -25.26
C ILE O 85 -23.67 -52.57 -26.66
N GLU O 86 -22.42 -52.30 -27.01
CA GLU O 86 -21.86 -52.74 -28.29
C GLU O 86 -20.39 -53.09 -28.19
N LYS O 87 -19.97 -54.00 -29.06
CA LYS O 87 -18.56 -54.33 -29.23
C LYS O 87 -17.88 -53.25 -30.07
N PHE O 88 -16.57 -53.13 -29.93
CA PHE O 88 -15.80 -52.21 -30.76
C PHE O 88 -14.42 -52.81 -31.08
N PRO O 89 -14.01 -52.76 -32.36
CA PRO O 89 -14.89 -52.36 -33.47
C PRO O 89 -15.81 -53.48 -33.94
N ALA O 90 -16.95 -53.11 -34.48
CA ALA O 90 -17.92 -54.06 -35.02
C ALA O 90 -18.79 -53.40 -36.09
N PRO O 91 -19.23 -54.17 -37.08
CA PRO O 91 -20.28 -53.70 -37.99
C PRO O 91 -21.54 -53.39 -37.20
N VAL O 92 -22.32 -52.41 -37.66
CA VAL O 92 -23.54 -52.04 -36.97
C VAL O 92 -24.62 -51.66 -37.98
N HIS O 93 -25.85 -52.13 -37.72
CA HIS O 93 -26.99 -51.65 -38.46
C HIS O 93 -27.77 -50.67 -37.60
N ILE O 94 -28.04 -49.48 -38.16
CA ILE O 94 -28.70 -48.40 -37.43
C ILE O 94 -29.99 -47.98 -38.12
N CYS O 95 -31.07 -47.93 -37.36
CA CYS O 95 -32.29 -47.26 -37.79
C CYS O 95 -32.62 -46.18 -36.77
N VAL O 96 -33.13 -45.06 -37.27
CA VAL O 96 -33.63 -44.00 -36.40
C VAL O 96 -34.92 -43.41 -36.98
N SER O 97 -35.96 -43.36 -36.15
CA SER O 97 -37.21 -42.73 -36.56
C SER O 97 -37.52 -41.51 -35.70
N TRP O 98 -38.21 -40.54 -36.28
CA TRP O 98 -38.66 -39.37 -35.54
C TRP O 98 -40.07 -38.94 -35.96
N GLU O 99 -40.89 -38.62 -34.96
CA GLU O 99 -42.30 -38.30 -35.14
C GLU O 99 -42.57 -36.92 -34.56
N SER O 100 -43.06 -36.01 -35.40
CA SER O 100 -43.32 -34.63 -34.99
C SER O 100 -44.44 -34.50 -33.95
N SER O 101 -45.51 -35.25 -34.16
CA SER O 101 -46.70 -35.16 -33.32
C SER O 101 -46.44 -35.46 -31.84
N SER O 102 -45.54 -36.41 -31.59
CA SER O 102 -45.18 -36.79 -30.23
C SER O 102 -43.77 -36.32 -29.85
N GLY O 103 -42.96 -35.99 -30.85
CA GLY O 103 -41.56 -35.63 -30.65
C GLY O 103 -40.67 -36.85 -30.42
N ILE O 104 -41.25 -38.04 -30.42
CA ILE O 104 -40.53 -39.28 -30.05
C ILE O 104 -39.51 -39.71 -31.10
N ALA O 105 -38.29 -39.95 -30.63
CA ALA O 105 -37.19 -40.46 -31.45
C ALA O 105 -36.80 -41.87 -30.98
N GLU O 106 -36.74 -42.80 -31.93
CA GLU O 106 -36.39 -44.19 -31.66
C GLU O 106 -35.14 -44.58 -32.41
N PHE O 107 -34.10 -44.98 -31.67
CA PHE O 107 -32.94 -45.62 -32.26
C PHE O 107 -33.12 -47.14 -32.20
N TRP O 108 -32.75 -47.82 -33.28
CA TRP O 108 -32.68 -49.28 -33.32
C TRP O 108 -31.28 -49.67 -33.76
N ILE O 109 -30.60 -50.45 -32.91
CA ILE O 109 -29.22 -50.86 -33.16
C ILE O 109 -29.19 -52.38 -33.27
N ASN O 110 -28.87 -52.88 -34.47
CA ASN O 110 -28.98 -54.31 -34.79
C ASN O 110 -30.33 -54.90 -34.39
N GLY O 111 -31.41 -54.22 -34.79
CA GLY O 111 -32.77 -54.67 -34.51
C GLY O 111 -33.19 -54.57 -33.05
N THR O 112 -32.34 -53.98 -32.21
CA THR O 112 -32.62 -53.82 -30.79
C THR O 112 -33.02 -52.37 -30.49
N PRO O 113 -34.19 -52.18 -29.89
CA PRO O 113 -34.72 -50.84 -29.62
C PRO O 113 -34.05 -50.18 -28.41
N LEU O 114 -33.46 -49.01 -28.64
CA LEU O 114 -32.92 -48.20 -27.56
C LEU O 114 -34.05 -47.48 -26.84
N VAL O 115 -33.76 -46.93 -25.66
CA VAL O 115 -34.73 -46.15 -24.91
C VAL O 115 -35.22 -44.98 -25.75
N LYS O 116 -36.53 -44.79 -25.80
CA LYS O 116 -37.12 -43.67 -26.53
C LYS O 116 -36.80 -42.34 -25.85
N LYS O 117 -36.54 -41.34 -26.69
CA LYS O 117 -36.36 -39.96 -26.22
C LYS O 117 -37.23 -39.05 -27.07
N GLY O 118 -37.31 -37.78 -26.68
CA GLY O 118 -38.22 -36.85 -27.32
C GLY O 118 -37.67 -35.43 -27.45
N LEU O 119 -37.95 -34.83 -28.61
CA LEU O 119 -37.48 -33.49 -28.94
C LEU O 119 -38.32 -32.89 -30.07
N ARG O 120 -38.45 -31.56 -30.07
CA ARG O 120 -39.07 -30.82 -31.15
C ARG O 120 -40.47 -31.33 -31.52
N GLN O 121 -41.30 -31.56 -30.50
CA GLN O 121 -42.69 -31.94 -30.71
C GLN O 121 -43.42 -30.82 -31.45
N GLY O 122 -44.08 -31.17 -32.55
CA GLY O 122 -44.84 -30.21 -33.34
C GLY O 122 -44.02 -29.49 -34.40
N TYR O 123 -42.73 -29.79 -34.44
CA TYR O 123 -41.79 -29.17 -35.37
C TYR O 123 -41.77 -29.91 -36.71
N PHE O 124 -41.40 -29.20 -37.78
CA PHE O 124 -41.17 -29.82 -39.08
C PHE O 124 -39.72 -29.61 -39.49
N VAL O 125 -39.04 -30.70 -39.87
CA VAL O 125 -37.68 -30.56 -40.38
C VAL O 125 -37.74 -29.95 -41.78
N GLU O 126 -36.93 -28.91 -41.99
CA GLU O 126 -36.98 -28.15 -43.24
C GLU O 126 -36.56 -28.97 -44.45
N ALA O 127 -37.18 -28.67 -45.59
CA ALA O 127 -36.86 -29.35 -46.84
C ALA O 127 -35.72 -28.62 -47.58
N GLN O 128 -35.50 -29.03 -48.83
CA GLN O 128 -34.37 -28.59 -49.64
C GLN O 128 -33.04 -28.76 -48.91
N PRO O 129 -32.76 -29.98 -48.47
CA PRO O 129 -31.55 -30.23 -47.67
C PRO O 129 -30.31 -30.42 -48.53
N LYS O 130 -29.17 -30.21 -47.90
CA LYS O 130 -27.91 -30.75 -48.39
C LYS O 130 -27.58 -31.91 -47.48
N ILE O 131 -27.44 -33.09 -48.06
CA ILE O 131 -27.23 -34.32 -47.30
C ILE O 131 -25.88 -34.92 -47.64
N VAL O 132 -25.01 -35.05 -46.64
CA VAL O 132 -23.68 -35.61 -46.89
C VAL O 132 -23.25 -36.73 -45.94
N LEU O 133 -22.56 -37.70 -46.54
CA LEU O 133 -21.93 -38.79 -45.83
C LEU O 133 -20.42 -38.53 -45.84
N GLY O 134 -19.75 -38.87 -44.75
CA GLY O 134 -18.30 -38.72 -44.68
C GLY O 134 -17.82 -37.46 -44.00
N GLN O 135 -18.61 -36.40 -44.05
CA GLN O 135 -18.30 -35.16 -43.34
C GLN O 135 -19.51 -34.62 -42.59
N GLU O 136 -19.26 -33.87 -41.52
CA GLU O 136 -20.30 -33.15 -40.81
C GLU O 136 -20.40 -31.72 -41.33
N GLN O 137 -21.62 -31.29 -41.67
CA GLN O 137 -21.85 -29.93 -42.17
C GLN O 137 -22.01 -28.92 -41.04
N ASP O 138 -21.36 -27.78 -41.18
CA ASP O 138 -21.64 -26.61 -40.33
C ASP O 138 -22.22 -25.49 -41.17
N SER O 139 -22.14 -25.65 -42.49
CA SER O 139 -22.81 -24.75 -43.42
C SER O 139 -23.64 -25.57 -44.40
N TYR O 140 -24.38 -24.88 -45.26
CA TYR O 140 -25.16 -25.54 -46.29
C TYR O 140 -24.23 -26.13 -47.35
N GLY O 141 -23.89 -27.40 -47.18
CA GLY O 141 -23.06 -28.11 -48.13
C GLY O 141 -21.57 -28.15 -47.83
N GLY O 142 -21.14 -27.47 -46.76
CA GLY O 142 -19.73 -27.40 -46.43
C GLY O 142 -19.41 -27.16 -44.96
N LYS O 143 -18.35 -26.38 -44.73
CA LYS O 143 -17.79 -26.13 -43.40
C LYS O 143 -17.57 -27.44 -42.63
N PHE O 144 -16.75 -28.30 -43.24
CA PHE O 144 -16.46 -29.61 -42.69
C PHE O 144 -15.42 -29.53 -41.57
N ASP O 145 -15.36 -30.60 -40.78
CA ASP O 145 -14.48 -30.69 -39.62
C ASP O 145 -13.84 -32.07 -39.63
N ARG O 146 -12.53 -32.11 -39.86
CA ARG O 146 -11.76 -33.34 -39.91
C ARG O 146 -11.99 -34.25 -38.68
N SER O 147 -12.08 -33.64 -37.50
CA SER O 147 -12.30 -34.37 -36.26
C SER O 147 -13.71 -34.97 -36.15
N GLN O 148 -14.56 -34.69 -37.15
CA GLN O 148 -15.92 -35.25 -37.21
C GLN O 148 -16.15 -36.10 -38.46
N SER O 149 -15.09 -36.24 -39.27
CA SER O 149 -15.18 -36.99 -40.52
C SER O 149 -15.40 -38.47 -40.25
N PHE O 150 -16.22 -39.10 -41.09
CA PHE O 150 -16.43 -40.54 -41.02
C PHE O 150 -15.37 -41.27 -41.86
N VAL O 151 -14.67 -42.20 -41.22
CA VAL O 151 -13.73 -43.07 -41.90
C VAL O 151 -14.22 -44.49 -41.70
N GLY O 152 -14.37 -45.22 -42.81
CA GLY O 152 -14.93 -46.56 -42.76
C GLY O 152 -15.88 -46.81 -43.92
N GLU O 153 -16.92 -47.60 -43.66
CA GLU O 153 -17.80 -48.08 -44.71
C GLU O 153 -19.27 -47.88 -44.35
N ILE O 154 -20.06 -47.39 -45.31
CA ILE O 154 -21.50 -47.21 -45.14
C ILE O 154 -22.23 -47.84 -46.32
N GLY O 155 -23.27 -48.60 -46.01
CA GLY O 155 -24.09 -49.24 -47.02
C GLY O 155 -25.53 -49.37 -46.60
N ASP O 156 -26.37 -49.82 -47.54
CA ASP O 156 -27.78 -50.11 -47.28
C ASP O 156 -28.51 -48.94 -46.61
N LEU O 157 -28.27 -47.74 -47.14
CA LEU O 157 -28.88 -46.52 -46.64
C LEU O 157 -30.26 -46.33 -47.26
N TYR O 158 -31.27 -46.22 -46.40
CA TYR O 158 -32.64 -45.97 -46.83
C TYR O 158 -33.27 -44.92 -45.94
N MET O 159 -34.15 -44.11 -46.53
CA MET O 159 -34.87 -43.08 -45.79
C MET O 159 -36.32 -42.97 -46.24
N TRP O 160 -37.23 -43.16 -45.29
CA TRP O 160 -38.66 -43.11 -45.54
C TRP O 160 -39.24 -41.83 -44.93
N ASP O 161 -40.34 -41.35 -45.51
CA ASP O 161 -41.06 -40.19 -44.98
C ASP O 161 -42.16 -40.62 -43.99
N SER O 162 -41.94 -41.75 -43.32
CA SER O 162 -42.88 -42.27 -42.33
C SER O 162 -42.14 -42.98 -41.21
N VAL O 163 -42.82 -43.14 -40.08
CA VAL O 163 -42.26 -43.90 -38.98
C VAL O 163 -42.55 -45.38 -39.24
N LEU O 164 -41.48 -46.14 -39.45
CA LEU O 164 -41.57 -47.56 -39.72
C LEU O 164 -41.92 -48.34 -38.45
N PRO O 165 -42.90 -49.25 -38.55
CA PRO O 165 -43.21 -50.18 -37.45
C PRO O 165 -42.03 -51.12 -37.18
N PRO O 166 -41.93 -51.66 -35.96
CA PRO O 166 -40.84 -52.60 -35.62
C PRO O 166 -40.57 -53.67 -36.67
N GLU O 167 -41.62 -54.25 -37.23
CA GLU O 167 -41.50 -55.31 -38.25
C GLU O 167 -40.67 -54.86 -39.45
N ASN O 168 -40.93 -53.65 -39.93
CA ASN O 168 -40.23 -53.11 -41.10
C ASN O 168 -38.77 -52.72 -40.82
N ILE O 169 -38.49 -52.42 -39.55
CA ILE O 169 -37.13 -52.15 -39.09
C ILE O 169 -36.30 -53.44 -39.11
N LEU O 170 -36.88 -54.52 -38.59
CA LEU O 170 -36.23 -55.83 -38.60
C LEU O 170 -35.95 -56.33 -40.02
N SER O 171 -36.92 -56.13 -40.91
CA SER O 171 -36.77 -56.45 -42.33
C SER O 171 -35.59 -55.69 -42.97
N ALA O 172 -35.45 -54.41 -42.62
CA ALA O 172 -34.33 -53.60 -43.10
C ALA O 172 -33.00 -54.16 -42.56
N TYR O 173 -33.00 -54.48 -41.27
CA TYR O 173 -31.84 -55.06 -40.59
C TYR O 173 -31.46 -56.42 -41.20
N GLN O 174 -32.47 -57.23 -41.50
CA GLN O 174 -32.27 -58.54 -42.10
C GLN O 174 -31.75 -58.49 -43.55
N GLY O 175 -31.98 -57.35 -44.21
CA GLY O 175 -31.49 -57.16 -45.56
C GLY O 175 -32.56 -57.19 -46.64
N THR O 176 -33.84 -57.16 -46.24
CA THR O 176 -34.94 -56.98 -47.18
C THR O 176 -35.82 -55.79 -46.78
N PRO O 177 -35.29 -54.57 -46.91
CA PRO O 177 -36.04 -53.36 -46.55
C PRO O 177 -37.18 -53.07 -47.52
N LEU O 178 -38.25 -52.47 -47.01
CA LEU O 178 -39.32 -51.94 -47.82
C LEU O 178 -38.78 -50.77 -48.64
N PRO O 179 -39.28 -50.59 -49.87
CA PRO O 179 -38.84 -49.48 -50.74
C PRO O 179 -39.01 -48.12 -50.05
N ALA O 180 -37.98 -47.28 -50.15
CA ALA O 180 -37.96 -45.98 -49.49
C ALA O 180 -38.14 -44.84 -50.48
N ASN O 181 -38.82 -43.78 -50.05
CA ASN O 181 -39.21 -42.69 -50.95
C ASN O 181 -38.38 -41.39 -50.87
N ILE O 182 -37.48 -41.30 -49.90
CA ILE O 182 -36.57 -40.15 -49.81
C ILE O 182 -35.19 -40.51 -50.32
N LEU O 183 -34.62 -41.56 -49.73
CA LEU O 183 -33.32 -42.09 -50.11
C LEU O 183 -33.45 -43.60 -50.21
N ASP O 184 -32.95 -44.18 -51.31
CA ASP O 184 -33.00 -45.61 -51.52
C ASP O 184 -31.67 -46.09 -52.11
N TRP O 185 -31.04 -47.03 -51.41
CA TRP O 185 -29.74 -47.59 -51.81
C TRP O 185 -29.75 -48.21 -53.21
N GLN O 186 -30.89 -48.78 -53.59
CA GLN O 186 -31.04 -49.40 -54.91
C GLN O 186 -31.28 -48.38 -56.04
N ALA O 187 -31.62 -47.15 -55.67
CA ALA O 187 -31.81 -46.07 -56.64
C ALA O 187 -31.37 -44.72 -56.03
N LEU O 188 -30.06 -44.54 -55.93
CA LEU O 188 -29.49 -43.40 -55.23
C LEU O 188 -28.84 -42.39 -56.17
N ASN O 189 -29.19 -41.11 -56.00
CA ASN O 189 -28.49 -40.02 -56.69
C ASN O 189 -27.41 -39.49 -55.77
N TYR O 190 -26.16 -39.69 -56.14
CA TYR O 190 -25.05 -39.29 -55.27
C TYR O 190 -23.95 -38.55 -56.02
N GLU O 191 -23.12 -37.84 -55.27
CA GLU O 191 -21.96 -37.16 -55.82
C GLU O 191 -20.73 -37.45 -54.99
N ILE O 192 -19.84 -38.28 -55.53
CA ILE O 192 -18.59 -38.59 -54.86
C ILE O 192 -17.65 -37.41 -55.00
N ARG O 193 -17.20 -36.88 -53.87
CA ARG O 193 -16.25 -35.77 -53.86
C ARG O 193 -15.02 -36.16 -53.07
N GLY O 194 -13.86 -36.11 -53.73
CA GLY O 194 -12.62 -36.53 -53.12
C GLY O 194 -12.48 -38.05 -53.11
N TYR O 195 -11.80 -38.55 -52.08
CA TYR O 195 -11.42 -39.96 -52.02
C TYR O 195 -12.48 -40.83 -51.35
N VAL O 196 -13.41 -41.31 -52.18
CA VAL O 196 -14.44 -42.27 -51.75
C VAL O 196 -14.54 -43.36 -52.81
N ILE O 197 -14.50 -44.62 -52.36
CA ILE O 197 -14.47 -45.76 -53.27
C ILE O 197 -15.70 -46.64 -53.05
N ILE O 198 -16.34 -47.04 -54.16
CA ILE O 198 -17.40 -48.03 -54.13
C ILE O 198 -16.79 -49.43 -54.20
N LYS O 199 -17.12 -50.27 -53.22
CA LYS O 199 -16.63 -51.65 -53.17
C LYS O 199 -17.76 -52.59 -52.76
N PRO O 200 -17.63 -53.88 -53.09
CA PRO O 200 -18.57 -54.90 -52.60
C PRO O 200 -18.62 -54.91 -51.07
N LEU O 201 -19.80 -55.18 -50.51
CA LEU O 201 -19.99 -55.28 -49.07
C LEU O 201 -19.63 -56.70 -48.63
N VAL O 202 -18.61 -56.82 -47.78
CA VAL O 202 -18.08 -58.12 -47.37
C VAL O 202 -18.33 -58.47 -45.90
N TRP O 203 -18.75 -57.50 -45.10
CA TRP O 203 -18.82 -57.68 -43.65
C TRP O 203 -20.19 -58.10 -43.09
N VAL O 204 -21.15 -58.36 -43.98
CA VAL O 204 -22.41 -58.98 -43.58
C VAL O 204 -22.33 -60.49 -43.84
N HIS P 1 16.73 -5.05 -43.22
CA HIS P 1 17.18 -5.40 -41.84
C HIS P 1 16.55 -4.45 -40.83
N THR P 2 15.98 -5.00 -39.77
CA THR P 2 15.21 -4.23 -38.80
C THR P 2 15.72 -4.38 -37.37
N ASP P 3 15.81 -3.26 -36.66
CA ASP P 3 16.09 -3.25 -35.22
C ASP P 3 14.81 -3.60 -34.46
N LEU P 4 14.75 -4.83 -33.96
CA LEU P 4 13.57 -5.33 -33.26
C LEU P 4 13.70 -5.27 -31.74
N SER P 5 14.64 -4.46 -31.25
CA SER P 5 14.85 -4.26 -29.81
C SER P 5 13.54 -3.90 -29.11
N GLY P 6 13.25 -4.60 -28.03
CA GLY P 6 12.05 -4.35 -27.24
C GLY P 6 10.76 -4.81 -27.90
N LYS P 7 10.89 -5.66 -28.91
CA LYS P 7 9.74 -6.14 -29.67
C LYS P 7 9.76 -7.65 -29.82
N VAL P 8 8.58 -8.22 -30.06
CA VAL P 8 8.44 -9.67 -30.28
C VAL P 8 7.68 -9.95 -31.56
N PHE P 9 7.88 -11.14 -32.12
CA PHE P 9 6.98 -11.69 -33.11
C PHE P 9 5.84 -12.36 -32.35
N VAL P 10 4.61 -12.00 -32.67
CA VAL P 10 3.45 -12.64 -32.08
C VAL P 10 2.80 -13.53 -33.11
N PHE P 11 2.77 -14.83 -32.81
CA PHE P 11 2.09 -15.82 -33.64
C PHE P 11 0.77 -16.08 -32.92
N PRO P 12 -0.27 -15.32 -33.28
CA PRO P 12 -1.47 -15.23 -32.46
C PRO P 12 -2.44 -16.41 -32.55
N ARG P 13 -2.24 -17.31 -33.50
CA ARG P 13 -3.16 -18.44 -33.70
C ARG P 13 -2.44 -19.68 -34.20
N GLU P 14 -3.07 -20.83 -33.95
CA GLU P 14 -2.62 -22.08 -34.54
C GLU P 14 -2.99 -22.11 -36.03
N SER P 15 -2.04 -22.50 -36.86
CA SER P 15 -2.25 -22.62 -38.30
C SER P 15 -1.19 -23.52 -38.93
N VAL P 16 -1.32 -23.76 -40.24
CA VAL P 16 -0.28 -24.45 -41.00
C VAL P 16 0.40 -23.46 -41.95
N THR P 17 0.12 -22.18 -41.73
CA THR P 17 0.43 -21.11 -42.67
C THR P 17 1.32 -20.00 -42.09
N ASP P 18 0.97 -19.52 -40.89
CA ASP P 18 1.64 -18.36 -40.31
C ASP P 18 3.09 -18.66 -39.93
N HIS P 19 4.02 -17.88 -40.48
CA HIS P 19 5.44 -18.05 -40.15
C HIS P 19 6.28 -16.83 -40.47
N VAL P 20 7.52 -16.84 -39.97
CA VAL P 20 8.50 -15.84 -40.29
C VAL P 20 9.75 -16.55 -40.80
N ASN P 21 10.17 -16.19 -42.01
CA ASN P 21 11.46 -16.61 -42.54
C ASN P 21 12.56 -15.69 -42.04
N LEU P 22 13.63 -16.29 -41.54
CA LEU P 22 14.79 -15.54 -41.08
C LEU P 22 15.89 -15.70 -42.12
N ILE P 23 16.36 -14.58 -42.67
CA ILE P 23 17.32 -14.59 -43.77
C ILE P 23 18.74 -14.32 -43.26
N THR P 24 19.65 -15.22 -43.61
CA THR P 24 21.08 -15.03 -43.37
C THR P 24 21.90 -15.53 -44.58
N PRO P 25 22.94 -14.80 -44.94
CA PRO P 25 23.80 -15.20 -46.06
C PRO P 25 24.94 -16.10 -45.59
N LEU P 26 24.62 -17.29 -45.11
CA LEU P 26 25.60 -18.17 -44.49
C LEU P 26 26.75 -18.59 -45.42
N GLU P 27 26.45 -19.47 -46.38
CA GLU P 27 27.43 -19.96 -47.36
C GLU P 27 28.48 -20.93 -46.79
N LYS P 28 28.86 -20.73 -45.52
CA LYS P 28 29.85 -21.57 -44.86
C LYS P 28 29.20 -22.56 -43.89
N PRO P 29 29.44 -23.86 -44.09
CA PRO P 29 28.91 -24.91 -43.21
C PRO P 29 29.32 -24.70 -41.75
N LEU P 30 28.37 -24.84 -40.84
CA LEU P 30 28.59 -24.54 -39.43
C LEU P 30 29.28 -25.67 -38.66
N GLN P 31 30.37 -25.32 -38.00
CA GLN P 31 31.11 -26.24 -37.13
C GLN P 31 30.72 -25.98 -35.69
N ASN P 32 30.52 -24.71 -35.36
CA ASN P 32 30.12 -24.27 -34.02
C ASN P 32 29.01 -23.24 -34.14
N PHE P 33 28.08 -23.27 -33.19
CA PHE P 33 27.05 -22.24 -33.11
C PHE P 33 26.46 -22.10 -31.71
N THR P 34 25.96 -20.90 -31.41
CA THR P 34 25.13 -20.66 -30.25
C THR P 34 23.87 -19.95 -30.71
N LEU P 35 22.72 -20.38 -30.18
CA LEU P 35 21.45 -19.75 -30.51
C LEU P 35 20.70 -19.41 -29.24
N CYS P 36 20.35 -18.13 -29.08
CA CYS P 36 19.63 -17.65 -27.90
C CYS P 36 18.38 -16.91 -28.34
N PHE P 37 17.32 -17.05 -27.55
CA PHE P 37 16.06 -16.34 -27.76
C PHE P 37 15.13 -16.49 -26.55
N ARG P 38 14.09 -15.67 -26.52
CA ARG P 38 13.06 -15.73 -25.51
C ARG P 38 11.77 -16.21 -26.16
N ALA P 39 10.97 -16.95 -25.40
CA ALA P 39 9.70 -17.48 -25.90
C ALA P 39 8.63 -17.53 -24.81
N TYR P 40 7.40 -17.21 -25.20
CA TYR P 40 6.27 -17.20 -24.28
C TYR P 40 5.08 -17.82 -25.00
N SER P 41 4.76 -19.06 -24.60
CA SER P 41 3.68 -19.83 -25.19
C SER P 41 2.93 -20.57 -24.10
N ASP P 42 1.64 -20.76 -24.29
CA ASP P 42 0.89 -21.66 -23.42
C ASP P 42 0.40 -22.92 -24.13
N LEU P 43 1.07 -23.29 -25.21
CA LEU P 43 0.87 -24.61 -25.83
C LEU P 43 1.43 -25.71 -24.94
N SER P 44 0.64 -26.76 -24.74
CA SER P 44 1.06 -27.94 -23.99
C SER P 44 1.56 -29.03 -24.94
N ARG P 45 1.04 -29.05 -26.17
CA ARG P 45 1.49 -29.99 -27.19
C ARG P 45 2.89 -29.65 -27.67
N ALA P 46 3.49 -30.56 -28.44
CA ALA P 46 4.81 -30.32 -29.01
C ALA P 46 4.79 -29.17 -30.02
N TYR P 47 5.90 -28.45 -30.11
CA TYR P 47 6.06 -27.40 -31.11
C TYR P 47 7.52 -27.12 -31.43
N SER P 48 7.74 -26.57 -32.62
CA SER P 48 9.05 -26.15 -33.06
C SER P 48 9.27 -24.69 -32.66
N LEU P 49 10.44 -24.41 -32.11
CA LEU P 49 10.82 -23.05 -31.73
C LEU P 49 11.70 -22.42 -32.79
N PHE P 50 12.58 -23.23 -33.39
CA PHE P 50 13.54 -22.78 -34.41
C PHE P 50 13.79 -23.90 -35.40
N SER P 51 13.37 -23.69 -36.66
CA SER P 51 13.48 -24.71 -37.70
C SER P 51 14.42 -24.28 -38.84
N TYR P 52 15.48 -25.06 -39.03
CA TYR P 52 16.55 -24.74 -39.97
C TYR P 52 16.76 -25.98 -40.86
N ASN P 53 16.32 -25.85 -42.11
CA ASN P 53 16.44 -26.92 -43.10
C ASN P 53 17.33 -26.51 -44.27
N THR P 54 18.04 -27.48 -44.84
CA THR P 54 18.83 -27.25 -46.03
C THR P 54 18.30 -28.15 -47.15
N GLN P 55 18.69 -27.85 -48.38
CA GLN P 55 18.17 -28.55 -49.55
C GLN P 55 18.40 -30.05 -49.46
N GLY P 56 17.31 -30.80 -49.49
CA GLY P 56 17.35 -32.26 -49.38
C GLY P 56 17.54 -32.79 -47.97
N ARG P 57 17.63 -31.88 -46.99
CA ARG P 57 17.94 -32.26 -45.61
C ARG P 57 16.96 -31.67 -44.59
N ASP P 58 16.11 -32.55 -44.07
CA ASP P 58 15.14 -32.18 -43.06
C ASP P 58 15.80 -32.17 -41.68
N ASN P 59 15.31 -31.31 -40.79
CA ASN P 59 15.78 -31.24 -39.41
C ASN P 59 17.31 -31.13 -39.31
N GLU P 60 17.89 -30.25 -40.12
CA GLU P 60 19.34 -30.05 -40.16
C GLU P 60 19.82 -29.39 -38.87
N LEU P 61 19.05 -28.43 -38.40
CA LEU P 61 19.23 -27.85 -37.07
C LEU P 61 17.87 -27.40 -36.58
N LEU P 62 17.36 -28.09 -35.55
CA LEU P 62 16.00 -27.86 -35.07
C LEU P 62 15.93 -27.86 -33.54
N VAL P 63 15.41 -26.76 -32.99
CA VAL P 63 15.07 -26.71 -31.58
C VAL P 63 13.59 -27.00 -31.43
N TYR P 64 13.27 -28.07 -30.72
CA TYR P 64 11.94 -28.63 -30.65
C TYR P 64 11.53 -28.87 -29.21
N LYS P 65 10.36 -28.36 -28.84
CA LYS P 65 9.82 -28.53 -27.50
C LYS P 65 8.79 -29.66 -27.52
N GLU P 66 9.20 -30.82 -27.01
CA GLU P 66 8.38 -32.03 -27.00
C GLU P 66 7.19 -31.90 -26.05
N ARG P 67 7.50 -31.46 -24.83
CA ARG P 67 6.51 -31.26 -23.78
C ARG P 67 7.15 -30.35 -22.74
N VAL P 68 6.35 -29.89 -21.79
CA VAL P 68 6.83 -29.06 -20.69
C VAL P 68 8.07 -29.70 -20.05
N GLY P 69 9.12 -28.91 -19.87
CA GLY P 69 10.32 -29.37 -19.19
C GLY P 69 11.28 -30.19 -20.01
N GLU P 70 11.03 -30.30 -21.31
CA GLU P 70 11.82 -31.13 -22.22
C GLU P 70 12.16 -30.38 -23.51
N TYR P 71 13.46 -30.25 -23.77
CA TYR P 71 13.93 -29.53 -24.94
C TYR P 71 14.80 -30.43 -25.79
N SER P 72 14.49 -30.48 -27.08
CA SER P 72 15.28 -31.28 -28.02
C SER P 72 16.04 -30.43 -29.03
N LEU P 73 17.25 -30.89 -29.36
CA LEU P 73 18.02 -30.32 -30.46
C LEU P 73 18.29 -31.40 -31.50
N TYR P 74 17.99 -31.07 -32.75
CA TYR P 74 18.32 -31.93 -33.87
C TYR P 74 19.49 -31.35 -34.63
N ILE P 75 20.51 -32.18 -34.87
CA ILE P 75 21.62 -31.84 -35.75
C ILE P 75 21.68 -32.93 -36.82
N GLY P 76 21.55 -32.54 -38.08
CA GLY P 76 21.56 -33.49 -39.19
C GLY P 76 20.67 -34.70 -38.95
N ARG P 77 19.42 -34.43 -38.58
CA ARG P 77 18.40 -35.46 -38.32
C ARG P 77 18.55 -36.24 -37.01
N HIS P 78 19.72 -36.14 -36.39
CA HIS P 78 19.98 -36.79 -35.10
C HIS P 78 19.48 -35.91 -33.97
N LYS P 79 19.08 -36.53 -32.86
CA LYS P 79 18.37 -35.82 -31.80
C LYS P 79 18.99 -36.02 -30.42
N VAL P 80 19.01 -34.95 -29.62
CA VAL P 80 19.25 -35.05 -28.18
C VAL P 80 18.16 -34.29 -27.41
N THR P 81 17.89 -34.73 -26.19
CA THR P 81 16.87 -34.15 -25.35
C THR P 81 17.37 -33.98 -23.91
N SER P 82 17.15 -32.81 -23.36
CA SER P 82 17.54 -32.51 -21.99
C SER P 82 16.34 -31.98 -21.21
N LYS P 83 16.32 -32.27 -19.91
CA LYS P 83 15.18 -31.97 -19.06
C LYS P 83 15.46 -30.82 -18.09
N VAL P 84 14.40 -30.11 -17.71
CA VAL P 84 14.49 -28.97 -16.80
C VAL P 84 13.23 -28.85 -15.96
N ILE P 85 13.38 -28.35 -14.73
CA ILE P 85 12.25 -27.98 -13.90
C ILE P 85 11.81 -26.60 -14.37
N GLU P 86 10.58 -26.50 -14.88
CA GLU P 86 10.02 -25.21 -15.28
C GLU P 86 8.54 -25.10 -14.91
N LYS P 87 8.06 -23.87 -14.80
CA LYS P 87 6.64 -23.61 -14.59
C LYS P 87 5.95 -23.57 -15.94
N PHE P 88 4.63 -23.79 -15.93
CA PHE P 88 3.82 -23.67 -17.13
C PHE P 88 2.47 -23.04 -16.79
N PRO P 89 2.04 -22.04 -17.57
CA PRO P 89 2.87 -21.43 -18.62
C PRO P 89 3.81 -20.38 -18.03
N ALA P 90 4.95 -20.18 -18.68
CA ALA P 90 5.95 -19.21 -18.22
C ALA P 90 6.80 -18.74 -19.38
N PRO P 91 7.18 -17.47 -19.36
CA PRO P 91 8.19 -16.97 -20.30
C PRO P 91 9.47 -17.76 -20.06
N VAL P 92 10.25 -17.95 -21.11
CA VAL P 92 11.50 -18.68 -20.96
C VAL P 92 12.59 -18.08 -21.84
N HIS P 93 13.82 -18.04 -21.31
CA HIS P 93 14.97 -17.71 -22.12
C HIS P 93 15.75 -18.98 -22.41
N ILE P 94 16.02 -19.23 -23.69
CA ILE P 94 16.66 -20.45 -24.14
C ILE P 94 17.94 -20.11 -24.88
N CYS P 95 19.03 -20.74 -24.46
CA CYS P 95 20.27 -20.74 -25.22
C CYS P 95 20.62 -22.18 -25.50
N VAL P 96 21.03 -22.47 -26.73
CA VAL P 96 21.56 -23.78 -27.07
C VAL P 96 22.81 -23.63 -27.92
N SER P 97 23.86 -24.36 -27.54
CA SER P 97 25.10 -24.37 -28.31
C SER P 97 25.43 -25.79 -28.76
N TRP P 98 26.21 -25.90 -29.82
CA TRP P 98 26.68 -27.19 -30.31
C TRP P 98 28.07 -27.03 -30.92
N GLU P 99 28.90 -28.04 -30.70
CA GLU P 99 30.30 -28.01 -31.08
C GLU P 99 30.62 -29.29 -31.83
N SER P 100 31.00 -29.16 -33.11
CA SER P 100 31.28 -30.32 -33.94
C SER P 100 32.40 -31.21 -33.41
N SER P 101 33.48 -30.58 -32.96
CA SER P 101 34.68 -31.31 -32.54
C SER P 101 34.40 -32.27 -31.38
N SER P 102 33.50 -31.88 -30.49
CA SER P 102 33.14 -32.70 -29.33
C SER P 102 31.78 -33.38 -29.53
N GLY P 103 30.92 -32.77 -30.32
CA GLY P 103 29.53 -33.21 -30.46
C GLY P 103 28.62 -32.65 -29.37
N ILE P 104 29.21 -31.99 -28.37
CA ILE P 104 28.49 -31.53 -27.19
C ILE P 104 27.44 -30.46 -27.49
N ALA P 105 26.23 -30.71 -27.02
CA ALA P 105 25.13 -29.75 -27.10
C ALA P 105 24.78 -29.27 -25.70
N GLU P 106 24.77 -27.96 -25.51
CA GLU P 106 24.46 -27.37 -24.22
C GLU P 106 23.19 -26.54 -24.30
N PHE P 107 22.16 -26.96 -23.56
CA PHE P 107 20.96 -26.14 -23.37
C PHE P 107 21.12 -25.32 -22.10
N TRP P 108 20.77 -24.04 -22.20
CA TRP P 108 20.75 -23.14 -21.05
C TRP P 108 19.35 -22.54 -20.96
N ILE P 109 18.66 -22.78 -19.83
CA ILE P 109 17.28 -22.37 -19.65
C ILE P 109 17.22 -21.37 -18.50
N ASN P 110 16.82 -20.14 -18.81
CA ASN P 110 16.85 -19.05 -17.85
C ASN P 110 18.21 -18.89 -17.17
N GLY P 111 19.26 -19.07 -17.96
CA GLY P 111 20.64 -18.98 -17.48
C GLY P 111 21.08 -20.14 -16.63
N THR P 112 20.36 -21.27 -16.70
CA THR P 112 20.69 -22.49 -15.97
C THR P 112 21.11 -23.60 -16.94
N PRO P 113 22.30 -24.16 -16.76
CA PRO P 113 22.80 -25.18 -17.67
C PRO P 113 22.09 -26.52 -17.48
N LEU P 114 21.59 -27.09 -18.57
CA LEU P 114 21.01 -28.43 -18.54
C LEU P 114 22.13 -29.47 -18.67
N VAL P 115 21.81 -30.73 -18.41
CA VAL P 115 22.78 -31.80 -18.60
C VAL P 115 23.24 -31.78 -20.05
N LYS P 116 24.56 -31.80 -20.26
CA LYS P 116 25.13 -31.82 -21.60
C LYS P 116 24.81 -33.14 -22.28
N LYS P 117 24.53 -33.06 -23.57
CA LYS P 117 24.36 -34.24 -24.41
C LYS P 117 25.28 -34.11 -25.62
N GLY P 118 25.39 -35.17 -26.40
CA GLY P 118 26.31 -35.20 -27.52
C GLY P 118 25.70 -35.90 -28.70
N LEU P 119 26.06 -35.43 -29.89
CA LEU P 119 25.50 -35.93 -31.15
C LEU P 119 26.28 -35.38 -32.33
N ARG P 120 26.47 -36.24 -33.34
CA ARG P 120 27.02 -35.84 -34.63
C ARG P 120 28.41 -35.21 -34.53
N GLN P 121 29.28 -35.83 -33.72
CA GLN P 121 30.67 -35.42 -33.61
C GLN P 121 31.35 -35.58 -34.97
N GLY P 122 32.00 -34.50 -35.43
CA GLY P 122 32.68 -34.49 -36.71
C GLY P 122 31.83 -33.93 -37.85
N TYR P 123 30.52 -33.87 -37.64
CA TYR P 123 29.57 -33.37 -38.64
C TYR P 123 29.67 -31.85 -38.81
N PHE P 124 29.34 -31.36 -40.01
CA PHE P 124 29.14 -29.93 -40.25
C PHE P 124 27.68 -29.70 -40.62
N VAL P 125 26.98 -28.83 -39.91
CA VAL P 125 25.62 -28.50 -40.34
C VAL P 125 25.69 -27.69 -41.64
N GLU P 126 24.79 -28.00 -42.57
CA GLU P 126 24.87 -27.45 -43.92
C GLU P 126 24.53 -25.97 -43.98
N ALA P 127 25.17 -25.28 -44.92
CA ALA P 127 24.93 -23.86 -45.16
C ALA P 127 23.70 -23.64 -46.05
N GLN P 128 23.42 -22.37 -46.34
CA GLN P 128 22.26 -21.95 -47.14
C GLN P 128 20.93 -22.51 -46.61
N PRO P 129 20.60 -22.18 -45.36
CA PRO P 129 19.37 -22.70 -44.75
C PRO P 129 18.13 -21.88 -45.10
N LYS P 130 16.99 -22.54 -45.01
CA LYS P 130 15.74 -21.85 -44.84
C LYS P 130 15.46 -21.94 -43.35
N ILE P 131 15.38 -20.79 -42.71
CA ILE P 131 15.16 -20.72 -41.27
C ILE P 131 13.78 -20.16 -41.03
N VAL P 132 12.95 -20.92 -40.31
CA VAL P 132 11.57 -20.49 -40.05
C VAL P 132 11.17 -20.50 -38.57
N LEU P 133 10.45 -19.46 -38.19
CA LEU P 133 9.82 -19.34 -36.88
C LEU P 133 8.34 -19.56 -37.11
N GLY P 134 7.65 -20.11 -36.12
CA GLY P 134 6.21 -20.30 -36.20
C GLY P 134 5.76 -21.62 -36.80
N GLN P 135 6.59 -22.22 -37.67
CA GLN P 135 6.29 -23.53 -38.25
C GLN P 135 7.51 -24.45 -38.28
N GLU P 136 7.25 -25.75 -38.25
CA GLU P 136 8.29 -26.77 -38.41
C GLU P 136 8.36 -27.17 -39.89
N GLN P 137 9.55 -27.06 -40.47
CA GLN P 137 9.77 -27.42 -41.88
C GLN P 137 9.97 -28.93 -42.02
N ASP P 138 9.33 -29.51 -43.04
CA ASP P 138 9.67 -30.87 -43.47
C ASP P 138 10.26 -30.87 -44.87
N SER P 139 10.25 -29.69 -45.49
CA SER P 139 10.93 -29.48 -46.76
C SER P 139 11.76 -28.20 -46.69
N TYR P 140 12.47 -27.90 -47.77
CA TYR P 140 13.25 -26.67 -47.86
C TYR P 140 12.36 -25.44 -48.00
N GLY P 141 11.87 -24.95 -46.87
CA GLY P 141 11.03 -23.76 -46.84
C GLY P 141 9.55 -24.01 -46.60
N GLY P 142 9.16 -25.28 -46.48
CA GLY P 142 7.75 -25.61 -46.34
C GLY P 142 7.44 -26.99 -45.78
N LYS P 143 6.36 -27.57 -46.30
CA LYS P 143 5.78 -28.81 -45.76
C LYS P 143 5.56 -28.70 -44.25
N PHE P 144 4.75 -27.70 -43.88
CA PHE P 144 4.46 -27.40 -42.48
C PHE P 144 3.44 -28.36 -41.89
N ASP P 145 3.32 -28.33 -40.56
CA ASP P 145 2.43 -29.21 -39.81
C ASP P 145 1.81 -28.41 -38.66
N ARG P 146 0.48 -28.25 -38.73
CA ARG P 146 -0.29 -27.48 -37.76
C ARG P 146 -0.06 -27.93 -36.32
N SER P 147 0.06 -29.24 -36.12
CA SER P 147 0.27 -29.83 -34.81
C SER P 147 1.67 -29.54 -34.27
N GLN P 148 2.49 -28.88 -35.09
CA GLN P 148 3.85 -28.52 -34.70
C GLN P 148 4.06 -26.99 -34.68
N SER P 149 3.02 -26.25 -35.06
CA SER P 149 3.13 -24.80 -35.16
C SER P 149 3.38 -24.17 -33.80
N PHE P 150 4.15 -23.08 -33.80
CA PHE P 150 4.36 -22.30 -32.59
C PHE P 150 3.28 -21.23 -32.50
N VAL P 151 2.61 -21.18 -31.35
CA VAL P 151 1.62 -20.15 -31.06
C VAL P 151 2.11 -19.44 -29.81
N GLY P 152 2.29 -18.13 -29.92
CA GLY P 152 2.80 -17.36 -28.81
C GLY P 152 3.76 -16.31 -29.27
N GLU P 153 4.75 -16.00 -28.43
CA GLU P 153 5.63 -14.86 -28.66
C GLU P 153 7.10 -15.24 -28.59
N ILE P 154 7.87 -14.74 -29.57
CA ILE P 154 9.32 -14.95 -29.62
C ILE P 154 10.03 -13.60 -29.75
N GLY P 155 11.05 -13.41 -28.93
CA GLY P 155 11.85 -12.20 -28.98
C GLY P 155 13.33 -12.47 -28.75
N ASP P 156 14.13 -11.41 -28.86
CA ASP P 156 15.56 -11.44 -28.52
C ASP P 156 16.32 -12.62 -29.12
N LEU P 157 16.15 -12.86 -30.41
CA LEU P 157 16.79 -13.99 -31.08
C LEU P 157 18.16 -13.61 -31.64
N TYR P 158 19.18 -14.30 -31.15
CA TYR P 158 20.54 -14.12 -31.63
C TYR P 158 21.18 -15.47 -31.95
N MET P 159 21.96 -15.51 -33.02
CA MET P 159 22.71 -16.70 -33.37
C MET P 159 24.16 -16.36 -33.73
N TRP P 160 25.10 -17.02 -33.05
CA TRP P 160 26.53 -16.84 -33.26
C TRP P 160 27.11 -18.07 -33.96
N ASP P 161 28.19 -17.89 -34.71
CA ASP P 161 28.91 -19.00 -35.34
C ASP P 161 30.02 -19.58 -34.45
N SER P 162 29.85 -19.47 -33.14
CA SER P 162 30.79 -20.02 -32.17
C SER P 162 30.05 -20.51 -30.93
N VAL P 163 30.74 -21.29 -30.10
CA VAL P 163 30.19 -21.72 -28.82
C VAL P 163 30.45 -20.65 -27.78
N LEU P 164 29.38 -20.04 -27.28
CA LEU P 164 29.48 -18.98 -26.28
C LEU P 164 29.85 -19.55 -24.92
N PRO P 165 30.83 -18.93 -24.25
CA PRO P 165 31.17 -19.28 -22.87
C PRO P 165 30.03 -18.90 -21.91
N PRO P 166 29.95 -19.53 -20.74
CA PRO P 166 28.85 -19.30 -19.80
C PRO P 166 28.55 -17.82 -19.51
N GLU P 167 29.59 -16.99 -19.39
CA GLU P 167 29.43 -15.55 -19.10
C GLU P 167 28.63 -14.83 -20.18
N ASN P 168 28.90 -15.17 -21.44
CA ASN P 168 28.21 -14.55 -22.58
C ASN P 168 26.78 -15.02 -22.70
N ILE P 169 26.55 -16.28 -22.34
CA ILE P 169 25.20 -16.85 -22.26
C ILE P 169 24.39 -16.05 -21.25
N LEU P 170 24.98 -15.84 -20.07
CA LEU P 170 24.35 -15.07 -19.00
C LEU P 170 24.04 -13.64 -19.44
N SER P 171 24.95 -13.05 -20.22
CA SER P 171 24.77 -11.70 -20.75
C SER P 171 23.54 -11.63 -21.64
N ALA P 172 23.37 -12.63 -22.51
CA ALA P 172 22.20 -12.74 -23.38
C ALA P 172 20.93 -12.87 -22.55
N TYR P 173 21.01 -13.67 -21.48
CA TYR P 173 19.88 -13.88 -20.57
C TYR P 173 19.50 -12.59 -19.84
N GLN P 174 20.50 -11.85 -19.38
CA GLN P 174 20.30 -10.64 -18.58
C GLN P 174 19.89 -9.42 -19.40
N GLY P 175 19.90 -9.55 -20.73
CA GLY P 175 19.45 -8.49 -21.62
C GLY P 175 20.54 -7.70 -22.33
N THR P 176 21.80 -8.10 -22.14
CA THR P 176 22.92 -7.45 -22.83
C THR P 176 23.76 -8.45 -23.67
N PRO P 177 23.18 -8.98 -24.74
CA PRO P 177 23.88 -9.98 -25.57
C PRO P 177 25.07 -9.41 -26.33
N LEU P 178 26.04 -10.26 -26.63
CA LEU P 178 27.14 -9.91 -27.50
C LEU P 178 26.65 -9.89 -28.95
N PRO P 179 27.11 -8.94 -29.76
CA PRO P 179 26.74 -8.88 -31.18
C PRO P 179 26.91 -10.24 -31.86
N ALA P 180 25.92 -10.61 -32.67
CA ALA P 180 25.87 -11.95 -33.28
C ALA P 180 25.98 -11.86 -34.80
N ASN P 181 26.71 -12.81 -35.39
CA ASN P 181 27.09 -12.72 -36.79
C ASN P 181 26.32 -13.61 -37.77
N ILE P 182 25.36 -14.39 -37.27
CA ILE P 182 24.45 -15.13 -38.14
C ILE P 182 23.06 -14.49 -38.16
N LEU P 183 22.46 -14.38 -36.98
CA LEU P 183 21.16 -13.75 -36.79
C LEU P 183 21.27 -12.77 -35.63
N ASP P 184 20.84 -11.53 -35.86
CA ASP P 184 20.89 -10.51 -34.82
C ASP P 184 19.54 -9.81 -34.72
N TRP P 185 18.95 -9.84 -33.52
CA TRP P 185 17.64 -9.23 -33.28
C TRP P 185 17.62 -7.73 -33.52
N GLN P 186 18.79 -7.10 -33.47
CA GLN P 186 18.91 -5.66 -33.65
C GLN P 186 19.19 -5.28 -35.11
N ALA P 187 19.43 -6.29 -35.94
CA ALA P 187 19.64 -6.11 -37.37
C ALA P 187 19.17 -7.38 -38.07
N LEU P 188 17.87 -7.60 -38.06
CA LEU P 188 17.29 -8.84 -38.55
C LEU P 188 16.66 -8.69 -39.92
N ASN P 189 17.10 -9.56 -40.84
CA ASN P 189 16.48 -9.65 -42.15
C ASN P 189 15.44 -10.77 -42.14
N TYR P 190 14.18 -10.40 -42.26
CA TYR P 190 13.07 -11.35 -42.09
C TYR P 190 11.92 -11.12 -43.05
N GLU P 191 11.11 -12.16 -43.24
CA GLU P 191 9.92 -12.10 -44.07
C GLU P 191 8.73 -12.62 -43.26
N ILE P 192 7.74 -11.77 -43.05
CA ILE P 192 6.50 -12.19 -42.40
C ILE P 192 5.57 -12.82 -43.43
N ARG P 193 5.13 -14.04 -43.15
CA ARG P 193 4.17 -14.73 -44.00
C ARG P 193 2.93 -15.11 -43.20
N GLY P 194 1.78 -14.64 -43.65
CA GLY P 194 0.52 -14.92 -42.98
C GLY P 194 0.31 -14.03 -41.76
N TYR P 195 -0.32 -14.60 -40.74
CA TYR P 195 -0.74 -13.85 -39.56
C TYR P 195 0.34 -13.86 -38.48
N VAL P 196 1.23 -12.88 -38.55
CA VAL P 196 2.25 -12.65 -37.53
C VAL P 196 2.30 -11.14 -37.27
N ILE P 197 2.23 -10.76 -36.00
CA ILE P 197 2.20 -9.34 -35.63
C ILE P 197 3.41 -8.98 -34.78
N ILE P 198 4.04 -7.85 -35.09
CA ILE P 198 5.12 -7.34 -34.26
C ILE P 198 4.53 -6.44 -33.18
N LYS P 199 4.79 -6.81 -31.93
CA LYS P 199 4.33 -6.04 -30.79
C LYS P 199 5.50 -5.78 -29.85
N PRO P 200 5.38 -4.76 -28.99
CA PRO P 200 6.34 -4.58 -27.90
C PRO P 200 6.38 -5.79 -26.97
N LEU P 201 7.58 -6.06 -26.43
CA LEU P 201 7.78 -7.10 -25.44
C LEU P 201 7.33 -6.58 -24.08
N VAL P 202 6.32 -7.23 -23.50
CA VAL P 202 5.75 -6.77 -22.22
C VAL P 202 5.98 -7.75 -21.06
N TRP P 203 6.51 -8.93 -21.36
CA TRP P 203 6.64 -10.00 -20.35
C TRP P 203 8.05 -10.20 -19.80
N VAL P 204 8.95 -9.29 -20.14
CA VAL P 204 10.25 -9.22 -19.50
C VAL P 204 10.30 -7.96 -18.63
N HIS Q 1 -23.65 7.74 -12.55
CA HIS Q 1 -25.00 7.65 -11.92
C HIS Q 1 -24.90 7.10 -10.50
N THR Q 2 -24.01 6.14 -10.30
CA THR Q 2 -23.67 5.67 -8.96
C THR Q 2 -22.15 5.47 -8.84
N ASP Q 3 -21.59 6.00 -7.76
CA ASP Q 3 -20.17 5.82 -7.45
C ASP Q 3 -19.99 4.57 -6.59
N LEU Q 4 -19.52 3.50 -7.23
CA LEU Q 4 -19.38 2.21 -6.56
C LEU Q 4 -17.97 2.00 -5.96
N SER Q 5 -17.27 3.11 -5.73
CA SER Q 5 -15.94 3.09 -5.10
C SER Q 5 -15.93 2.35 -3.77
N GLY Q 6 -15.05 1.35 -3.67
CA GLY Q 6 -14.92 0.57 -2.46
C GLY Q 6 -16.02 -0.46 -2.27
N LYS Q 7 -16.75 -0.75 -3.35
CA LYS Q 7 -17.90 -1.67 -3.29
C LYS Q 7 -17.90 -2.69 -4.43
N VAL Q 8 -18.59 -3.81 -4.20
CA VAL Q 8 -18.73 -4.88 -5.19
C VAL Q 8 -20.20 -5.24 -5.37
N PHE Q 9 -20.53 -5.82 -6.53
CA PHE Q 9 -21.79 -6.52 -6.69
C PHE Q 9 -21.57 -7.92 -6.13
N VAL Q 10 -22.47 -8.36 -5.26
CA VAL Q 10 -22.43 -9.75 -4.78
C VAL Q 10 -23.54 -10.54 -5.44
N PHE Q 11 -23.15 -11.57 -6.20
CA PHE Q 11 -24.07 -12.54 -6.77
C PHE Q 11 -24.02 -13.75 -5.85
N PRO Q 12 -24.90 -13.77 -4.85
CA PRO Q 12 -24.76 -14.66 -3.69
C PRO Q 12 -25.24 -16.09 -3.90
N ARG Q 13 -25.82 -16.38 -5.05
CA ARG Q 13 -26.35 -17.72 -5.34
C ARG Q 13 -26.33 -18.07 -6.82
N GLU Q 14 -26.38 -19.37 -7.10
CA GLU Q 14 -26.60 -19.86 -8.45
C GLU Q 14 -28.07 -19.72 -8.83
N SER Q 15 -28.31 -19.15 -10.00
CA SER Q 15 -29.65 -19.00 -10.55
C SER Q 15 -29.58 -18.87 -12.06
N VAL Q 16 -30.74 -18.86 -12.70
CA VAL Q 16 -30.84 -18.47 -14.10
C VAL Q 16 -31.35 -17.01 -14.19
N THR Q 17 -31.52 -16.40 -13.01
CA THR Q 17 -32.29 -15.17 -12.85
C THR Q 17 -31.45 -13.93 -12.50
N ASP Q 18 -30.59 -14.06 -11.49
CA ASP Q 18 -29.84 -12.93 -10.94
C ASP Q 18 -28.81 -12.37 -11.91
N HIS Q 19 -28.93 -11.08 -12.20
CA HIS Q 19 -27.98 -10.38 -13.05
C HIS Q 19 -28.00 -8.87 -12.86
N VAL Q 20 -26.96 -8.20 -13.34
CA VAL Q 20 -26.92 -6.75 -13.40
C VAL Q 20 -26.77 -6.32 -14.86
N ASN Q 21 -27.65 -5.44 -15.32
CA ASN Q 21 -27.50 -4.80 -16.62
C ASN Q 21 -26.56 -3.61 -16.51
N LEU Q 22 -25.61 -3.51 -17.43
CA LEU Q 22 -24.69 -2.38 -17.49
C LEU Q 22 -25.05 -1.49 -18.66
N ILE Q 23 -25.27 -0.21 -18.38
CA ILE Q 23 -25.75 0.72 -19.40
C ILE Q 23 -24.69 1.73 -19.85
N THR Q 24 -24.49 1.77 -21.16
CA THR Q 24 -23.58 2.72 -21.81
C THR Q 24 -24.23 3.28 -23.08
N PRO Q 25 -23.97 4.56 -23.38
CA PRO Q 25 -24.51 5.17 -24.60
C PRO Q 25 -23.62 4.90 -25.83
N LEU Q 26 -23.08 3.68 -25.92
CA LEU Q 26 -22.20 3.30 -27.01
C LEU Q 26 -22.99 3.04 -28.29
N GLU Q 27 -23.03 4.04 -29.16
CA GLU Q 27 -23.75 3.97 -30.42
C GLU Q 27 -22.79 3.76 -31.59
N LYS Q 28 -21.49 3.77 -31.29
CA LYS Q 28 -20.44 3.61 -32.29
C LYS Q 28 -19.78 2.22 -32.19
N PRO Q 29 -19.57 1.58 -33.35
CA PRO Q 29 -18.88 0.29 -33.40
C PRO Q 29 -17.44 0.36 -32.87
N LEU Q 30 -17.06 -0.61 -32.05
CA LEU Q 30 -15.75 -0.62 -31.41
C LEU Q 30 -14.66 -1.22 -32.28
N GLN Q 31 -13.54 -0.52 -32.39
CA GLN Q 31 -12.35 -1.03 -33.07
C GLN Q 31 -11.36 -1.51 -32.03
N ASN Q 32 -11.32 -0.80 -30.90
CA ASN Q 32 -10.40 -1.09 -29.81
C ASN Q 32 -11.17 -1.02 -28.51
N PHE Q 33 -10.72 -1.78 -27.51
CA PHE Q 33 -11.22 -1.65 -26.14
C PHE Q 33 -10.29 -2.29 -25.12
N THR Q 34 -10.41 -1.85 -23.87
CA THR Q 34 -9.81 -2.51 -22.73
C THR Q 34 -10.86 -2.63 -21.66
N LEU Q 35 -10.97 -3.82 -21.09
CA LEU Q 35 -11.89 -4.07 -19.98
C LEU Q 35 -11.10 -4.60 -18.78
N CYS Q 36 -11.30 -3.97 -17.63
CA CYS Q 36 -10.63 -4.36 -16.39
C CYS Q 36 -11.68 -4.53 -15.30
N PHE Q 37 -11.44 -5.49 -14.41
CA PHE Q 37 -12.31 -5.73 -13.27
C PHE Q 37 -11.68 -6.72 -12.29
N ARG Q 38 -12.19 -6.69 -11.07
CA ARG Q 38 -11.78 -7.58 -10.00
C ARG Q 38 -12.89 -8.59 -9.78
N ALA Q 39 -12.52 -9.86 -9.63
CA ALA Q 39 -13.50 -10.90 -9.31
C ALA Q 39 -13.03 -11.88 -8.25
N TYR Q 40 -13.97 -12.33 -7.42
CA TYR Q 40 -13.68 -13.30 -6.38
C TYR Q 40 -14.81 -14.34 -6.37
N SER Q 41 -14.49 -15.56 -6.81
CA SER Q 41 -15.46 -16.64 -6.94
C SER Q 41 -14.82 -17.97 -6.55
N ASP Q 42 -15.61 -18.88 -6.01
CA ASP Q 42 -15.12 -20.23 -5.73
C ASP Q 42 -15.82 -21.30 -6.57
N LEU Q 43 -16.46 -20.86 -7.66
CA LEU Q 43 -16.96 -21.78 -8.67
C LEU Q 43 -15.79 -22.44 -9.38
N SER Q 44 -15.91 -23.74 -9.66
CA SER Q 44 -14.91 -24.45 -10.48
C SER Q 44 -15.44 -24.74 -11.88
N ARG Q 45 -16.76 -24.74 -12.03
CA ARG Q 45 -17.40 -24.85 -13.34
C ARG Q 45 -17.23 -23.57 -14.16
N ALA Q 46 -17.57 -23.65 -15.45
CA ALA Q 46 -17.43 -22.52 -16.35
C ALA Q 46 -18.45 -21.42 -16.06
N TYR Q 47 -18.04 -20.17 -16.21
CA TYR Q 47 -18.95 -19.04 -16.02
C TYR Q 47 -18.62 -17.82 -16.88
N SER Q 48 -19.65 -17.02 -17.16
CA SER Q 48 -19.47 -15.74 -17.84
C SER Q 48 -19.04 -14.67 -16.85
N LEU Q 49 -18.08 -13.85 -17.26
CA LEU Q 49 -17.61 -12.74 -16.44
C LEU Q 49 -18.24 -11.43 -16.90
N PHE Q 50 -18.41 -11.30 -18.20
CA PHE Q 50 -18.88 -10.07 -18.84
C PHE Q 50 -19.52 -10.46 -20.16
N SER Q 51 -20.83 -10.28 -20.25
CA SER Q 51 -21.58 -10.70 -21.42
C SER Q 51 -22.09 -9.50 -22.20
N TYR Q 52 -21.77 -9.46 -23.50
CA TYR Q 52 -22.07 -8.33 -24.36
C TYR Q 52 -22.61 -8.88 -25.68
N ASN Q 53 -23.92 -8.71 -25.88
CA ASN Q 53 -24.60 -9.15 -27.09
C ASN Q 53 -25.24 -7.96 -27.81
N THR Q 54 -25.45 -8.11 -29.12
CA THR Q 54 -26.17 -7.11 -29.91
C THR Q 54 -27.32 -7.77 -30.67
N GLN Q 55 -28.21 -6.96 -31.23
CA GLN Q 55 -29.41 -7.44 -31.91
C GLN Q 55 -29.09 -8.49 -32.97
N GLY Q 56 -29.55 -9.71 -32.72
CA GLY Q 56 -29.35 -10.83 -33.63
C GLY Q 56 -27.93 -11.38 -33.65
N ARG Q 57 -27.10 -10.93 -32.72
CA ARG Q 57 -25.72 -11.41 -32.63
C ARG Q 57 -25.36 -11.86 -31.22
N ASP Q 58 -25.12 -13.16 -31.07
CA ASP Q 58 -24.68 -13.74 -29.81
C ASP Q 58 -23.15 -13.67 -29.70
N ASN Q 59 -22.65 -13.61 -28.46
CA ASN Q 59 -21.21 -13.59 -28.18
C ASN Q 59 -20.43 -12.58 -29.03
N GLU Q 60 -20.96 -11.37 -29.12
CA GLU Q 60 -20.32 -10.28 -29.86
C GLU Q 60 -19.05 -9.85 -29.12
N LEU Q 61 -19.14 -9.79 -27.80
CA LEU Q 61 -17.99 -9.54 -26.93
C LEU Q 61 -18.23 -10.25 -25.61
N LEU Q 62 -17.41 -11.26 -25.30
CA LEU Q 62 -17.62 -12.05 -24.10
C LEU Q 62 -16.33 -12.47 -23.42
N VAL Q 63 -16.27 -12.29 -22.09
CA VAL Q 63 -15.19 -12.82 -21.27
C VAL Q 63 -15.72 -13.99 -20.46
N TYR Q 64 -15.18 -15.17 -20.76
CA TYR Q 64 -15.71 -16.43 -20.27
C TYR Q 64 -14.61 -17.20 -19.55
N LYS Q 65 -14.89 -17.63 -18.33
CA LYS Q 65 -13.96 -18.45 -17.56
C LYS Q 65 -14.29 -19.93 -17.75
N GLU Q 66 -13.52 -20.57 -18.61
CA GLU Q 66 -13.76 -21.95 -19.02
C GLU Q 66 -13.52 -22.96 -17.89
N ARG Q 67 -12.44 -22.73 -17.15
CA ARG Q 67 -12.04 -23.53 -15.99
C ARG Q 67 -10.96 -22.73 -15.25
N VAL Q 68 -10.47 -23.25 -14.14
CA VAL Q 68 -9.37 -22.62 -13.41
C VAL Q 68 -8.13 -22.47 -14.30
N GLY Q 69 -7.50 -21.30 -14.24
CA GLY Q 69 -6.28 -21.03 -14.98
C GLY Q 69 -6.47 -20.73 -16.47
N GLU Q 70 -7.71 -20.58 -16.90
CA GLU Q 70 -8.03 -20.46 -18.31
C GLU Q 70 -9.07 -19.38 -18.60
N TYR Q 71 -8.66 -18.38 -19.39
CA TYR Q 71 -9.53 -17.25 -19.73
C TYR Q 71 -9.75 -17.15 -21.23
N SER Q 72 -11.02 -17.02 -21.62
CA SER Q 72 -11.40 -16.96 -23.01
C SER Q 72 -12.03 -15.61 -23.35
N LEU Q 73 -11.66 -15.08 -24.51
CA LEU Q 73 -12.32 -13.90 -25.04
C LEU Q 73 -13.01 -14.25 -26.34
N TYR Q 74 -14.28 -13.88 -26.43
CA TYR Q 74 -15.05 -13.99 -27.67
C TYR Q 74 -15.19 -12.61 -28.28
N ILE Q 75 -14.85 -12.49 -29.56
CA ILE Q 75 -15.15 -11.31 -30.35
C ILE Q 75 -15.93 -11.75 -31.58
N GLY Q 76 -17.18 -11.30 -31.69
CA GLY Q 76 -18.06 -11.66 -32.79
C GLY Q 76 -18.14 -13.16 -33.07
N ARG Q 77 -18.43 -13.93 -32.01
CA ARG Q 77 -18.56 -15.39 -32.08
C ARG Q 77 -17.24 -16.16 -32.24
N HIS Q 78 -16.16 -15.44 -32.54
CA HIS Q 78 -14.83 -16.06 -32.61
C HIS Q 78 -14.19 -16.05 -31.22
N LYS Q 79 -13.36 -17.05 -30.94
CA LYS Q 79 -12.86 -17.29 -29.59
C LYS Q 79 -11.33 -17.38 -29.53
N VAL Q 80 -10.73 -16.75 -28.51
CA VAL Q 80 -9.36 -17.05 -28.11
C VAL Q 80 -9.29 -17.42 -26.62
N THR Q 81 -8.28 -18.21 -26.26
CA THR Q 81 -8.10 -18.68 -24.89
C THR Q 81 -6.64 -18.60 -24.47
N SER Q 82 -6.38 -18.06 -23.29
CA SER Q 82 -5.03 -18.02 -22.75
C SER Q 82 -4.98 -18.55 -21.32
N LYS Q 83 -3.83 -19.11 -20.95
CA LYS Q 83 -3.68 -19.82 -19.69
C LYS Q 83 -2.78 -19.07 -18.71
N VAL Q 84 -3.05 -19.24 -17.42
CA VAL Q 84 -2.26 -18.62 -16.36
C VAL Q 84 -2.16 -19.55 -15.16
N ILE Q 85 -1.04 -19.47 -14.44
CA ILE Q 85 -0.93 -20.11 -13.14
C ILE Q 85 -1.70 -19.28 -12.12
N GLU Q 86 -2.68 -19.89 -11.46
CA GLU Q 86 -3.37 -19.24 -10.35
C GLU Q 86 -3.74 -20.20 -9.22
N LYS Q 87 -3.79 -19.67 -8.01
CA LYS Q 87 -4.33 -20.38 -6.86
C LYS Q 87 -5.84 -20.38 -6.95
N PHE Q 88 -6.46 -21.43 -6.42
CA PHE Q 88 -7.91 -21.51 -6.35
C PHE Q 88 -8.35 -21.96 -4.96
N PRO Q 89 -9.34 -21.29 -4.38
CA PRO Q 89 -9.87 -20.03 -4.93
C PRO Q 89 -9.03 -18.83 -4.52
N ALA Q 90 -9.15 -17.74 -5.25
CA ALA Q 90 -8.39 -16.52 -4.99
C ALA Q 90 -9.05 -15.32 -5.65
N PRO Q 91 -8.95 -14.15 -5.00
CA PRO Q 91 -9.30 -12.89 -5.67
C PRO Q 91 -8.42 -12.75 -6.90
N VAL Q 92 -8.95 -12.15 -7.95
CA VAL Q 92 -8.20 -11.96 -9.18
C VAL Q 92 -8.54 -10.60 -9.78
N HIS Q 93 -7.53 -9.95 -10.34
CA HIS Q 93 -7.74 -8.77 -11.17
C HIS Q 93 -7.49 -9.13 -12.64
N ILE Q 94 -8.46 -8.82 -13.49
CA ILE Q 94 -8.44 -9.21 -14.89
C ILE Q 94 -8.56 -7.99 -15.78
N CYS Q 95 -7.62 -7.83 -16.70
CA CYS Q 95 -7.76 -6.88 -17.79
C CYS Q 95 -7.73 -7.65 -19.10
N VAL Q 96 -8.58 -7.25 -20.03
CA VAL Q 96 -8.48 -7.76 -21.38
C VAL Q 96 -8.65 -6.63 -22.38
N SER Q 97 -7.75 -6.57 -23.35
CA SER Q 97 -7.86 -5.62 -24.43
C SER Q 97 -7.92 -6.36 -25.77
N TRP Q 98 -8.48 -5.70 -26.76
CA TRP Q 98 -8.55 -6.24 -28.11
C TRP Q 98 -8.45 -5.10 -29.12
N GLU Q 99 -7.73 -5.37 -30.20
CA GLU Q 99 -7.40 -4.35 -31.19
C GLU Q 99 -7.76 -4.86 -32.59
N SER Q 100 -8.65 -4.14 -33.27
CA SER Q 100 -9.14 -4.57 -34.58
C SER Q 100 -8.05 -4.63 -35.66
N SER Q 101 -7.18 -3.63 -35.68
CA SER Q 101 -6.16 -3.51 -36.71
C SER Q 101 -5.24 -4.75 -36.78
N SER Q 102 -4.80 -5.20 -35.62
CA SER Q 102 -3.88 -6.34 -35.52
C SER Q 102 -4.59 -7.64 -35.19
N GLY Q 103 -5.77 -7.52 -34.58
CA GLY Q 103 -6.53 -8.66 -34.11
C GLY Q 103 -6.13 -9.11 -32.72
N ILE Q 104 -5.08 -8.49 -32.16
CA ILE Q 104 -4.44 -8.96 -30.93
C ILE Q 104 -5.30 -8.79 -29.68
N ALA Q 105 -5.47 -9.88 -28.94
CA ALA Q 105 -6.11 -9.88 -27.63
C ALA Q 105 -5.06 -10.10 -26.53
N GLU Q 106 -5.02 -9.19 -25.56
CA GLU Q 106 -4.10 -9.30 -24.44
C GLU Q 106 -4.89 -9.48 -23.15
N PHE Q 107 -4.68 -10.61 -22.46
CA PHE Q 107 -5.20 -10.81 -21.12
C PHE Q 107 -4.12 -10.43 -20.12
N TRP Q 108 -4.51 -9.73 -19.05
CA TRP Q 108 -3.61 -9.44 -17.95
C TRP Q 108 -4.25 -9.97 -16.67
N ILE Q 109 -3.51 -10.79 -15.94
CA ILE Q 109 -4.01 -11.39 -14.71
C ILE Q 109 -3.14 -10.94 -13.53
N ASN Q 110 -3.74 -10.20 -12.61
CA ASN Q 110 -3.01 -9.57 -11.51
C ASN Q 110 -1.78 -8.79 -11.99
N GLY Q 111 -1.96 -7.97 -13.01
CA GLY Q 111 -0.88 -7.18 -13.59
C GLY Q 111 0.15 -7.94 -14.40
N THR Q 112 -0.07 -9.25 -14.57
CA THR Q 112 0.84 -10.11 -15.32
C THR Q 112 0.28 -10.40 -16.71
N PRO Q 113 1.07 -10.20 -17.77
CA PRO Q 113 0.59 -10.46 -19.12
C PRO Q 113 0.52 -11.96 -19.46
N LEU Q 114 -0.62 -12.38 -19.98
CA LEU Q 114 -0.75 -13.72 -20.54
C LEU Q 114 -0.19 -13.70 -21.97
N VAL Q 115 -0.05 -14.87 -22.56
CA VAL Q 115 0.36 -14.98 -23.97
C VAL Q 115 -0.68 -14.29 -24.85
N LYS Q 116 -0.20 -13.43 -25.75
CA LYS Q 116 -1.07 -12.74 -26.71
C LYS Q 116 -1.68 -13.72 -27.70
N LYS Q 117 -2.96 -13.51 -27.99
CA LYS Q 117 -3.66 -14.29 -29.02
C LYS Q 117 -4.28 -13.32 -30.02
N GLY Q 118 -4.83 -13.85 -31.11
CA GLY Q 118 -5.37 -13.01 -32.15
C GLY Q 118 -6.64 -13.57 -32.77
N LEU Q 119 -7.57 -12.67 -33.08
CA LEU Q 119 -8.83 -13.04 -33.70
C LEU Q 119 -9.49 -11.83 -34.34
N ARG Q 120 -10.29 -12.10 -35.38
CA ARG Q 120 -11.17 -11.10 -35.99
C ARG Q 120 -10.45 -9.79 -36.39
N GLN Q 121 -9.27 -9.92 -36.99
CA GLN Q 121 -8.53 -8.79 -37.52
C GLN Q 121 -9.36 -8.05 -38.59
N GLY Q 122 -9.52 -6.75 -38.40
CA GLY Q 122 -10.29 -5.91 -39.32
C GLY Q 122 -11.77 -5.82 -39.01
N TYR Q 123 -12.20 -6.56 -37.99
CA TYR Q 123 -13.60 -6.63 -37.59
C TYR Q 123 -13.97 -5.46 -36.67
N PHE Q 124 -15.23 -5.06 -36.73
CA PHE Q 124 -15.77 -4.03 -35.84
C PHE Q 124 -16.84 -4.67 -34.97
N VAL Q 125 -16.64 -4.64 -33.65
CA VAL Q 125 -17.65 -5.15 -32.74
C VAL Q 125 -18.85 -4.20 -32.72
N GLU Q 126 -20.02 -4.75 -33.03
CA GLU Q 126 -21.26 -3.98 -33.22
C GLU Q 126 -21.64 -3.17 -31.98
N ALA Q 127 -22.32 -2.06 -32.22
CA ALA Q 127 -22.77 -1.17 -31.16
C ALA Q 127 -24.17 -1.52 -30.67
N GLN Q 128 -24.75 -0.64 -29.84
CA GLN Q 128 -26.08 -0.80 -29.26
C GLN Q 128 -26.22 -2.11 -28.47
N PRO Q 129 -25.32 -2.34 -27.51
CA PRO Q 129 -25.27 -3.63 -26.80
C PRO Q 129 -26.19 -3.72 -25.60
N LYS Q 130 -26.44 -4.95 -25.16
CA LYS Q 130 -26.91 -5.22 -23.82
C LYS Q 130 -25.77 -5.91 -23.08
N ILE Q 131 -25.29 -5.27 -22.02
CA ILE Q 131 -24.19 -5.79 -21.23
C ILE Q 131 -24.72 -6.30 -19.91
N VAL Q 132 -24.39 -7.55 -19.59
CA VAL Q 132 -24.85 -8.15 -18.34
C VAL Q 132 -23.75 -8.86 -17.55
N LEU Q 133 -23.74 -8.62 -16.24
CA LEU Q 133 -22.91 -9.35 -15.29
C LEU Q 133 -23.80 -10.37 -14.61
N GLY Q 134 -23.23 -11.51 -14.23
CA GLY Q 134 -23.97 -12.50 -13.47
C GLY Q 134 -24.62 -13.60 -14.28
N GLN Q 135 -24.86 -13.35 -15.56
CA GLN Q 135 -25.37 -14.38 -16.48
C GLN Q 135 -24.74 -14.24 -17.88
N GLU Q 136 -24.77 -15.33 -18.63
CA GLU Q 136 -24.36 -15.35 -20.03
C GLU Q 136 -25.58 -15.16 -20.93
N GLN Q 137 -25.47 -14.26 -21.90
CA GLN Q 137 -26.57 -14.00 -22.83
C GLN Q 137 -26.52 -14.92 -24.04
N ASP Q 138 -27.69 -15.42 -24.42
CA ASP Q 138 -27.87 -16.14 -25.69
C ASP Q 138 -28.82 -15.37 -26.60
N SER Q 139 -29.44 -14.32 -26.07
CA SER Q 139 -30.30 -13.41 -26.83
C SER Q 139 -29.93 -11.95 -26.54
N TYR Q 140 -30.68 -11.02 -27.14
CA TYR Q 140 -30.45 -9.59 -26.91
C TYR Q 140 -30.98 -9.17 -25.54
N GLY Q 141 -30.18 -9.44 -24.51
CA GLY Q 141 -30.53 -9.07 -23.15
C GLY Q 141 -30.98 -10.21 -22.27
N GLY Q 142 -31.19 -11.40 -22.84
CA GLY Q 142 -31.74 -12.51 -22.10
C GLY Q 142 -31.27 -13.89 -22.51
N LYS Q 143 -32.16 -14.87 -22.38
CA LYS Q 143 -31.89 -16.29 -22.61
C LYS Q 143 -30.66 -16.78 -21.86
N PHE Q 144 -30.78 -16.76 -20.53
CA PHE Q 144 -29.68 -17.09 -19.63
C PHE Q 144 -29.52 -18.59 -19.42
N ASP Q 145 -28.43 -18.97 -18.76
CA ASP Q 145 -28.09 -20.37 -18.53
C ASP Q 145 -27.47 -20.52 -17.14
N ARG Q 146 -28.20 -21.22 -16.27
CA ARG Q 146 -27.79 -21.47 -14.88
C ARG Q 146 -26.36 -21.99 -14.76
N SER Q 147 -25.99 -22.93 -15.64
CA SER Q 147 -24.64 -23.53 -15.64
C SER Q 147 -23.53 -22.57 -16.11
N GLN Q 148 -23.92 -21.36 -16.51
CA GLN Q 148 -22.99 -20.32 -16.96
C GLN Q 148 -23.05 -19.09 -16.06
N SER Q 149 -23.87 -19.15 -15.02
CA SER Q 149 -24.05 -18.00 -14.13
C SER Q 149 -22.80 -17.73 -13.28
N PHE Q 150 -22.54 -16.45 -13.01
CA PHE Q 150 -21.48 -16.07 -12.11
C PHE Q 150 -22.01 -15.99 -10.68
N VAL Q 151 -21.37 -16.71 -9.78
CA VAL Q 151 -21.65 -16.65 -8.35
C VAL Q 151 -20.40 -16.08 -7.70
N GLY Q 152 -20.57 -15.05 -6.88
CA GLY Q 152 -19.43 -14.41 -6.24
C GLY Q 152 -19.46 -12.90 -6.33
N GLU Q 153 -18.27 -12.30 -6.38
CA GLU Q 153 -18.14 -10.85 -6.25
C GLU Q 153 -17.35 -10.24 -7.40
N ILE Q 154 -17.86 -9.13 -7.93
CA ILE Q 154 -17.19 -8.35 -8.97
C ILE Q 154 -17.16 -6.87 -8.56
N GLY Q 155 -15.98 -6.26 -8.64
CA GLY Q 155 -15.83 -4.84 -8.39
C GLY Q 155 -14.82 -4.22 -9.33
N ASP Q 156 -14.63 -2.91 -9.22
CA ASP Q 156 -13.64 -2.16 -10.00
C ASP Q 156 -13.71 -2.43 -11.50
N LEU Q 157 -14.93 -2.36 -12.06
CA LEU Q 157 -15.15 -2.62 -13.47
C LEU Q 157 -14.98 -1.33 -14.27
N TYR Q 158 -14.06 -1.33 -15.22
CA TYR Q 158 -13.81 -0.20 -16.11
C TYR Q 158 -13.67 -0.66 -17.56
N MET Q 159 -14.12 0.16 -18.49
CA MET Q 159 -13.99 -0.14 -19.92
C MET Q 159 -13.60 1.11 -20.70
N TRP Q 160 -12.52 0.98 -21.48
CA TRP Q 160 -12.01 2.07 -22.31
C TRP Q 160 -12.19 1.69 -23.77
N ASP Q 161 -12.34 2.69 -24.63
CA ASP Q 161 -12.39 2.46 -26.08
C ASP Q 161 -11.00 2.58 -26.71
N SER Q 162 -9.99 2.11 -25.98
CA SER Q 162 -8.61 2.11 -26.43
C SER Q 162 -7.85 0.94 -25.81
N VAL Q 163 -6.71 0.61 -26.40
CA VAL Q 163 -5.86 -0.46 -25.90
C VAL Q 163 -4.89 0.13 -24.87
N LEU Q 164 -5.07 -0.25 -23.61
CA LEU Q 164 -4.25 0.26 -22.53
C LEU Q 164 -2.83 -0.32 -22.56
N PRO Q 165 -1.83 0.54 -22.48
CA PRO Q 165 -0.44 0.10 -22.34
C PRO Q 165 -0.18 -0.53 -20.95
N PRO Q 166 0.92 -1.28 -20.80
CA PRO Q 166 1.20 -1.97 -19.53
C PRO Q 166 1.12 -1.08 -18.29
N GLU Q 167 1.59 0.16 -18.38
CA GLU Q 167 1.59 1.09 -17.26
C GLU Q 167 0.18 1.41 -16.73
N ASN Q 168 -0.77 1.57 -17.63
CA ASN Q 168 -2.15 1.89 -17.23
C ASN Q 168 -2.91 0.65 -16.75
N ILE Q 169 -2.53 -0.52 -17.28
CA ILE Q 169 -3.04 -1.79 -16.79
C ILE Q 169 -2.63 -1.94 -15.33
N LEU Q 170 -1.34 -1.70 -15.06
CA LEU Q 170 -0.80 -1.77 -13.72
C LEU Q 170 -1.49 -0.80 -12.76
N SER Q 171 -1.81 0.38 -13.27
CA SER Q 171 -2.51 1.41 -12.52
C SER Q 171 -3.88 0.93 -12.07
N ALA Q 172 -4.63 0.37 -13.00
CA ALA Q 172 -5.93 -0.21 -12.69
C ALA Q 172 -5.78 -1.30 -11.63
N TYR Q 173 -4.81 -2.18 -11.84
CA TYR Q 173 -4.50 -3.25 -10.89
C TYR Q 173 -4.24 -2.69 -9.49
N GLN Q 174 -3.47 -1.60 -9.43
CA GLN Q 174 -3.08 -0.98 -8.16
C GLN Q 174 -4.19 -0.14 -7.53
N GLY Q 175 -5.27 0.08 -8.28
CA GLY Q 175 -6.40 0.83 -7.76
C GLY Q 175 -6.40 2.31 -8.09
N THR Q 176 -5.53 2.73 -9.00
CA THR Q 176 -5.58 4.09 -9.55
C THR Q 176 -5.83 4.08 -11.06
N PRO Q 177 -7.01 3.61 -11.50
CA PRO Q 177 -7.29 3.46 -12.93
C PRO Q 177 -7.39 4.81 -13.64
N LEU Q 178 -6.96 4.83 -14.89
CA LEU Q 178 -7.18 5.94 -15.80
C LEU Q 178 -8.69 6.11 -16.01
N PRO Q 179 -9.18 7.34 -16.18
CA PRO Q 179 -10.61 7.56 -16.42
C PRO Q 179 -11.10 6.78 -17.63
N ALA Q 180 -12.28 6.16 -17.51
CA ALA Q 180 -12.76 5.25 -18.55
C ALA Q 180 -14.07 5.75 -19.17
N ASN Q 181 -14.14 5.71 -20.49
CA ASN Q 181 -15.22 6.35 -21.24
C ASN Q 181 -16.41 5.46 -21.67
N ILE Q 182 -16.28 4.14 -21.53
CA ILE Q 182 -17.40 3.25 -21.84
C ILE Q 182 -18.14 2.81 -20.58
N LEU Q 183 -17.40 2.27 -19.62
CA LEU Q 183 -17.94 1.85 -18.34
C LEU Q 183 -17.02 2.36 -17.23
N ASP Q 184 -17.61 2.93 -16.19
CA ASP Q 184 -16.87 3.56 -15.11
C ASP Q 184 -17.50 3.17 -13.78
N TRP Q 185 -16.73 2.44 -12.96
CA TRP Q 185 -17.17 1.99 -11.65
C TRP Q 185 -17.56 3.14 -10.73
N GLN Q 186 -16.90 4.28 -10.90
CA GLN Q 186 -17.15 5.47 -10.09
C GLN Q 186 -18.32 6.31 -10.59
N ALA Q 187 -18.90 5.90 -11.72
CA ALA Q 187 -20.09 6.55 -12.29
C ALA Q 187 -20.84 5.57 -13.17
N LEU Q 188 -21.36 4.51 -12.54
CA LEU Q 188 -21.92 3.38 -13.27
C LEU Q 188 -23.45 3.43 -13.39
N ASN Q 189 -23.92 3.28 -14.63
CA ASN Q 189 -25.35 3.19 -14.92
C ASN Q 189 -25.76 1.73 -15.02
N TYR Q 190 -26.49 1.25 -14.02
CA TYR Q 190 -26.81 -0.17 -13.92
C TYR Q 190 -28.25 -0.46 -13.45
N GLU Q 191 -28.73 -1.64 -13.79
CA GLU Q 191 -30.02 -2.14 -13.30
C GLU Q 191 -29.80 -3.49 -12.61
N ILE Q 192 -30.06 -3.54 -11.31
CA ILE Q 192 -30.03 -4.80 -10.57
C ILE Q 192 -31.32 -5.56 -10.86
N ARG Q 193 -31.19 -6.81 -11.28
CA ARG Q 193 -32.35 -7.67 -11.52
C ARG Q 193 -32.22 -8.97 -10.73
N GLY Q 194 -33.13 -9.17 -9.80
CA GLY Q 194 -33.10 -10.35 -8.94
C GLY Q 194 -32.18 -10.16 -7.75
N TYR Q 195 -31.55 -11.25 -7.32
CA TYR Q 195 -30.76 -11.27 -6.10
C TYR Q 195 -29.30 -10.87 -6.33
N VAL Q 196 -29.05 -9.56 -6.22
CA VAL Q 196 -27.70 -9.02 -6.25
C VAL Q 196 -27.60 -7.96 -5.15
N ILE Q 197 -26.60 -8.12 -4.29
CA ILE Q 197 -26.40 -7.19 -3.17
C ILE Q 197 -25.12 -6.40 -3.36
N ILE Q 198 -25.19 -5.09 -3.15
CA ILE Q 198 -23.98 -4.27 -3.11
C ILE Q 198 -23.40 -4.30 -1.69
N LYS Q 199 -22.10 -4.60 -1.60
CA LYS Q 199 -21.41 -4.63 -0.32
C LYS Q 199 -20.02 -4.02 -0.46
N PRO Q 200 -19.43 -3.57 0.65
CA PRO Q 200 -18.02 -3.14 0.65
C PRO Q 200 -17.07 -4.23 0.18
N LEU Q 201 -16.03 -3.82 -0.54
CA LEU Q 201 -14.96 -4.71 -0.95
C LEU Q 201 -14.04 -4.94 0.24
N VAL Q 202 -13.96 -6.20 0.68
CA VAL Q 202 -13.17 -6.55 1.88
C VAL Q 202 -11.95 -7.41 1.56
N TRP Q 203 -11.86 -7.89 0.32
CA TRP Q 203 -10.82 -8.84 -0.06
C TRP Q 203 -9.61 -8.24 -0.80
N VAL Q 204 -9.43 -6.94 -0.67
CA VAL Q 204 -8.25 -6.25 -1.21
C VAL Q 204 -7.58 -5.44 -0.10
N HIS R 1 -21.18 -19.47 35.23
CA HIS R 1 -20.33 -18.92 34.12
C HIS R 1 -18.85 -19.02 34.45
N THR R 2 -18.06 -19.50 33.51
CA THR R 2 -16.63 -19.72 33.70
C THR R 2 -15.80 -18.94 32.70
N ASP R 3 -14.75 -18.30 33.18
CA ASP R 3 -13.75 -17.66 32.32
C ASP R 3 -12.81 -18.72 31.75
N LEU R 4 -12.96 -19.00 30.46
CA LEU R 4 -12.21 -20.06 29.80
C LEU R 4 -11.00 -19.55 29.00
N SER R 5 -10.50 -18.38 29.40
CA SER R 5 -9.31 -17.77 28.79
C SER R 5 -8.12 -18.71 28.80
N GLY R 6 -7.49 -18.86 27.65
CA GLY R 6 -6.33 -19.73 27.49
C GLY R 6 -6.64 -21.21 27.68
N LYS R 7 -7.91 -21.56 27.52
CA LYS R 7 -8.36 -22.94 27.71
C LYS R 7 -9.23 -23.41 26.55
N VAL R 8 -9.25 -24.72 26.33
CA VAL R 8 -10.04 -25.31 25.27
C VAL R 8 -10.93 -26.42 25.83
N PHE R 9 -11.98 -26.75 25.06
CA PHE R 9 -12.71 -27.99 25.26
C PHE R 9 -12.00 -29.05 24.43
N VAL R 10 -11.62 -30.16 25.04
CA VAL R 10 -11.05 -31.28 24.31
C VAL R 10 -12.08 -32.41 24.21
N PHE R 11 -12.47 -32.73 22.98
CA PHE R 11 -13.33 -33.87 22.68
C PHE R 11 -12.39 -34.98 22.19
N PRO R 12 -11.93 -35.82 23.11
CA PRO R 12 -10.76 -36.67 22.87
C PRO R 12 -11.04 -37.95 22.07
N ARG R 13 -12.29 -38.21 21.72
CA ARG R 13 -12.65 -39.43 21.01
C ARG R 13 -13.92 -39.28 20.18
N GLU R 14 -14.03 -40.09 19.13
CA GLU R 14 -15.26 -40.23 18.37
C GLU R 14 -16.29 -40.94 19.25
N SER R 15 -17.50 -40.38 19.28
CA SER R 15 -18.62 -40.95 20.04
C SER R 15 -19.95 -40.41 19.55
N VAL R 16 -21.04 -40.94 20.08
CA VAL R 16 -22.37 -40.41 19.81
C VAL R 16 -22.93 -39.68 21.04
N THR R 17 -22.13 -39.60 22.11
CA THR R 17 -22.61 -39.06 23.39
C THR R 17 -21.86 -37.80 23.88
N ASP R 18 -20.55 -37.76 23.68
CA ASP R 18 -19.72 -36.65 24.16
C ASP R 18 -20.12 -35.32 23.53
N HIS R 19 -20.53 -34.37 24.37
CA HIS R 19 -20.89 -33.04 23.89
C HIS R 19 -20.86 -31.98 24.98
N VAL R 20 -20.85 -30.71 24.56
CA VAL R 20 -21.02 -29.59 25.48
C VAL R 20 -22.28 -28.81 25.11
N ASN R 21 -23.17 -28.63 26.08
CA ASN R 21 -24.32 -27.76 25.90
C ASN R 21 -23.93 -26.32 26.22
N LEU R 22 -24.16 -25.42 25.27
CA LEU R 22 -23.89 -24.00 25.46
C LEU R 22 -25.18 -23.26 25.80
N ILE R 23 -25.20 -22.63 26.98
CA ILE R 23 -26.40 -21.96 27.49
C ILE R 23 -26.34 -20.46 27.27
N THR R 24 -27.36 -19.92 26.60
CA THR R 24 -27.51 -18.49 26.40
C THR R 24 -28.93 -18.02 26.74
N PRO R 25 -29.05 -16.86 27.41
CA PRO R 25 -30.36 -16.30 27.73
C PRO R 25 -30.93 -15.47 26.57
N LEU R 26 -31.21 -16.16 25.46
CA LEU R 26 -31.66 -15.52 24.23
C LEU R 26 -33.17 -15.72 23.99
N GLU R 27 -33.94 -14.68 24.24
CA GLU R 27 -35.40 -14.74 24.07
C GLU R 27 -35.88 -14.16 22.74
N LYS R 28 -35.07 -13.31 22.13
CA LYS R 28 -35.43 -12.66 20.87
C LYS R 28 -34.86 -13.39 19.66
N PRO R 29 -35.65 -13.50 18.59
CA PRO R 29 -35.17 -14.09 17.33
C PRO R 29 -34.01 -13.30 16.74
N LEU R 30 -33.04 -14.01 16.14
CA LEU R 30 -31.83 -13.39 15.63
C LEU R 30 -31.97 -12.93 14.18
N GLN R 31 -31.73 -11.65 13.95
CA GLN R 31 -31.73 -11.07 12.61
C GLN R 31 -30.31 -10.97 12.09
N ASN R 32 -29.37 -10.66 12.99
CA ASN R 32 -27.96 -10.54 12.65
C ASN R 32 -27.11 -11.31 13.67
N PHE R 33 -25.99 -11.87 13.22
CA PHE R 33 -25.05 -12.54 14.13
C PHE R 33 -23.64 -12.71 13.57
N THR R 34 -22.67 -12.76 14.47
CA THR R 34 -21.31 -13.16 14.13
C THR R 34 -20.86 -14.22 15.14
N LEU R 35 -20.28 -15.30 14.63
CA LEU R 35 -19.74 -16.37 15.47
C LEU R 35 -18.27 -16.58 15.16
N CYS R 36 -17.43 -16.47 16.18
CA CYS R 36 -16.00 -16.72 16.04
C CYS R 36 -15.56 -17.80 17.03
N PHE R 37 -14.62 -18.63 16.59
CA PHE R 37 -13.99 -19.65 17.45
C PHE R 37 -12.73 -20.24 16.81
N ARG R 38 -11.94 -20.93 17.63
CA ARG R 38 -10.74 -21.61 17.19
C ARG R 38 -10.98 -23.12 17.24
N ALA R 39 -10.48 -23.85 16.24
CA ALA R 39 -10.65 -25.30 16.20
C ALA R 39 -9.39 -26.02 15.76
N TYR R 40 -9.11 -27.16 16.40
CA TYR R 40 -7.99 -28.01 16.04
C TYR R 40 -8.43 -29.47 16.01
N SER R 41 -8.44 -30.05 14.81
CA SER R 41 -8.93 -31.39 14.59
C SER R 41 -8.21 -32.01 13.43
N ASP R 42 -7.95 -33.31 13.49
CA ASP R 42 -7.35 -34.01 12.35
C ASP R 42 -8.30 -35.02 11.70
N LEU R 43 -9.60 -34.81 11.90
CA LEU R 43 -10.65 -35.51 11.18
C LEU R 43 -10.67 -35.07 9.72
N SER R 44 -10.84 -36.01 8.81
CA SER R 44 -10.98 -35.70 7.38
C SER R 44 -12.42 -35.85 6.93
N ARG R 45 -13.19 -36.66 7.64
CA ARG R 45 -14.63 -36.80 7.41
C ARG R 45 -15.36 -35.55 7.87
N ALA R 46 -16.62 -35.43 7.48
CA ALA R 46 -17.44 -34.26 7.82
C ALA R 46 -17.73 -34.22 9.31
N TYR R 47 -17.91 -33.00 9.83
CA TYR R 47 -18.29 -32.81 11.23
C TYR R 47 -18.96 -31.47 11.48
N SER R 48 -19.78 -31.41 12.53
CA SER R 48 -20.37 -30.15 12.97
C SER R 48 -19.45 -29.41 13.93
N LEU R 49 -19.27 -28.12 13.68
CA LEU R 49 -18.49 -27.25 14.56
C LEU R 49 -19.39 -26.61 15.60
N PHE R 50 -20.60 -26.26 15.17
CA PHE R 50 -21.52 -25.48 16.00
C PHE R 50 -22.97 -25.81 15.61
N SER R 51 -23.67 -26.49 16.52
CA SER R 51 -25.04 -26.92 16.25
C SER R 51 -26.06 -26.15 17.07
N TYR R 52 -26.91 -25.39 16.37
CA TYR R 52 -27.92 -24.53 16.97
C TYR R 52 -29.28 -25.00 16.45
N ASN R 53 -30.06 -25.62 17.33
CA ASN R 53 -31.37 -26.15 16.97
C ASN R 53 -32.45 -25.55 17.86
N THR R 54 -33.63 -25.28 17.29
CA THR R 54 -34.76 -24.82 18.08
C THR R 54 -35.87 -25.86 18.02
N GLN R 55 -36.89 -25.69 18.89
CA GLN R 55 -38.01 -26.62 18.98
C GLN R 55 -38.60 -26.89 17.60
N GLY R 56 -38.71 -28.17 17.25
CA GLY R 56 -39.28 -28.60 15.98
C GLY R 56 -38.51 -28.17 14.73
N ARG R 57 -37.35 -27.56 14.91
CA ARG R 57 -36.57 -27.03 13.78
C ARG R 57 -35.11 -27.50 13.80
N ASP R 58 -34.78 -28.39 12.87
CA ASP R 58 -33.41 -28.88 12.70
C ASP R 58 -32.59 -27.90 11.88
N ASN R 59 -31.27 -27.91 12.06
CA ASN R 59 -30.34 -27.04 11.34
C ASN R 59 -30.84 -25.60 11.24
N GLU R 60 -31.21 -25.02 12.38
CA GLU R 60 -31.68 -23.64 12.42
C GLU R 60 -30.51 -22.70 12.16
N LEU R 61 -29.37 -23.02 12.76
CA LEU R 61 -28.12 -22.32 12.54
C LEU R 61 -27.00 -23.31 12.80
N LEU R 62 -26.25 -23.65 11.76
CA LEU R 62 -25.26 -24.72 11.88
C LEU R 62 -23.98 -24.44 11.07
N VAL R 63 -22.84 -24.62 11.74
CA VAL R 63 -21.54 -24.52 11.09
C VAL R 63 -21.01 -25.94 10.88
N TYR R 64 -20.93 -26.34 9.61
CA TYR R 64 -20.62 -27.71 9.24
C TYR R 64 -19.40 -27.72 8.33
N LYS R 65 -18.42 -28.54 8.67
CA LYS R 65 -17.26 -28.71 7.81
C LYS R 65 -17.47 -29.97 6.97
N GLU R 66 -17.73 -29.76 5.68
CA GLU R 66 -18.00 -30.86 4.74
C GLU R 66 -16.78 -31.73 4.53
N ARG R 67 -15.66 -31.07 4.23
CA ARG R 67 -14.38 -31.70 3.97
C ARG R 67 -13.31 -30.63 4.16
N VAL R 68 -12.04 -31.01 4.03
CA VAL R 68 -10.95 -30.04 4.08
C VAL R 68 -11.17 -28.95 3.04
N GLY R 69 -11.11 -27.70 3.48
CA GLY R 69 -11.22 -26.55 2.59
C GLY R 69 -12.63 -26.07 2.24
N GLU R 70 -13.66 -26.69 2.82
CA GLU R 70 -15.04 -26.34 2.53
C GLU R 70 -15.82 -26.10 3.81
N TYR R 71 -16.37 -24.91 3.94
CA TYR R 71 -17.15 -24.54 5.12
C TYR R 71 -18.57 -24.24 4.72
N SER R 72 -19.51 -24.80 5.48
CA SER R 72 -20.92 -24.61 5.19
C SER R 72 -21.62 -23.91 6.35
N LEU R 73 -22.51 -23.00 6.00
CA LEU R 73 -23.42 -22.42 6.99
C LEU R 73 -24.85 -22.79 6.61
N TYR R 74 -25.58 -23.29 7.61
CA TYR R 74 -27.01 -23.52 7.46
C TYR R 74 -27.75 -22.42 8.21
N ILE R 75 -28.70 -21.80 7.53
CA ILE R 75 -29.67 -20.90 8.18
C ILE R 75 -31.06 -21.42 7.86
N GLY R 76 -31.81 -21.77 8.90
CA GLY R 76 -33.16 -22.30 8.74
C GLY R 76 -33.25 -23.43 7.72
N ARG R 77 -32.35 -24.41 7.86
CA ARG R 77 -32.29 -25.59 6.97
C ARG R 77 -31.76 -25.31 5.56
N HIS R 78 -31.61 -24.03 5.20
CA HIS R 78 -31.02 -23.68 3.91
C HIS R 78 -29.48 -23.65 4.02
N LYS R 79 -28.79 -23.91 2.92
CA LYS R 79 -27.35 -24.10 2.96
C LYS R 79 -26.57 -23.16 2.04
N VAL R 80 -25.45 -22.63 2.53
CA VAL R 80 -24.42 -22.04 1.68
C VAL R 80 -23.04 -22.64 2.01
N THR R 81 -22.19 -22.75 1.00
CA THR R 81 -20.85 -23.32 1.16
C THR R 81 -19.80 -22.45 0.50
N SER R 82 -18.67 -22.26 1.18
CA SER R 82 -17.56 -21.48 0.66
C SER R 82 -16.23 -22.21 0.81
N LYS R 83 -15.34 -22.01 -0.15
CA LYS R 83 -14.09 -22.76 -0.22
C LYS R 83 -12.87 -21.92 0.17
N VAL R 84 -11.85 -22.59 0.69
CA VAL R 84 -10.60 -21.92 1.07
C VAL R 84 -9.41 -22.87 0.91
N ILE R 85 -8.24 -22.29 0.68
CA ILE R 85 -6.98 -23.02 0.76
C ILE R 85 -6.57 -23.10 2.24
N GLU R 86 -6.37 -24.32 2.72
CA GLU R 86 -5.89 -24.54 4.08
C GLU R 86 -5.05 -25.81 4.14
N LYS R 87 -4.10 -25.83 5.07
CA LYS R 87 -3.28 -27.00 5.34
C LYS R 87 -4.06 -27.98 6.21
N PHE R 88 -3.72 -29.27 6.11
CA PHE R 88 -4.33 -30.30 6.93
C PHE R 88 -3.30 -31.32 7.41
N PRO R 89 -3.25 -31.58 8.72
CA PRO R 89 -4.08 -30.86 9.70
C PRO R 89 -3.47 -29.54 10.13
N ALA R 90 -4.32 -28.65 10.66
CA ALA R 90 -3.88 -27.33 11.11
C ALA R 90 -4.92 -26.71 12.02
N PRO R 91 -4.46 -25.99 13.04
CA PRO R 91 -5.34 -25.11 13.81
C PRO R 91 -5.95 -24.10 12.84
N VAL R 92 -7.20 -23.72 13.12
CA VAL R 92 -7.89 -22.74 12.28
C VAL R 92 -8.69 -21.78 13.15
N HIS R 93 -8.72 -20.51 12.77
CA HIS R 93 -9.64 -19.56 13.38
C HIS R 93 -10.79 -19.27 12.41
N ILE R 94 -12.01 -19.44 12.92
CA ILE R 94 -13.19 -19.31 12.08
C ILE R 94 -14.10 -18.20 12.60
N CYS R 95 -14.50 -17.33 11.68
CA CYS R 95 -15.60 -16.41 11.94
C CYS R 95 -16.65 -16.61 10.87
N VAL R 96 -17.91 -16.61 11.28
CA VAL R 96 -19.02 -16.58 10.34
C VAL R 96 -20.05 -15.54 10.78
N SER R 97 -20.47 -14.71 9.84
CA SER R 97 -21.51 -13.73 10.10
C SER R 97 -22.64 -13.89 9.09
N TRP R 98 -23.84 -13.50 9.51
CA TRP R 98 -25.02 -13.54 8.66
C TRP R 98 -25.97 -12.39 8.96
N GLU R 99 -26.61 -11.90 7.91
CA GLU R 99 -27.43 -10.70 7.95
C GLU R 99 -28.74 -10.99 7.24
N SER R 100 -29.87 -10.82 7.94
CA SER R 100 -31.18 -11.15 7.40
C SER R 100 -31.62 -10.22 6.26
N SER R 101 -31.35 -8.93 6.40
CA SER R 101 -31.76 -7.93 5.41
C SER R 101 -31.17 -8.15 4.01
N SER R 102 -29.98 -8.73 3.96
CA SER R 102 -29.31 -9.01 2.69
C SER R 102 -29.23 -10.51 2.37
N GLY R 103 -29.31 -11.34 3.41
CA GLY R 103 -29.11 -12.77 3.28
C GLY R 103 -27.64 -13.17 3.21
N ILE R 104 -26.76 -12.17 3.24
CA ILE R 104 -25.31 -12.37 3.06
C ILE R 104 -24.69 -13.11 4.24
N ALA R 105 -24.01 -14.21 3.90
CA ALA R 105 -23.25 -15.02 4.84
C ALA R 105 -21.76 -14.83 4.56
N GLU R 106 -20.98 -14.59 5.61
CA GLU R 106 -19.58 -14.20 5.49
C GLU R 106 -18.69 -15.11 6.33
N PHE R 107 -17.91 -15.96 5.66
CA PHE R 107 -16.91 -16.77 6.35
C PHE R 107 -15.55 -16.08 6.34
N TRP R 108 -14.88 -16.09 7.48
CA TRP R 108 -13.50 -15.60 7.59
C TRP R 108 -12.64 -16.71 8.20
N ILE R 109 -11.66 -17.15 7.43
CA ILE R 109 -10.77 -18.24 7.83
C ILE R 109 -9.39 -17.65 8.07
N ASN R 110 -8.93 -17.72 9.31
CA ASN R 110 -7.66 -17.12 9.72
C ASN R 110 -7.55 -15.65 9.30
N GLY R 111 -8.64 -14.91 9.44
CA GLY R 111 -8.68 -13.50 9.10
C GLY R 111 -8.72 -13.22 7.60
N THR R 112 -8.95 -14.26 6.81
CA THR R 112 -9.11 -14.13 5.36
C THR R 112 -10.58 -14.32 5.00
N PRO R 113 -11.15 -13.33 4.31
CA PRO R 113 -12.57 -13.40 3.91
C PRO R 113 -12.77 -14.34 2.74
N LEU R 114 -13.75 -15.23 2.86
CA LEU R 114 -14.12 -16.11 1.76
C LEU R 114 -15.13 -15.38 0.88
N VAL R 115 -15.44 -15.98 -0.27
CA VAL R 115 -16.45 -15.44 -1.16
C VAL R 115 -17.79 -15.42 -0.42
N LYS R 116 -18.43 -14.25 -0.41
CA LYS R 116 -19.74 -14.08 0.22
C LYS R 116 -20.78 -14.94 -0.48
N LYS R 117 -21.67 -15.52 0.30
CA LYS R 117 -22.83 -16.24 -0.24
C LYS R 117 -24.10 -15.68 0.40
N GLY R 118 -25.25 -16.11 -0.10
CA GLY R 118 -26.51 -15.55 0.36
C GLY R 118 -27.61 -16.59 0.51
N LEU R 119 -28.35 -16.47 1.60
CA LEU R 119 -29.45 -17.39 1.92
C LEU R 119 -30.45 -16.79 2.91
N ARG R 120 -31.71 -17.16 2.76
CA ARG R 120 -32.77 -16.80 3.70
C ARG R 120 -32.86 -15.30 3.99
N GLN R 121 -32.84 -14.49 2.93
CA GLN R 121 -33.08 -13.06 3.05
C GLN R 121 -34.48 -12.83 3.61
N GLY R 122 -34.58 -12.01 4.66
CA GLY R 122 -35.84 -11.70 5.30
C GLY R 122 -36.30 -12.72 6.32
N TYR R 123 -35.41 -13.65 6.68
CA TYR R 123 -35.69 -14.67 7.67
C TYR R 123 -35.06 -14.34 9.01
N PHE R 124 -35.72 -14.71 10.10
CA PHE R 124 -35.16 -14.55 11.44
C PHE R 124 -34.86 -15.94 12.00
N VAL R 125 -33.60 -16.22 12.32
CA VAL R 125 -33.29 -17.48 13.01
C VAL R 125 -33.98 -17.47 14.37
N GLU R 126 -34.60 -18.59 14.73
CA GLU R 126 -35.49 -18.64 15.89
C GLU R 126 -34.75 -18.60 17.21
N ALA R 127 -35.42 -18.09 18.24
CA ALA R 127 -34.86 -17.96 19.58
C ALA R 127 -35.04 -19.24 20.39
N GLN R 128 -34.57 -19.21 21.64
CA GLN R 128 -34.62 -20.35 22.57
C GLN R 128 -33.96 -21.62 22.01
N PRO R 129 -32.69 -21.50 21.60
CA PRO R 129 -31.99 -22.63 21.01
C PRO R 129 -31.40 -23.58 22.05
N LYS R 130 -31.12 -24.80 21.61
CA LYS R 130 -30.17 -25.65 22.31
C LYS R 130 -28.92 -25.65 21.43
N ILE R 131 -27.82 -25.16 22.00
CA ILE R 131 -26.57 -25.04 21.28
C ILE R 131 -25.61 -26.11 21.80
N VAL R 132 -25.05 -26.90 20.89
CA VAL R 132 -24.15 -27.98 21.30
C VAL R 132 -22.84 -28.01 20.50
N LEU R 133 -21.75 -28.31 21.23
CA LEU R 133 -20.45 -28.55 20.65
C LEU R 133 -20.17 -30.05 20.76
N GLY R 134 -19.40 -30.59 19.82
CA GLY R 134 -18.99 -31.98 19.88
C GLY R 134 -19.91 -32.93 19.12
N GLN R 135 -21.18 -32.55 18.99
CA GLN R 135 -22.15 -33.34 18.25
C GLN R 135 -23.01 -32.48 17.34
N GLU R 136 -23.61 -33.11 16.34
CA GLU R 136 -24.59 -32.47 15.46
C GLU R 136 -26.00 -32.88 15.89
N GLN R 137 -26.85 -31.90 16.15
CA GLN R 137 -28.24 -32.15 16.57
C GLN R 137 -29.15 -32.43 15.38
N ASP R 138 -30.05 -33.41 15.57
CA ASP R 138 -31.15 -33.65 14.66
C ASP R 138 -32.51 -33.46 15.36
N SER R 139 -32.45 -33.20 16.67
CA SER R 139 -33.63 -32.84 17.44
C SER R 139 -33.31 -31.67 18.36
N TYR R 140 -34.28 -31.27 19.19
CA TYR R 140 -34.07 -30.19 20.14
C TYR R 140 -33.23 -30.67 21.31
N GLY R 141 -31.92 -30.75 21.09
CA GLY R 141 -30.98 -31.13 22.14
C GLY R 141 -30.34 -32.50 22.03
N GLY R 142 -30.69 -33.25 20.99
CA GLY R 142 -30.18 -34.60 20.85
C GLY R 142 -30.20 -35.16 19.44
N LYS R 143 -30.48 -36.47 19.35
CA LYS R 143 -30.39 -37.26 18.12
C LYS R 143 -29.07 -37.05 17.39
N PHE R 144 -27.99 -37.39 18.09
CA PHE R 144 -26.63 -37.19 17.60
C PHE R 144 -26.24 -38.24 16.58
N ASP R 145 -25.18 -37.95 15.82
CA ASP R 145 -24.64 -38.85 14.80
C ASP R 145 -23.13 -38.97 14.98
N ARG R 146 -22.67 -40.19 15.23
CA ARG R 146 -21.26 -40.49 15.41
C ARG R 146 -20.41 -40.00 14.23
N SER R 147 -20.90 -40.22 13.02
CA SER R 147 -20.22 -39.81 11.79
C SER R 147 -20.19 -38.28 11.58
N GLN R 148 -20.80 -37.55 12.51
CA GLN R 148 -20.80 -36.09 12.47
C GLN R 148 -20.18 -35.48 13.73
N SER R 149 -19.79 -36.34 14.67
CA SER R 149 -19.17 -35.91 15.92
C SER R 149 -17.89 -35.11 15.67
N PHE R 150 -17.66 -34.13 16.53
CA PHE R 150 -16.41 -33.37 16.46
C PHE R 150 -15.37 -33.96 17.40
N VAL R 151 -14.20 -34.28 16.85
CA VAL R 151 -13.07 -34.78 17.63
C VAL R 151 -11.92 -33.79 17.48
N GLY R 152 -11.44 -33.30 18.62
CA GLY R 152 -10.38 -32.31 18.66
C GLY R 152 -10.64 -31.27 19.72
N GLU R 153 -10.13 -30.07 19.50
CA GLU R 153 -10.19 -29.00 20.48
C GLU R 153 -10.85 -27.74 19.94
N ILE R 154 -11.75 -27.15 20.73
CA ILE R 154 -12.34 -25.86 20.42
C ILE R 154 -12.07 -24.87 21.55
N GLY R 155 -11.65 -23.67 21.18
CA GLY R 155 -11.44 -22.58 22.13
C GLY R 155 -11.85 -21.23 21.57
N ASP R 156 -11.78 -20.21 22.42
CA ASP R 156 -12.04 -18.81 22.03
C ASP R 156 -13.35 -18.61 21.27
N LEU R 157 -14.44 -19.16 21.80
CA LEU R 157 -15.74 -19.12 21.13
C LEU R 157 -16.49 -17.86 21.58
N TYR R 158 -16.90 -17.05 20.60
CA TYR R 158 -17.67 -15.84 20.87
C TYR R 158 -18.81 -15.71 19.87
N MET R 159 -19.93 -15.17 20.33
CA MET R 159 -21.08 -14.93 19.46
C MET R 159 -21.72 -13.57 19.74
N TRP R 160 -21.83 -12.75 18.70
CA TRP R 160 -22.46 -11.44 18.79
C TRP R 160 -23.80 -11.46 18.06
N ASP R 161 -24.70 -10.55 18.45
CA ASP R 161 -25.99 -10.41 17.77
C ASP R 161 -25.98 -9.35 16.67
N SER R 162 -24.81 -9.14 16.07
CA SER R 162 -24.65 -8.20 14.96
C SER R 162 -23.53 -8.64 14.02
N VAL R 163 -23.54 -8.12 12.80
CA VAL R 163 -22.47 -8.39 11.84
C VAL R 163 -21.25 -7.55 12.20
N LEU R 164 -20.19 -8.24 12.59
CA LEU R 164 -18.94 -7.60 12.96
C LEU R 164 -18.23 -7.02 11.73
N PRO R 165 -17.72 -5.79 11.84
CA PRO R 165 -16.86 -5.22 10.80
C PRO R 165 -15.52 -5.99 10.70
N PRO R 166 -14.84 -5.93 9.55
CA PRO R 166 -13.58 -6.67 9.36
C PRO R 166 -12.51 -6.41 10.44
N GLU R 167 -12.42 -5.18 10.95
CA GLU R 167 -11.45 -4.85 11.99
C GLU R 167 -11.70 -5.61 13.29
N ASN R 168 -12.98 -5.79 13.63
CA ASN R 168 -13.39 -6.58 14.77
C ASN R 168 -13.15 -8.08 14.53
N ILE R 169 -13.37 -8.52 13.30
CA ILE R 169 -13.09 -9.90 12.90
C ILE R 169 -11.60 -10.19 13.13
N LEU R 170 -10.75 -9.27 12.67
CA LEU R 170 -9.30 -9.40 12.80
C LEU R 170 -8.84 -9.40 14.24
N SER R 171 -9.46 -8.55 15.06
CA SER R 171 -9.19 -8.46 16.50
C SER R 171 -9.44 -9.80 17.19
N ALA R 172 -10.59 -10.43 16.88
CA ALA R 172 -10.91 -11.75 17.39
C ALA R 172 -9.87 -12.79 16.95
N TYR R 173 -9.48 -12.71 15.68
CA TYR R 173 -8.44 -13.59 15.14
C TYR R 173 -7.09 -13.36 15.82
N GLN R 174 -6.77 -12.10 16.09
CA GLN R 174 -5.51 -11.72 16.72
C GLN R 174 -5.48 -11.99 18.24
N GLY R 175 -6.64 -12.33 18.81
CA GLY R 175 -6.72 -12.70 20.22
C GLY R 175 -7.22 -11.61 21.15
N THR R 176 -7.71 -10.50 20.59
CA THR R 176 -8.31 -9.42 21.37
C THR R 176 -9.73 -9.10 20.89
N PRO R 177 -10.67 -10.02 21.10
CA PRO R 177 -12.04 -9.85 20.59
C PRO R 177 -12.86 -8.86 21.41
N LEU R 178 -13.86 -8.28 20.76
CA LEU R 178 -14.84 -7.44 21.42
C LEU R 178 -15.67 -8.28 22.39
N PRO R 179 -16.10 -7.70 23.52
CA PRO R 179 -17.05 -8.37 24.41
C PRO R 179 -18.31 -8.79 23.64
N ALA R 180 -18.75 -10.03 23.84
CA ALA R 180 -19.85 -10.59 23.05
C ALA R 180 -21.09 -10.82 23.92
N ASN R 181 -22.26 -10.64 23.31
CA ASN R 181 -23.52 -10.61 24.07
C ASN R 181 -24.40 -11.87 24.03
N ILE R 182 -24.13 -12.78 23.10
CA ILE R 182 -24.84 -14.07 23.07
C ILE R 182 -24.02 -15.16 23.77
N LEU R 183 -22.80 -15.36 23.30
CA LEU R 183 -21.87 -16.32 23.88
C LEU R 183 -20.51 -15.64 24.09
N ASP R 184 -19.94 -15.82 25.27
CA ASP R 184 -18.63 -15.24 25.59
C ASP R 184 -17.74 -16.26 26.30
N TRP R 185 -16.60 -16.56 25.67
CA TRP R 185 -15.62 -17.51 26.20
C TRP R 185 -15.11 -17.14 27.59
N GLN R 186 -15.10 -15.84 27.91
CA GLN R 186 -14.63 -15.37 29.21
C GLN R 186 -15.72 -15.36 30.28
N ALA R 187 -16.93 -15.77 29.90
CA ALA R 187 -18.07 -15.86 30.80
C ALA R 187 -19.10 -16.83 30.21
N LEU R 188 -18.69 -18.09 30.11
CA LEU R 188 -19.48 -19.10 29.41
C LEU R 188 -20.25 -19.99 30.38
N ASN R 189 -21.55 -20.11 30.13
CA ASN R 189 -22.40 -21.04 30.84
C ASN R 189 -22.49 -22.32 30.02
N TYR R 190 -21.94 -23.40 30.56
CA TYR R 190 -21.85 -24.65 29.79
C TYR R 190 -22.18 -25.89 30.62
N GLU R 191 -22.53 -26.97 29.93
CA GLU R 191 -22.75 -28.26 30.55
C GLU R 191 -21.96 -29.32 29.80
N ILE R 192 -20.98 -29.90 30.46
CA ILE R 192 -20.21 -30.99 29.88
C ILE R 192 -21.01 -32.28 30.05
N ARG R 193 -21.21 -32.98 28.93
CA ARG R 193 -21.92 -34.25 28.93
C ARG R 193 -21.04 -35.32 28.29
N GLY R 194 -20.71 -36.35 29.08
CA GLY R 194 -19.81 -37.40 28.64
C GLY R 194 -18.35 -37.00 28.74
N TYR R 195 -17.56 -37.50 27.80
CA TYR R 195 -16.11 -37.34 27.82
C TYR R 195 -15.66 -36.05 27.13
N VAL R 196 -15.58 -34.97 27.90
CA VAL R 196 -15.05 -33.68 27.43
C VAL R 196 -14.13 -33.12 28.52
N ILE R 197 -12.88 -32.83 28.15
CA ILE R 197 -11.89 -32.35 29.12
C ILE R 197 -11.47 -30.91 28.82
N ILE R 198 -11.39 -30.09 29.87
CA ILE R 198 -10.84 -28.75 29.73
C ILE R 198 -9.33 -28.76 29.97
N LYS R 199 -8.58 -28.31 28.97
CA LYS R 199 -7.13 -28.21 29.05
C LYS R 199 -6.68 -26.82 28.61
N PRO R 200 -5.46 -26.42 28.99
CA PRO R 200 -4.88 -25.17 28.48
C PRO R 200 -4.70 -25.22 26.96
N LEU R 201 -4.84 -24.07 26.31
CA LEU R 201 -4.63 -23.94 24.88
C LEU R 201 -3.12 -23.88 24.60
N VAL R 202 -2.61 -24.88 23.88
CA VAL R 202 -1.17 -24.98 23.62
C VAL R 202 -0.77 -24.74 22.15
N TRP R 203 -1.76 -24.68 21.26
CA TRP R 203 -1.51 -24.52 19.83
C TRP R 203 -1.75 -23.09 19.33
N VAL R 204 -1.82 -22.14 20.25
CA VAL R 204 -2.06 -20.73 19.93
C VAL R 204 -0.91 -20.12 19.13
N HIS S 1 25.05 -49.14 33.39
CA HIS S 1 24.36 -47.93 32.83
C HIS S 1 25.35 -47.06 32.05
N THR S 2 24.96 -46.69 30.83
CA THR S 2 25.86 -46.01 29.90
C THR S 2 25.35 -44.62 29.52
N ASP S 3 26.26 -43.65 29.45
CA ASP S 3 25.96 -42.31 28.96
C ASP S 3 26.04 -42.31 27.44
N LEU S 4 24.88 -42.22 26.80
CA LEU S 4 24.77 -42.27 25.33
C LEU S 4 24.66 -40.89 24.67
N SER S 5 24.94 -39.84 25.43
CA SER S 5 24.96 -38.47 24.93
C SER S 5 25.73 -38.36 23.62
N GLY S 6 25.10 -37.73 22.63
CA GLY S 6 25.71 -37.53 21.32
C GLY S 6 25.74 -38.78 20.47
N LYS S 7 25.05 -39.83 20.91
CA LYS S 7 25.05 -41.12 20.22
C LYS S 7 23.65 -41.66 19.93
N VAL S 8 23.57 -42.60 19.00
CA VAL S 8 22.30 -43.25 18.66
C VAL S 8 22.46 -44.77 18.62
N PHE S 9 21.35 -45.47 18.76
CA PHE S 9 21.26 -46.87 18.36
C PHE S 9 20.94 -46.90 16.87
N VAL S 10 21.72 -47.68 16.12
CA VAL S 10 21.44 -47.89 14.71
C VAL S 10 20.95 -49.31 14.51
N PHE S 11 19.71 -49.45 14.07
CA PHE S 11 19.16 -50.73 13.64
C PHE S 11 19.32 -50.77 12.12
N PRO S 12 20.43 -51.33 11.65
CA PRO S 12 20.87 -51.18 10.25
C PRO S 12 20.15 -52.05 9.24
N ARG S 13 19.31 -52.97 9.69
CA ARG S 13 18.62 -53.89 8.78
C ARG S 13 17.26 -54.33 9.31
N GLU S 14 16.40 -54.77 8.39
CA GLU S 14 15.13 -55.39 8.74
C GLU S 14 15.40 -56.80 9.22
N SER S 15 14.78 -57.16 10.35
CA SER S 15 14.91 -58.49 10.94
C SER S 15 13.76 -58.77 11.89
N VAL S 16 13.69 -60.00 12.39
CA VAL S 16 12.77 -60.36 13.45
C VAL S 16 13.59 -60.55 14.74
N THR S 17 14.85 -60.15 14.66
CA THR S 17 15.87 -60.51 15.64
C THR S 17 16.49 -59.31 16.39
N ASP S 18 16.95 -58.31 15.65
CA ASP S 18 17.72 -57.19 16.21
C ASP S 18 16.85 -56.33 17.09
N HIS S 19 17.29 -56.13 18.34
CA HIS S 19 16.57 -55.27 19.25
C HIS S 19 17.44 -54.84 20.43
N VAL S 20 16.93 -53.85 21.16
CA VAL S 20 17.56 -53.42 22.39
C VAL S 20 16.54 -53.49 23.51
N ASN S 21 16.90 -54.17 24.60
CA ASN S 21 16.10 -54.16 25.81
C ASN S 21 16.47 -52.96 26.67
N LEU S 22 15.46 -52.21 27.09
CA LEU S 22 15.66 -51.08 27.99
C LEU S 22 15.22 -51.47 29.39
N ILE S 23 16.12 -51.34 30.37
CA ILE S 23 15.84 -51.75 31.76
C ILE S 23 15.60 -50.54 32.65
N THR S 24 14.45 -50.53 33.33
CA THR S 24 14.10 -49.45 34.26
C THR S 24 13.76 -50.00 35.66
N PRO S 25 14.20 -49.29 36.70
CA PRO S 25 13.83 -49.63 38.08
C PRO S 25 12.41 -49.18 38.46
N LEU S 26 11.45 -49.41 37.55
CA LEU S 26 10.06 -49.02 37.78
C LEU S 26 9.26 -50.17 38.38
N GLU S 27 8.86 -49.98 39.63
CA GLU S 27 8.13 -51.01 40.38
C GLU S 27 6.68 -50.61 40.72
N LYS S 28 6.35 -49.34 40.49
CA LYS S 28 4.99 -48.83 40.76
C LYS S 28 4.25 -48.54 39.45
N PRO S 29 2.94 -48.82 39.43
CA PRO S 29 2.13 -48.60 38.22
C PRO S 29 2.13 -47.15 37.77
N LEU S 30 2.07 -46.93 36.46
CA LEU S 30 2.13 -45.59 35.90
C LEU S 30 0.77 -44.94 35.80
N GLN S 31 0.62 -43.78 36.44
CA GLN S 31 -0.55 -42.93 36.29
C GLN S 31 -0.29 -41.86 35.24
N ASN S 32 0.93 -41.32 35.25
CA ASN S 32 1.35 -40.25 34.35
C ASN S 32 2.72 -40.57 33.78
N PHE S 33 2.93 -40.23 32.52
CA PHE S 33 4.26 -40.36 31.91
C PHE S 33 4.48 -39.43 30.72
N THR S 34 5.74 -39.14 30.45
CA THR S 34 6.16 -38.46 29.24
C THR S 34 7.33 -39.23 28.67
N LEU S 35 7.32 -39.41 27.35
CA LEU S 35 8.38 -40.12 26.64
C LEU S 35 8.80 -39.30 25.42
N CYS S 36 10.10 -39.04 25.32
CA CYS S 36 10.67 -38.26 24.22
C CYS S 36 11.85 -39.03 23.65
N PHE S 37 12.05 -38.91 22.34
CA PHE S 37 13.19 -39.51 21.63
C PHE S 37 13.25 -38.95 20.21
N ARG S 38 14.40 -39.12 19.56
CA ARG S 38 14.56 -38.74 18.17
C ARG S 38 14.69 -40.00 17.36
N ALA S 39 14.06 -40.01 16.18
CA ALA S 39 14.16 -41.15 15.28
C ALA S 39 14.42 -40.70 13.85
N TYR S 40 15.12 -41.54 13.10
CA TYR S 40 15.42 -41.28 11.70
C TYR S 40 15.32 -42.61 10.96
N SER S 41 14.28 -42.73 10.14
CA SER S 41 13.99 -43.96 9.42
C SER S 41 13.45 -43.63 8.04
N ASP S 42 13.81 -44.42 7.04
CA ASP S 42 13.16 -44.26 5.74
C ASP S 42 12.24 -45.42 5.40
N LEU S 43 11.77 -46.11 6.44
CA LEU S 43 10.71 -47.11 6.29
C LEU S 43 9.38 -46.41 5.95
N SER S 44 8.62 -46.99 5.03
CA SER S 44 7.30 -46.47 4.65
C SER S 44 6.19 -47.29 5.32
N ARG S 45 6.46 -48.58 5.50
CA ARG S 45 5.54 -49.49 6.20
C ARG S 45 5.47 -49.13 7.69
N ALA S 46 4.50 -49.73 8.39
CA ALA S 46 4.34 -49.51 9.81
C ALA S 46 5.52 -50.08 10.61
N TYR S 47 5.82 -49.44 11.74
CA TYR S 47 6.82 -49.96 12.68
C TYR S 47 6.62 -49.48 14.10
N SER S 48 7.09 -50.29 15.04
CA SER S 48 7.09 -49.89 16.45
C SER S 48 8.29 -49.01 16.75
N LEU S 49 8.02 -47.94 17.50
CA LEU S 49 9.06 -47.04 17.95
C LEU S 49 9.46 -47.40 19.37
N PHE S 50 8.47 -47.69 20.21
CA PHE S 50 8.70 -47.94 21.62
C PHE S 50 7.68 -48.96 22.08
N SER S 51 8.16 -50.12 22.51
CA SER S 51 7.30 -51.25 22.90
C SER S 51 7.50 -51.62 24.36
N TYR S 52 6.43 -51.49 25.13
CA TYR S 52 6.43 -51.66 26.58
C TYR S 52 5.30 -52.64 26.91
N ASN S 53 5.68 -53.87 27.26
CA ASN S 53 4.72 -54.93 27.59
C ASN S 53 4.90 -55.37 29.04
N THR S 54 3.80 -55.75 29.68
CA THR S 54 3.86 -56.35 31.02
C THR S 54 3.28 -57.76 30.96
N GLN S 55 3.56 -58.54 32.00
CA GLN S 55 3.13 -59.93 32.08
C GLN S 55 1.63 -60.04 31.83
N GLY S 56 1.27 -60.85 30.83
CA GLY S 56 -0.11 -61.05 30.45
C GLY S 56 -0.78 -59.89 29.73
N ARG S 57 0.00 -58.85 29.42
CA ARG S 57 -0.58 -57.66 28.78
C ARG S 57 0.22 -57.20 27.57
N ASP S 58 -0.32 -57.47 26.38
CA ASP S 58 0.26 -56.94 25.14
C ASP S 58 -0.17 -55.49 24.94
N ASN S 59 0.67 -54.72 24.25
CA ASN S 59 0.40 -53.31 23.94
C ASN S 59 -0.06 -52.50 25.16
N GLU S 60 0.65 -52.70 26.28
CA GLU S 60 0.36 -52.00 27.52
C GLU S 60 0.71 -50.52 27.38
N LEU S 61 1.82 -50.25 26.72
CA LEU S 61 2.25 -48.90 26.38
C LEU S 61 3.09 -48.98 25.11
N LEU S 62 2.55 -48.50 24.01
CA LEU S 62 3.20 -48.66 22.71
C LEU S 62 3.09 -47.43 21.83
N VAL S 63 4.23 -46.96 21.35
CA VAL S 63 4.29 -45.90 20.36
C VAL S 63 4.50 -46.55 19.01
N TYR S 64 3.51 -46.41 18.14
CA TYR S 64 3.46 -47.13 16.87
C TYR S 64 3.26 -46.16 15.73
N LYS S 65 4.06 -46.32 14.69
CA LYS S 65 3.98 -45.46 13.52
C LYS S 65 3.36 -46.24 12.36
N GLU S 66 2.07 -45.98 12.12
CA GLU S 66 1.29 -46.74 11.12
C GLU S 66 1.69 -46.43 9.68
N ARG S 67 2.02 -45.17 9.43
CA ARG S 67 2.38 -44.66 8.10
C ARG S 67 2.86 -43.23 8.26
N VAL S 68 3.39 -42.64 7.18
CA VAL S 68 3.88 -41.26 7.22
C VAL S 68 2.80 -40.32 7.76
N GLY S 69 3.20 -39.44 8.68
CA GLY S 69 2.33 -38.41 9.21
C GLY S 69 1.26 -38.86 10.18
N GLU S 70 1.37 -40.09 10.68
CA GLU S 70 0.40 -40.63 11.63
C GLU S 70 1.07 -41.36 12.78
N TYR S 71 0.80 -40.93 14.00
CA TYR S 71 1.39 -41.50 15.19
C TYR S 71 0.33 -42.08 16.10
N SER S 72 0.57 -43.29 16.59
CA SER S 72 -0.37 -43.95 17.46
C SER S 72 0.24 -44.25 18.82
N LEU S 73 -0.56 -44.03 19.86
CA LEU S 73 -0.21 -44.46 21.21
C LEU S 73 -1.19 -45.54 21.68
N TYR S 74 -0.65 -46.66 22.14
CA TYR S 74 -1.47 -47.69 22.78
C TYR S 74 -1.30 -47.60 24.28
N ILE S 75 -2.43 -47.54 24.99
CA ILE S 75 -2.47 -47.69 26.44
C ILE S 75 -3.42 -48.83 26.75
N GLY S 76 -2.93 -49.85 27.46
CA GLY S 76 -3.73 -51.02 27.81
C GLY S 76 -4.51 -51.62 26.65
N ARG S 77 -3.82 -51.80 25.51
CA ARG S 77 -4.41 -52.39 24.30
C ARG S 77 -5.30 -51.43 23.51
N HIS S 78 -5.72 -50.32 24.13
CA HIS S 78 -6.55 -49.32 23.47
C HIS S 78 -5.66 -48.34 22.70
N LYS S 79 -6.17 -47.84 21.58
CA LYS S 79 -5.37 -47.03 20.66
C LYS S 79 -5.94 -45.62 20.43
N VAL S 80 -5.06 -44.63 20.41
CA VAL S 80 -5.37 -43.32 19.82
C VAL S 80 -4.36 -43.02 18.72
N THR S 81 -4.80 -42.25 17.72
CA THR S 81 -3.98 -41.88 16.58
C THR S 81 -4.11 -40.38 16.28
N SER S 82 -2.98 -39.73 16.03
CA SER S 82 -3.00 -38.32 15.66
C SER S 82 -2.16 -38.05 14.41
N LYS S 83 -2.55 -37.02 13.66
CA LYS S 83 -1.94 -36.72 12.36
C LYS S 83 -1.11 -35.45 12.39
N VAL S 84 -0.07 -35.43 11.55
CA VAL S 84 0.79 -34.26 11.39
C VAL S 84 1.30 -34.18 9.94
N ILE S 85 1.55 -32.96 9.46
CA ILE S 85 2.28 -32.75 8.22
C ILE S 85 3.76 -32.93 8.53
N GLU S 86 4.38 -33.88 7.83
CA GLU S 86 5.82 -34.07 7.92
C GLU S 86 6.40 -34.45 6.56
N LYS S 87 7.67 -34.12 6.36
CA LYS S 87 8.43 -34.54 5.19
C LYS S 87 8.81 -36.01 5.31
N PHE S 88 9.03 -36.67 4.17
CA PHE S 88 9.54 -38.03 4.18
C PHE S 88 10.58 -38.22 3.07
N PRO S 89 11.74 -38.77 3.43
CA PRO S 89 12.11 -39.08 4.82
C PRO S 89 12.67 -37.87 5.57
N ALA S 90 12.54 -37.89 6.89
CA ALA S 90 13.02 -36.80 7.73
C ALA S 90 13.29 -37.27 9.17
N PRO S 91 14.35 -36.74 9.78
CA PRO S 91 14.57 -36.92 11.21
C PRO S 91 13.39 -36.30 11.95
N VAL S 92 13.03 -36.88 13.09
CA VAL S 92 11.88 -36.40 13.84
C VAL S 92 12.17 -36.44 15.34
N HIS S 93 11.64 -35.47 16.07
CA HIS S 93 11.63 -35.51 17.52
C HIS S 93 10.21 -35.72 18.00
N ILE S 94 10.02 -36.75 18.81
CA ILE S 94 8.72 -37.17 19.28
C ILE S 94 8.67 -37.08 20.79
N CYS S 95 7.66 -36.39 21.30
CA CYS S 95 7.28 -36.53 22.70
C CYS S 95 5.84 -37.02 22.75
N VAL S 96 5.56 -37.93 23.68
CA VAL S 96 4.21 -38.36 23.96
C VAL S 96 3.99 -38.45 25.46
N SER S 97 2.90 -37.83 25.90
CA SER S 97 2.53 -37.83 27.29
C SER S 97 1.14 -38.42 27.43
N TRP S 98 0.88 -39.06 28.55
CA TRP S 98 -0.45 -39.57 28.86
C TRP S 98 -0.73 -39.40 30.35
N GLU S 99 -1.98 -39.03 30.64
CA GLU S 99 -2.42 -38.68 31.98
C GLU S 99 -3.68 -39.49 32.30
N SER S 100 -3.59 -40.31 33.34
CA SER S 100 -4.68 -41.22 33.72
C SER S 100 -5.98 -40.51 34.11
N SER S 101 -5.88 -39.49 34.97
CA SER S 101 -7.06 -38.79 35.50
C SER S 101 -7.98 -38.23 34.42
N SER S 102 -7.40 -37.82 33.29
CA SER S 102 -8.17 -37.26 32.18
C SER S 102 -8.22 -38.21 30.97
N GLY S 103 -7.23 -39.08 30.87
CA GLY S 103 -7.10 -39.98 29.73
C GLY S 103 -6.41 -39.34 28.53
N ILE S 104 -6.02 -38.06 28.69
CA ILE S 104 -5.50 -37.26 27.60
C ILE S 104 -4.10 -37.70 27.14
N ALA S 105 -3.97 -37.93 25.85
CA ALA S 105 -2.69 -38.24 25.23
C ALA S 105 -2.25 -37.06 24.36
N GLU S 106 -1.02 -36.59 24.59
CA GLU S 106 -0.46 -35.48 23.83
C GLU S 106 0.75 -35.92 23.01
N PHE S 107 0.62 -35.85 21.69
CA PHE S 107 1.77 -36.04 20.82
C PHE S 107 2.37 -34.69 20.48
N TRP S 108 3.70 -34.61 20.56
CA TRP S 108 4.45 -33.44 20.15
C TRP S 108 5.45 -33.87 19.08
N ILE S 109 5.37 -33.24 17.91
CA ILE S 109 6.22 -33.61 16.79
C ILE S 109 7.06 -32.42 16.41
N ASN S 110 8.38 -32.56 16.57
CA ASN S 110 9.32 -31.46 16.41
C ASN S 110 8.91 -30.20 17.18
N GLY S 111 8.43 -30.40 18.42
CA GLY S 111 8.03 -29.30 19.29
C GLY S 111 6.66 -28.72 18.98
N THR S 112 5.95 -29.35 18.05
CA THR S 112 4.63 -28.90 17.63
C THR S 112 3.57 -29.84 18.22
N PRO S 113 2.58 -29.26 18.91
CA PRO S 113 1.51 -30.07 19.52
C PRO S 113 0.54 -30.61 18.46
N LEU S 114 0.30 -31.91 18.50
CA LEU S 114 -0.73 -32.53 17.67
C LEU S 114 -2.07 -32.37 18.37
N VAL S 115 -3.16 -32.75 17.69
CA VAL S 115 -4.48 -32.73 18.31
C VAL S 115 -4.49 -33.74 19.46
N LYS S 116 -4.97 -33.31 20.62
CA LYS S 116 -5.10 -34.18 21.78
C LYS S 116 -6.15 -35.25 21.54
N LYS S 117 -5.86 -36.45 22.03
CA LYS S 117 -6.83 -37.55 22.04
C LYS S 117 -6.91 -38.07 23.46
N GLY S 118 -7.80 -39.03 23.70
CA GLY S 118 -8.02 -39.52 25.05
C GLY S 118 -8.41 -40.98 25.08
N LEU S 119 -7.88 -41.70 26.06
CA LEU S 119 -8.11 -43.13 26.19
C LEU S 119 -7.79 -43.61 27.61
N ARG S 120 -8.45 -44.70 28.00
CA ARG S 120 -8.16 -45.39 29.25
C ARG S 120 -8.12 -44.48 30.49
N GLN S 121 -9.08 -43.57 30.57
CA GLN S 121 -9.20 -42.69 31.75
C GLN S 121 -9.48 -43.53 33.01
N GLY S 122 -8.68 -43.30 34.05
CA GLY S 122 -8.82 -44.03 35.30
C GLY S 122 -7.94 -45.26 35.39
N TYR S 123 -7.42 -45.68 34.23
CA TYR S 123 -6.55 -46.85 34.12
C TYR S 123 -5.15 -46.54 34.61
N PHE S 124 -4.46 -47.55 35.13
CA PHE S 124 -3.05 -47.43 35.47
C PHE S 124 -2.27 -48.42 34.62
N VAL S 125 -1.30 -47.94 33.86
CA VAL S 125 -0.41 -48.85 33.12
C VAL S 125 0.45 -49.64 34.12
N GLU S 126 0.44 -50.96 33.99
CA GLU S 126 1.08 -51.85 34.95
C GLU S 126 2.61 -51.74 34.93
N ALA S 127 3.20 -52.03 36.07
CA ALA S 127 4.65 -51.97 36.27
C ALA S 127 5.32 -53.30 35.90
N GLN S 128 6.62 -53.38 36.17
CA GLN S 128 7.45 -54.55 35.84
C GLN S 128 7.40 -54.86 34.34
N PRO S 129 7.73 -53.86 33.51
CA PRO S 129 7.63 -54.00 32.06
C PRO S 129 8.87 -54.62 31.43
N LYS S 130 8.70 -55.13 30.22
CA LYS S 130 9.81 -55.39 29.33
C LYS S 130 9.70 -54.32 28.26
N ILE S 131 10.79 -53.60 28.05
CA ILE S 131 10.80 -52.47 27.12
C ILE S 131 11.80 -52.73 26.03
N VAL S 132 11.32 -52.75 24.78
CA VAL S 132 12.21 -52.99 23.64
C VAL S 132 12.14 -51.92 22.55
N LEU S 133 13.30 -51.68 21.95
CA LEU S 133 13.46 -50.82 20.78
C LEU S 133 13.87 -51.72 19.63
N GLY S 134 13.39 -51.41 18.43
CA GLY S 134 13.80 -52.13 17.23
C GLY S 134 12.84 -53.24 16.83
N GLN S 135 12.05 -53.72 17.78
CA GLN S 135 10.99 -54.69 17.50
C GLN S 135 9.71 -54.36 18.29
N GLU S 136 8.59 -54.92 17.84
CA GLU S 136 7.31 -54.83 18.55
C GLU S 136 7.05 -56.14 19.29
N GLN S 137 6.76 -56.05 20.58
CA GLN S 137 6.51 -57.24 21.41
C GLN S 137 5.08 -57.73 21.29
N ASP S 138 4.90 -59.05 21.24
CA ASP S 138 3.58 -59.66 21.34
C ASP S 138 3.49 -60.58 22.56
N SER S 139 4.61 -60.76 23.24
CA SER S 139 4.66 -61.48 24.51
C SER S 139 5.37 -60.60 25.55
N TYR S 140 5.60 -61.14 26.73
CA TYR S 140 6.38 -60.46 27.76
C TYR S 140 7.86 -60.55 27.42
N GLY S 141 8.35 -59.62 26.61
CA GLY S 141 9.75 -59.56 26.27
C GLY S 141 10.11 -59.94 24.85
N GLY S 142 9.20 -60.61 24.14
CA GLY S 142 9.50 -61.13 22.82
C GLY S 142 8.33 -61.26 21.85
N LYS S 143 8.35 -62.34 21.08
CA LYS S 143 7.39 -62.60 19.99
C LYS S 143 7.35 -61.44 18.99
N PHE S 144 8.48 -61.22 18.33
CA PHE S 144 8.64 -60.10 17.42
C PHE S 144 8.05 -60.42 16.06
N ASP S 145 7.91 -59.38 15.23
CA ASP S 145 7.29 -59.46 13.92
C ASP S 145 8.13 -58.60 12.98
N ARG S 146 8.73 -59.24 11.98
CA ARG S 146 9.62 -58.58 11.02
C ARG S 146 9.01 -57.32 10.40
N SER S 147 7.71 -57.41 10.07
CA SER S 147 7.00 -56.32 9.39
C SER S 147 6.68 -55.13 10.31
N GLN S 148 7.05 -55.25 11.59
CA GLN S 148 6.88 -54.16 12.56
C GLN S 148 8.23 -53.68 13.11
N SER S 149 9.31 -54.30 12.65
CA SER S 149 10.66 -53.95 13.10
C SER S 149 11.05 -52.52 12.72
N PHE S 150 11.77 -51.86 13.63
CA PHE S 150 12.31 -50.54 13.35
C PHE S 150 13.68 -50.63 12.68
N VAL S 151 13.79 -50.03 11.50
CA VAL S 151 15.06 -49.92 10.79
C VAL S 151 15.40 -48.44 10.74
N GLY S 152 16.59 -48.10 11.22
CA GLY S 152 17.01 -46.73 11.29
C GLY S 152 17.73 -46.42 12.59
N GLU S 153 17.64 -45.17 13.02
CA GLU S 153 18.41 -44.65 14.14
C GLU S 153 17.52 -44.01 15.19
N ILE S 154 17.79 -44.31 16.46
CA ILE S 154 17.06 -43.73 17.59
C ILE S 154 18.04 -43.15 18.60
N GLY S 155 17.74 -41.95 19.08
CA GLY S 155 18.57 -41.30 20.08
C GLY S 155 17.76 -40.45 21.03
N ASP S 156 18.47 -39.82 21.97
CA ASP S 156 17.90 -38.84 22.90
C ASP S 156 16.60 -39.30 23.55
N LEU S 157 16.59 -40.53 24.04
CA LEU S 157 15.41 -41.14 24.63
C LEU S 157 15.33 -40.89 26.13
N TYR S 158 14.24 -40.26 26.55
CA TYR S 158 13.99 -39.96 27.97
C TYR S 158 12.54 -40.26 28.31
N MET S 159 12.32 -40.68 29.55
CA MET S 159 10.96 -40.98 30.02
C MET S 159 10.80 -40.55 31.46
N TRP S 160 9.73 -39.81 31.72
CA TRP S 160 9.42 -39.24 33.03
C TRP S 160 8.11 -39.83 33.54
N ASP S 161 7.92 -39.83 34.86
CA ASP S 161 6.68 -40.33 35.47
C ASP S 161 5.68 -39.20 35.74
N SER S 162 5.71 -38.18 34.88
CA SER S 162 4.79 -37.05 34.96
C SER S 162 4.52 -36.49 33.56
N VAL S 163 3.46 -35.69 33.46
CA VAL S 163 3.13 -34.99 32.22
C VAL S 163 3.96 -33.71 32.15
N LEU S 164 4.87 -33.68 31.17
CA LEU S 164 5.75 -32.53 30.98
C LEU S 164 4.95 -31.35 30.40
N PRO S 165 5.04 -30.19 31.05
CA PRO S 165 4.46 -28.96 30.49
C PRO S 165 5.14 -28.57 29.17
N PRO S 166 4.44 -27.84 28.29
CA PRO S 166 4.96 -27.50 26.96
C PRO S 166 6.39 -26.97 26.92
N GLU S 167 6.77 -26.18 27.93
CA GLU S 167 8.12 -25.62 28.03
C GLU S 167 9.17 -26.72 28.11
N ASN S 168 8.91 -27.71 28.97
CA ASN S 168 9.82 -28.84 29.15
C ASN S 168 9.90 -29.74 27.90
N ILE S 169 8.81 -29.79 27.14
CA ILE S 169 8.81 -30.50 25.86
C ILE S 169 9.75 -29.82 24.88
N LEU S 170 9.63 -28.49 24.78
CA LEU S 170 10.47 -27.69 23.90
C LEU S 170 11.95 -27.84 24.26
N SER S 171 12.23 -27.86 25.56
CA SER S 171 13.59 -28.06 26.07
C SER S 171 14.16 -29.41 25.64
N ALA S 172 13.33 -30.46 25.69
CA ALA S 172 13.73 -31.77 25.19
C ALA S 172 14.04 -31.68 23.69
N TYR S 173 13.11 -31.08 22.94
CA TYR S 173 13.28 -30.88 21.50
C TYR S 173 14.58 -30.14 21.15
N GLN S 174 14.91 -29.11 21.92
CA GLN S 174 16.07 -28.28 21.65
C GLN S 174 17.41 -28.90 22.08
N GLY S 175 17.33 -30.03 22.77
CA GLY S 175 18.52 -30.74 23.22
C GLY S 175 18.94 -30.49 24.65
N THR S 176 18.04 -29.93 25.47
CA THR S 176 18.29 -29.75 26.90
C THR S 176 17.15 -30.32 27.75
N PRO S 177 17.01 -31.65 27.79
CA PRO S 177 15.90 -32.28 28.52
C PRO S 177 16.11 -32.23 30.02
N LEU S 178 15.00 -32.11 30.74
CA LEU S 178 14.99 -32.21 32.20
C LEU S 178 15.41 -33.60 32.62
N PRO S 179 16.07 -33.72 33.79
CA PRO S 179 16.44 -35.04 34.33
C PRO S 179 15.23 -35.98 34.37
N ALA S 180 15.41 -37.18 33.84
CA ALA S 180 14.32 -38.15 33.72
C ALA S 180 14.49 -39.32 34.67
N ASN S 181 13.39 -39.76 35.27
CA ASN S 181 13.46 -40.76 36.34
C ASN S 181 13.12 -42.21 35.95
N ILE S 182 12.53 -42.40 34.78
CA ILE S 182 12.22 -43.75 34.31
C ILE S 182 13.29 -44.26 33.34
N LEU S 183 13.49 -43.52 32.25
CA LEU S 183 14.53 -43.85 31.27
C LEU S 183 15.33 -42.60 31.01
N ASP S 184 16.66 -42.74 30.92
CA ASP S 184 17.54 -41.58 30.73
C ASP S 184 18.72 -41.92 29.82
N TRP S 185 18.73 -41.32 28.64
CA TRP S 185 19.77 -41.52 27.63
C TRP S 185 21.19 -41.33 28.16
N GLN S 186 21.32 -40.48 29.19
CA GLN S 186 22.62 -40.16 29.78
C GLN S 186 23.03 -41.10 30.90
N ALA S 187 22.14 -42.04 31.23
CA ALA S 187 22.42 -43.12 32.18
C ALA S 187 21.49 -44.29 31.84
N LEU S 188 21.70 -44.86 30.66
CA LEU S 188 20.79 -45.88 30.14
C LEU S 188 21.27 -47.29 30.45
N ASN S 189 20.36 -48.08 31.01
CA ASN S 189 20.62 -49.49 31.29
C ASN S 189 19.96 -50.33 30.21
N TYR S 190 20.78 -50.92 29.34
CA TYR S 190 20.26 -51.61 28.15
C TYR S 190 20.99 -52.91 27.83
N GLU S 191 20.33 -53.75 27.03
CA GLU S 191 20.93 -54.96 26.48
C GLU S 191 20.78 -54.93 24.96
N ILE S 192 21.90 -55.03 24.24
CA ILE S 192 21.86 -55.16 22.78
C ILE S 192 21.72 -56.62 22.41
N ARG S 193 20.74 -56.91 21.55
CA ARG S 193 20.55 -58.26 21.03
C ARG S 193 20.59 -58.24 19.51
N GLY S 194 21.58 -58.92 18.93
CA GLY S 194 21.75 -59.02 17.49
C GLY S 194 22.45 -57.83 16.86
N TYR S 195 21.99 -57.44 15.68
CA TYR S 195 22.64 -56.39 14.89
C TYR S 195 22.14 -54.98 15.26
N VAL S 196 22.77 -54.39 16.28
CA VAL S 196 22.53 -53.01 16.66
C VAL S 196 23.87 -52.35 16.91
N ILE S 197 24.12 -51.22 16.23
CA ILE S 197 25.39 -50.51 16.34
C ILE S 197 25.16 -49.15 17.00
N ILE S 198 26.04 -48.81 17.94
CA ILE S 198 26.05 -47.47 18.53
C ILE S 198 26.99 -46.58 17.73
N LYS S 199 26.45 -45.46 17.25
CA LYS S 199 27.20 -44.51 16.44
C LYS S 199 26.94 -43.09 16.92
N PRO S 200 27.83 -42.14 16.59
CA PRO S 200 27.54 -40.73 16.84
C PRO S 200 26.27 -40.29 16.13
N LEU S 201 25.52 -39.39 16.76
CA LEU S 201 24.36 -38.78 16.14
C LEU S 201 24.84 -37.70 15.18
N VAL S 202 24.60 -37.89 13.89
CA VAL S 202 25.09 -36.95 12.87
C VAL S 202 24.00 -36.08 12.24
N TRP S 203 22.74 -36.43 12.47
CA TRP S 203 21.62 -35.79 11.77
C TRP S 203 20.84 -34.73 12.56
N VAL S 204 21.29 -34.41 13.76
CA VAL S 204 20.69 -33.31 14.52
C VAL S 204 21.76 -32.27 14.83
N HIS T 1 49.68 -38.82 -14.99
CA HIS T 1 48.34 -38.65 -14.36
C HIS T 1 47.81 -37.22 -14.57
N THR T 2 46.50 -37.07 -14.53
CA THR T 2 45.83 -35.83 -14.92
C THR T 2 45.10 -35.13 -13.76
N ASP T 3 45.27 -33.80 -13.71
CA ASP T 3 44.56 -32.95 -12.77
C ASP T 3 43.27 -32.47 -13.41
N LEU T 4 42.15 -32.99 -12.93
CA LEU T 4 40.83 -32.74 -13.51
C LEU T 4 40.02 -31.69 -12.75
N SER T 5 40.71 -30.87 -11.95
CA SER T 5 40.08 -29.77 -11.21
C SER T 5 39.30 -28.86 -12.16
N GLY T 6 38.08 -28.52 -11.77
CA GLY T 6 37.22 -27.66 -12.57
C GLY T 6 36.65 -28.33 -13.81
N LYS T 7 36.77 -29.65 -13.89
CA LYS T 7 36.39 -30.40 -15.08
C LYS T 7 35.53 -31.63 -14.77
N VAL T 8 34.74 -32.05 -15.74
CA VAL T 8 33.88 -33.23 -15.61
C VAL T 8 34.10 -34.21 -16.75
N PHE T 9 33.76 -35.48 -16.52
CA PHE T 9 33.56 -36.43 -17.61
C PHE T 9 32.13 -36.29 -18.10
N VAL T 10 31.97 -36.09 -19.40
CA VAL T 10 30.64 -36.03 -20.01
C VAL T 10 30.38 -37.32 -20.78
N PHE T 11 29.33 -38.03 -20.35
CA PHE T 11 28.87 -39.23 -21.03
C PHE T 11 27.63 -38.79 -21.80
N PRO T 12 27.83 -38.32 -23.04
CA PRO T 12 26.81 -37.53 -23.74
C PRO T 12 25.66 -38.34 -24.34
N ARG T 13 25.75 -39.66 -24.34
CA ARG T 13 24.67 -40.49 -24.89
C ARG T 13 24.55 -41.84 -24.20
N GLU T 14 23.37 -42.44 -24.32
CA GLU T 14 23.14 -43.81 -23.89
C GLU T 14 23.83 -44.74 -24.86
N SER T 15 24.52 -45.74 -24.32
CA SER T 15 25.25 -46.73 -25.12
C SER T 15 25.61 -47.93 -24.27
N VAL T 16 26.19 -48.94 -24.90
CA VAL T 16 26.70 -50.11 -24.20
C VAL T 16 28.24 -50.12 -24.18
N THR T 17 28.86 -49.13 -24.83
CA THR T 17 30.32 -49.10 -24.98
C THR T 17 31.01 -47.94 -24.24
N ASP T 18 30.37 -46.78 -24.19
CA ASP T 18 30.97 -45.58 -23.61
C ASP T 18 31.24 -45.75 -22.12
N HIS T 19 32.51 -45.68 -21.73
CA HIS T 19 32.89 -45.78 -20.32
C HIS T 19 34.29 -45.23 -20.04
N VAL T 20 34.56 -44.97 -18.77
CA VAL T 20 35.87 -44.54 -18.31
C VAL T 20 36.39 -45.56 -17.31
N ASN T 21 37.57 -46.12 -17.58
CA ASN T 21 38.24 -46.98 -16.61
C ASN T 21 38.98 -46.13 -15.60
N LEU T 22 38.83 -46.45 -14.32
CA LEU T 22 39.56 -45.76 -13.27
C LEU T 22 40.61 -46.69 -12.69
N ILE T 23 41.89 -46.34 -12.85
CA ILE T 23 42.99 -47.18 -12.41
C ILE T 23 43.53 -46.73 -11.05
N THR T 24 43.44 -47.63 -10.07
CA THR T 24 43.96 -47.36 -8.74
C THR T 24 44.98 -48.43 -8.32
N PRO T 25 46.06 -48.00 -7.68
CA PRO T 25 47.09 -48.92 -7.19
C PRO T 25 46.68 -49.69 -5.93
N LEU T 26 45.37 -49.89 -5.75
CA LEU T 26 44.84 -50.54 -4.55
C LEU T 26 45.07 -52.05 -4.57
N GLU T 27 45.94 -52.51 -3.68
CA GLU T 27 46.38 -53.90 -3.67
C GLU T 27 45.96 -54.65 -2.40
N LYS T 28 45.59 -53.90 -1.37
CA LYS T 28 45.15 -54.47 -0.11
C LYS T 28 43.61 -54.52 -0.06
N PRO T 29 43.06 -55.64 0.42
CA PRO T 29 41.60 -55.76 0.62
C PRO T 29 41.09 -54.61 1.50
N LEU T 30 40.04 -53.92 1.04
CA LEU T 30 39.52 -52.76 1.74
C LEU T 30 38.64 -53.11 2.93
N GLN T 31 38.95 -52.52 4.08
CA GLN T 31 38.13 -52.68 5.27
C GLN T 31 37.24 -51.45 5.46
N ASN T 32 37.78 -50.28 5.14
CA ASN T 32 37.09 -49.01 5.27
C ASN T 32 37.25 -48.21 3.99
N PHE T 33 36.20 -47.50 3.59
CA PHE T 33 36.31 -46.56 2.47
C PHE T 33 35.27 -45.45 2.51
N THR T 34 35.63 -44.32 1.91
CA THR T 34 34.69 -43.27 1.58
C THR T 34 34.86 -42.90 0.12
N LEU T 35 33.75 -42.74 -0.57
CA LEU T 35 33.76 -42.34 -1.97
C LEU T 35 32.84 -41.12 -2.14
N CYS T 36 33.38 -40.06 -2.73
CA CYS T 36 32.63 -38.84 -3.00
C CYS T 36 32.73 -38.48 -4.48
N PHE T 37 31.64 -37.96 -5.03
CA PHE T 37 31.61 -37.43 -6.40
C PHE T 37 30.40 -36.52 -6.61
N ARG T 38 30.43 -35.78 -7.72
CA ARG T 38 29.34 -34.91 -8.13
C ARG T 38 28.78 -35.48 -9.43
N ALA T 39 27.45 -35.56 -9.52
CA ALA T 39 26.80 -36.05 -10.73
C ALA T 39 25.66 -35.16 -11.19
N TYR T 40 25.47 -35.08 -12.51
CA TYR T 40 24.36 -34.33 -13.10
C TYR T 40 23.80 -35.13 -14.27
N SER T 41 22.58 -35.64 -14.10
CA SER T 41 21.96 -36.53 -15.06
C SER T 41 20.45 -36.32 -15.03
N ASP T 42 19.81 -36.42 -16.20
CA ASP T 42 18.35 -36.38 -16.24
C ASP T 42 17.72 -37.71 -16.65
N LEU T 43 18.44 -38.80 -16.43
CA LEU T 43 17.89 -40.14 -16.58
C LEU T 43 16.89 -40.41 -15.45
N SER T 44 15.77 -41.04 -15.79
CA SER T 44 14.77 -41.44 -14.81
C SER T 44 14.92 -42.92 -14.47
N ARG T 45 15.35 -43.71 -15.45
CA ARG T 45 15.58 -45.15 -15.27
C ARG T 45 16.78 -45.39 -14.35
N ALA T 46 17.00 -46.65 -13.99
CA ALA T 46 18.14 -47.01 -13.15
C ALA T 46 19.47 -46.83 -13.89
N TYR T 47 20.51 -46.51 -13.13
CA TYR T 47 21.86 -46.40 -13.68
C TYR T 47 22.94 -46.57 -12.63
N SER T 48 24.11 -47.01 -13.08
CA SER T 48 25.27 -47.17 -12.22
C SER T 48 26.06 -45.87 -12.17
N LEU T 49 26.49 -45.50 -10.97
CA LEU T 49 27.28 -44.29 -10.77
C LEU T 49 28.76 -44.65 -10.64
N PHE T 50 29.02 -45.80 -10.04
CA PHE T 50 30.39 -46.24 -9.73
C PHE T 50 30.38 -47.75 -9.62
N SER T 51 31.09 -48.42 -10.53
CA SER T 51 31.07 -49.88 -10.65
C SER T 51 32.47 -50.49 -10.43
N TYR T 52 32.56 -51.33 -9.41
CA TYR T 52 33.82 -51.87 -8.92
C TYR T 52 33.66 -53.38 -8.84
N ASN T 53 34.32 -54.07 -9.76
CA ASN T 53 34.27 -55.52 -9.84
C ASN T 53 35.67 -56.09 -9.68
N THR T 54 35.76 -57.26 -9.04
CA THR T 54 37.03 -57.99 -8.95
C THR T 54 36.87 -59.32 -9.68
N GLN T 55 38.01 -59.99 -9.91
CA GLN T 55 38.02 -61.26 -10.64
C GLN T 55 37.02 -62.26 -10.05
N GLY T 56 36.05 -62.68 -10.86
CA GLY T 56 35.04 -63.63 -10.46
C GLY T 56 34.02 -63.11 -9.45
N ARG T 57 33.95 -61.80 -9.30
CA ARG T 57 33.02 -61.19 -8.34
C ARG T 57 32.27 -59.99 -8.92
N ASP T 58 30.98 -60.18 -9.14
CA ASP T 58 30.11 -59.12 -9.64
C ASP T 58 29.64 -58.25 -8.48
N ASN T 59 29.49 -56.96 -8.74
CA ASN T 59 29.04 -55.98 -7.75
C ASN T 59 29.77 -56.08 -6.42
N GLU T 60 31.10 -56.12 -6.49
CA GLU T 60 31.94 -56.17 -5.31
C GLU T 60 31.77 -54.90 -4.47
N LEU T 61 31.75 -53.76 -5.15
CA LEU T 61 31.42 -52.47 -4.54
C LEU T 61 30.75 -51.63 -5.62
N LEU T 62 29.48 -51.31 -5.40
CA LEU T 62 28.69 -50.66 -6.43
C LEU T 62 27.77 -49.58 -5.86
N VAL T 63 27.85 -48.39 -6.45
CA VAL T 63 26.89 -47.32 -6.16
C VAL T 63 25.92 -47.25 -7.32
N TYR T 64 24.66 -47.54 -7.02
CA TYR T 64 23.64 -47.73 -8.04
C TYR T 64 22.42 -46.88 -7.72
N LYS T 65 21.92 -46.16 -8.71
CA LYS T 65 20.73 -45.33 -8.52
C LYS T 65 19.53 -46.03 -9.15
N GLU T 66 18.68 -46.59 -8.29
CA GLU T 66 17.51 -47.35 -8.72
C GLU T 66 16.45 -46.45 -9.36
N ARG T 67 16.20 -45.33 -8.72
CA ARG T 67 15.20 -44.34 -9.13
C ARG T 67 15.48 -43.02 -8.43
N VAL T 68 14.77 -41.97 -8.84
CA VAL T 68 14.82 -40.67 -8.17
C VAL T 68 14.60 -40.84 -6.66
N GLY T 69 15.51 -40.27 -5.87
CA GLY T 69 15.40 -40.29 -4.43
C GLY T 69 15.90 -41.53 -3.71
N GLU T 70 16.49 -42.47 -4.44
CA GLU T 70 16.91 -43.74 -3.85
C GLU T 70 18.32 -44.12 -4.27
N TYR T 71 19.20 -44.28 -3.28
CA TYR T 71 20.60 -44.61 -3.51
C TYR T 71 20.95 -45.95 -2.91
N SER T 72 21.54 -46.81 -3.72
CA SER T 72 21.90 -48.15 -3.28
C SER T 72 23.42 -48.34 -3.22
N LEU T 73 23.87 -49.04 -2.19
CA LEU T 73 25.24 -49.49 -2.12
C LEU T 73 25.28 -51.01 -2.08
N TYR T 74 26.07 -51.59 -2.98
CA TYR T 74 26.35 -53.01 -2.96
C TYR T 74 27.75 -53.22 -2.41
N ILE T 75 27.88 -54.13 -1.44
CA ILE T 75 29.17 -54.63 -1.01
C ILE T 75 29.14 -56.14 -1.13
N GLY T 76 30.06 -56.69 -1.94
CA GLY T 76 30.12 -58.12 -2.17
C GLY T 76 28.77 -58.72 -2.49
N ARG T 77 28.09 -58.14 -3.47
CA ARG T 77 26.78 -58.61 -3.96
C ARG T 77 25.58 -58.32 -3.06
N HIS T 78 25.82 -58.01 -1.79
CA HIS T 78 24.76 -57.63 -0.85
C HIS T 78 24.42 -56.15 -1.03
N LYS T 79 23.17 -55.80 -0.73
CA LYS T 79 22.63 -54.48 -1.07
C LYS T 79 22.01 -53.74 0.12
N VAL T 80 22.32 -52.44 0.23
CA VAL T 80 21.55 -51.53 1.09
C VAL T 80 21.02 -50.35 0.29
N THR T 81 19.84 -49.85 0.70
CA THR T 81 19.20 -48.73 0.02
C THR T 81 18.73 -47.66 1.01
N SER T 82 19.06 -46.41 0.72
CA SER T 82 18.61 -45.30 1.54
C SER T 82 17.88 -44.24 0.70
N LYS T 83 16.89 -43.59 1.32
CA LYS T 83 16.03 -42.65 0.61
C LYS T 83 16.34 -41.21 0.98
N VAL T 84 16.10 -40.31 0.04
CA VAL T 84 16.27 -38.86 0.24
C VAL T 84 15.28 -38.08 -0.61
N ILE T 85 14.88 -36.91 -0.11
CA ILE T 85 14.11 -35.95 -0.89
C ILE T 85 15.07 -35.26 -1.84
N GLU T 86 14.79 -35.35 -3.13
CA GLU T 86 15.55 -34.57 -4.12
C GLU T 86 14.68 -34.06 -5.26
N LYS T 87 15.07 -32.92 -5.81
CA LYS T 87 14.47 -32.39 -7.04
C LYS T 87 15.03 -33.16 -8.22
N PHE T 88 14.21 -33.34 -9.25
CA PHE T 88 14.66 -33.95 -10.50
C PHE T 88 14.23 -33.10 -11.70
N PRO T 89 15.14 -32.83 -12.63
CA PRO T 89 16.56 -33.17 -12.48
C PRO T 89 17.34 -32.14 -11.66
N ALA T 90 18.48 -32.54 -11.10
CA ALA T 90 19.28 -31.66 -10.26
C ALA T 90 20.68 -32.18 -10.09
N PRO T 91 21.67 -31.28 -10.11
CA PRO T 91 23.04 -31.64 -9.74
C PRO T 91 23.06 -32.13 -8.30
N VAL T 92 23.96 -33.06 -7.99
CA VAL T 92 23.98 -33.67 -6.67
C VAL T 92 25.41 -34.02 -6.28
N HIS T 93 25.74 -33.81 -5.00
CA HIS T 93 26.98 -34.32 -4.44
C HIS T 93 26.69 -35.54 -3.59
N ILE T 94 27.35 -36.64 -3.91
CA ILE T 94 27.14 -37.91 -3.22
C ILE T 94 28.42 -38.37 -2.53
N CYS T 95 28.33 -38.61 -1.23
CA CYS T 95 29.39 -39.32 -0.51
C CYS T 95 28.80 -40.59 0.04
N VAL T 96 29.57 -41.67 -0.02
CA VAL T 96 29.18 -42.92 0.59
C VAL T 96 30.39 -43.58 1.28
N SER T 97 30.21 -43.90 2.56
CA SER T 97 31.24 -44.61 3.31
C SER T 97 30.74 -45.97 3.77
N TRP T 98 31.68 -46.89 4.00
CA TRP T 98 31.36 -48.21 4.52
C TRP T 98 32.48 -48.70 5.43
N GLU T 99 32.08 -49.32 6.53
CA GLU T 99 32.99 -49.75 7.58
C GLU T 99 32.77 -51.24 7.84
N SER T 100 33.81 -52.05 7.65
CA SER T 100 33.72 -53.49 7.80
C SER T 100 33.33 -53.95 9.20
N SER T 101 33.95 -53.33 10.21
CA SER T 101 33.80 -53.76 11.60
C SER T 101 32.37 -53.63 12.13
N SER T 102 31.66 -52.61 11.67
CA SER T 102 30.26 -52.41 12.05
C SER T 102 29.29 -52.80 10.94
N GLY T 103 29.77 -52.81 9.70
CA GLY T 103 28.94 -53.04 8.53
C GLY T 103 28.16 -51.81 8.07
N ILE T 104 28.35 -50.70 8.78
CA ILE T 104 27.57 -49.48 8.57
C ILE T 104 27.90 -48.76 7.25
N ALA T 105 26.88 -48.56 6.43
CA ALA T 105 26.96 -47.75 5.22
C ALA T 105 26.30 -46.39 5.46
N GLU T 106 27.01 -45.32 5.13
CA GLU T 106 26.50 -43.95 5.24
C GLU T 106 26.47 -43.27 3.89
N PHE T 107 25.28 -42.92 3.41
CA PHE T 107 25.15 -42.02 2.27
C PHE T 107 25.04 -40.58 2.76
N TRP T 108 25.72 -39.67 2.07
CA TRP T 108 25.56 -38.24 2.27
C TRP T 108 25.17 -37.60 0.94
N ILE T 109 24.05 -36.90 0.92
CA ILE T 109 23.53 -36.28 -0.30
C ILE T 109 23.48 -34.76 -0.11
N ASN T 110 24.30 -34.05 -0.89
CA ASN T 110 24.51 -32.62 -0.72
C ASN T 110 24.86 -32.23 0.73
N GLY T 111 25.73 -33.03 1.35
CA GLY T 111 26.17 -32.80 2.71
C GLY T 111 25.18 -33.23 3.78
N THR T 112 24.07 -33.84 3.37
CA THR T 112 23.03 -34.28 4.30
C THR T 112 23.08 -35.80 4.49
N PRO T 113 23.16 -36.25 5.74
CA PRO T 113 23.25 -37.68 6.03
C PRO T 113 21.92 -38.39 5.82
N LEU T 114 21.95 -39.51 5.09
CA LEU T 114 20.79 -40.37 4.97
C LEU T 114 20.79 -41.34 6.15
N VAL T 115 19.68 -42.07 6.31
CA VAL T 115 19.60 -43.09 7.34
C VAL T 115 20.70 -44.12 7.10
N LYS T 116 21.42 -44.45 8.18
CA LYS T 116 22.46 -45.47 8.14
C LYS T 116 21.83 -46.83 7.89
N LYS T 117 22.52 -47.64 7.09
CA LYS T 117 22.13 -49.03 6.86
C LYS T 117 23.35 -49.91 7.12
N GLY T 118 23.16 -51.22 7.11
CA GLY T 118 24.24 -52.14 7.46
C GLY T 118 24.24 -53.41 6.66
N LEU T 119 25.43 -53.84 6.27
CA LEU T 119 25.62 -55.03 5.45
C LEU T 119 27.06 -55.52 5.54
N ARG T 120 27.23 -56.83 5.38
CA ARG T 120 28.55 -57.46 5.24
C ARG T 120 29.54 -57.05 6.34
N GLN T 121 29.07 -57.07 7.59
CA GLN T 121 29.94 -56.87 8.75
C GLN T 121 31.01 -57.96 8.82
N GLY T 122 32.27 -57.53 8.90
CA GLY T 122 33.39 -58.45 8.95
C GLY T 122 34.00 -58.77 7.59
N TYR T 123 33.27 -58.47 6.53
CA TYR T 123 33.69 -58.72 5.16
C TYR T 123 34.79 -57.75 4.71
N PHE T 124 35.65 -58.21 3.82
CA PHE T 124 36.67 -57.35 3.21
C PHE T 124 36.37 -57.25 1.71
N VAL T 125 36.21 -56.02 1.21
CA VAL T 125 36.01 -55.83 -0.22
C VAL T 125 37.31 -56.15 -0.95
N GLU T 126 37.22 -57.05 -1.93
CA GLU T 126 38.38 -57.61 -2.60
C GLU T 126 39.20 -56.57 -3.36
N ALA T 127 40.51 -56.83 -3.48
CA ALA T 127 41.44 -55.91 -4.13
C ALA T 127 41.62 -56.23 -5.62
N GLN T 128 42.49 -55.45 -6.27
CA GLN T 128 42.74 -55.55 -7.71
C GLN T 128 41.44 -55.44 -8.52
N PRO T 129 40.73 -54.32 -8.37
CA PRO T 129 39.44 -54.15 -9.03
C PRO T 129 39.56 -53.59 -10.43
N LYS T 130 38.49 -53.74 -11.20
CA LYS T 130 38.28 -52.92 -12.38
C LYS T 130 37.18 -51.93 -12.05
N ILE T 131 37.53 -50.65 -12.03
CA ILE T 131 36.60 -49.60 -11.66
C ILE T 131 36.17 -48.86 -12.93
N VAL T 132 34.86 -48.78 -13.16
CA VAL T 132 34.34 -48.11 -14.36
C VAL T 132 33.22 -47.10 -14.07
N LEU T 133 33.27 -46.00 -14.83
CA LEU T 133 32.25 -44.97 -14.82
C LEU T 133 31.52 -45.04 -16.16
N GLY T 134 30.21 -44.83 -16.14
CA GLY T 134 29.44 -44.76 -17.38
C GLY T 134 28.76 -46.07 -17.77
N GLN T 135 29.26 -47.18 -17.24
CA GLN T 135 28.65 -48.49 -17.45
C GLN T 135 28.63 -49.31 -16.16
N GLU T 136 27.73 -50.28 -16.09
CA GLU T 136 27.69 -51.24 -14.99
C GLU T 136 28.34 -52.57 -15.44
N GLN T 137 29.26 -53.07 -14.62
CA GLN T 137 29.97 -54.32 -14.93
C GLN T 137 29.20 -55.55 -14.48
N ASP T 138 29.17 -56.57 -15.34
CA ASP T 138 28.69 -57.89 -14.96
C ASP T 138 29.83 -58.92 -15.01
N SER T 139 30.98 -58.49 -15.54
CA SER T 139 32.20 -59.29 -15.54
C SER T 139 33.36 -58.44 -15.04
N TYR T 140 34.56 -59.03 -15.04
CA TYR T 140 35.76 -58.32 -14.61
C TYR T 140 36.24 -57.38 -15.72
N GLY T 141 35.68 -56.18 -15.74
CA GLY T 141 36.08 -55.16 -16.70
C GLY T 141 35.07 -54.87 -17.80
N GLY T 142 34.08 -55.74 -17.96
CA GLY T 142 33.13 -55.61 -19.05
C GLY T 142 31.72 -56.12 -18.78
N LYS T 143 31.11 -56.70 -19.81
CA LYS T 143 29.73 -57.18 -19.78
C LYS T 143 28.77 -56.07 -19.36
N PHE T 144 28.71 -55.04 -20.19
CA PHE T 144 27.95 -53.83 -19.91
C PHE T 144 26.46 -53.99 -20.24
N ASP T 145 25.67 -53.04 -19.75
CA ASP T 145 24.22 -53.05 -19.90
C ASP T 145 23.72 -51.64 -20.24
N ARG T 146 23.21 -51.49 -21.46
CA ARG T 146 22.72 -50.21 -21.97
C ARG T 146 21.69 -49.57 -21.05
N SER T 147 20.76 -50.38 -20.53
CA SER T 147 19.70 -49.89 -19.65
C SER T 147 20.22 -49.49 -18.27
N GLN T 148 21.52 -49.67 -18.04
CA GLN T 148 22.16 -49.30 -16.78
C GLN T 148 23.28 -48.26 -16.98
N SER T 149 23.51 -47.87 -18.23
CA SER T 149 24.53 -46.89 -18.57
C SER T 149 24.27 -45.54 -17.93
N PHE T 150 25.34 -44.85 -17.53
CA PHE T 150 25.22 -43.48 -17.04
C PHE T 150 25.30 -42.48 -18.19
N VAL T 151 24.30 -41.61 -18.26
CA VAL T 151 24.30 -40.50 -19.21
C VAL T 151 24.25 -39.21 -18.41
N GLY T 152 25.23 -38.35 -18.65
CA GLY T 152 25.32 -37.10 -17.92
C GLY T 152 26.76 -36.74 -17.59
N GLU T 153 26.94 -36.11 -16.43
CA GLU T 153 28.24 -35.54 -16.07
C GLU T 153 28.68 -35.97 -14.68
N ILE T 154 29.92 -36.45 -14.58
CA ILE T 154 30.51 -36.79 -13.27
C ILE T 154 31.78 -35.97 -13.06
N GLY T 155 31.93 -35.44 -11.85
CA GLY T 155 33.11 -34.68 -11.48
C GLY T 155 33.48 -34.85 -10.02
N ASP T 156 34.63 -34.28 -9.65
CA ASP T 156 35.09 -34.23 -8.26
C ASP T 156 35.00 -35.59 -7.56
N LEU T 157 35.51 -36.63 -8.23
CA LEU T 157 35.52 -37.98 -7.70
C LEU T 157 36.73 -38.19 -6.79
N TYR T 158 36.48 -38.58 -5.54
CA TYR T 158 37.53 -38.88 -4.58
C TYR T 158 37.19 -40.13 -3.79
N MET T 159 38.22 -40.94 -3.54
CA MET T 159 38.05 -42.15 -2.72
C MET T 159 39.18 -42.29 -1.69
N TRP T 160 38.78 -42.46 -0.44
CA TRP T 160 39.70 -42.65 0.68
C TRP T 160 39.59 -44.08 1.22
N ASP T 161 40.67 -44.59 1.79
CA ASP T 161 40.66 -45.89 2.46
C ASP T 161 40.29 -45.78 3.95
N SER T 162 39.38 -44.88 4.27
CA SER T 162 38.88 -44.70 5.64
C SER T 162 37.48 -44.10 5.63
N VAL T 163 36.81 -44.20 6.77
CA VAL T 163 35.50 -43.58 6.96
C VAL T 163 35.67 -42.12 7.36
N LEU T 164 35.39 -41.23 6.42
CA LEU T 164 35.52 -39.79 6.63
C LEU T 164 34.50 -39.31 7.66
N PRO T 165 34.96 -38.57 8.68
CA PRO T 165 34.06 -37.90 9.63
C PRO T 165 33.20 -36.82 8.94
N PRO T 166 32.05 -36.47 9.52
CA PRO T 166 31.14 -35.49 8.90
C PRO T 166 31.80 -34.18 8.42
N GLU T 167 32.77 -33.67 9.17
CA GLU T 167 33.50 -32.45 8.80
C GLU T 167 34.18 -32.57 7.44
N ASN T 168 34.85 -33.70 7.21
CA ASN T 168 35.56 -33.96 5.96
C ASN T 168 34.62 -34.24 4.80
N ILE T 169 33.42 -34.73 5.11
CA ILE T 169 32.35 -34.91 4.13
C ILE T 169 31.86 -33.55 3.64
N LEU T 170 31.58 -32.65 4.59
CA LEU T 170 31.19 -31.29 4.26
C LEU T 170 32.28 -30.60 3.43
N SER T 171 33.53 -30.77 3.85
CA SER T 171 34.69 -30.25 3.12
C SER T 171 34.66 -30.66 1.66
N ALA T 172 34.41 -31.95 1.41
CA ALA T 172 34.29 -32.47 0.06
C ALA T 172 33.11 -31.83 -0.69
N TYR T 173 31.96 -31.77 -0.03
CA TYR T 173 30.76 -31.15 -0.60
C TYR T 173 30.99 -29.69 -0.98
N GLN T 174 31.74 -28.98 -0.14
CA GLN T 174 31.99 -27.54 -0.30
C GLN T 174 33.07 -27.22 -1.33
N GLY T 175 33.82 -28.24 -1.76
CA GLY T 175 34.84 -28.06 -2.79
C GLY T 175 36.27 -28.02 -2.27
N THR T 176 36.45 -28.33 -0.98
CA THR T 176 37.78 -28.40 -0.39
C THR T 176 38.06 -29.79 0.22
N PRO T 177 38.09 -30.84 -0.60
CA PRO T 177 38.24 -32.20 -0.07
C PRO T 177 39.67 -32.47 0.40
N LEU T 178 39.79 -33.30 1.43
CA LEU T 178 41.08 -33.78 1.91
C LEU T 178 41.72 -34.66 0.84
N PRO T 179 43.06 -34.66 0.75
CA PRO T 179 43.75 -35.50 -0.23
C PRO T 179 43.37 -36.98 -0.08
N ALA T 180 43.07 -37.63 -1.20
CA ALA T 180 42.55 -38.99 -1.19
C ALA T 180 43.57 -39.99 -1.77
N ASN T 181 43.67 -41.16 -1.15
CA ASN T 181 44.72 -42.13 -1.49
C ASN T 181 44.34 -43.27 -2.44
N ILE T 182 43.04 -43.51 -2.63
CA ILE T 182 42.60 -44.53 -3.59
C ILE T 182 42.33 -43.91 -4.96
N LEU T 183 41.49 -42.88 -4.99
CA LEU T 183 41.13 -42.19 -6.22
C LEU T 183 41.10 -40.69 -5.94
N ASP T 184 41.74 -39.92 -6.81
CA ASP T 184 41.86 -38.48 -6.62
C ASP T 184 41.65 -37.73 -7.93
N TRP T 185 40.68 -36.82 -7.93
CA TRP T 185 40.32 -36.04 -9.11
C TRP T 185 41.45 -35.14 -9.61
N GLN T 186 42.31 -34.72 -8.69
CA GLN T 186 43.43 -33.84 -9.01
C GLN T 186 44.68 -34.60 -9.47
N ALA T 187 44.61 -35.93 -9.40
CA ALA T 187 45.65 -36.82 -9.92
C ALA T 187 45.01 -38.15 -10.32
N LEU T 188 44.22 -38.11 -11.39
CA LEU T 188 43.45 -39.27 -11.81
C LEU T 188 44.12 -40.05 -12.92
N ASN T 189 44.17 -41.37 -12.74
CA ASN T 189 44.68 -42.28 -13.76
C ASN T 189 43.50 -43.01 -14.39
N TYR T 190 43.20 -42.63 -15.63
CA TYR T 190 41.97 -43.06 -16.29
C TYR T 190 42.18 -43.39 -17.75
N GLU T 191 41.26 -44.18 -18.31
CA GLU T 191 41.23 -44.49 -19.73
C GLU T 191 39.84 -44.23 -20.26
N ILE T 192 39.71 -43.27 -21.17
CA ILE T 192 38.45 -43.00 -21.84
C ILE T 192 38.25 -44.05 -22.94
N ARG T 193 37.11 -44.74 -22.89
CA ARG T 193 36.76 -45.70 -23.93
C ARG T 193 35.44 -45.30 -24.57
N GLY T 194 35.49 -45.05 -25.87
CA GLY T 194 34.31 -44.62 -26.60
C GLY T 194 34.06 -43.14 -26.48
N TYR T 195 32.78 -42.78 -26.41
CA TYR T 195 32.36 -41.39 -26.44
C TYR T 195 32.25 -40.81 -25.04
N VAL T 196 33.37 -40.28 -24.55
CA VAL T 196 33.40 -39.55 -23.29
C VAL T 196 34.21 -38.29 -23.52
N ILE T 197 33.64 -37.14 -23.16
CA ILE T 197 34.29 -35.85 -23.38
C ILE T 197 34.62 -35.18 -22.04
N ILE T 198 35.80 -34.58 -21.95
CA ILE T 198 36.15 -33.77 -20.78
C ILE T 198 35.78 -32.31 -21.04
N LYS T 199 35.05 -31.72 -20.10
CA LYS T 199 34.57 -30.36 -20.24
C LYS T 199 34.68 -29.64 -18.91
N PRO T 200 34.76 -28.31 -18.93
CA PRO T 200 34.70 -27.52 -17.69
C PRO T 200 33.39 -27.77 -16.94
N LEU T 201 33.48 -27.83 -15.61
CA LEU T 201 32.30 -27.93 -14.76
C LEU T 201 31.58 -26.58 -14.75
N VAL T 202 30.33 -26.55 -15.20
CA VAL T 202 29.58 -25.30 -15.27
C VAL T 202 28.39 -25.23 -14.29
N TRP T 203 28.03 -26.36 -13.69
CA TRP T 203 26.82 -26.45 -12.89
C TRP T 203 27.04 -26.32 -11.37
N VAL T 204 28.11 -25.63 -10.98
CA VAL T 204 28.33 -25.24 -9.59
C VAL T 204 27.45 -24.04 -9.20
CA CA U . 4.72 42.34 -21.42
CA CA V . 1.59 41.27 -23.43
O31 CPJ W . -5.87 55.73 -17.42
C29 CPJ W . -5.79 55.29 -16.24
O30 CPJ W . -6.80 54.89 -15.61
C26 CPJ W . -4.45 55.24 -15.56
O27 CPJ W . -3.47 54.74 -16.50
C28 CPJ W . -2.21 54.36 -15.94
C32 CPJ W . -4.09 56.66 -15.13
O25 CPJ W . -4.57 54.38 -14.41
C24 CPJ W . -3.33 54.00 -13.79
C23 CPJ W . -2.43 53.35 -14.83
O22 CPJ W . -3.12 52.24 -15.39
C20 CPJ W . -2.26 51.28 -16.07
O21 CPJ W . -1.05 51.45 -16.08
N17 CPJ W . -2.87 50.23 -16.62
C16 CPJ W . -2.18 49.18 -17.32
C15 CPJ W . -1.42 48.30 -16.34
N14 CPJ W . -0.66 47.26 -17.00
C12 CPJ W . -0.90 45.99 -16.73
O13 CPJ W . -1.77 45.63 -15.95
O11 CPJ W . -0.09 45.00 -17.41
C3 CPJ W . -0.46 43.67 -17.03
C2 CPJ W . -1.21 43.00 -18.17
O1 CPJ W . -0.35 42.87 -19.30
C4 CPJ W . 0.82 42.89 -16.73
O5 CPJ W . 1.60 42.76 -17.93
C6 CPJ W . 0.89 42.19 -19.04
C10 CPJ W . 0.67 40.69 -18.82
C7 CPJ W . 1.72 42.34 -20.29
O8 CPJ W . 2.94 42.61 -20.20
O9 CPJ W . 1.15 42.19 -21.39
CA CA X . 35.46 34.14 -0.21
CA CA Y . 35.98 32.56 -3.73
O31 CPJ Z . 31.05 48.18 -9.58
C29 CPJ Z . 29.90 48.04 -9.12
O30 CPJ Z . 28.90 47.84 -9.86
C26 CPJ Z . 29.70 48.11 -7.63
O27 CPJ Z . 30.83 47.47 -7.00
C28 CPJ Z . 30.65 47.12 -5.62
C32 CPJ Z . 29.63 49.58 -7.22
O25 CPJ Z . 28.46 47.45 -7.32
C24 CPJ Z . 28.22 47.11 -5.95
C23 CPJ Z . 29.39 46.29 -5.45
O22 CPJ Z . 29.51 45.12 -6.27
C20 CPJ Z . 30.05 43.96 -5.59
O21 CPJ Z . 30.36 44.02 -4.40
N17 CPJ Z . 30.19 42.86 -6.33
C16 CPJ Z . 30.72 41.60 -5.85
C15 CPJ Z . 29.81 40.98 -4.80
N14 CPJ Z . 30.43 39.83 -4.16
C12 CPJ Z . 29.87 38.63 -4.22
O13 CPJ Z . 28.82 38.43 -4.82
O11 CPJ Z . 30.54 37.53 -3.55
C3 CPJ Z . 29.84 36.30 -3.68
C2 CPJ Z . 30.50 35.44 -4.74
O1 CPJ Z . 31.81 35.05 -4.31
C4 CPJ Z . 29.88 35.60 -2.33
O5 CPJ Z . 31.23 35.22 -2.02
C6 CPJ Z . 31.89 34.43 -3.01
C10 CPJ Z . 31.31 33.03 -3.04
C7 CPJ Z . 33.35 34.34 -2.67
O8 CPJ Z . 33.74 34.68 -1.52
O9 CPJ Z . 34.12 33.91 -3.55
CA CA AA . 27.38 30.08 36.23
CA CA BA . 24.26 32.40 36.75
O31 CPJ CA . 34.49 43.10 28.47
C29 CPJ CA . 33.71 43.09 27.50
O30 CPJ CA . 34.06 42.71 26.35
C26 CPJ CA . 32.30 43.60 27.70
O27 CPJ CA . 31.82 43.11 28.97
C28 CPJ CA . 30.42 43.27 29.20
C32 CPJ CA . 32.31 45.13 27.70
O25 CPJ CA . 31.49 43.11 26.62
C24 CPJ CA . 30.07 43.27 26.77
C23 CPJ CA . 29.65 42.60 28.06
O22 CPJ CA . 30.12 41.26 28.01
C20 CPJ CA . 29.41 40.35 28.89
O21 CPJ CA . 28.48 40.77 29.58
N17 CPJ CA . 29.85 39.09 28.86
C16 CPJ CA . 29.29 38.02 29.65
C15 CPJ CA . 27.91 37.65 29.13
N14 CPJ CA . 27.30 36.68 30.00
C12 CPJ CA . 27.00 35.46 29.56
O13 CPJ CA . 27.21 35.09 28.40
O11 CPJ CA . 26.38 34.58 30.53
C3 CPJ CA . 26.06 33.30 30.01
C2 CPJ CA . 27.14 32.30 30.44
O1 CPJ CA . 27.15 32.21 31.88
C4 CPJ CA . 24.73 32.88 30.61
O5 CPJ CA . 24.86 32.76 32.04
C6 CPJ CA . 25.89 31.85 32.46
C10 CPJ CA . 25.49 30.41 32.08
C7 CPJ CA . 26.04 31.90 33.97
O8 CPJ CA . 25.17 32.51 34.64
O9 CPJ CA . 27.03 31.33 34.47
CA CA DA . -12.61 37.18 40.75
CA CA EA . -13.42 39.41 37.81
O31 CPJ FA . -0.52 47.51 44.24
C29 CPJ FA . 0.06 47.23 43.17
O30 CPJ FA . 1.10 46.52 43.14
C26 CPJ FA . -0.50 47.77 41.87
O27 CPJ FA . -1.91 47.49 41.82
C28 CPJ FA . -2.51 47.81 40.55
C32 CPJ FA . -0.29 49.28 41.83
O25 CPJ FA . 0.18 47.13 40.77
C24 CPJ FA . -0.32 47.43 39.47
C23 CPJ FA . -1.80 47.05 39.44
O22 CPJ FA . -1.88 45.67 39.77
C20 CPJ FA . -3.16 45.07 39.45
O21 CPJ FA . -4.04 45.74 38.94
N17 CPJ FA . -3.27 43.79 39.76
C16 CPJ FA . -4.47 43.03 39.51
C15 CPJ FA . -4.80 42.99 38.02
N14 CPJ FA . -5.86 42.05 37.79
C12 CPJ FA . -5.61 40.76 37.59
O13 CPJ FA . -4.51 40.25 37.55
O11 CPJ FA . -6.80 39.97 37.39
C3 CPJ FA . -6.54 38.60 37.16
C2 CPJ FA . -6.82 37.83 38.44
O1 CPJ FA . -8.15 38.14 38.87
C4 CPJ FA . -7.57 38.22 36.12
O5 CPJ FA . -8.87 38.53 36.66
C6 CPJ FA . -9.17 37.88 37.90
C10 CPJ FA . -9.35 36.37 37.66
C7 CPJ FA . -10.47 38.41 38.45
O8 CPJ FA . -11.17 39.20 37.79
O9 CPJ FA . -10.82 38.00 39.59
CA CA GA . -28.34 44.28 3.77
CA CA HA . -25.27 45.77 1.82
O31 CPJ IA . -25.45 55.44 15.74
C29 CPJ IA . -24.38 54.90 16.06
O30 CPJ IA . -24.24 54.24 17.12
C26 CPJ IA . -23.19 55.08 15.14
O27 CPJ IA . -23.65 54.82 13.80
C28 CPJ IA . -22.62 54.80 12.80
C32 CPJ IA . -22.70 56.53 15.27
O25 CPJ IA . -22.14 54.17 15.50
C24 CPJ IA . -21.04 54.12 14.57
C23 CPJ IA . -21.56 53.77 13.20
O22 CPJ IA . -22.19 52.49 13.29
C20 CPJ IA . -22.46 51.85 12.03
O21 CPJ IA . -22.16 52.41 10.97
N17 CPJ IA . -23.04 50.65 12.09
C16 CPJ IA . -23.39 49.86 10.93
C15 CPJ IA . -22.14 49.46 10.16
N14 CPJ IA . -22.46 48.55 9.09
C12 CPJ IA . -22.43 47.23 9.25
O13 CPJ IA . -22.16 46.67 10.30
O11 CPJ IA . -22.79 46.46 8.08
C3 CPJ IA . -22.74 45.06 8.29
C2 CPJ IA . -24.16 44.56 8.50
O1 CPJ IA . -24.93 44.86 7.32
C4 CPJ IA . -22.17 44.45 7.02
O5 CPJ IA . -23.03 44.77 5.93
C6 CPJ IA . -24.40 44.36 6.09
C10 CPJ IA . -24.49 42.83 6.04
C7 CPJ IA . -25.24 44.93 4.97
O8 CPJ IA . -24.66 45.49 4.01
O9 CPJ IA . -26.48 44.82 5.03
CA CA JA . -24.85 54.12 19.22
CA CA KA . -26.99 56.59 17.05
CA CA LA . 0.13 48.19 46.39
CA CA MA . 2.84 46.05 44.48
CA CA NA . 36.71 43.81 28.63
CA CA OA . 35.90 42.52 25.12
CA CA PA . 32.12 49.23 -11.37
CA CA QA . 28.47 48.07 -11.96
CA CA RA . -9.06 55.40 -15.73
CA CA SA . -7.17 57.23 -18.64
CA CA TA . 12.03 -49.50 -42.08
CA CA UA . 13.26 -49.84 -38.62
CA CA VA . 16.38 -67.94 -5.18
CA CA WA . 18.17 -69.99 -7.78
O31 CPJ XA . 24.73 -56.25 -11.74
C29 CPJ XA . 23.61 -55.76 -12.01
O30 CPJ XA . 23.20 -55.62 -13.19
C26 CPJ XA . 22.70 -55.34 -10.88
O27 CPJ XA . 22.68 -56.40 -9.92
C28 CPJ XA . 21.73 -56.27 -8.85
C32 CPJ XA . 23.28 -54.05 -10.28
O25 CPJ XA . 21.38 -55.09 -11.39
C24 CPJ XA . 20.37 -54.89 -10.39
C23 CPJ XA . 20.33 -56.06 -9.42
O22 CPJ XA . 19.91 -57.21 -10.13
C20 CPJ XA . 18.47 -57.36 -10.22
O21 CPJ XA . 17.74 -56.54 -9.69
N17 CPJ XA . 18.02 -58.42 -10.89
C16 CPJ XA . 16.61 -58.68 -11.04
C15 CPJ XA . 16.06 -59.42 -9.82
N14 CPJ XA . 16.52 -60.79 -9.82
C12 CPJ XA . 15.81 -61.76 -10.40
O13 CPJ XA . 14.74 -61.57 -10.96
O11 CPJ XA . 16.36 -63.10 -10.34
C3 CPJ XA . 15.52 -64.07 -10.97
C2 CPJ XA . 16.36 -65.23 -11.49
O1 CPJ XA . 16.88 -66.01 -10.42
C4 CPJ XA . 14.50 -64.57 -9.96
O5 CPJ XA . 15.12 -65.38 -8.96
C6 CPJ XA . 15.92 -66.48 -9.46
C10 CPJ XA . 15.03 -67.57 -10.07
C7 CPJ XA . 16.68 -67.09 -8.32
O8 CPJ XA . 16.32 -66.85 -7.15
O9 CPJ XA . 17.65 -67.82 -8.59
CA CA YA . -13.19 -62.37 17.63
CA CA ZA . -14.34 -58.92 16.61
O31 CPJ AB . 0.45 -55.84 18.76
C29 CPJ AB . 0.61 -55.63 17.54
O30 CPJ AB . 1.32 -56.35 16.81
C26 CPJ AB . -0.07 -54.42 16.94
O27 CPJ AB . -1.41 -54.37 17.47
C28 CPJ AB . -2.26 -53.42 16.83
C32 CPJ AB . 0.72 -53.18 17.34
O25 CPJ AB . -0.08 -54.56 15.51
C24 CPJ AB . -0.87 -53.61 14.79
C23 CPJ AB . -2.29 -53.69 15.33
O22 CPJ AB . -2.69 -55.03 15.14
C20 CPJ AB . -4.12 -55.20 14.95
O21 CPJ AB . -4.85 -54.21 14.96
N17 CPJ AB . -4.53 -56.45 14.78
C16 CPJ AB . -5.91 -56.78 14.57
C15 CPJ AB . -6.37 -56.40 13.17
N14 CPJ AB . -7.64 -57.03 12.95
C12 CPJ AB . -7.74 -58.28 12.53
O13 CPJ AB . -6.79 -59.01 12.26
O11 CPJ AB . -9.11 -58.74 12.41
C3 CPJ AB . -9.29 -60.07 11.95
C2 CPJ AB . -8.94 -61.08 13.04
O1 CPJ AB . -9.72 -60.80 14.21
C4 CPJ AB . -10.78 -60.14 11.70
O5 CPJ AB . -11.47 -59.89 12.93
C6 CPJ AB . -11.14 -60.78 14.00
C10 CPJ AB . -11.67 -62.18 13.68
C7 CPJ AB . -11.80 -60.32 15.27
O8 CPJ AB . -12.41 -59.23 15.28
O9 CPJ AB . -11.71 -61.05 16.28
CA CA BB . -38.88 -37.08 -1.30
CA CA CB . -36.50 -35.12 -3.73
O31 CPJ DB . -28.69 -32.40 10.05
C29 CPJ DB . -27.76 -33.10 9.57
O30 CPJ DB . -27.46 -34.22 10.03
C26 CPJ DB . -26.98 -32.55 8.40
O27 CPJ DB . -27.93 -32.01 7.47
C28 CPJ DB . -27.42 -31.72 6.17
C32 CPJ DB . -26.04 -31.47 8.93
O25 CPJ DB . -26.20 -33.62 7.83
C24 CPJ DB . -25.64 -33.37 6.54
C23 CPJ DB . -26.77 -32.97 5.60
O22 CPJ DB . -27.71 -34.03 5.64
C20 CPJ DB . -28.59 -34.13 4.50
O21 CPJ DB . -28.49 -33.32 3.57
N17 CPJ DB . -29.47 -35.12 4.55
C16 CPJ DB . -30.43 -35.37 3.49
C15 CPJ DB . -29.69 -35.82 2.24
N14 CPJ DB . -30.63 -36.24 1.22
C12 CPJ DB . -30.87 -37.52 0.97
O13 CPJ DB . -30.35 -38.45 1.56
O11 CPJ DB . -31.83 -37.75 -0.08
C3 CPJ DB . -32.11 -39.10 -0.37
C2 CPJ DB . -33.38 -39.50 0.38
O1 CPJ DB . -34.42 -38.58 0.04
C4 CPJ DB . -32.42 -39.14 -1.85
O5 CPJ DB . -33.48 -38.23 -2.12
C6 CPJ DB . -34.68 -38.44 -1.36
C10 CPJ DB . -35.42 -39.66 -1.91
C7 CPJ DB . -35.60 -37.25 -1.51
O8 CPJ DB . -35.32 -36.37 -2.35
O9 CPJ DB . -36.60 -37.18 -0.77
CA CA EB . -23.02 -29.08 -37.90
CA CA FB . -19.21 -29.49 -37.28
CA CA GB . 11.02 -31.54 -40.10
CA CA HB . 7.22 -31.82 -39.41
O31 CPJ IB . 10.54 -33.33 -38.58
C29 CPJ IB . 9.61 -33.50 -37.75
O30 CPJ IB . 8.42 -33.18 -38.00
C26 CPJ IB . 9.96 -34.08 -36.40
O27 CPJ IB . 10.85 -35.19 -36.64
C28 CPJ IB . 11.10 -36.03 -35.51
C32 CPJ IB . 10.64 -32.98 -35.58
O25 CPJ IB . 8.75 -34.51 -35.74
C24 CPJ IB . 8.94 -35.31 -34.57
C23 CPJ IB . 9.79 -36.52 -34.91
O22 CPJ IB . 9.06 -37.27 -35.88
C20 CPJ IB . 9.51 -38.63 -36.10
O21 CPJ IB . 10.47 -39.08 -35.47
N17 CPJ IB . 8.83 -39.33 -37.00
C16 CPJ IB . 9.13 -40.70 -37.36
C15 CPJ IB . 8.72 -41.68 -36.28
N14 CPJ IB . 9.01 -43.03 -36.71
C12 CPJ IB . 8.06 -43.88 -37.07
O13 CPJ IB . 6.87 -43.62 -37.09
O11 CPJ IB . 8.52 -45.20 -37.48
C3 CPJ IB . 7.49 -46.10 -37.86
C2 CPJ IB . 7.54 -46.31 -39.37
O1 CPJ IB . 8.83 -46.83 -39.73
C4 CPJ IB . 7.79 -47.43 -37.19
O5 CPJ IB . 9.08 -47.90 -37.63
C6 CPJ IB . 9.25 -48.03 -39.04
C10 CPJ IB . 8.50 -49.25 -39.55
C7 CPJ IB . 10.71 -48.22 -39.35
O8 CPJ IB . 11.51 -48.45 -38.41
O9 CPJ IB . 11.09 -48.18 -40.54
CA CA JB . -24.09 -16.59 -25.71
CA CA KB . -25.33 -19.25 -23.13
O31 CPJ LB . -23.04 -18.60 -25.81
C29 CPJ LB . -22.69 -19.44 -24.94
O30 CPJ LB . -23.48 -19.88 -24.07
C26 CPJ LB . -21.26 -19.92 -24.94
O27 CPJ LB . -20.87 -20.17 -26.30
C28 CPJ LB . -19.59 -20.81 -26.47
C32 CPJ LB . -20.40 -18.82 -24.32
O25 CPJ LB . -21.14 -21.11 -24.15
C24 CPJ LB . -19.88 -21.78 -24.22
C23 CPJ LB . -19.58 -22.11 -25.67
O22 CPJ LB . -20.65 -22.92 -26.12
C20 CPJ LB . -20.40 -23.71 -27.31
O21 CPJ LB . -19.32 -23.66 -27.87
N17 CPJ LB . -21.43 -24.45 -27.71
C16 CPJ LB . -21.38 -25.31 -28.86
C15 CPJ LB . -20.53 -26.52 -28.53
N14 CPJ LB . -20.43 -27.38 -29.67
C12 CPJ LB . -21.09 -28.53 -29.74
O13 CPJ LB . -21.82 -28.95 -28.85
O11 CPJ LB . -20.90 -29.27 -30.96
C3 CPJ LB . -21.59 -30.51 -31.02
C2 CPJ LB . -22.93 -30.30 -31.73
O1 CPJ LB . -22.70 -29.78 -33.04
C4 CPJ LB . -20.71 -31.40 -31.87
O5 CPJ LB . -20.58 -30.82 -33.18
C6 CPJ LB . -21.81 -30.57 -33.86
C10 CPJ LB . -22.45 -31.89 -34.27
C7 CPJ LB . -21.53 -29.77 -35.11
O8 CPJ LB . -20.36 -29.65 -35.52
O9 CPJ LB . -22.51 -29.27 -35.70
CA CA MB . -29.27 -31.74 12.12
CA CA NB . -27.36 -35.19 11.94
CA CA OB . 2.14 -56.32 20.42
CA CA PB . 3.23 -57.68 16.97
CA CA QB . 26.96 -56.13 -12.24
CA CA RB . 24.65 -55.40 -15.08
#